data_8VLX
#
_entry.id   8VLX
#
_cell.length_a   1.00
_cell.length_b   1.00
_cell.length_c   1.00
_cell.angle_alpha   90.00
_cell.angle_beta   90.00
_cell.angle_gamma   90.00
#
_symmetry.space_group_name_H-M   'P 1'
#
loop_
_entity.id
_entity.type
_entity.pdbx_description
1 polymer Huntingtin
2 polymer '40-kDa huntingtin-associated protein'
3 non-polymer "N-[(1S,2R)-2-benzylcyclopentyl]-N'-{1-[(1S)-1-(pyridin-4-yl)ethyl]piperidin-4-yl}urea"
#
loop_
_entity_poly.entity_id
_entity_poly.type
_entity_poly.pdbx_seq_one_letter_code
_entity_poly.pdbx_strand_id
1 'polypeptide(L)'
;MATLEKLMKAFESLKSFQQQQQQQQQQQQQQQQQQQQQQQQQQQQQQQQQQQQQQQQQQQQQQQQPPPPPPPPPPPQLPQ
PPPQAQPLLPQPQPPPPPPPPPPGPAVAEEPLHRPKKELSATKKDRVNHCLTICENIVAQSVRNSPEFQKLLGIAMELFL
LCSDDAESDVRMVADECLNKVIKALMDSNLPRLQLELYKEIKKNGAPRSLRAALWRFAELAHLVRPQKCRPYLVNLLPCL
TRTSKRPEESVQETLAAAVPKIMASFGNFANDNEIKVLLKAFIANLKSSSPTIRRTAAGSAVSICQHSRRTQYFYSWLLN
VLLGLLVPVEDEHSTLLILGVLLTLRYLVPLLQQQVKDTSLKGSFGVTRKEMEVSPSAEQLVQVYELTLHHTQHQDHNVV
TGALELLQQLFRTPPPELLQTLTAVGGIGQLTAAKEESGGRSRSGSIVELIAGGGSSCSPVLSRKQKGKVLLGEEEALED
DSESRSDVSSSALTASVKDEISGELAASSGVSTPGSAGHDIITEQPRSQHTLQADSVDLASCDLTSSATDGDEEDILSHS
SSQVSAVPSDPAMDLNDGTQASSPISDSSQTTTEGPDSAVTPSDSSEIVLDGTDNQYLGLQIGQPQDEDEEATGILPDEA
SEAFRNSSMALQQAHLLKNMSHCRQPSDSSVDKFVLRDEATEPGDQENKPCRIKGDIGQSTDDDSAPLVHCVRLLSASFL
LTGGKNVLVPDRDVRVSVKALALSCVGAAVALHPESFFSKLYKVPLDTTEYPEEQYVSDILNYIDHGDPQVRGATAILCG
TLICSILSRSRFHVGDWMGTIRTLTGNTFSLADCIPLLRKTLKDESSVTCKLACTAVRNCVMSLCSSSYSELGLQLIIDV
LTLRNSSYWLVRTELLETLAEIDFRLVSFLEAKAENLHRGAHHYTGLLKLQERVLNNVVIHLLGDEDPRVRHVAAASLIR
LVPKLFYKCDQGQADPVVAVARDQSSVYLKLLMHETQPPSHFSVSTITRIYRGYNLLPSITDVTMENNLSRVIAAVSHEL
ITSTTRALTFGCCEALCLLSTAFPVCIWSLGWHCGVPPLSASDESRKSCTVGMATMILTLLSSAWFPLDLSAHQDALILA
GNLLAASAPKSLRSSWASEEEANPAATKQEEVWPALGDRALVPMVEQLFSHLLKVINICAHVLDDVAPGPAIKAALPSLT
NPPSLSPIRRKGKEKEPGEQASVPLSPKKGSEASAASRQSDTSGPVTTSKSSSLGSFYHLPSYLKLHDVLKATHANYKVT
LDLQNSTEKFGGFLRSALDVLSQILELATLQDIGKCVEEILGYLKSCFSREPMMATVCVQQLLKTLFGTNLASQFDGLSS
NPSKSQGRAQRLGSSSVRPGLYHYCFMAPYTHFTQALADASLRNMVQAEQENDTSGWFDVLQKVSTQLKTNLTSVTKNRA
DKNAIHNHIRLFEPLVIKALKQYTTTTCVQLQKQVLDLLAQLVQLRVNYCLLDSDQVFIGFVLKQFEYIEVGQFRESEAI
IPNIFFFLVLLSYERYHSKQIIGIPKIIQLCDGIMASGRKAVTHAIPALQPIVHDLFVLRGTNKADAGKELETQKEVVVS
MLLRLIQYHQVLEMFILVLQQCHKENEDKWKRLSRQIADIILPMLAKQQMHIDSHEALGVLNTLFEILAPSSLRPVDMLL
RSMFVTPNTMASVSTVQLWISGILAILRVLISQSTEDIVLSRIQELSFSPYLISCTVINRLRDGDSTSTLEEHSEGKQIK
NLPEETFSRFLLQLVGILLEDIVTKQLKVEMSEQQHTFYCQELGTLLMCLIHIFKSGMFRRITAAATRLFRSDGCGGSFY
TLDSLNLRARSMITTHPALVLLWCQILLLVNHTDYRWWAEVQQTPKRHSLSSTKLLSPQMSGEEEDSDLAAKLGMCNREI
VRRGALILFCDYVCQNLHDSEHLTWLIVNHIQDLISLSHEPPVQDFISAVHRNSAASGLFIQAIQSRCENLSTPTMLKKT
LQCLEGIHLSQSGAVLTLYVDRLLCTPFRVLARMVDILACRRVEMLLAANLQSSMAQLPMEELNRIQEYLQSSGLAQRHQ
RLYSLLDRFRLSTMQDSLSPSPPVSSHPLDGDGHVSLETVSPDKDWYVHLVKSQCWTRSDSALLEGAELVNRIPAEDMNA
FMMNSEFNLSLLAPCLSLGMSEISGGQKSALFEAAREVTLARVSGTVQQLPAVHHVFQPELPAEPAAYWSKLNDLFGDAA
LYQSLPTLARALAQYLVVVSKLPSHLHLPPEKEKDIVKFVVATLEALSWHLIHEQIPLSLDLQAGLDCCCLALQLPGLWS
VVSSTEFVTHACSLIYCVHFILEAVAVQPGEQLLSPERRTNTPKAISEEEEEVDPNTQNPKYITAACEMVAEMVESLQSV
LALGHKRNSGVPAFLTPLLRNIIISLARLPLVNSYTRVPPLVWKLGWSPKPGGDFGTAFPEIPVEFLQEKEVFKEFIYRI
NTLGWTSRTQFEETWATLLGVLVTQPLVMEQEESPPEEDTERTQINVLAVQAITSLVLSAMTVPVAGNPAVSCLEQQPRN
KPLKALDTRFGRKLSIIRGIVEQEIQAMVSKRENIATHHLYQAWDPVPSLSPATTGALISHEKLLLQINPERELGSMSYK
LGQVSIHSVWLGNSITPLREEEWDEEEEEEADAPAPSSPPTSPVNSRKHRAGVDIHSCSQFLLELYSRWILPSSSARRTP
AILISEVVRSLLVVSDLFTERNQFELMYVTLTELRRVHPSEDEILAQYLVPATCKAAAVLGMDKAVAEPVSRLLESTLRS
SHLPSRVGALHGVLYVLECDLLDDTAKQLIPVISDYLLSNLKGIAHCVNIHSQQHVLVMCATAFYLIENYPLDVGPEFSA
SIIQMCGVMLSGSEESTPSIIYHCALRGLERLLLSEQLSRLDAESLVKLSVDRVNVHSPHRAMAALGLMLTCMYTGKEKV
SPGRTSDPNPAAPDSESVIVAMERVSVLFDRIRKGFPCEARVVARILPQFLDDFFPPQDIMNKVIGEFLSNQQPYPQFMA
TVVYKVFQTLHSTGQSSMVRDWVMLSLSNFTQRAPVAMATWSLSCFFVSASTSPWVAAILPHVISRMGKLEQVDVNLFCL
VATDFYRHQIEEELDRRAFQSVLEVVAAPGSPYHRLLTCLRNVHKVTTCAAAENLYFQGDYKDDDDK
;
A
2 'polypeptide(L)'
;MHHHHHHSSGRENLYFQGMAAAAAGLGGGGAGPGPEAGDFLARYRLVSNKLKKRFLRKPNVAEAGEQFGQLGRELRAQEC
LPYAAWCQLAVARCQQALFHGPGEALALTEAARLFLRQERDARQRLVCPAAYGEPLQAAASALGAAVRLHLELGQPAAAA
ALCLELAAALRDLGQPAAAAGHFQRAAQLQLPQLPLAALQALGEAASCQLLARDYTGALAVFTRMQRLAREHGSHPVQSL
PPPPPPAPQPGPGATPALPAALLPPNSGSAAPSPAALGAFSDVLVRCEVSRVLLLLLLQPPPAKLLPEHAQTLEKYSWEA
FDSHGQESSGQLPEELFLLLQSLVMATHEKDTEAIKSLQVEMWPLLTAEQNHLLHLVLQETISPSGQGV
;
B
#
loop_
_chem_comp.id
_chem_comp.type
_chem_comp.name
_chem_comp.formula
A1ACS non-polymer N-[(1S,2R)-2-benzylcyclopentyl]-N'-{1-[(1S)-1-(pyridin-4-yl)ethyl]piperidin-4-yl}urea 'C25 H34 N4 O'
#
# COMPACT_ATOMS: atom_id res chain seq x y z
N THR A 122 48.55 -11.48 -45.75
CA THR A 122 49.30 -10.83 -44.68
C THR A 122 48.36 -10.30 -43.60
N LYS A 123 47.14 -9.91 -44.01
CA LYS A 123 46.16 -9.42 -43.05
C LYS A 123 45.69 -10.55 -42.14
N LYS A 124 45.32 -11.69 -42.73
CA LYS A 124 44.86 -12.82 -41.93
C LYS A 124 46.00 -13.46 -41.16
N ASP A 125 47.20 -13.45 -41.76
CA ASP A 125 48.37 -14.03 -41.09
C ASP A 125 48.70 -13.25 -39.82
N ARG A 126 48.66 -11.91 -39.89
CA ARG A 126 49.02 -11.10 -38.73
C ARG A 126 48.06 -11.33 -37.57
N VAL A 127 46.76 -11.43 -37.86
CA VAL A 127 45.78 -11.66 -36.80
C VAL A 127 46.05 -13.01 -36.12
N ASN A 128 46.29 -14.05 -36.92
CA ASN A 128 46.64 -15.34 -36.35
C ASN A 128 48.00 -15.30 -35.67
N HIS A 129 48.95 -14.57 -36.25
CA HIS A 129 50.27 -14.44 -35.64
C HIS A 129 50.18 -13.73 -34.30
N CYS A 130 49.39 -12.67 -34.20
CA CYS A 130 49.23 -11.97 -32.94
C CYS A 130 48.53 -12.84 -31.91
N LEU A 131 47.48 -13.56 -32.32
CA LEU A 131 46.74 -14.39 -31.38
C LEU A 131 47.59 -15.53 -30.84
N THR A 132 48.41 -16.14 -31.69
CA THR A 132 49.23 -17.27 -31.25
C THR A 132 50.20 -16.85 -30.16
N ILE A 133 50.83 -15.69 -30.33
CA ILE A 133 51.71 -15.16 -29.27
C ILE A 133 50.88 -14.75 -28.06
N CYS A 134 49.69 -14.19 -28.30
CA CYS A 134 48.86 -13.71 -27.19
C CYS A 134 48.43 -14.85 -26.28
N GLU A 135 48.06 -16.00 -26.87
CA GLU A 135 47.70 -17.15 -26.04
C GLU A 135 48.92 -17.84 -25.45
N ASN A 136 50.06 -17.75 -26.13
CA ASN A 136 51.28 -18.39 -25.64
C ASN A 136 51.72 -17.79 -24.30
N ILE A 137 51.63 -16.47 -24.16
CA ILE A 137 52.05 -15.82 -22.92
C ILE A 137 51.14 -16.22 -21.77
N VAL A 138 49.82 -16.17 -22.00
CA VAL A 138 48.86 -16.44 -20.92
C VAL A 138 48.91 -17.91 -20.52
N ALA A 139 48.95 -18.82 -21.50
CA ALA A 139 48.90 -20.24 -21.24
C ALA A 139 50.24 -20.83 -20.82
N GLN A 140 51.20 -20.01 -20.44
CA GLN A 140 52.51 -20.49 -19.98
C GLN A 140 52.48 -20.72 -18.48
N SER A 141 52.96 -21.89 -18.05
CA SER A 141 52.92 -22.24 -16.64
C SER A 141 53.93 -21.43 -15.84
N VAL A 142 55.19 -21.45 -16.26
CA VAL A 142 56.25 -20.75 -15.55
C VAL A 142 56.27 -19.30 -16.02
N ARG A 143 56.03 -18.36 -15.10
CA ARG A 143 56.08 -16.94 -15.40
C ARG A 143 57.28 -16.24 -14.79
N ASN A 144 58.19 -16.99 -14.16
CA ASN A 144 59.36 -16.42 -13.51
C ASN A 144 60.65 -16.69 -14.27
N SER A 145 60.61 -17.47 -15.35
CA SER A 145 61.81 -17.76 -16.09
C SER A 145 62.34 -16.50 -16.77
N PRO A 146 63.66 -16.28 -16.76
CA PRO A 146 64.21 -15.09 -17.42
C PRO A 146 63.90 -15.02 -18.90
N GLU A 147 63.82 -16.16 -19.59
CA GLU A 147 63.47 -16.14 -21.01
C GLU A 147 62.05 -15.65 -21.24
N PHE A 148 61.16 -15.90 -20.28
CA PHE A 148 59.78 -15.42 -20.42
C PHE A 148 59.69 -13.91 -20.26
N GLN A 149 60.57 -13.34 -19.44
CA GLN A 149 60.57 -11.89 -19.25
C GLN A 149 60.86 -11.17 -20.55
N LYS A 150 61.84 -11.65 -21.32
CA LYS A 150 62.08 -11.10 -22.65
C LYS A 150 60.88 -11.36 -23.56
N LEU A 151 60.33 -12.57 -23.51
CA LEU A 151 59.20 -12.92 -24.36
C LEU A 151 57.99 -12.03 -24.06
N LEU A 152 57.80 -11.68 -22.79
CA LEU A 152 56.75 -10.72 -22.44
C LEU A 152 57.02 -9.36 -23.05
N GLY A 153 58.28 -8.93 -23.09
CA GLY A 153 58.62 -7.65 -23.68
C GLY A 153 58.52 -7.62 -25.19
N ILE A 154 58.39 -8.78 -25.83
CA ILE A 154 58.23 -8.83 -27.27
C ILE A 154 56.76 -8.78 -27.67
N ALA A 155 55.91 -9.56 -26.97
CA ALA A 155 54.49 -9.56 -27.27
C ALA A 155 53.86 -8.19 -27.01
N MET A 156 54.20 -7.58 -25.88
CA MET A 156 53.66 -6.25 -25.57
C MET A 156 54.12 -5.22 -26.60
N GLU A 157 55.38 -5.29 -27.00
CA GLU A 157 55.88 -4.39 -28.04
C GLU A 157 55.18 -4.65 -29.38
N LEU A 158 54.93 -5.91 -29.71
CA LEU A 158 54.27 -6.23 -30.97
C LEU A 158 52.83 -5.76 -30.97
N PHE A 159 52.10 -5.99 -29.87
CA PHE A 159 50.70 -5.58 -29.82
C PHE A 159 50.55 -4.06 -29.92
N LEU A 160 51.43 -3.32 -29.25
CA LEU A 160 51.39 -1.87 -29.34
C LEU A 160 51.68 -1.41 -30.77
N LEU A 161 52.67 -2.04 -31.41
CA LEU A 161 52.92 -1.75 -32.82
C LEU A 161 51.74 -2.18 -33.68
N CYS A 162 51.16 -3.34 -33.38
CA CYS A 162 49.99 -3.81 -34.12
C CYS A 162 48.74 -2.98 -33.83
N SER A 163 48.75 -2.17 -32.77
CA SER A 163 47.64 -1.28 -32.49
C SER A 163 47.56 -0.13 -33.49
N ASP A 164 48.57 0.04 -34.33
CA ASP A 164 48.58 1.05 -35.40
C ASP A 164 48.57 0.29 -36.73
N ASP A 165 47.38 -0.04 -37.20
CA ASP A 165 47.21 -0.74 -38.46
C ASP A 165 46.07 -0.13 -39.24
N ALA A 166 46.16 -0.22 -40.58
CA ALA A 166 45.13 0.36 -41.43
C ALA A 166 43.79 -0.33 -41.24
N GLU A 167 43.80 -1.66 -41.18
CA GLU A 167 42.56 -2.43 -41.06
C GLU A 167 42.04 -2.39 -39.63
N SER A 168 40.73 -2.25 -39.48
CA SER A 168 40.13 -2.20 -38.15
C SER A 168 40.15 -3.57 -37.49
N ASP A 169 40.00 -4.64 -38.28
CA ASP A 169 39.93 -5.98 -37.71
C ASP A 169 41.22 -6.34 -36.99
N VAL A 170 42.37 -6.13 -37.64
CA VAL A 170 43.65 -6.45 -37.01
C VAL A 170 43.91 -5.51 -35.84
N ARG A 171 43.48 -4.25 -35.96
CA ARG A 171 43.62 -3.32 -34.85
C ARG A 171 42.74 -3.73 -33.67
N MET A 172 41.51 -4.17 -33.95
CA MET A 172 40.59 -4.52 -32.88
C MET A 172 41.04 -5.75 -32.10
N VAL A 173 41.55 -6.78 -32.79
CA VAL A 173 42.05 -7.95 -32.08
C VAL A 173 43.35 -7.66 -31.33
N ALA A 174 44.21 -6.80 -31.88
CA ALA A 174 45.40 -6.38 -31.15
C ALA A 174 45.04 -5.66 -29.87
N ASP A 175 44.07 -4.75 -29.94
CA ASP A 175 43.57 -4.07 -28.76
C ASP A 175 42.91 -5.07 -27.81
N GLU A 176 42.12 -5.99 -28.35
CA GLU A 176 41.25 -6.83 -27.52
C GLU A 176 42.06 -7.70 -26.56
N CYS A 177 43.10 -8.37 -27.05
CA CYS A 177 43.85 -9.28 -26.20
C CYS A 177 45.08 -8.64 -25.59
N LEU A 178 45.38 -7.38 -25.92
CA LEU A 178 46.48 -6.69 -25.27
C LEU A 178 46.17 -6.47 -23.79
N ASN A 179 44.93 -6.11 -23.47
CA ASN A 179 44.52 -6.00 -22.08
C ASN A 179 44.14 -7.34 -21.46
N LYS A 180 43.93 -8.37 -22.28
CA LYS A 180 43.65 -9.69 -21.73
C LYS A 180 44.92 -10.33 -21.21
N VAL A 181 46.05 -10.09 -21.88
CA VAL A 181 47.33 -10.55 -21.36
C VAL A 181 47.75 -9.71 -20.16
N ILE A 182 47.33 -8.44 -20.13
CA ILE A 182 47.59 -7.60 -18.97
C ILE A 182 46.83 -8.11 -17.76
N LYS A 183 45.53 -8.41 -17.94
CA LYS A 183 44.72 -8.85 -16.82
C LYS A 183 45.22 -10.18 -16.26
N ALA A 184 45.59 -11.11 -17.14
CA ALA A 184 46.12 -12.39 -16.68
C ALA A 184 47.47 -12.22 -15.97
N LEU A 185 48.30 -11.29 -16.43
CA LEU A 185 49.61 -11.06 -15.85
C LEU A 185 49.64 -9.91 -14.85
N MET A 186 48.49 -9.31 -14.56
CA MET A 186 48.45 -8.16 -13.65
C MET A 186 48.89 -8.54 -12.24
N ASP A 187 48.49 -9.72 -11.76
CA ASP A 187 48.76 -10.08 -10.38
C ASP A 187 50.26 -10.32 -10.13
N SER A 188 50.98 -10.81 -11.14
CA SER A 188 52.37 -11.23 -10.94
C SER A 188 53.38 -10.45 -11.77
N ASN A 189 53.01 -9.91 -12.93
CA ASN A 189 53.98 -9.35 -13.85
C ASN A 189 53.64 -7.90 -14.19
N LEU A 190 52.94 -7.22 -13.30
CA LEU A 190 52.59 -5.82 -13.52
C LEU A 190 53.81 -4.91 -13.62
N PRO A 191 54.82 -5.04 -12.74
CA PRO A 191 55.99 -4.12 -12.85
C PRO A 191 56.65 -4.15 -14.21
N ARG A 192 56.72 -5.32 -14.86
CA ARG A 192 57.22 -5.36 -16.22
C ARG A 192 56.21 -4.81 -17.21
N LEU A 193 54.92 -5.06 -16.99
CA LEU A 193 53.90 -4.52 -17.88
C LEU A 193 53.86 -3.00 -17.82
N GLN A 194 53.96 -2.43 -16.61
CA GLN A 194 54.01 -0.98 -16.49
C GLN A 194 55.24 -0.41 -17.17
N LEU A 195 56.39 -1.06 -16.99
CA LEU A 195 57.61 -0.61 -17.65
C LEU A 195 57.49 -0.71 -19.16
N GLU A 196 56.93 -1.82 -19.66
CA GLU A 196 56.79 -1.99 -21.11
C GLU A 196 55.83 -0.96 -21.69
N LEU A 197 54.73 -0.67 -21.01
CA LEU A 197 53.80 0.34 -21.47
C LEU A 197 54.40 1.75 -21.40
N TYR A 198 55.34 1.98 -20.48
CA TYR A 198 55.94 3.30 -20.35
C TYR A 198 56.91 3.59 -21.48
N LYS A 199 57.56 2.57 -22.03
CA LYS A 199 58.48 2.80 -23.14
C LYS A 199 57.77 3.35 -24.36
N GLU A 200 56.56 2.86 -24.64
CA GLU A 200 55.79 3.37 -25.77
C GLU A 200 55.35 4.82 -25.56
N ILE A 201 55.04 5.19 -24.31
CA ILE A 201 54.75 6.58 -24.02
C ILE A 201 56.00 7.43 -24.15
N LYS A 202 57.15 6.88 -23.75
CA LYS A 202 58.41 7.63 -23.79
C LYS A 202 58.74 8.08 -25.21
N LYS A 203 58.57 7.20 -26.19
CA LYS A 203 58.79 7.55 -27.59
C LYS A 203 57.48 8.12 -28.14
N ASN A 204 57.56 9.31 -28.74
CA ASN A 204 56.35 9.94 -29.26
C ASN A 204 56.05 9.40 -30.66
N GLY A 205 55.34 8.27 -30.73
CA GLY A 205 55.07 7.62 -31.99
C GLY A 205 53.75 8.01 -32.60
N ALA A 206 53.14 7.07 -33.33
CA ALA A 206 51.88 7.35 -34.01
C ALA A 206 50.77 7.54 -32.98
N PRO A 207 49.75 8.33 -33.31
CA PRO A 207 48.64 8.55 -32.34
C PRO A 207 47.97 7.27 -31.89
N ARG A 208 47.79 6.29 -32.78
CA ARG A 208 47.10 5.06 -32.40
C ARG A 208 47.91 4.27 -31.37
N SER A 209 49.22 4.14 -31.60
CA SER A 209 50.07 3.41 -30.67
C SER A 209 50.37 4.20 -29.40
N LEU A 210 50.20 5.53 -29.42
CA LEU A 210 50.44 6.32 -28.23
C LEU A 210 49.23 6.31 -27.30
N ARG A 211 48.02 6.42 -27.85
CA ARG A 211 46.83 6.37 -27.01
C ARG A 211 46.64 4.99 -26.40
N ALA A 212 46.98 3.94 -27.14
CA ALA A 212 46.82 2.58 -26.62
C ALA A 212 47.70 2.34 -25.40
N ALA A 213 48.93 2.87 -25.43
CA ALA A 213 49.83 2.71 -24.31
C ALA A 213 49.59 3.73 -23.20
N LEU A 214 48.81 4.78 -23.47
CA LEU A 214 48.59 5.82 -22.47
C LEU A 214 47.40 5.51 -21.57
N TRP A 215 46.24 5.20 -22.16
CA TRP A 215 45.08 4.87 -21.34
C TRP A 215 45.28 3.55 -20.58
N ARG A 216 46.10 2.65 -21.09
CA ARG A 216 46.40 1.42 -20.37
C ARG A 216 47.32 1.69 -19.18
N PHE A 217 48.35 2.50 -19.37
CA PHE A 217 49.27 2.80 -18.28
C PHE A 217 48.59 3.58 -17.17
N ALA A 218 47.74 4.54 -17.53
CA ALA A 218 47.03 5.32 -16.51
C ALA A 218 46.07 4.45 -15.72
N GLU A 219 45.52 3.41 -16.35
CA GLU A 219 44.63 2.50 -15.64
C GLU A 219 45.36 1.73 -14.54
N LEU A 220 46.59 1.30 -14.82
CA LEU A 220 47.37 0.48 -13.91
C LEU A 220 48.29 1.30 -13.02
N ALA A 221 48.19 2.63 -13.07
CA ALA A 221 49.08 3.47 -12.28
C ALA A 221 48.86 3.28 -10.77
N HIS A 222 47.61 3.06 -10.36
CA HIS A 222 47.29 2.94 -8.94
C HIS A 222 47.76 1.63 -8.34
N LEU A 223 48.20 0.67 -9.14
CA LEU A 223 48.80 -0.56 -8.65
C LEU A 223 50.31 -0.46 -8.51
N VAL A 224 50.90 0.70 -8.76
CA VAL A 224 52.33 0.89 -8.60
C VAL A 224 52.64 1.12 -7.13
N ARG A 225 53.58 0.33 -6.59
CA ARG A 225 53.93 0.46 -5.18
C ARG A 225 54.66 1.77 -4.94
N PRO A 226 54.58 2.31 -3.71
CA PRO A 226 55.19 3.62 -3.43
C PRO A 226 56.68 3.68 -3.69
N GLN A 227 57.39 2.55 -3.62
CA GLN A 227 58.84 2.57 -3.87
C GLN A 227 59.14 3.04 -5.29
N LYS A 228 58.46 2.45 -6.28
CA LYS A 228 58.65 2.86 -7.67
C LYS A 228 57.64 3.91 -8.09
N CYS A 229 57.50 4.98 -7.30
CA CYS A 229 56.58 6.06 -7.60
C CYS A 229 57.29 7.35 -7.98
N ARG A 230 58.23 7.80 -7.15
CA ARG A 230 59.07 8.93 -7.53
C ARG A 230 59.88 8.64 -8.79
N PRO A 231 60.54 7.49 -8.94
CA PRO A 231 61.24 7.24 -10.23
C PRO A 231 60.31 7.24 -11.42
N TYR A 232 59.08 6.74 -11.28
CA TYR A 232 58.15 6.74 -12.39
C TYR A 232 57.66 8.15 -12.71
N LEU A 233 57.34 8.94 -11.68
CA LEU A 233 56.86 10.30 -11.91
C LEU A 233 57.94 11.16 -12.56
N VAL A 234 59.19 11.05 -12.09
CA VAL A 234 60.27 11.84 -12.66
C VAL A 234 60.44 11.54 -14.15
N ASN A 235 60.36 10.26 -14.51
CA ASN A 235 60.44 9.88 -15.91
C ASN A 235 59.18 10.26 -16.69
N LEU A 236 58.03 10.36 -16.02
CA LEU A 236 56.78 10.68 -16.68
C LEU A 236 56.56 12.18 -16.86
N LEU A 237 57.35 13.03 -16.19
CA LEU A 237 57.21 14.48 -16.38
C LEU A 237 57.43 14.91 -17.82
N PRO A 238 58.50 14.50 -18.51
CA PRO A 238 58.62 14.90 -19.92
C PRO A 238 57.61 14.24 -20.83
N CYS A 239 57.13 13.04 -20.50
CA CYS A 239 56.17 12.35 -21.36
C CYS A 239 54.82 13.07 -21.36
N LEU A 240 54.34 13.49 -20.19
CA LEU A 240 53.09 14.23 -20.13
C LEU A 240 53.23 15.62 -20.76
N THR A 241 54.39 16.26 -20.58
CA THR A 241 54.61 17.56 -21.20
C THR A 241 54.64 17.44 -22.73
N ARG A 242 55.35 16.44 -23.25
CA ARG A 242 55.44 16.26 -24.69
C ARG A 242 54.07 15.90 -25.28
N THR A 243 53.30 15.06 -24.58
CA THR A 243 51.99 14.66 -25.09
C THR A 243 51.04 15.85 -25.15
N SER A 244 51.23 16.85 -24.30
CA SER A 244 50.38 18.03 -24.33
C SER A 244 50.57 18.84 -25.60
N LYS A 245 51.69 18.67 -26.30
CA LYS A 245 51.97 19.39 -27.54
C LYS A 245 51.48 18.65 -28.77
N ARG A 246 50.85 17.49 -28.61
CA ARG A 246 50.35 16.74 -29.76
C ARG A 246 49.08 17.39 -30.29
N PRO A 247 49.03 17.74 -31.57
CA PRO A 247 47.84 18.44 -32.11
C PRO A 247 46.66 17.52 -32.39
N GLU A 248 46.83 16.21 -32.36
CA GLU A 248 45.74 15.30 -32.65
C GLU A 248 44.68 15.37 -31.56
N GLU A 249 43.42 15.53 -31.96
CA GLU A 249 42.33 15.56 -31.00
C GLU A 249 42.13 14.22 -30.31
N SER A 250 42.39 13.11 -31.00
CA SER A 250 42.27 11.80 -30.38
C SER A 250 43.31 11.60 -29.29
N VAL A 251 44.54 12.06 -29.51
CA VAL A 251 45.57 11.96 -28.48
C VAL A 251 45.22 12.81 -27.28
N GLN A 252 44.75 14.04 -27.51
CA GLN A 252 44.41 14.92 -26.41
C GLN A 252 43.25 14.39 -25.58
N GLU A 253 42.32 13.66 -26.22
CA GLU A 253 41.23 13.06 -25.47
C GLU A 253 41.73 11.97 -24.53
N THR A 254 42.64 11.12 -25.02
CA THR A 254 43.22 10.08 -24.18
C THR A 254 44.05 10.69 -23.06
N LEU A 255 44.84 11.72 -23.38
CA LEU A 255 45.66 12.37 -22.38
C LEU A 255 44.81 13.08 -21.32
N ALA A 256 43.62 13.55 -21.70
CA ALA A 256 42.77 14.25 -20.74
C ALA A 256 42.36 13.35 -19.60
N ALA A 257 42.00 12.09 -19.90
CA ALA A 257 41.61 11.16 -18.85
C ALA A 257 42.79 10.51 -18.16
N ALA A 258 43.98 10.53 -18.77
CA ALA A 258 45.14 9.87 -18.19
C ALA A 258 45.74 10.69 -17.05
N VAL A 259 45.71 12.02 -17.16
CA VAL A 259 46.35 12.87 -16.15
C VAL A 259 45.74 12.70 -14.76
N PRO A 260 44.41 12.77 -14.59
CA PRO A 260 43.87 12.55 -13.22
C PRO A 260 44.20 11.17 -12.66
N LYS A 261 44.23 10.15 -13.51
CA LYS A 261 44.59 8.81 -13.03
C LYS A 261 46.06 8.74 -12.64
N ILE A 262 46.94 9.36 -13.44
CA ILE A 262 48.36 9.36 -13.13
C ILE A 262 48.64 10.22 -11.90
N MET A 263 48.03 11.40 -11.83
CA MET A 263 48.29 12.32 -10.72
C MET A 263 47.70 11.82 -9.40
N ALA A 264 46.61 11.06 -9.45
CA ALA A 264 46.02 10.55 -8.22
C ALA A 264 46.98 9.62 -7.47
N SER A 265 47.92 9.01 -8.19
CA SER A 265 48.91 8.12 -7.60
C SER A 265 50.29 8.75 -7.51
N PHE A 266 50.72 9.43 -8.57
CA PHE A 266 52.06 10.00 -8.62
C PHE A 266 52.12 11.45 -8.14
N GLY A 267 50.97 12.06 -7.85
CA GLY A 267 50.95 13.49 -7.53
C GLY A 267 51.66 13.82 -6.23
N ASN A 268 51.43 13.02 -5.18
CA ASN A 268 52.00 13.31 -3.88
C ASN A 268 53.51 13.05 -3.81
N PHE A 269 54.10 12.46 -4.85
CA PHE A 269 55.54 12.28 -4.94
C PHE A 269 56.23 13.41 -5.71
N ALA A 270 55.50 14.46 -6.05
CA ALA A 270 56.03 15.53 -6.89
C ALA A 270 56.63 16.65 -6.06
N ASN A 271 57.61 17.32 -6.64
CA ASN A 271 58.24 18.47 -6.00
C ASN A 271 57.39 19.72 -6.20
N ASP A 272 57.77 20.79 -5.49
CA ASP A 272 57.03 22.03 -5.61
C ASP A 272 57.14 22.63 -7.00
N ASN A 273 58.35 22.65 -7.57
CA ASN A 273 58.57 23.22 -8.89
C ASN A 273 58.24 22.25 -10.01
N GLU A 274 58.11 20.96 -9.72
CA GLU A 274 57.70 20.00 -10.75
C GLU A 274 56.23 20.17 -11.11
N ILE A 275 55.39 20.51 -10.13
CA ILE A 275 53.99 20.81 -10.43
C ILE A 275 53.88 22.06 -11.29
N LYS A 276 54.73 23.05 -11.03
CA LYS A 276 54.71 24.27 -11.84
C LYS A 276 55.04 23.98 -13.29
N VAL A 277 56.02 23.11 -13.53
CA VAL A 277 56.39 22.77 -14.90
C VAL A 277 55.22 22.11 -15.64
N LEU A 278 54.55 21.17 -14.98
CA LEU A 278 53.38 20.54 -15.59
C LEU A 278 52.24 21.52 -15.76
N LEU A 279 52.03 22.41 -14.79
CA LEU A 279 50.94 23.38 -14.89
C LEU A 279 51.17 24.35 -16.04
N LYS A 280 52.41 24.83 -16.21
CA LYS A 280 52.69 25.75 -17.30
C LYS A 280 52.58 25.07 -18.65
N ALA A 281 52.80 23.75 -18.71
CA ALA A 281 52.67 23.03 -19.96
C ALA A 281 51.24 23.05 -20.47
N PHE A 282 50.27 22.89 -19.57
CA PHE A 282 48.86 22.89 -20.00
C PHE A 282 48.29 24.29 -20.09
N ILE A 283 48.82 25.25 -19.34
CA ILE A 283 48.33 26.62 -19.41
C ILE A 283 48.54 27.20 -20.80
N ALA A 284 49.67 26.89 -21.43
CA ALA A 284 49.93 27.36 -22.78
C ALA A 284 48.99 26.76 -23.82
N ASN A 285 48.25 25.71 -23.47
CA ASN A 285 47.29 25.10 -24.38
C ASN A 285 45.89 25.68 -24.24
N LEU A 286 45.71 26.69 -23.38
CA LEU A 286 44.40 27.29 -23.18
C LEU A 286 44.01 28.25 -24.31
N LYS A 287 44.97 28.68 -25.13
CA LYS A 287 44.69 29.58 -26.23
C LYS A 287 44.54 28.87 -27.57
N SER A 288 44.57 27.54 -27.57
CA SER A 288 44.45 26.79 -28.81
C SER A 288 43.04 26.88 -29.37
N SER A 289 42.95 26.72 -30.69
CA SER A 289 41.66 26.82 -31.36
C SER A 289 40.78 25.59 -31.14
N SER A 290 41.39 24.43 -30.97
CA SER A 290 40.61 23.20 -30.83
C SER A 290 39.96 23.14 -29.45
N PRO A 291 38.63 22.97 -29.37
CA PRO A 291 38.00 22.83 -28.04
C PRO A 291 38.49 21.61 -27.27
N THR A 292 38.82 20.52 -27.96
CA THR A 292 39.34 19.34 -27.28
C THR A 292 40.66 19.63 -26.59
N ILE A 293 41.55 20.36 -27.27
CA ILE A 293 42.82 20.73 -26.65
C ILE A 293 42.58 21.66 -25.47
N ARG A 294 41.66 22.61 -25.62
CA ARG A 294 41.34 23.52 -24.52
C ARG A 294 40.75 22.77 -23.33
N ARG A 295 39.82 21.85 -23.57
CA ARG A 295 39.21 21.09 -22.48
C ARG A 295 40.22 20.18 -21.80
N THR A 296 41.12 19.56 -22.57
CA THR A 296 42.16 18.73 -21.96
C THR A 296 43.07 19.56 -21.06
N ALA A 297 43.46 20.75 -21.52
CA ALA A 297 44.33 21.61 -20.73
C ALA A 297 43.65 22.08 -19.46
N ALA A 298 42.37 22.45 -19.55
CA ALA A 298 41.65 22.96 -18.39
C ALA A 298 41.47 21.88 -17.33
N GLY A 299 41.04 20.69 -17.74
CA GLY A 299 40.84 19.61 -16.78
C GLY A 299 42.14 19.14 -16.16
N SER A 300 43.20 19.01 -16.97
CA SER A 300 44.47 18.52 -16.46
C SER A 300 45.08 19.49 -15.45
N ALA A 301 45.02 20.79 -15.74
CA ALA A 301 45.63 21.77 -14.84
C ALA A 301 44.96 21.75 -13.48
N VAL A 302 43.62 21.68 -13.44
CA VAL A 302 42.91 21.62 -12.18
C VAL A 302 43.20 20.29 -11.47
N SER A 303 43.23 19.20 -12.22
CA SER A 303 43.50 17.90 -11.62
C SER A 303 44.92 17.80 -11.08
N ILE A 304 45.88 18.47 -11.72
CA ILE A 304 47.25 18.48 -11.22
C ILE A 304 47.32 19.16 -9.86
N CYS A 305 46.66 20.30 -9.72
CA CYS A 305 46.64 20.99 -8.43
C CYS A 305 45.92 20.18 -7.37
N GLN A 306 44.83 19.51 -7.75
CA GLN A 306 44.06 18.73 -6.79
C GLN A 306 44.90 17.60 -6.20
N HIS A 307 45.64 16.88 -7.04
CA HIS A 307 46.47 15.78 -6.59
C HIS A 307 47.92 16.24 -6.43
N SER A 308 48.13 17.03 -5.38
CA SER A 308 49.46 17.54 -5.05
C SER A 308 49.59 17.63 -3.54
N ARG A 309 50.84 17.72 -3.07
CA ARG A 309 51.09 17.80 -1.64
C ARG A 309 50.49 19.07 -1.06
N ARG A 310 50.78 20.21 -1.66
CA ARG A 310 50.25 21.50 -1.21
C ARG A 310 49.06 21.85 -2.09
N THR A 311 47.93 21.20 -1.82
CA THR A 311 46.75 21.38 -2.66
C THR A 311 46.24 22.82 -2.61
N GLN A 312 46.16 23.40 -1.41
CA GLN A 312 45.63 24.76 -1.29
C GLN A 312 46.61 25.80 -1.83
N TYR A 313 47.91 25.57 -1.70
CA TYR A 313 48.88 26.51 -2.24
C TYR A 313 48.80 26.59 -3.76
N PHE A 314 48.67 25.44 -4.42
CA PHE A 314 48.61 25.42 -5.88
C PHE A 314 47.26 25.91 -6.40
N TYR A 315 46.21 25.77 -5.61
CA TYR A 315 44.93 26.36 -6.00
C TYR A 315 45.05 27.88 -6.10
N SER A 316 45.73 28.51 -5.13
CA SER A 316 45.99 29.93 -5.21
C SER A 316 46.91 30.27 -6.37
N TRP A 317 47.95 29.47 -6.58
CA TRP A 317 48.89 29.74 -7.66
C TRP A 317 48.22 29.65 -9.02
N LEU A 318 47.41 28.62 -9.23
CA LEU A 318 46.68 28.51 -10.49
C LEU A 318 45.64 29.61 -10.61
N LEU A 319 44.95 29.94 -9.53
CA LEU A 319 43.95 31.00 -9.56
C LEU A 319 44.57 32.34 -9.89
N ASN A 320 45.74 32.63 -9.31
CA ASN A 320 46.43 33.87 -9.61
C ASN A 320 46.89 33.91 -11.06
N VAL A 321 47.39 32.79 -11.58
CA VAL A 321 47.84 32.74 -12.96
C VAL A 321 46.67 32.91 -13.92
N LEU A 322 45.55 32.24 -13.64
CA LEU A 322 44.39 32.35 -14.51
C LEU A 322 43.85 33.77 -14.53
N LEU A 323 43.78 34.42 -13.36
CA LEU A 323 43.33 35.81 -13.31
C LEU A 323 44.29 36.71 -14.07
N GLY A 324 45.60 36.51 -13.90
CA GLY A 324 46.56 37.36 -14.59
C GLY A 324 46.46 37.29 -16.09
N LEU A 325 45.95 36.18 -16.62
CA LEU A 325 45.73 36.06 -18.05
C LEU A 325 44.59 36.94 -18.53
N LEU A 326 43.68 37.33 -17.65
CA LEU A 326 42.50 38.10 -18.04
C LEU A 326 42.13 39.24 -17.11
N VAL A 327 42.92 39.55 -16.09
CA VAL A 327 42.56 40.59 -15.13
C VAL A 327 42.53 41.98 -15.76
N PRO A 328 43.29 42.30 -16.85
CA PRO A 328 43.01 43.56 -17.55
C PRO A 328 41.79 43.42 -18.44
N VAL A 329 40.60 43.49 -17.83
CA VAL A 329 39.36 43.26 -18.58
C VAL A 329 39.17 44.31 -19.65
N GLU A 330 39.58 45.55 -19.40
CA GLU A 330 39.46 46.60 -20.39
C GLU A 330 40.39 46.43 -21.58
N ASP A 331 41.38 45.53 -21.48
CA ASP A 331 42.30 45.27 -22.57
C ASP A 331 41.68 44.29 -23.56
N GLU A 332 42.46 43.91 -24.57
CA GLU A 332 42.02 43.00 -25.61
C GLU A 332 42.58 41.60 -25.35
N HIS A 333 41.70 40.60 -25.37
CA HIS A 333 42.08 39.22 -25.17
C HIS A 333 41.46 38.35 -26.27
N SER A 334 42.17 37.28 -26.61
CA SER A 334 41.68 36.37 -27.64
C SER A 334 40.44 35.64 -27.15
N THR A 335 39.51 35.38 -28.07
CA THR A 335 38.30 34.64 -27.73
C THR A 335 38.64 33.23 -27.24
N LEU A 336 39.60 32.58 -27.90
CA LEU A 336 40.01 31.25 -27.47
C LEU A 336 40.62 31.28 -26.06
N LEU A 337 41.41 32.31 -25.77
CA LEU A 337 42.00 32.43 -24.44
C LEU A 337 40.92 32.60 -23.37
N ILE A 338 39.91 33.41 -23.65
CA ILE A 338 38.83 33.61 -22.69
C ILE A 338 38.07 32.32 -22.46
N LEU A 339 37.78 31.58 -23.53
CA LEU A 339 37.06 30.31 -23.39
C LEU A 339 37.86 29.31 -22.57
N GLY A 340 39.17 29.23 -22.81
CA GLY A 340 39.99 28.29 -22.07
C GLY A 340 40.09 28.62 -20.59
N VAL A 341 40.29 29.90 -20.27
CA VAL A 341 40.45 30.28 -18.87
C VAL A 341 39.14 30.13 -18.11
N LEU A 342 38.02 30.51 -18.73
CA LEU A 342 36.73 30.34 -18.07
C LEU A 342 36.41 28.88 -17.81
N LEU A 343 36.75 28.00 -18.75
CA LEU A 343 36.56 26.57 -18.55
C LEU A 343 37.44 26.05 -17.41
N THR A 344 38.67 26.53 -17.31
CA THR A 344 39.54 26.12 -16.22
C THR A 344 38.98 26.59 -14.87
N LEU A 345 38.45 27.81 -14.83
CA LEU A 345 37.86 28.31 -13.59
C LEU A 345 36.63 27.49 -13.20
N ARG A 346 35.87 27.03 -14.20
CA ARG A 346 34.68 26.22 -13.91
C ARG A 346 35.05 24.92 -13.22
N TYR A 347 36.14 24.29 -13.67
CA TYR A 347 36.58 23.04 -13.03
C TYR A 347 37.17 23.30 -11.64
N LEU A 348 37.81 24.45 -11.45
CA LEU A 348 38.49 24.75 -10.19
C LEU A 348 37.52 25.12 -9.08
N VAL A 349 36.37 25.70 -9.43
CA VAL A 349 35.45 26.23 -8.42
C VAL A 349 34.95 25.15 -7.46
N PRO A 350 34.49 23.98 -7.91
CA PRO A 350 34.00 22.98 -6.95
C PRO A 350 35.05 22.54 -5.95
N LEU A 351 36.32 22.54 -6.33
CA LEU A 351 37.38 22.10 -5.42
C LEU A 351 37.79 23.19 -4.43
N LEU A 352 37.30 24.41 -4.59
CA LEU A 352 37.59 25.50 -3.66
C LEU A 352 36.61 25.55 -2.49
N GLN A 353 35.64 24.63 -2.44
CA GLN A 353 34.66 24.59 -1.37
C GLN A 353 35.24 23.86 -0.14
N GLN A 354 36.37 24.38 0.34
CA GLN A 354 37.08 23.81 1.49
C GLN A 354 37.39 22.33 1.28
N VAL A 374 49.37 29.35 2.39
CA VAL A 374 48.65 30.22 1.46
C VAL A 374 47.39 29.51 0.97
N SER A 375 46.25 30.19 1.05
CA SER A 375 44.97 29.65 0.66
C SER A 375 44.28 30.68 -0.23
N PRO A 376 43.37 30.25 -1.11
CA PRO A 376 42.60 31.21 -1.90
C PRO A 376 41.88 32.21 -1.02
N SER A 377 41.94 33.48 -1.40
CA SER A 377 41.46 34.58 -0.58
C SER A 377 40.20 35.18 -1.19
N ALA A 378 39.55 36.05 -0.40
CA ALA A 378 38.35 36.73 -0.86
C ALA A 378 38.66 37.67 -2.02
N GLU A 379 39.82 38.30 -2.00
CA GLU A 379 40.15 39.29 -3.02
C GLU A 379 40.17 38.67 -4.41
N GLN A 380 40.82 37.52 -4.56
CA GLN A 380 40.87 36.85 -5.85
C GLN A 380 39.59 36.07 -6.16
N LEU A 381 38.91 35.57 -5.14
CA LEU A 381 37.61 34.92 -5.37
C LEU A 381 36.56 35.92 -5.85
N VAL A 382 36.66 37.17 -5.46
CA VAL A 382 35.79 38.21 -6.00
C VAL A 382 36.17 38.58 -7.42
N GLN A 383 37.47 38.65 -7.72
CA GLN A 383 37.91 38.99 -9.07
C GLN A 383 37.38 37.98 -10.10
N VAL A 384 37.31 36.71 -9.71
CA VAL A 384 36.71 35.70 -10.59
C VAL A 384 35.25 36.02 -10.83
N TYR A 385 34.54 36.44 -9.78
CA TYR A 385 33.13 36.82 -9.93
C TYR A 385 32.96 38.01 -10.86
N GLU A 386 33.81 39.03 -10.70
CA GLU A 386 33.75 40.18 -11.60
C GLU A 386 34.15 39.78 -13.02
N LEU A 387 35.16 38.92 -13.15
CA LEU A 387 35.55 38.45 -14.47
C LEU A 387 34.42 37.68 -15.14
N THR A 388 33.72 36.84 -14.37
CA THR A 388 32.60 36.10 -14.91
C THR A 388 31.48 37.04 -15.33
N LEU A 389 31.17 38.04 -14.50
CA LEU A 389 30.07 38.95 -14.80
C LEU A 389 30.37 39.78 -16.05
N HIS A 390 31.61 40.23 -16.19
CA HIS A 390 31.97 41.08 -17.33
C HIS A 390 31.84 40.31 -18.64
N HIS A 391 32.26 39.05 -18.65
CA HIS A 391 32.28 38.28 -19.90
C HIS A 391 30.91 37.76 -20.31
N THR A 392 29.89 37.88 -19.46
CA THR A 392 28.53 37.60 -19.89
C THR A 392 28.01 38.64 -20.88
N GLN A 393 28.67 39.79 -20.96
CA GLN A 393 28.32 40.84 -21.90
C GLN A 393 29.09 40.76 -23.20
N HIS A 394 29.84 39.69 -23.41
CA HIS A 394 30.65 39.53 -24.62
C HIS A 394 29.74 39.39 -25.85
N GLN A 395 30.30 39.77 -27.00
CA GLN A 395 29.57 39.71 -28.25
C GLN A 395 29.46 38.29 -28.82
N ASP A 396 30.38 37.41 -28.45
CA ASP A 396 30.36 36.02 -28.92
C ASP A 396 29.52 35.18 -27.96
N HIS A 397 28.56 34.44 -28.51
CA HIS A 397 27.71 33.61 -27.68
C HIS A 397 28.47 32.45 -27.05
N ASN A 398 29.59 32.03 -27.66
CA ASN A 398 30.41 31.00 -27.04
C ASN A 398 31.01 31.50 -25.73
N VAL A 399 31.48 32.75 -25.69
CA VAL A 399 32.01 33.31 -24.47
C VAL A 399 30.91 33.50 -23.43
N VAL A 400 29.73 33.93 -23.88
CA VAL A 400 28.60 34.10 -22.97
C VAL A 400 28.20 32.76 -22.38
N THR A 401 28.17 31.71 -23.20
CA THR A 401 27.85 30.39 -22.69
C THR A 401 28.88 29.91 -21.69
N GLY A 402 30.17 30.14 -21.97
CA GLY A 402 31.21 29.76 -21.04
C GLY A 402 31.15 30.55 -19.74
N ALA A 403 30.89 31.85 -19.85
CA ALA A 403 30.77 32.68 -18.65
C ALA A 403 29.56 32.28 -17.82
N LEU A 404 28.43 32.02 -18.47
CA LEU A 404 27.22 31.62 -17.76
C LEU A 404 27.40 30.28 -17.07
N GLU A 405 28.07 29.32 -17.73
CA GLU A 405 28.31 28.03 -17.11
C GLU A 405 29.18 28.14 -15.87
N LEU A 406 30.18 29.01 -15.88
CA LEU A 406 30.98 29.24 -14.69
C LEU A 406 30.17 29.98 -13.63
N LEU A 407 29.30 30.90 -14.04
CA LEU A 407 28.53 31.68 -13.08
C LEU A 407 27.62 30.79 -12.24
N GLN A 408 26.92 29.85 -12.89
CA GLN A 408 26.07 28.94 -12.13
C GLN A 408 26.90 27.99 -11.29
N GLN A 409 28.09 27.60 -11.76
CA GLN A 409 28.98 26.79 -10.95
C GLN A 409 29.43 27.56 -9.71
N LEU A 410 29.63 28.87 -9.85
CA LEU A 410 29.97 29.70 -8.69
C LEU A 410 28.82 29.76 -7.70
N PHE A 411 27.61 29.45 -8.13
CA PHE A 411 26.45 29.50 -7.24
C PHE A 411 26.03 28.14 -6.73
N ARG A 412 26.19 27.09 -7.53
CA ARG A 412 25.86 25.74 -7.07
C ARG A 412 26.78 25.31 -5.94
N THR A 413 28.07 25.56 -6.08
CA THR A 413 29.08 25.24 -5.05
C THR A 413 29.90 26.49 -4.76
N PRO A 414 29.32 27.46 -4.06
CA PRO A 414 30.03 28.71 -3.78
C PRO A 414 31.04 28.51 -2.67
N PRO A 415 32.28 29.00 -2.85
CA PRO A 415 33.24 29.00 -1.76
C PRO A 415 32.73 29.84 -0.61
N PRO A 416 32.97 29.42 0.64
CA PRO A 416 32.43 30.16 1.78
C PRO A 416 32.90 31.61 1.85
N GLU A 417 34.14 31.88 1.42
CA GLU A 417 34.64 33.25 1.46
C GLU A 417 33.85 34.15 0.50
N LEU A 418 33.55 33.63 -0.69
CA LEU A 418 32.79 34.43 -1.65
C LEU A 418 31.32 34.51 -1.28
N LEU A 419 30.79 33.46 -0.65
CA LEU A 419 29.36 33.41 -0.35
C LEU A 419 28.95 34.53 0.60
N GLN A 420 29.75 34.77 1.65
CA GLN A 420 29.42 35.84 2.58
C GLN A 420 29.53 37.21 1.92
N THR A 421 30.51 37.41 1.04
CA THR A 421 30.62 38.68 0.34
C THR A 421 29.42 38.93 -0.56
N LEU A 422 28.97 37.89 -1.27
CA LEU A 422 27.85 38.05 -2.20
C LEU A 422 26.53 38.32 -1.49
N THR A 423 26.36 37.80 -0.28
CA THR A 423 25.12 37.95 0.47
C THR A 423 25.16 39.09 1.47
N ALA A 424 26.24 39.86 1.52
CA ALA A 424 26.36 40.98 2.44
C ALA A 424 25.97 42.27 1.74
N VAL A 425 25.33 43.17 2.50
CA VAL A 425 24.86 44.43 1.93
C VAL A 425 26.03 45.26 1.41
N GLY A 426 27.07 45.41 2.23
CA GLY A 426 28.27 46.07 1.75
C GLY A 426 28.96 45.28 0.66
N GLY A 427 29.11 43.97 0.87
CA GLY A 427 29.59 43.06 -0.15
C GLY A 427 30.94 43.40 -0.74
N ILE A 428 30.98 43.45 -2.07
CA ILE A 428 32.24 43.72 -2.78
C ILE A 428 32.71 45.14 -2.50
N GLY A 429 31.78 46.08 -2.36
CA GLY A 429 32.16 47.46 -2.13
C GLY A 429 32.94 47.66 -0.83
N GLN A 430 32.73 46.78 0.15
CA GLN A 430 33.46 46.88 1.41
C GLN A 430 34.96 46.66 1.19
N LEU A 431 35.30 45.64 0.42
CA LEU A 431 36.70 45.33 0.16
C LEU A 431 37.14 45.90 -1.20
N CYS A 691 18.08 42.09 -25.24
CA CYS A 691 19.45 41.60 -25.41
C CYS A 691 20.45 42.65 -24.95
N ARG A 692 19.98 43.90 -24.83
CA ARG A 692 20.82 45.02 -24.45
C ARG A 692 20.35 45.60 -23.13
N ILE A 693 21.31 46.09 -22.33
CA ILE A 693 21.00 46.69 -21.03
C ILE A 693 20.74 48.17 -21.29
N LYS A 694 19.46 48.52 -21.35
CA LYS A 694 19.03 49.90 -21.59
C LYS A 694 18.52 50.48 -20.27
N GLY A 695 19.40 51.14 -19.53
CA GLY A 695 19.08 51.73 -18.25
C GLY A 695 20.12 51.41 -17.21
N ASP A 696 19.83 51.84 -15.99
CA ASP A 696 20.73 51.66 -14.86
C ASP A 696 20.24 50.49 -14.01
N ILE A 697 21.06 49.45 -13.91
CA ILE A 697 20.73 48.28 -13.09
C ILE A 697 21.53 48.25 -11.79
N GLY A 698 22.48 49.15 -11.62
CA GLY A 698 23.35 49.15 -10.47
C GLY A 698 24.75 48.73 -10.84
N GLN A 699 25.56 48.49 -9.81
CA GLN A 699 26.94 48.07 -9.99
C GLN A 699 27.25 46.94 -9.02
N SER A 700 28.23 46.12 -9.39
CA SER A 700 28.63 45.01 -8.53
C SER A 700 29.24 45.51 -7.23
N THR A 701 29.75 46.73 -7.20
CA THR A 701 30.40 47.30 -6.04
C THR A 701 29.50 48.25 -5.27
N ASP A 702 28.18 48.15 -5.42
CA ASP A 702 27.26 49.01 -4.70
C ASP A 702 27.35 48.73 -3.21
N ASP A 703 27.24 49.81 -2.42
CA ASP A 703 27.38 49.73 -0.97
C ASP A 703 26.04 49.80 -0.26
N ASP A 704 24.92 49.69 -1.00
CA ASP A 704 23.60 49.74 -0.40
C ASP A 704 22.79 48.47 -0.58
N SER A 705 23.27 47.52 -1.36
CA SER A 705 22.54 46.27 -1.57
C SER A 705 23.54 45.16 -1.82
N ALA A 706 23.09 43.92 -1.62
CA ALA A 706 23.95 42.77 -1.82
C ALA A 706 24.34 42.65 -3.28
N PRO A 707 25.55 42.18 -3.58
CA PRO A 707 25.95 42.03 -4.99
C PRO A 707 25.05 41.10 -5.78
N LEU A 708 24.46 40.09 -5.13
CA LEU A 708 23.55 39.17 -5.82
C LEU A 708 22.32 39.88 -6.37
N VAL A 709 21.94 41.01 -5.79
CA VAL A 709 20.81 41.78 -6.32
C VAL A 709 21.14 42.30 -7.72
N HIS A 710 22.35 42.83 -7.90
CA HIS A 710 22.77 43.32 -9.20
C HIS A 710 23.01 42.18 -10.19
N CYS A 711 23.54 41.06 -9.72
CA CYS A 711 23.78 39.92 -10.60
C CYS A 711 22.48 39.41 -11.20
N VAL A 712 21.45 39.28 -10.37
CA VAL A 712 20.14 38.84 -10.87
C VAL A 712 19.58 39.88 -11.83
N ARG A 713 19.76 41.17 -11.53
CA ARG A 713 19.33 42.22 -12.44
C ARG A 713 20.10 42.15 -13.76
N LEU A 714 21.40 41.91 -13.69
CA LEU A 714 22.21 41.85 -14.91
C LEU A 714 21.79 40.68 -15.80
N LEU A 715 21.53 39.51 -15.21
CA LEU A 715 21.14 38.35 -15.99
C LEU A 715 19.80 38.56 -16.67
N SER A 716 18.82 39.13 -15.96
CA SER A 716 17.49 39.31 -16.53
C SER A 716 17.49 40.38 -17.61
N ALA A 717 18.21 41.48 -17.38
CA ALA A 717 18.22 42.57 -18.34
C ALA A 717 18.98 42.20 -19.61
N SER A 718 19.90 41.23 -19.52
CA SER A 718 20.75 40.92 -20.66
C SER A 718 20.14 39.83 -21.54
N PHE A 719 19.56 38.80 -20.93
CA PHE A 719 19.16 37.60 -21.67
C PHE A 719 17.68 37.25 -21.54
N LEU A 720 16.94 37.85 -20.62
CA LEU A 720 15.59 37.37 -20.34
C LEU A 720 14.51 38.42 -20.54
N LEU A 721 14.74 39.67 -20.13
CA LEU A 721 13.70 40.68 -20.12
C LEU A 721 14.11 41.92 -20.88
N THR A 722 13.16 42.51 -21.59
CA THR A 722 13.29 43.84 -22.14
C THR A 722 12.73 44.84 -21.12
N GLY A 723 12.52 46.09 -21.56
CA GLY A 723 11.95 47.07 -20.66
C GLY A 723 10.45 47.02 -20.51
N GLY A 724 9.76 46.25 -21.35
CA GLY A 724 8.31 46.19 -21.34
C GLY A 724 7.78 45.00 -20.56
N LYS A 725 6.64 45.21 -19.89
CA LYS A 725 6.02 44.17 -19.10
C LYS A 725 5.50 43.04 -19.98
N ASN A 726 5.72 41.80 -19.52
CA ASN A 726 5.22 40.60 -20.19
C ASN A 726 5.67 40.53 -21.65
N VAL A 727 6.91 40.96 -21.90
CA VAL A 727 7.50 40.94 -23.23
C VAL A 727 8.69 39.99 -23.18
N LEU A 728 8.51 38.79 -23.71
CA LEU A 728 9.60 37.82 -23.75
C LEU A 728 10.66 38.29 -24.74
N VAL A 729 11.93 38.13 -24.37
CA VAL A 729 13.01 38.52 -25.27
C VAL A 729 12.96 37.61 -26.51
N PRO A 730 13.06 38.18 -27.71
CA PRO A 730 12.97 37.34 -28.93
C PRO A 730 14.11 36.34 -28.99
N ASP A 731 13.81 35.18 -29.59
CA ASP A 731 14.76 34.08 -29.66
C ASP A 731 15.91 34.33 -30.63
N ARG A 732 15.75 35.24 -31.57
CA ARG A 732 16.82 35.50 -32.54
C ARG A 732 17.93 36.37 -31.98
N ASP A 733 17.68 37.12 -30.90
CA ASP A 733 18.71 37.93 -30.26
C ASP A 733 19.60 37.07 -29.36
N VAL A 734 19.00 36.37 -28.40
CA VAL A 734 19.70 35.43 -27.55
C VAL A 734 18.99 34.08 -27.67
N ARG A 735 19.76 33.02 -27.86
CA ARG A 735 19.22 31.71 -28.19
C ARG A 735 18.64 31.03 -26.95
N VAL A 736 18.04 29.86 -27.18
CA VAL A 736 17.42 29.11 -26.09
C VAL A 736 18.48 28.65 -25.09
N SER A 737 19.67 28.28 -25.59
CA SER A 737 20.71 27.78 -24.70
C SER A 737 21.14 28.85 -23.70
N VAL A 738 21.27 30.10 -24.16
CA VAL A 738 21.62 31.18 -23.25
C VAL A 738 20.45 31.47 -22.31
N LYS A 739 19.22 31.45 -22.83
CA LYS A 739 18.05 31.70 -21.99
C LYS A 739 17.91 30.64 -20.90
N ALA A 740 18.09 29.36 -21.27
CA ALA A 740 18.02 28.30 -20.27
C ALA A 740 19.16 28.42 -19.27
N LEU A 741 20.36 28.75 -19.73
CA LEU A 741 21.50 28.92 -18.82
C LEU A 741 21.28 30.11 -17.90
N ALA A 742 20.75 31.21 -18.43
CA ALA A 742 20.52 32.40 -17.62
C ALA A 742 19.51 32.13 -16.50
N LEU A 743 18.44 31.38 -16.82
CA LEU A 743 17.45 31.07 -15.80
C LEU A 743 18.02 30.16 -14.72
N SER A 744 18.95 29.27 -15.10
CA SER A 744 19.59 28.42 -14.10
C SER A 744 20.45 29.25 -13.15
N CYS A 745 21.17 30.23 -13.68
CA CYS A 745 21.98 31.10 -12.82
C CYS A 745 21.09 31.93 -11.90
N VAL A 746 19.97 32.44 -12.41
CA VAL A 746 19.08 33.24 -11.58
C VAL A 746 18.50 32.40 -10.45
N GLY A 747 18.07 31.17 -10.76
CA GLY A 747 17.52 30.31 -9.71
C GLY A 747 18.54 29.97 -8.65
N ALA A 748 19.77 29.69 -9.06
CA ALA A 748 20.82 29.40 -8.09
C ALA A 748 21.16 30.62 -7.25
N ALA A 749 21.20 31.80 -7.88
CA ALA A 749 21.44 33.04 -7.13
C ALA A 749 20.29 33.33 -6.18
N VAL A 750 19.05 33.07 -6.61
CA VAL A 750 17.89 33.30 -5.75
C VAL A 750 17.94 32.38 -4.53
N ALA A 751 18.43 31.15 -4.70
CA ALA A 751 18.50 30.21 -3.59
C ALA A 751 19.33 30.76 -2.44
N LEU A 752 20.34 31.58 -2.74
CA LEU A 752 21.15 32.18 -1.70
C LEU A 752 20.56 33.49 -1.18
N HIS A 753 20.07 34.34 -2.08
CA HIS A 753 19.51 35.64 -1.72
C HIS A 753 18.14 35.78 -2.38
N PRO A 754 17.09 35.29 -1.74
CA PRO A 754 15.75 35.37 -2.35
C PRO A 754 15.27 36.79 -2.58
N GLU A 755 15.81 37.76 -1.85
CA GLU A 755 15.37 39.14 -2.01
C GLU A 755 15.72 39.70 -3.39
N SER A 756 16.72 39.13 -4.06
CA SER A 756 17.11 39.61 -5.39
C SER A 756 16.04 39.32 -6.44
N PHE A 757 15.15 38.37 -6.19
CA PHE A 757 14.13 38.03 -7.18
C PHE A 757 13.04 39.09 -7.27
N PHE A 758 12.78 39.80 -6.18
CA PHE A 758 11.66 40.74 -6.10
C PHE A 758 12.03 42.16 -6.50
N SER A 759 13.29 42.43 -6.80
CA SER A 759 13.72 43.77 -7.14
C SER A 759 13.22 44.16 -8.52
N LYS A 760 13.13 45.47 -8.75
CA LYS A 760 12.82 45.98 -10.08
C LYS A 760 13.98 45.68 -11.02
N LEU A 761 13.65 45.59 -12.32
CA LEU A 761 14.66 45.24 -13.30
C LEU A 761 15.75 46.30 -13.38
N TYR A 762 15.37 47.58 -13.30
CA TYR A 762 16.30 48.69 -13.42
C TYR A 762 16.34 49.48 -12.12
N LYS A 763 17.55 49.75 -11.63
CA LYS A 763 17.70 50.47 -10.37
C LYS A 763 17.08 51.86 -10.46
N VAL A 764 17.38 52.58 -11.53
CA VAL A 764 16.79 53.90 -11.80
C VAL A 764 15.83 53.73 -12.97
N PRO A 765 14.56 54.14 -12.84
CA PRO A 765 13.62 53.94 -13.94
C PRO A 765 14.08 54.67 -15.19
N LEU A 766 13.90 54.01 -16.33
CA LEU A 766 14.25 54.58 -17.63
C LEU A 766 13.13 55.51 -18.10
N ASP A 767 13.20 55.89 -19.37
CA ASP A 767 12.21 56.81 -19.94
C ASP A 767 10.80 56.25 -19.79
N THR A 768 9.91 57.07 -19.24
CA THR A 768 8.54 56.66 -18.96
C THR A 768 7.62 56.77 -20.17
N THR A 769 8.12 57.25 -21.30
CA THR A 769 7.28 57.37 -22.50
C THR A 769 7.21 56.04 -23.25
N GLU A 770 8.37 55.53 -23.67
CA GLU A 770 8.40 54.27 -24.40
C GLU A 770 7.94 53.11 -23.52
N TYR A 771 8.35 53.10 -22.25
CA TYR A 771 7.97 52.05 -21.32
C TYR A 771 7.22 52.67 -20.14
N PRO A 772 5.90 52.86 -20.27
CA PRO A 772 5.16 53.55 -19.21
C PRO A 772 5.19 52.85 -17.86
N GLU A 773 5.24 51.53 -17.81
CA GLU A 773 5.18 50.78 -16.57
C GLU A 773 6.52 50.10 -16.30
N GLU A 774 6.93 50.11 -15.04
CA GLU A 774 8.19 49.50 -14.65
C GLU A 774 8.06 47.98 -14.60
N GLN A 775 9.08 47.28 -15.08
CA GLN A 775 9.09 45.83 -15.08
C GLN A 775 9.97 45.29 -13.96
N TYR A 776 9.53 44.18 -13.38
CA TYR A 776 10.24 43.53 -12.29
C TYR A 776 10.98 42.30 -12.81
N VAL A 777 11.95 41.84 -12.01
CA VAL A 777 12.68 40.63 -12.35
C VAL A 777 11.77 39.41 -12.33
N SER A 778 10.65 39.47 -11.60
CA SER A 778 9.74 38.34 -11.51
C SER A 778 9.05 38.02 -12.82
N ASP A 779 9.15 38.91 -13.82
CA ASP A 779 8.56 38.65 -15.12
C ASP A 779 9.21 37.47 -15.84
N ILE A 780 10.38 37.02 -15.38
CA ILE A 780 11.04 35.87 -15.98
C ILE A 780 10.24 34.59 -15.81
N LEU A 781 9.27 34.57 -14.91
CA LEU A 781 8.40 33.41 -14.75
C LEU A 781 7.45 33.21 -15.93
N ASN A 782 7.35 34.20 -16.83
CA ASN A 782 6.56 34.05 -18.04
C ASN A 782 7.17 33.05 -19.01
N TYR A 783 8.41 32.63 -18.79
CA TYR A 783 9.06 31.65 -19.64
C TYR A 783 8.58 30.22 -19.38
N ILE A 784 7.63 30.04 -18.45
CA ILE A 784 7.04 28.72 -18.25
C ILE A 784 6.22 28.29 -19.45
N ASP A 785 5.89 29.22 -20.34
CA ASP A 785 5.15 28.93 -21.56
C ASP A 785 6.01 29.03 -22.81
N HIS A 786 7.34 28.87 -22.66
CA HIS A 786 8.24 28.99 -23.79
C HIS A 786 8.06 27.80 -24.75
N GLY A 787 8.52 28.00 -25.98
CA GLY A 787 8.32 27.01 -27.01
C GLY A 787 9.17 25.76 -26.86
N ASP A 788 10.30 25.86 -26.18
CA ASP A 788 11.17 24.70 -26.05
C ASP A 788 11.15 24.17 -24.62
N PRO A 789 11.31 22.86 -24.43
CA PRO A 789 11.13 22.28 -23.10
C PRO A 789 12.20 22.63 -22.08
N GLN A 790 13.41 22.97 -22.52
CA GLN A 790 14.48 23.27 -21.56
C GLN A 790 14.24 24.57 -20.81
N VAL A 791 13.78 25.61 -21.50
CA VAL A 791 13.46 26.86 -20.83
C VAL A 791 12.23 26.72 -19.92
N ARG A 792 11.23 25.95 -20.35
CA ARG A 792 10.08 25.69 -19.50
C ARG A 792 10.49 24.96 -18.23
N GLY A 793 11.35 23.94 -18.35
CA GLY A 793 11.81 23.22 -17.18
C GLY A 793 12.69 24.05 -16.26
N ALA A 794 13.55 24.90 -16.82
CA ALA A 794 14.39 25.75 -15.99
C ALA A 794 13.57 26.77 -15.21
N THR A 795 12.48 27.27 -15.79
CA THR A 795 11.61 28.19 -15.07
C THR A 795 10.86 27.50 -13.93
N ALA A 796 10.43 26.26 -14.14
CA ALA A 796 9.79 25.50 -13.06
C ALA A 796 10.76 25.28 -11.90
N ILE A 797 12.00 24.95 -12.22
CA ILE A 797 13.03 24.79 -11.19
C ILE A 797 13.31 26.14 -10.52
N LEU A 798 13.24 27.22 -11.31
CA LEU A 798 13.64 28.54 -10.81
C LEU A 798 12.84 28.94 -9.58
N CYS A 799 11.51 29.02 -9.69
CA CYS A 799 10.74 29.44 -8.53
C CYS A 799 10.14 28.25 -7.79
N GLY A 800 10.47 27.03 -8.19
CA GLY A 800 10.36 25.92 -7.26
C GLY A 800 11.44 25.98 -6.20
N THR A 801 12.60 26.55 -6.57
CA THR A 801 13.65 26.88 -5.60
C THR A 801 13.30 28.13 -4.80
N LEU A 802 12.65 29.12 -5.43
CA LEU A 802 12.22 30.31 -4.72
C LEU A 802 11.28 30.01 -3.57
N ILE A 803 10.41 29.01 -3.74
CA ILE A 803 9.52 28.60 -2.64
C ILE A 803 10.34 28.09 -1.46
N CYS A 804 11.33 27.23 -1.73
CA CYS A 804 12.14 26.68 -0.66
C CYS A 804 12.96 27.78 0.03
N SER A 805 13.52 28.70 -0.75
CA SER A 805 14.38 29.74 -0.19
C SER A 805 13.59 30.75 0.64
N ILE A 806 12.40 31.13 0.19
CA ILE A 806 11.60 32.09 0.95
C ILE A 806 11.19 31.50 2.30
N LEU A 807 10.72 30.25 2.29
CA LEU A 807 10.30 29.62 3.55
C LEU A 807 11.48 29.44 4.50
N SER A 808 12.64 29.05 3.97
CA SER A 808 13.81 28.85 4.83
C SER A 808 14.31 30.16 5.40
N ARG A 809 14.47 31.19 4.55
CA ARG A 809 14.99 32.47 5.02
C ARG A 809 14.03 33.13 6.00
N SER A 810 12.73 33.06 5.73
CA SER A 810 11.73 33.68 6.60
C SER A 810 11.54 32.92 7.89
N ARG A 811 12.13 31.73 8.04
CA ARG A 811 11.87 30.84 9.16
C ARG A 811 10.38 30.54 9.26
N PHE A 812 9.75 30.34 8.10
CA PHE A 812 8.33 30.00 7.98
C PHE A 812 7.42 31.10 8.52
N HIS A 813 7.91 32.35 8.51
CA HIS A 813 7.07 33.53 8.74
C HIS A 813 7.01 34.28 7.41
N VAL A 814 6.08 33.86 6.55
CA VAL A 814 6.04 34.39 5.19
C VAL A 814 5.38 35.77 5.16
N GLY A 815 4.29 35.94 5.89
CA GLY A 815 3.62 37.23 5.89
C GLY A 815 4.50 38.35 6.39
N ASP A 816 5.28 38.08 7.44
CA ASP A 816 6.22 39.09 7.93
C ASP A 816 7.32 39.35 6.91
N TRP A 817 7.88 38.29 6.33
CA TRP A 817 8.98 38.45 5.38
C TRP A 817 8.50 39.10 4.08
N MET A 818 7.41 38.58 3.51
CA MET A 818 6.90 39.15 2.27
C MET A 818 6.30 40.53 2.45
N GLY A 819 5.97 40.90 3.68
CA GLY A 819 5.44 42.23 3.92
C GLY A 819 6.46 43.33 3.63
N THR A 820 7.70 43.14 4.09
CA THR A 820 8.74 44.12 3.84
C THR A 820 9.24 44.09 2.40
N ILE A 821 9.35 42.91 1.79
CA ILE A 821 9.80 42.83 0.41
C ILE A 821 8.78 43.45 -0.52
N ARG A 822 7.50 43.43 -0.13
CA ARG A 822 6.49 44.15 -0.91
C ARG A 822 6.61 45.65 -0.71
N THR A 823 6.96 46.08 0.51
CA THR A 823 7.14 47.51 0.76
C THR A 823 8.45 48.01 0.19
N LEU A 824 9.52 47.21 0.32
CA LEU A 824 10.85 47.67 -0.09
C LEU A 824 10.93 47.84 -1.61
N THR A 825 10.43 46.87 -2.36
CA THR A 825 10.55 46.88 -3.81
C THR A 825 9.28 47.27 -4.54
N GLY A 826 8.13 47.19 -3.89
CA GLY A 826 6.87 47.44 -4.56
C GLY A 826 6.32 46.26 -5.33
N ASN A 827 7.02 45.13 -5.32
CA ASN A 827 6.56 43.94 -6.04
C ASN A 827 5.32 43.37 -5.38
N THR A 828 4.30 43.08 -6.19
CA THR A 828 3.06 42.48 -5.72
C THR A 828 3.03 40.97 -5.95
N PHE A 829 4.18 40.38 -6.23
CA PHE A 829 4.25 38.94 -6.48
C PHE A 829 3.86 38.17 -5.23
N SER A 830 3.11 37.09 -5.41
CA SER A 830 2.69 36.22 -4.32
C SER A 830 3.39 34.88 -4.43
N LEU A 831 3.82 34.34 -3.28
CA LEU A 831 4.57 33.09 -3.29
C LEU A 831 3.74 31.93 -3.82
N ALA A 832 2.42 31.99 -3.65
CA ALA A 832 1.54 30.92 -4.08
C ALA A 832 1.31 30.90 -5.59
N ASP A 833 2.11 31.63 -6.37
CA ASP A 833 1.90 31.73 -7.80
C ASP A 833 2.63 30.67 -8.61
N CYS A 834 3.64 30.00 -8.06
CA CYS A 834 4.22 28.86 -8.76
C CYS A 834 3.55 27.54 -8.46
N ILE A 835 2.69 27.47 -7.44
CA ILE A 835 1.93 26.24 -7.22
C ILE A 835 1.08 25.90 -8.45
N PRO A 836 0.30 26.82 -9.03
CA PRO A 836 -0.29 26.53 -10.34
C PRO A 836 0.74 26.30 -11.42
N LEU A 837 1.87 27.02 -11.37
CA LEU A 837 2.91 26.87 -12.39
C LEU A 837 3.62 25.52 -12.29
N LEU A 838 3.82 25.01 -11.07
CA LEU A 838 4.44 23.71 -10.91
C LEU A 838 3.51 22.59 -11.33
N ARG A 839 2.22 22.71 -11.00
CA ARG A 839 1.25 21.70 -11.41
C ARG A 839 1.09 21.67 -12.93
N LYS A 840 1.09 22.84 -13.56
CA LYS A 840 0.92 22.89 -15.01
C LYS A 840 2.10 22.24 -15.73
N THR A 841 3.32 22.47 -15.24
CA THR A 841 4.50 21.88 -15.88
C THR A 841 4.64 20.40 -15.57
N LEU A 842 4.01 19.90 -14.50
CA LEU A 842 4.05 18.48 -14.22
C LEU A 842 3.32 17.68 -15.29
N LYS A 843 2.20 18.19 -15.77
CA LYS A 843 1.46 17.56 -16.86
C LYS A 843 1.89 18.11 -18.22
N ASP A 844 3.19 18.06 -18.49
CA ASP A 844 3.74 18.58 -19.72
C ASP A 844 3.88 17.46 -20.75
N GLU A 845 3.71 17.83 -22.03
CA GLU A 845 3.83 16.84 -23.09
C GLU A 845 5.27 16.37 -23.27
N SER A 846 6.24 17.16 -22.82
CA SER A 846 7.64 16.82 -22.95
C SER A 846 8.13 16.16 -21.67
N SER A 847 8.80 15.02 -21.81
CA SER A 847 9.36 14.32 -20.65
C SER A 847 10.53 15.09 -20.05
N VAL A 848 11.19 15.95 -20.81
CA VAL A 848 12.28 16.75 -20.27
C VAL A 848 11.76 17.76 -19.26
N THR A 849 10.69 18.47 -19.62
CA THR A 849 10.08 19.43 -18.71
C THR A 849 9.47 18.72 -17.50
N CYS A 850 8.84 17.57 -17.70
CA CYS A 850 8.23 16.84 -16.58
C CYS A 850 9.27 16.42 -15.57
N LYS A 851 10.44 15.95 -16.03
CA LYS A 851 11.50 15.57 -15.12
C LYS A 851 12.01 16.77 -14.33
N LEU A 852 12.18 17.91 -15.00
CA LEU A 852 12.61 19.12 -14.30
C LEU A 852 11.51 19.68 -13.40
N ALA A 853 10.25 19.43 -13.74
CA ALA A 853 9.16 19.84 -12.86
C ALA A 853 9.11 19.00 -11.60
N CYS A 854 9.41 17.70 -11.70
CA CYS A 854 9.47 16.86 -10.52
C CYS A 854 10.64 17.24 -9.63
N THR A 855 11.77 17.61 -10.22
CA THR A 855 12.91 18.07 -9.44
C THR A 855 12.56 19.35 -8.67
N ALA A 856 11.84 20.26 -9.32
CA ALA A 856 11.41 21.48 -8.63
C ALA A 856 10.47 21.17 -7.48
N VAL A 857 9.56 20.22 -7.68
CA VAL A 857 8.66 19.81 -6.60
C VAL A 857 9.47 19.21 -5.46
N ARG A 858 10.50 18.42 -5.79
CA ARG A 858 11.33 17.79 -4.77
C ARG A 858 11.97 18.83 -3.85
N ASN A 859 12.33 19.99 -4.39
CA ASN A 859 13.00 21.01 -3.59
C ASN A 859 12.06 21.62 -2.56
N CYS A 860 10.79 21.82 -2.92
CA CYS A 860 9.88 22.61 -2.10
C CYS A 860 8.74 21.81 -1.48
N VAL A 861 8.63 20.51 -1.75
CA VAL A 861 7.47 19.76 -1.26
C VAL A 861 7.50 19.66 0.26
N MET A 862 8.69 19.40 0.84
CA MET A 862 8.79 19.25 2.28
C MET A 862 8.65 20.60 2.99
N SER A 863 9.23 21.66 2.42
CA SER A 863 9.10 22.98 3.01
C SER A 863 7.65 23.46 3.00
N LEU A 864 6.93 23.21 1.91
CA LEU A 864 5.54 23.61 1.82
C LEU A 864 4.69 22.88 2.85
N CYS A 865 4.91 21.58 3.01
CA CYS A 865 4.17 20.81 4.01
C CYS A 865 4.52 21.23 5.43
N SER A 866 5.66 21.86 5.63
CA SER A 866 6.08 22.34 6.94
C SER A 866 5.74 23.80 7.19
N SER A 867 4.92 24.41 6.33
CA SER A 867 4.64 25.82 6.42
C SER A 867 3.13 26.08 6.47
N SER A 868 2.75 27.36 6.40
CA SER A 868 1.33 27.73 6.38
C SER A 868 0.66 27.37 5.06
N TYR A 869 1.42 27.00 4.04
CA TYR A 869 0.88 26.56 2.76
C TYR A 869 0.85 25.04 2.64
N SER A 870 0.55 24.35 3.74
CA SER A 870 0.61 22.89 3.77
C SER A 870 -0.35 22.27 2.76
N GLU A 871 -1.50 22.90 2.52
CA GLU A 871 -2.44 22.36 1.55
C GLU A 871 -1.86 22.38 0.14
N LEU A 872 -0.99 23.34 -0.15
CA LEU A 872 -0.33 23.38 -1.46
C LEU A 872 0.75 22.31 -1.58
N GLY A 873 1.48 22.04 -0.50
CA GLY A 873 2.44 20.95 -0.53
C GLY A 873 1.79 19.59 -0.65
N LEU A 874 0.67 19.40 0.04
CA LEU A 874 -0.09 18.16 -0.08
C LEU A 874 -0.65 18.00 -1.48
N GLN A 875 -1.09 19.10 -2.09
CA GLN A 875 -1.59 19.05 -3.46
C GLN A 875 -0.50 18.61 -4.43
N LEU A 876 0.73 19.09 -4.22
CA LEU A 876 1.82 18.69 -5.10
C LEU A 876 2.15 17.20 -4.97
N ILE A 877 1.99 16.64 -3.77
CA ILE A 877 2.19 15.20 -3.59
C ILE A 877 1.19 14.41 -4.41
N ILE A 878 -0.07 14.87 -4.43
CA ILE A 878 -1.10 14.20 -5.22
C ILE A 878 -0.78 14.27 -6.70
N ASP A 879 -0.31 15.42 -7.17
CA ASP A 879 -0.13 15.64 -8.60
C ASP A 879 1.07 14.89 -9.17
N VAL A 880 2.08 14.59 -8.36
CA VAL A 880 3.23 13.87 -8.87
C VAL A 880 2.99 12.36 -8.92
N LEU A 881 1.92 11.88 -8.30
CA LEU A 881 1.66 10.44 -8.27
C LEU A 881 1.40 9.88 -9.67
N THR A 882 0.91 10.72 -10.59
CA THR A 882 0.62 10.26 -11.94
C THR A 882 1.90 10.02 -12.75
N LEU A 883 3.05 10.46 -12.25
CA LEU A 883 4.29 10.32 -13.00
C LEU A 883 4.83 8.89 -12.99
N ARG A 884 4.25 8.00 -12.20
CA ARG A 884 4.74 6.62 -12.15
C ARG A 884 4.47 5.87 -13.46
N ASN A 885 3.54 6.35 -14.27
CA ASN A 885 3.23 5.72 -15.55
C ASN A 885 4.00 6.33 -16.71
N SER A 886 4.92 7.26 -16.44
CA SER A 886 5.66 7.91 -17.51
C SER A 886 6.57 6.91 -18.21
N SER A 887 6.72 7.11 -19.53
CA SER A 887 7.58 6.23 -20.32
C SER A 887 9.05 6.54 -20.15
N TYR A 888 9.39 7.73 -19.66
CA TYR A 888 10.77 8.12 -19.45
C TYR A 888 11.25 7.56 -18.12
N TRP A 889 12.31 6.76 -18.15
CA TRP A 889 12.82 6.15 -16.92
C TRP A 889 13.37 7.18 -15.95
N LEU A 890 13.91 8.29 -16.48
CA LEU A 890 14.43 9.33 -15.60
C LEU A 890 13.32 10.02 -14.82
N VAL A 891 12.12 10.11 -15.40
CA VAL A 891 11.00 10.71 -14.69
C VAL A 891 10.54 9.81 -13.55
N ARG A 892 10.47 8.49 -13.79
CA ARG A 892 10.05 7.57 -12.75
C ARG A 892 11.03 7.54 -11.59
N THR A 893 12.33 7.56 -11.87
CA THR A 893 13.33 7.61 -10.80
C THR A 893 13.28 8.94 -10.06
N GLU A 894 12.99 10.04 -10.77
CA GLU A 894 12.86 11.32 -10.11
C GLU A 894 11.67 11.33 -9.15
N LEU A 895 10.57 10.70 -9.54
CA LEU A 895 9.42 10.58 -8.65
C LEU A 895 9.76 9.77 -7.41
N LEU A 896 10.52 8.70 -7.57
CA LEU A 896 10.91 7.88 -6.42
C LEU A 896 11.79 8.68 -5.47
N GLU A 897 12.72 9.47 -6.00
CA GLU A 897 13.57 10.30 -5.16
C GLU A 897 12.76 11.40 -4.48
N THR A 898 11.77 11.97 -5.19
CA THR A 898 10.95 13.01 -4.60
C THR A 898 10.13 12.49 -3.42
N LEU A 899 9.53 11.30 -3.57
CA LEU A 899 8.70 10.75 -2.51
C LEU A 899 9.53 10.27 -1.32
N ALA A 900 10.78 9.89 -1.55
CA ALA A 900 11.65 9.50 -0.43
C ALA A 900 11.95 10.67 0.47
N GLU A 901 11.89 11.90 -0.06
CA GLU A 901 12.13 13.08 0.76
C GLU A 901 10.97 13.38 1.70
N ILE A 902 9.79 12.85 1.42
CA ILE A 902 8.58 13.23 2.14
C ILE A 902 8.55 12.50 3.48
N ASP A 903 8.34 13.25 4.55
CA ASP A 903 8.11 12.69 5.88
C ASP A 903 6.62 12.47 6.04
N PHE A 904 6.21 11.21 6.16
CA PHE A 904 4.80 10.86 6.18
C PHE A 904 4.16 10.99 7.56
N ARG A 905 4.94 11.22 8.61
CA ARG A 905 4.35 11.61 9.88
C ARG A 905 3.72 12.99 9.77
N LEU A 906 4.38 13.89 9.03
CA LEU A 906 3.81 15.22 8.78
C LEU A 906 2.64 15.14 7.82
N VAL A 907 2.73 14.28 6.80
CA VAL A 907 1.63 14.14 5.84
C VAL A 907 0.40 13.58 6.52
N SER A 908 0.58 12.57 7.39
CA SER A 908 -0.55 12.00 8.11
C SER A 908 -1.23 13.04 8.99
N PHE A 909 -0.44 13.95 9.59
CA PHE A 909 -1.03 15.04 10.36
C PHE A 909 -1.85 15.95 9.47
N LEU A 910 -1.34 16.28 8.28
CA LEU A 910 -2.07 17.14 7.37
C LEU A 910 -3.29 16.45 6.78
N GLU A 911 -3.18 15.14 6.53
CA GLU A 911 -4.32 14.39 6.03
C GLU A 911 -5.44 14.34 7.06
N ALA A 912 -5.10 14.18 8.33
CA ALA A 912 -6.10 14.02 9.37
C ALA A 912 -6.96 15.26 9.56
N LYS A 913 -6.43 16.45 9.27
CA LYS A 913 -7.18 17.69 9.45
C LYS A 913 -7.57 18.34 8.13
N ALA A 914 -7.34 17.67 7.01
CA ALA A 914 -7.82 18.15 5.72
C ALA A 914 -9.21 17.60 5.46
N GLU A 915 -10.13 18.47 5.05
CA GLU A 915 -11.51 18.08 4.82
C GLU A 915 -11.88 18.09 3.35
N ASN A 916 -11.71 19.23 2.67
CA ASN A 916 -12.07 19.32 1.26
C ASN A 916 -10.98 18.85 0.32
N LEU A 917 -9.76 18.63 0.83
CA LEU A 917 -8.69 18.12 -0.02
C LEU A 917 -8.84 16.62 -0.29
N HIS A 918 -9.57 15.89 0.56
CA HIS A 918 -9.86 14.50 0.28
C HIS A 918 -10.82 14.34 -0.91
N ARG A 919 -11.64 15.35 -1.18
CA ARG A 919 -12.58 15.28 -2.29
C ARG A 919 -11.90 15.42 -3.64
N GLY A 920 -10.79 16.16 -3.70
CA GLY A 920 -10.16 16.41 -4.98
C GLY A 920 -11.00 17.35 -5.83
N ALA A 921 -10.84 17.22 -7.14
CA ALA A 921 -11.57 18.07 -8.09
C ALA A 921 -12.89 17.47 -8.54
N HIS A 922 -13.21 16.25 -8.10
CA HIS A 922 -14.43 15.58 -8.55
C HIS A 922 -15.27 15.06 -7.38
N HIS A 923 -15.12 15.65 -6.20
CA HIS A 923 -15.95 15.33 -5.03
C HIS A 923 -15.83 13.85 -4.66
N TYR A 924 -14.61 13.40 -4.41
CA TYR A 924 -14.39 12.02 -4.00
C TYR A 924 -14.96 11.78 -2.61
N THR A 925 -15.47 10.56 -2.41
CA THR A 925 -16.18 10.21 -1.18
C THR A 925 -15.31 9.57 -0.11
N GLY A 926 -14.07 9.21 -0.44
CA GLY A 926 -13.22 8.52 0.51
C GLY A 926 -12.11 9.39 1.07
N LEU A 927 -10.97 8.77 1.35
CA LEU A 927 -9.80 9.45 1.91
C LEU A 927 -8.65 9.38 0.92
N LEU A 928 -7.73 10.33 1.05
CA LEU A 928 -6.60 10.41 0.13
C LEU A 928 -5.72 9.16 0.24
N LYS A 929 -5.41 8.73 1.46
CA LYS A 929 -4.55 7.58 1.71
C LYS A 929 -3.22 7.74 0.96
N LEU A 930 -2.60 8.91 1.14
CA LEU A 930 -1.39 9.22 0.39
C LEU A 930 -0.26 8.26 0.74
N GLN A 931 -0.08 7.94 2.02
CA GLN A 931 0.97 7.02 2.42
C GLN A 931 0.76 5.64 1.81
N GLU A 932 -0.48 5.16 1.81
CA GLU A 932 -0.78 3.86 1.24
C GLU A 932 -0.49 3.82 -0.25
N ARG A 933 -0.90 4.88 -0.97
CA ARG A 933 -0.69 4.91 -2.42
C ARG A 933 0.79 5.06 -2.76
N VAL A 934 1.51 5.93 -2.06
CA VAL A 934 2.93 6.10 -2.32
C VAL A 934 3.69 4.81 -2.04
N LEU A 935 3.38 4.17 -0.91
CA LEU A 935 4.10 2.97 -0.53
C LEU A 935 3.78 1.81 -1.46
N ASN A 936 2.51 1.58 -1.76
CA ASN A 936 2.08 0.41 -2.51
C ASN A 936 1.98 0.65 -4.00
N ASN A 937 1.33 1.73 -4.43
CA ASN A 937 1.11 1.97 -5.85
C ASN A 937 2.29 2.61 -6.55
N VAL A 938 3.30 3.09 -5.81
CA VAL A 938 4.45 3.73 -6.44
C VAL A 938 5.74 3.05 -6.05
N VAL A 939 6.08 3.08 -4.76
CA VAL A 939 7.39 2.61 -4.32
C VAL A 939 7.53 1.11 -4.53
N ILE A 940 6.55 0.34 -4.07
CA ILE A 940 6.61 -1.12 -4.26
C ILE A 940 6.16 -1.52 -5.66
N HIS A 941 5.25 -0.76 -6.28
CA HIS A 941 4.83 -1.07 -7.64
C HIS A 941 5.99 -0.94 -8.62
N LEU A 942 6.84 0.06 -8.44
CA LEU A 942 7.97 0.28 -9.32
C LEU A 942 9.12 -0.69 -9.07
N LEU A 943 9.01 -1.56 -8.06
CA LEU A 943 9.93 -2.67 -7.91
C LEU A 943 9.77 -3.72 -8.99
N GLY A 944 8.69 -3.66 -9.76
CA GLY A 944 8.47 -4.57 -10.87
C GLY A 944 8.74 -3.91 -12.21
N ASP A 945 9.44 -2.79 -12.19
CA ASP A 945 9.72 -2.06 -13.42
C ASP A 945 10.65 -2.87 -14.31
N GLU A 946 10.58 -2.61 -15.62
CA GLU A 946 11.44 -3.32 -16.55
C GLU A 946 12.87 -2.82 -16.49
N ASP A 947 13.07 -1.53 -16.23
CA ASP A 947 14.41 -0.97 -16.14
C ASP A 947 15.02 -1.31 -14.79
N PRO A 948 16.17 -1.99 -14.75
CA PRO A 948 16.81 -2.28 -13.46
C PRO A 948 17.21 -1.03 -12.70
N ARG A 949 17.45 0.09 -13.39
CA ARG A 949 17.82 1.31 -12.71
C ARG A 949 16.66 1.86 -11.88
N VAL A 950 15.44 1.76 -12.41
CA VAL A 950 14.27 2.21 -11.66
C VAL A 950 14.04 1.31 -10.44
N ARG A 951 14.31 0.01 -10.59
CA ARG A 951 14.17 -0.90 -9.45
C ARG A 951 15.16 -0.55 -8.35
N HIS A 952 16.40 -0.20 -8.72
CA HIS A 952 17.40 0.15 -7.72
C HIS A 952 17.00 1.42 -6.97
N VAL A 953 16.47 2.42 -7.67
CA VAL A 953 16.02 3.63 -7.00
C VAL A 953 14.79 3.36 -6.15
N ALA A 954 13.87 2.51 -6.63
CA ALA A 954 12.69 2.17 -5.84
C ALA A 954 13.06 1.45 -4.55
N ALA A 955 14.02 0.53 -4.63
CA ALA A 955 14.49 -0.15 -3.42
C ALA A 955 15.16 0.83 -2.47
N ALA A 956 15.98 1.74 -2.99
CA ALA A 956 16.66 2.71 -2.14
C ALA A 956 15.66 3.63 -1.45
N SER A 957 14.63 4.06 -2.17
CA SER A 957 13.61 4.92 -1.58
C SER A 957 12.77 4.17 -0.55
N LEU A 958 12.73 2.84 -0.60
CA LEU A 958 11.98 2.09 0.39
C LEU A 958 12.64 2.16 1.76
N ILE A 959 13.97 2.02 1.80
CA ILE A 959 14.68 2.09 3.07
C ILE A 959 14.54 3.46 3.71
N ARG A 960 14.59 4.52 2.93
CA ARG A 960 14.47 5.87 3.46
C ARG A 960 13.09 6.11 4.07
N LEU A 961 12.05 5.55 3.47
CA LEU A 961 10.70 5.83 3.92
C LEU A 961 10.32 5.09 5.20
N VAL A 962 10.99 3.98 5.51
CA VAL A 962 10.60 3.15 6.65
C VAL A 962 10.58 3.93 7.96
N PRO A 963 11.62 4.68 8.34
CA PRO A 963 11.55 5.44 9.60
C PRO A 963 10.53 6.56 9.61
N LYS A 964 10.04 7.02 8.46
CA LYS A 964 9.13 8.15 8.38
C LYS A 964 7.69 7.75 8.16
N LEU A 965 7.37 6.46 8.19
CA LEU A 965 5.99 6.01 8.03
C LEU A 965 5.24 6.11 9.35
N PHE A 966 3.95 6.42 9.25
CA PHE A 966 3.07 6.52 10.41
C PHE A 966 1.88 5.60 10.23
N TYR A 967 1.56 4.83 11.27
CA TYR A 967 0.40 3.96 11.30
C TYR A 967 -0.36 4.19 12.60
N LYS A 968 -1.69 4.12 12.51
CA LYS A 968 -2.52 4.36 13.69
C LYS A 968 -2.41 3.20 14.67
N CYS A 969 -2.88 3.45 15.90
CA CYS A 969 -2.87 2.46 16.98
C CYS A 969 -1.45 1.97 17.26
N ASP A 970 -0.49 2.90 17.27
CA ASP A 970 0.89 2.57 17.57
C ASP A 970 1.16 2.79 19.05
N GLN A 971 1.94 1.88 19.64
CA GLN A 971 2.25 1.99 21.06
C GLN A 971 3.09 3.23 21.36
N GLY A 972 4.03 3.55 20.47
CA GLY A 972 4.95 4.65 20.72
C GLY A 972 4.42 6.02 20.33
N GLN A 973 3.42 6.06 19.44
CA GLN A 973 2.89 7.34 18.96
C GLN A 973 1.42 7.14 18.64
N ALA A 974 0.55 7.70 19.48
CA ALA A 974 -0.89 7.53 19.29
C ALA A 974 -1.40 8.38 18.13
N ASP A 975 -0.91 9.60 18.01
CA ASP A 975 -1.36 10.54 17.00
C ASP A 975 -0.17 11.08 16.23
N PRO A 976 -0.38 11.55 14.99
CA PRO A 976 0.76 12.04 14.20
C PRO A 976 1.50 13.21 14.82
N VAL A 977 0.82 14.03 15.64
CA VAL A 977 1.51 15.14 16.30
C VAL A 977 2.60 14.62 17.23
N VAL A 978 2.28 13.59 18.02
CA VAL A 978 3.30 12.97 18.87
C VAL A 978 4.41 12.36 18.03
N ALA A 979 4.05 11.78 16.89
CA ALA A 979 5.05 11.19 16.00
C ALA A 979 6.00 12.25 15.48
N VAL A 980 5.47 13.41 15.08
CA VAL A 980 6.33 14.50 14.59
C VAL A 980 7.17 15.05 15.73
N ALA A 981 6.57 15.27 16.90
CA ALA A 981 7.31 15.81 18.03
C ALA A 981 8.40 14.86 18.51
N ARG A 982 8.23 13.56 18.27
CA ARG A 982 9.26 12.61 18.65
C ARG A 982 10.56 12.87 17.89
N ASP A 983 10.46 13.13 16.59
CA ASP A 983 11.66 13.37 15.79
C ASP A 983 12.36 14.67 16.18
N GLN A 984 11.61 15.73 16.46
CA GLN A 984 12.21 17.00 16.83
C GLN A 984 12.96 16.89 18.16
N SER A 985 12.37 16.20 19.13
CA SER A 985 12.97 16.09 20.45
C SER A 985 14.04 15.01 20.54
N SER A 986 14.13 14.13 19.54
CA SER A 986 15.12 13.05 19.58
C SER A 986 16.54 13.53 19.26
N VAL A 987 16.69 14.74 18.74
CA VAL A 987 17.99 15.28 18.37
C VAL A 987 18.42 16.40 19.30
N TYR A 988 17.57 17.42 19.45
CA TYR A 988 17.94 18.58 20.27
C TYR A 988 17.99 18.22 21.74
N LEU A 989 17.03 17.42 22.21
CA LEU A 989 16.93 17.06 23.62
C LEU A 989 17.69 15.79 23.96
N LYS A 990 18.42 15.22 22.99
CA LYS A 990 19.27 14.07 23.26
C LYS A 990 20.32 14.47 24.29
N LEU A 991 20.27 13.85 25.47
CA LEU A 991 21.19 14.21 26.54
C LEU A 991 22.62 13.92 26.13
N LEU A 992 23.53 14.80 26.53
CA LEU A 992 24.93 14.71 26.12
C LEU A 992 25.67 13.79 27.08
N MET A 993 25.87 12.55 26.67
CA MET A 993 26.55 11.56 27.51
C MET A 993 27.28 10.57 26.62
N HIS A 994 28.23 9.86 27.24
CA HIS A 994 29.04 8.86 26.57
C HIS A 994 29.03 7.58 27.39
N GLU A 995 29.03 6.44 26.71
CA GLU A 995 29.00 5.11 27.34
C GLU A 995 27.90 4.99 28.38
N THR A 1008 36.98 -14.24 18.38
CA THR A 1008 36.09 -13.77 19.42
C THR A 1008 35.13 -12.71 18.87
N ARG A 1009 35.41 -12.22 17.67
CA ARG A 1009 34.57 -11.24 17.00
C ARG A 1009 33.57 -11.98 16.12
N ILE A 1010 32.28 -11.82 16.44
CA ILE A 1010 31.24 -12.50 15.68
C ILE A 1010 31.05 -11.80 14.34
N TYR A 1011 30.52 -12.53 13.37
CA TYR A 1011 30.46 -12.03 12.01
C TYR A 1011 29.37 -10.98 11.86
N ARG A 1012 29.15 -10.56 10.61
CA ARG A 1012 28.34 -9.39 10.28
C ARG A 1012 26.90 -9.47 10.79
N GLY A 1013 26.20 -10.55 10.47
CA GLY A 1013 24.77 -10.59 10.72
C GLY A 1013 24.33 -11.33 11.97
N TYR A 1014 25.13 -11.27 13.02
CA TYR A 1014 24.81 -11.95 14.28
C TYR A 1014 24.72 -10.93 15.40
N ASN A 1015 23.70 -11.08 16.25
CA ASN A 1015 23.49 -10.21 17.40
C ASN A 1015 23.07 -11.09 18.57
N LEU A 1016 23.91 -11.14 19.61
CA LEU A 1016 23.67 -12.01 20.76
C LEU A 1016 22.92 -11.30 21.88
N LEU A 1017 23.39 -10.12 22.29
CA LEU A 1017 22.76 -9.41 23.39
C LEU A 1017 21.38 -8.89 22.95
N PRO A 1018 20.43 -8.80 23.89
CA PRO A 1018 19.10 -8.31 23.53
C PRO A 1018 19.08 -6.83 23.23
N SER A 1019 18.89 -6.48 21.95
CA SER A 1019 18.84 -5.09 21.56
C SER A 1019 17.54 -4.44 22.03
N ILE A 1020 17.62 -3.14 22.32
CA ILE A 1020 16.46 -2.35 22.70
C ILE A 1020 16.03 -1.61 21.45
N THR A 1021 15.01 -2.13 20.78
CA THR A 1021 14.53 -1.56 19.53
C THR A 1021 13.27 -0.73 19.77
N ASP A 1022 13.06 0.24 18.87
CA ASP A 1022 11.88 1.07 18.93
C ASP A 1022 10.64 0.26 18.51
N VAL A 1023 9.59 0.32 19.33
CA VAL A 1023 8.37 -0.42 18.99
C VAL A 1023 7.72 0.16 17.75
N THR A 1024 7.76 1.49 17.59
CA THR A 1024 7.23 2.11 16.39
C THR A 1024 8.01 1.68 15.15
N MET A 1025 9.34 1.64 15.25
CA MET A 1025 10.16 1.23 14.12
C MET A 1025 9.97 -0.24 13.80
N GLU A 1026 9.72 -1.07 14.81
CA GLU A 1026 9.43 -2.48 14.55
C GLU A 1026 8.14 -2.63 13.76
N ASN A 1027 7.13 -1.85 14.08
CA ASN A 1027 5.84 -1.96 13.38
C ASN A 1027 5.96 -1.48 11.94
N ASN A 1028 6.65 -0.37 11.71
CA ASN A 1028 6.81 0.13 10.35
C ASN A 1028 7.60 -0.84 9.48
N LEU A 1029 8.69 -1.39 10.04
CA LEU A 1029 9.48 -2.36 9.30
C LEU A 1029 8.67 -3.63 9.03
N SER A 1030 7.90 -4.09 10.01
CA SER A 1030 7.10 -5.29 9.84
C SER A 1030 6.05 -5.10 8.75
N ARG A 1031 5.41 -3.93 8.71
CA ARG A 1031 4.41 -3.67 7.68
C ARG A 1031 5.05 -3.62 6.30
N VAL A 1032 6.21 -2.99 6.18
CA VAL A 1032 6.88 -2.87 4.89
C VAL A 1032 7.32 -4.24 4.38
N ILE A 1033 7.91 -5.05 5.26
CA ILE A 1033 8.41 -6.36 4.84
C ILE A 1033 7.27 -7.24 4.37
N ALA A 1034 6.14 -7.21 5.07
CA ALA A 1034 4.99 -8.03 4.67
C ALA A 1034 4.48 -7.62 3.29
N ALA A 1035 4.44 -6.31 3.01
CA ALA A 1035 3.99 -5.85 1.70
C ALA A 1035 4.92 -6.31 0.59
N VAL A 1036 6.23 -6.22 0.83
CA VAL A 1036 7.19 -6.68 -0.17
C VAL A 1036 7.16 -8.19 -0.29
N SER A 1037 7.00 -8.90 0.84
CA SER A 1037 6.93 -10.35 0.81
C SER A 1037 5.71 -10.83 0.03
N HIS A 1038 4.57 -10.16 0.21
CA HIS A 1038 3.36 -10.57 -0.48
C HIS A 1038 3.53 -10.49 -1.99
N GLU A 1039 4.20 -9.43 -2.47
CA GLU A 1039 4.44 -9.29 -3.91
C GLU A 1039 5.38 -10.36 -4.45
N LEU A 1040 6.21 -10.96 -3.61
CA LEU A 1040 7.21 -11.90 -4.10
C LEU A 1040 6.55 -13.20 -4.58
N ILE A 1041 5.67 -13.78 -3.77
CA ILE A 1041 4.97 -14.99 -4.19
C ILE A 1041 3.93 -14.69 -5.26
N THR A 1042 3.17 -13.62 -5.07
CA THR A 1042 2.17 -13.21 -6.06
C THR A 1042 2.80 -12.39 -7.17
N SER A 1043 3.86 -12.94 -7.74
CA SER A 1043 4.62 -12.31 -8.82
C SER A 1043 4.53 -13.17 -10.07
N THR A 1044 4.05 -12.58 -11.16
CA THR A 1044 3.98 -13.26 -12.44
C THR A 1044 5.03 -12.76 -13.42
N THR A 1045 5.85 -11.79 -13.02
CA THR A 1045 6.89 -11.23 -13.86
C THR A 1045 8.25 -11.41 -13.21
N ARG A 1046 9.27 -11.64 -14.05
CA ARG A 1046 10.62 -11.78 -13.53
C ARG A 1046 11.12 -10.49 -12.90
N ALA A 1047 10.72 -9.35 -13.46
CA ALA A 1047 11.18 -8.06 -12.94
C ALA A 1047 10.71 -7.82 -11.52
N LEU A 1048 9.45 -8.15 -11.22
CA LEU A 1048 8.95 -7.96 -9.86
C LEU A 1048 9.68 -8.87 -8.87
N THR A 1049 9.94 -10.11 -9.25
CA THR A 1049 10.70 -11.01 -8.40
C THR A 1049 12.13 -10.49 -8.21
N PHE A 1050 12.74 -9.99 -9.29
CA PHE A 1050 14.09 -9.43 -9.18
C PHE A 1050 14.11 -8.21 -8.27
N GLY A 1051 13.12 -7.33 -8.41
CA GLY A 1051 13.08 -6.12 -7.61
C GLY A 1051 12.68 -6.35 -6.17
N CYS A 1052 11.83 -7.33 -5.92
CA CYS A 1052 11.41 -7.60 -4.54
C CYS A 1052 12.53 -8.22 -3.73
N CYS A 1053 13.31 -9.12 -4.34
CA CYS A 1053 14.44 -9.70 -3.63
C CYS A 1053 15.51 -8.67 -3.34
N GLU A 1054 15.76 -7.75 -4.29
CA GLU A 1054 16.73 -6.70 -4.07
C GLU A 1054 16.30 -5.77 -2.94
N ALA A 1055 15.02 -5.40 -2.90
CA ALA A 1055 14.53 -4.54 -1.83
C ALA A 1055 14.61 -5.23 -0.48
N LEU A 1056 14.26 -6.52 -0.43
CA LEU A 1056 14.35 -7.27 0.83
C LEU A 1056 15.80 -7.40 1.29
N CYS A 1057 16.72 -7.63 0.35
CA CYS A 1057 18.13 -7.74 0.70
C CYS A 1057 18.66 -6.43 1.26
N LEU A 1058 18.28 -5.30 0.66
CA LEU A 1058 18.73 -4.01 1.16
C LEU A 1058 18.14 -3.70 2.52
N LEU A 1059 16.91 -4.14 2.79
CA LEU A 1059 16.32 -3.93 4.10
C LEU A 1059 17.08 -4.68 5.18
N SER A 1060 17.56 -5.88 4.87
CA SER A 1060 18.35 -6.65 5.81
C SER A 1060 19.69 -6.01 6.12
N THR A 1061 20.15 -5.08 5.27
CA THR A 1061 21.40 -4.36 5.52
C THR A 1061 21.16 -3.09 6.33
N ALA A 1062 20.19 -2.27 5.90
CA ALA A 1062 19.87 -1.06 6.65
C ALA A 1062 19.31 -1.40 8.03
N PHE A 1063 18.42 -2.38 8.10
CA PHE A 1063 17.81 -2.83 9.36
C PHE A 1063 18.12 -4.31 9.51
N PRO A 1064 19.20 -4.67 10.21
CA PRO A 1064 19.61 -6.06 10.30
C PRO A 1064 18.54 -6.97 10.87
N VAL A 1065 18.44 -8.18 10.33
CA VAL A 1065 17.43 -9.13 10.78
C VAL A 1065 17.68 -9.54 12.22
N CYS A 1066 18.95 -9.64 12.61
CA CYS A 1066 19.30 -9.99 13.98
C CYS A 1066 18.94 -8.90 14.98
N ILE A 1067 18.97 -7.64 14.57
CA ILE A 1067 18.63 -6.55 15.47
C ILE A 1067 17.12 -6.33 15.52
N TRP A 1068 16.47 -6.23 14.37
CA TRP A 1068 15.03 -6.04 14.31
C TRP A 1068 14.32 -7.38 14.12
N SER A 1069 14.42 -8.27 15.10
CA SER A 1069 13.83 -9.59 14.97
C SER A 1069 12.31 -9.53 14.87
N LEU A 1070 11.67 -8.66 15.66
CA LEU A 1070 10.23 -8.54 15.64
C LEU A 1070 9.71 -7.87 14.37
N GLY A 1071 10.54 -7.09 13.67
CA GLY A 1071 10.13 -6.53 12.40
C GLY A 1071 10.22 -7.48 11.24
N TRP A 1072 10.90 -8.61 11.41
CA TRP A 1072 11.04 -9.62 10.37
C TRP A 1072 10.17 -10.84 10.64
N HIS A 1073 8.98 -10.64 11.23
CA HIS A 1073 8.01 -11.69 11.58
C HIS A 1073 8.51 -12.43 12.82
N CYS A 1074 7.59 -12.97 13.61
CA CYS A 1074 7.97 -13.71 14.81
C CYS A 1074 8.81 -14.93 14.46
N CYS A 1089 14.26 -13.21 18.04
CA CYS A 1089 14.90 -14.13 17.12
C CYS A 1089 13.88 -14.70 16.14
N THR A 1090 14.28 -14.82 14.87
CA THR A 1090 13.37 -15.28 13.84
C THR A 1090 14.17 -15.65 12.60
N VAL A 1091 13.48 -16.25 11.64
CA VAL A 1091 14.01 -16.42 10.29
C VAL A 1091 13.16 -15.70 9.24
N GLY A 1092 11.87 -15.51 9.48
CA GLY A 1092 11.04 -14.67 8.65
C GLY A 1092 10.61 -15.32 7.34
N MET A 1093 11.48 -15.29 6.34
CA MET A 1093 11.13 -15.75 5.01
C MET A 1093 12.26 -16.56 4.35
N ALA A 1094 13.01 -17.31 5.15
CA ALA A 1094 14.13 -18.08 4.59
C ALA A 1094 13.65 -19.08 3.54
N THR A 1095 12.57 -19.82 3.85
CA THR A 1095 12.01 -20.73 2.87
C THR A 1095 11.38 -19.98 1.70
N MET A 1096 10.90 -18.76 1.95
CA MET A 1096 10.40 -17.91 0.89
C MET A 1096 11.48 -17.65 -0.16
N ILE A 1097 12.70 -17.39 0.31
CA ILE A 1097 13.79 -17.04 -0.59
C ILE A 1097 14.51 -18.27 -1.12
N LEU A 1098 14.66 -19.31 -0.31
CA LEU A 1098 15.37 -20.49 -0.76
C LEU A 1098 14.66 -21.22 -1.88
N THR A 1099 13.36 -21.00 -2.05
CA THR A 1099 12.64 -21.57 -3.18
C THR A 1099 13.14 -20.98 -4.49
N LEU A 1100 13.40 -19.68 -4.53
CA LEU A 1100 13.93 -19.04 -5.73
C LEU A 1100 15.37 -19.46 -6.02
N LEU A 1101 16.15 -19.79 -4.98
CA LEU A 1101 17.50 -20.28 -5.22
C LEU A 1101 17.48 -21.62 -5.95
N SER A 1102 16.57 -22.50 -5.58
CA SER A 1102 16.41 -23.80 -6.25
C SER A 1102 15.36 -23.71 -7.36
N SER A 1103 15.58 -22.75 -8.26
CA SER A 1103 14.69 -22.52 -9.39
C SER A 1103 15.50 -22.69 -10.68
N ALA A 1104 14.83 -22.44 -11.80
CA ALA A 1104 15.45 -22.60 -13.11
C ALA A 1104 15.90 -21.29 -13.74
N TRP A 1105 15.18 -20.19 -13.48
CA TRP A 1105 15.49 -18.91 -14.10
C TRP A 1105 16.05 -17.88 -13.14
N PHE A 1106 15.65 -17.91 -11.88
CA PHE A 1106 16.13 -16.93 -10.92
C PHE A 1106 17.65 -16.97 -10.72
N PRO A 1107 18.30 -18.12 -10.53
CA PRO A 1107 19.76 -18.10 -10.35
C PRO A 1107 20.52 -17.52 -11.54
N LEU A 1108 19.99 -17.65 -12.75
CA LEU A 1108 20.70 -17.17 -13.94
C LEU A 1108 20.84 -15.66 -13.98
N ASP A 1109 20.09 -14.93 -13.16
CA ASP A 1109 20.25 -13.47 -13.04
C ASP A 1109 21.27 -13.21 -11.94
N LEU A 1110 22.49 -12.85 -12.33
CA LEU A 1110 23.57 -12.69 -11.36
C LEU A 1110 23.27 -11.60 -10.35
N SER A 1111 22.55 -10.54 -10.76
CA SER A 1111 22.23 -9.46 -9.84
C SER A 1111 21.30 -9.94 -8.74
N ALA A 1112 20.20 -10.60 -9.11
CA ALA A 1112 19.23 -11.04 -8.12
C ALA A 1112 19.69 -12.28 -7.37
N HIS A 1113 20.47 -13.15 -8.03
CA HIS A 1113 20.95 -14.36 -7.36
C HIS A 1113 21.84 -14.00 -6.17
N GLN A 1114 22.76 -13.05 -6.35
CA GLN A 1114 23.62 -12.65 -5.25
C GLN A 1114 22.89 -11.84 -4.19
N ASP A 1115 21.75 -11.24 -4.53
CA ASP A 1115 20.94 -10.55 -3.52
C ASP A 1115 20.18 -11.54 -2.66
N ALA A 1116 19.70 -12.64 -3.27
CA ALA A 1116 19.02 -13.66 -2.49
C ALA A 1116 19.99 -14.38 -1.55
N LEU A 1117 21.23 -14.59 -2.00
CA LEU A 1117 22.21 -15.27 -1.15
C LEU A 1117 22.50 -14.47 0.11
N ILE A 1118 22.64 -13.14 -0.03
CA ILE A 1118 22.89 -12.30 1.13
C ILE A 1118 21.69 -12.32 2.08
N LEU A 1119 20.48 -12.21 1.51
CA LEU A 1119 19.29 -12.20 2.35
C LEU A 1119 19.06 -13.56 3.02
N ALA A 1120 19.28 -14.65 2.29
CA ALA A 1120 19.07 -15.98 2.87
C ALA A 1120 20.01 -16.24 4.03
N GLY A 1121 21.28 -15.85 3.88
CA GLY A 1121 22.21 -15.99 4.99
C GLY A 1121 21.87 -15.09 6.16
N ASN A 1122 21.39 -13.86 5.86
CA ASN A 1122 21.04 -12.94 6.92
C ASN A 1122 19.88 -13.46 7.76
N LEU A 1123 18.87 -14.05 7.11
CA LEU A 1123 17.70 -14.54 7.83
C LEU A 1123 18.06 -15.69 8.77
N LEU A 1124 18.89 -16.62 8.30
CA LEU A 1124 19.28 -17.75 9.14
C LEU A 1124 20.17 -17.30 10.29
N ALA A 1125 21.05 -16.33 10.04
CA ALA A 1125 21.95 -15.86 11.09
C ALA A 1125 21.18 -15.13 12.19
N ALA A 1126 20.00 -14.58 11.88
CA ALA A 1126 19.24 -13.83 12.86
C ALA A 1126 18.65 -14.71 13.95
N SER A 1127 18.48 -16.01 13.69
CA SER A 1127 17.94 -16.94 14.66
C SER A 1127 19.02 -17.61 15.49
N ALA A 1128 20.26 -17.13 15.43
CA ALA A 1128 21.38 -17.85 16.04
C ALA A 1128 21.24 -18.03 17.55
N PRO A 1129 21.03 -16.98 18.38
CA PRO A 1129 21.04 -17.21 19.83
C PRO A 1129 19.93 -18.13 20.30
N LYS A 1130 18.76 -18.07 19.66
CA LYS A 1130 17.63 -18.89 20.09
C LYS A 1130 17.65 -20.29 19.49
N SER A 1131 18.42 -20.51 18.43
CA SER A 1131 18.45 -21.79 17.75
C SER A 1131 19.74 -22.57 17.99
N LEU A 1132 20.52 -22.18 19.00
CA LEU A 1132 21.71 -22.93 19.39
C LEU A 1132 21.46 -23.66 20.69
N ARG A 1133 22.17 -24.77 20.88
CA ARG A 1133 21.99 -25.59 22.08
C ARG A 1133 22.76 -25.00 23.25
N SER A 1134 24.09 -24.97 23.15
CA SER A 1134 24.94 -24.45 24.23
C SER A 1134 26.35 -24.20 23.73
N GLU A 1151 25.06 -36.08 15.07
CA GLU A 1151 24.21 -35.77 13.92
C GLU A 1151 24.84 -34.67 13.06
N VAL A 1152 24.08 -34.17 12.09
CA VAL A 1152 24.54 -33.13 11.18
C VAL A 1152 24.16 -31.78 11.75
N TRP A 1153 25.11 -30.84 11.72
CA TRP A 1153 24.93 -29.51 12.29
C TRP A 1153 24.45 -29.61 13.75
N PRO A 1154 25.28 -30.15 14.64
CA PRO A 1154 24.80 -30.43 16.01
C PRO A 1154 24.64 -29.19 16.87
N ALA A 1155 25.12 -28.03 16.43
CA ALA A 1155 24.99 -26.82 17.21
C ALA A 1155 23.59 -26.22 17.13
N LEU A 1156 22.77 -26.63 16.17
CA LEU A 1156 21.46 -26.04 15.95
C LEU A 1156 20.45 -26.76 16.84
N GLY A 1157 19.98 -26.06 17.87
CA GLY A 1157 18.94 -26.61 18.74
C GLY A 1157 17.60 -26.76 18.06
N ASP A 1158 17.23 -25.81 17.19
CA ASP A 1158 15.99 -25.88 16.43
C ASP A 1158 16.26 -26.72 15.19
N ARG A 1159 15.76 -27.95 15.18
CA ARG A 1159 16.00 -28.86 14.07
C ARG A 1159 15.15 -28.54 12.84
N ALA A 1160 14.20 -27.63 12.95
CA ALA A 1160 13.42 -27.23 11.78
C ALA A 1160 14.27 -26.44 10.79
N LEU A 1161 15.27 -25.72 11.27
CA LEU A 1161 16.14 -24.92 10.42
C LEU A 1161 17.32 -25.70 9.86
N VAL A 1162 17.53 -26.94 10.32
CA VAL A 1162 18.67 -27.72 9.83
C VAL A 1162 18.62 -27.96 8.33
N PRO A 1163 17.50 -28.42 7.75
CA PRO A 1163 17.45 -28.52 6.29
C PRO A 1163 17.65 -27.18 5.59
N MET A 1164 17.17 -26.09 6.18
CA MET A 1164 17.36 -24.77 5.59
C MET A 1164 18.84 -24.40 5.55
N VAL A 1165 19.56 -24.61 6.65
CA VAL A 1165 20.99 -24.32 6.68
C VAL A 1165 21.73 -25.30 5.78
N GLU A 1166 21.34 -26.58 5.79
CA GLU A 1166 22.02 -27.57 4.97
C GLU A 1166 21.87 -27.25 3.48
N GLN A 1167 20.67 -26.85 3.06
CA GLN A 1167 20.44 -26.54 1.65
C GLN A 1167 21.23 -25.31 1.23
N LEU A 1168 21.24 -24.27 2.05
CA LEU A 1168 21.99 -23.06 1.71
C LEU A 1168 23.48 -23.31 1.70
N PHE A 1169 24.00 -24.05 2.69
CA PHE A 1169 25.44 -24.32 2.73
C PHE A 1169 25.87 -25.15 1.53
N SER A 1170 25.08 -26.16 1.16
CA SER A 1170 25.43 -26.98 0.01
C SER A 1170 25.33 -26.19 -1.29
N HIS A 1171 24.37 -25.27 -1.39
CA HIS A 1171 24.23 -24.46 -2.60
C HIS A 1171 25.45 -23.56 -2.80
N LEU A 1172 25.94 -22.95 -1.73
CA LEU A 1172 27.05 -22.01 -1.84
C LEU A 1172 28.30 -22.69 -2.38
N LEU A 1173 28.58 -23.91 -1.93
CA LEU A 1173 29.77 -24.61 -2.38
C LEU A 1173 29.73 -24.88 -3.87
N LYS A 1174 28.53 -25.15 -4.41
CA LYS A 1174 28.42 -25.41 -5.84
C LYS A 1174 28.69 -24.16 -6.67
N VAL A 1175 28.11 -23.02 -6.28
CA VAL A 1175 28.34 -21.79 -7.04
C VAL A 1175 29.78 -21.31 -6.88
N ILE A 1176 30.39 -21.57 -5.72
CA ILE A 1176 31.80 -21.25 -5.55
C ILE A 1176 32.66 -22.17 -6.41
N ASN A 1177 32.26 -23.44 -6.53
CA ASN A 1177 32.96 -24.36 -7.41
C ASN A 1177 32.87 -23.90 -8.86
N ILE A 1178 31.70 -23.42 -9.27
CA ILE A 1178 31.52 -22.92 -10.63
C ILE A 1178 32.44 -21.72 -10.88
N CYS A 1179 32.49 -20.79 -9.93
CA CYS A 1179 33.40 -19.65 -10.07
C CYS A 1179 34.84 -20.12 -10.11
N ALA A 1180 35.18 -21.12 -9.31
CA ALA A 1180 36.51 -21.71 -9.38
C ALA A 1180 36.77 -22.35 -10.75
N HIS A 1181 35.76 -23.06 -11.28
CA HIS A 1181 35.89 -23.66 -12.60
C HIS A 1181 36.02 -22.59 -13.68
N VAL A 1182 35.21 -21.53 -13.59
CA VAL A 1182 35.23 -20.48 -14.60
C VAL A 1182 36.58 -19.76 -14.58
N LEU A 1183 37.07 -19.42 -13.39
CA LEU A 1183 38.34 -18.70 -13.29
C LEU A 1183 39.50 -19.54 -13.80
N ASP A 1184 39.47 -20.84 -13.52
CA ASP A 1184 40.49 -21.76 -14.03
C ASP A 1184 40.14 -22.31 -15.41
N ASP A 1185 39.06 -21.83 -16.01
CA ASP A 1185 38.57 -22.20 -17.35
C ASP A 1185 38.79 -23.70 -17.65
N VAL A 1186 38.30 -24.53 -16.74
CA VAL A 1186 38.23 -25.98 -16.94
C VAL A 1186 36.77 -26.34 -17.07
N ALA A 1187 36.45 -27.22 -18.02
CA ALA A 1187 35.07 -27.61 -18.26
C ALA A 1187 34.51 -28.39 -17.07
N PRO A 1188 33.22 -28.24 -16.77
CA PRO A 1188 32.54 -28.96 -15.69
C PRO A 1188 32.69 -30.48 -15.81
N SER A 1253 32.78 -33.59 -3.37
CA SER A 1253 31.51 -34.25 -3.56
C SER A 1253 30.35 -33.35 -3.14
N LEU A 1254 30.57 -32.57 -2.08
CA LEU A 1254 29.53 -31.66 -1.60
C LEU A 1254 29.36 -30.46 -2.51
N GLY A 1255 30.36 -30.14 -3.33
CA GLY A 1255 30.27 -28.99 -4.21
C GLY A 1255 30.31 -29.36 -5.68
N SER A 1256 29.89 -30.59 -5.99
CA SER A 1256 29.82 -31.04 -7.37
C SER A 1256 28.54 -30.55 -8.03
N PHE A 1257 28.66 -30.10 -9.28
CA PHE A 1257 27.54 -29.51 -9.98
C PHE A 1257 27.35 -30.04 -11.40
N TYR A 1258 28.12 -31.04 -11.81
CA TYR A 1258 27.99 -31.56 -13.17
C TYR A 1258 26.65 -32.24 -13.38
N HIS A 1259 26.18 -33.01 -12.39
CA HIS A 1259 24.97 -33.80 -12.52
C HIS A 1259 23.70 -33.01 -12.27
N LEU A 1260 23.76 -31.68 -12.33
CA LEU A 1260 22.58 -30.83 -12.21
C LEU A 1260 22.51 -29.90 -13.42
N PRO A 1261 21.53 -30.08 -14.32
CA PRO A 1261 21.45 -29.19 -15.49
C PRO A 1261 21.27 -27.72 -15.11
N SER A 1262 20.57 -27.44 -14.01
CA SER A 1262 20.35 -26.05 -13.60
C SER A 1262 21.68 -25.38 -13.25
N TYR A 1263 22.56 -26.08 -12.54
CA TYR A 1263 23.86 -25.51 -12.21
C TYR A 1263 24.76 -25.42 -13.44
N LEU A 1264 24.55 -26.31 -14.41
CA LEU A 1264 25.27 -26.19 -15.67
C LEU A 1264 24.87 -24.92 -16.42
N LYS A 1265 23.59 -24.55 -16.37
CA LYS A 1265 23.15 -23.31 -16.99
C LYS A 1265 23.78 -22.10 -16.30
N LEU A 1266 23.90 -22.15 -14.97
CA LEU A 1266 24.54 -21.06 -14.25
C LEU A 1266 26.01 -20.91 -14.65
N HIS A 1267 26.69 -22.03 -14.91
CA HIS A 1267 28.08 -21.96 -15.31
C HIS A 1267 28.25 -21.23 -16.64
N ASP A 1268 27.34 -21.46 -17.59
CA ASP A 1268 27.43 -20.78 -18.88
C ASP A 1268 27.21 -19.28 -18.73
N VAL A 1269 26.37 -18.85 -17.80
CA VAL A 1269 26.18 -17.43 -17.56
C VAL A 1269 27.42 -16.82 -16.92
N LEU A 1270 27.98 -17.49 -15.92
CA LEU A 1270 29.18 -16.98 -15.26
C LEU A 1270 30.39 -17.05 -16.19
N LYS A 1271 30.46 -18.06 -17.05
CA LYS A 1271 31.56 -18.15 -18.01
C LYS A 1271 31.54 -16.98 -18.98
N ALA A 1272 30.35 -16.62 -19.47
CA ALA A 1272 30.25 -15.50 -20.41
C ALA A 1272 30.61 -14.18 -19.74
N THR A 1273 30.17 -13.99 -18.49
CA THR A 1273 30.44 -12.73 -17.81
C THR A 1273 31.93 -12.53 -17.57
N HIS A 1274 32.63 -13.59 -17.17
CA HIS A 1274 34.07 -13.48 -16.93
C HIS A 1274 34.82 -13.31 -18.24
N ALA A 1275 34.35 -13.94 -19.32
CA ALA A 1275 34.98 -13.78 -20.62
C ALA A 1275 34.93 -12.33 -21.08
N ASN A 1276 33.82 -11.65 -20.79
CA ASN A 1276 33.74 -10.21 -21.07
C ASN A 1276 34.77 -9.47 -20.21
N TYR A 1277 34.89 -9.84 -18.94
CA TYR A 1277 35.83 -9.16 -18.04
C TYR A 1277 37.27 -9.40 -18.47
N LYS A 1278 37.56 -10.53 -19.11
CA LYS A 1278 38.93 -10.84 -19.50
C LYS A 1278 39.44 -9.88 -20.57
N VAL A 1279 38.59 -9.47 -21.51
CA VAL A 1279 39.01 -8.70 -22.66
C VAL A 1279 38.84 -7.20 -22.46
N THR A 1280 38.50 -6.76 -21.26
CA THR A 1280 38.40 -5.33 -20.94
C THR A 1280 39.48 -4.96 -19.93
N LEU A 1281 39.60 -3.66 -19.68
CA LEU A 1281 40.56 -3.15 -18.70
C LEU A 1281 39.92 -2.03 -17.88
N ASP A 1282 38.70 -2.25 -17.42
CA ASP A 1282 38.02 -1.30 -16.53
C ASP A 1282 38.35 -1.70 -15.10
N LEU A 1283 39.53 -1.29 -14.63
CA LEU A 1283 39.99 -1.69 -13.30
C LEU A 1283 39.21 -1.02 -12.18
N GLN A 1284 38.62 0.16 -12.42
CA GLN A 1284 37.92 0.90 -11.40
C GLN A 1284 36.42 0.59 -11.38
N ASN A 1285 35.97 -0.36 -12.20
CA ASN A 1285 34.57 -0.75 -12.20
C ASN A 1285 34.23 -1.53 -10.95
N SER A 1286 33.15 -1.13 -10.28
CA SER A 1286 32.70 -1.81 -9.06
C SER A 1286 31.38 -2.51 -9.23
N THR A 1287 30.71 -2.36 -10.37
CA THR A 1287 29.42 -2.99 -10.62
C THR A 1287 29.54 -4.23 -11.49
N GLU A 1288 30.75 -4.76 -11.68
CA GLU A 1288 30.90 -5.99 -12.43
C GLU A 1288 30.20 -7.13 -11.71
N LYS A 1289 29.54 -7.99 -12.49
CA LYS A 1289 28.65 -9.00 -11.92
C LYS A 1289 29.36 -10.26 -11.49
N PHE A 1290 30.36 -10.73 -12.24
CA PHE A 1290 31.06 -11.94 -11.83
C PHE A 1290 31.83 -11.73 -10.53
N GLY A 1291 32.55 -10.61 -10.42
CA GLY A 1291 33.27 -10.31 -9.20
C GLY A 1291 32.36 -10.05 -8.02
N GLY A 1292 31.25 -9.34 -8.24
CA GLY A 1292 30.29 -9.12 -7.18
C GLY A 1292 29.59 -10.39 -6.74
N PHE A 1293 29.27 -11.28 -7.67
CA PHE A 1293 28.66 -12.55 -7.31
C PHE A 1293 29.62 -13.40 -6.49
N LEU A 1294 30.89 -13.48 -6.92
CA LEU A 1294 31.88 -14.22 -6.16
C LEU A 1294 32.09 -13.61 -4.78
N ARG A 1295 32.09 -12.28 -4.71
CA ARG A 1295 32.21 -11.61 -3.41
C ARG A 1295 31.03 -11.95 -2.51
N SER A 1296 29.81 -11.95 -3.06
CA SER A 1296 28.64 -12.26 -2.27
C SER A 1296 28.60 -13.72 -1.85
N ALA A 1297 28.99 -14.63 -2.74
CA ALA A 1297 29.01 -16.06 -2.39
C ALA A 1297 29.99 -16.33 -1.27
N LEU A 1298 31.17 -15.70 -1.31
CA LEU A 1298 32.14 -15.86 -0.22
C LEU A 1298 31.67 -15.12 1.02
N ASP A 1299 30.92 -14.03 0.86
CA ASP A 1299 30.41 -13.28 2.01
C ASP A 1299 29.43 -14.12 2.81
N VAL A 1300 28.49 -14.78 2.14
CA VAL A 1300 27.48 -15.56 2.84
C VAL A 1300 28.08 -16.85 3.39
N LEU A 1301 29.01 -17.47 2.66
CA LEU A 1301 29.66 -18.67 3.16
C LEU A 1301 30.38 -18.41 4.47
N SER A 1302 31.09 -17.27 4.55
CA SER A 1302 31.77 -16.89 5.78
C SER A 1302 30.77 -16.68 6.91
N GLN A 1303 29.63 -16.04 6.61
CA GLN A 1303 28.62 -15.80 7.64
C GLN A 1303 28.00 -17.11 8.13
N ILE A 1304 27.72 -18.03 7.21
CA ILE A 1304 27.15 -19.33 7.59
C ILE A 1304 28.12 -20.16 8.43
N LEU A 1305 29.42 -19.98 8.23
CA LEU A 1305 30.42 -20.74 8.99
C LEU A 1305 30.38 -20.45 10.47
N GLU A 1306 29.73 -19.36 10.90
CA GLU A 1306 29.59 -19.06 12.31
C GLU A 1306 28.74 -20.10 13.04
N LEU A 1307 27.67 -20.57 12.40
CA LEU A 1307 26.78 -21.55 12.98
C LEU A 1307 27.25 -22.98 12.78
N ALA A 1308 28.55 -23.17 12.56
CA ALA A 1308 29.10 -24.48 12.23
C ALA A 1308 30.08 -24.94 13.30
N THR A 1309 30.27 -26.25 13.35
CA THR A 1309 31.22 -26.87 14.26
C THR A 1309 32.22 -27.69 13.44
N LEU A 1310 33.32 -28.06 14.11
CA LEU A 1310 34.33 -28.87 13.44
C LEU A 1310 33.80 -30.22 13.00
N GLN A 1311 32.80 -30.75 13.73
CA GLN A 1311 32.29 -32.08 13.42
C GLN A 1311 31.62 -32.13 12.05
N ASP A 1312 30.80 -31.13 11.73
CA ASP A 1312 29.99 -31.17 10.53
C ASP A 1312 30.66 -30.52 9.32
N ILE A 1313 31.89 -30.03 9.45
CA ILE A 1313 32.58 -29.41 8.34
C ILE A 1313 33.99 -29.97 8.22
N GLY A 1314 34.47 -30.61 9.29
CA GLY A 1314 35.80 -31.18 9.27
C GLY A 1314 36.02 -32.17 8.15
N LYS A 1315 34.96 -32.84 7.69
CA LYS A 1315 35.05 -33.72 6.56
C LYS A 1315 35.01 -32.99 5.22
N CYS A 1316 34.62 -31.73 5.20
CA CYS A 1316 34.45 -30.97 3.97
C CYS A 1316 35.29 -29.70 3.94
N VAL A 1317 36.34 -29.63 4.77
CA VAL A 1317 37.16 -28.42 4.80
C VAL A 1317 38.18 -28.42 3.67
N GLU A 1318 38.41 -29.57 3.04
CA GLU A 1318 39.54 -29.68 2.11
C GLU A 1318 39.23 -29.03 0.76
N GLU A 1319 38.04 -29.28 0.19
CA GLU A 1319 37.78 -28.69 -1.12
C GLU A 1319 37.45 -27.21 -1.03
N ILE A 1320 36.89 -26.75 0.09
CA ILE A 1320 36.64 -25.33 0.27
C ILE A 1320 37.96 -24.55 0.23
N LEU A 1321 38.99 -25.06 0.92
CA LEU A 1321 40.31 -24.47 0.80
C LEU A 1321 40.85 -24.58 -0.61
N GLY A 1322 40.55 -25.68 -1.30
CA GLY A 1322 40.91 -25.78 -2.71
C GLY A 1322 40.13 -24.81 -3.57
N TYR A 1323 38.85 -24.61 -3.27
CA TYR A 1323 38.04 -23.64 -4.01
C TYR A 1323 38.56 -22.23 -3.81
N LEU A 1324 38.94 -21.89 -2.57
CA LEU A 1324 39.38 -20.53 -2.27
C LEU A 1324 40.65 -20.17 -3.03
N LYS A 1325 41.52 -21.15 -3.27
CA LYS A 1325 42.74 -20.87 -4.02
C LYS A 1325 42.45 -20.41 -5.43
N SER A 1326 41.46 -21.02 -6.09
CA SER A 1326 41.10 -20.62 -7.44
C SER A 1326 40.55 -19.21 -7.47
N CYS A 1327 39.72 -18.85 -6.49
CA CYS A 1327 39.09 -17.53 -6.43
C CYS A 1327 39.91 -16.53 -5.63
N PHE A 1328 41.08 -16.91 -5.12
CA PHE A 1328 41.88 -15.98 -4.33
C PHE A 1328 42.41 -14.84 -5.20
N SER A 1329 42.90 -15.16 -6.40
CA SER A 1329 43.46 -14.13 -7.26
C SER A 1329 42.41 -13.12 -7.70
N ARG A 1330 41.17 -13.57 -7.91
CA ARG A 1330 40.11 -12.66 -8.34
C ARG A 1330 39.62 -11.80 -7.18
N GLU A 1331 39.34 -12.42 -6.04
CA GLU A 1331 38.87 -11.72 -4.85
C GLU A 1331 39.71 -12.14 -3.65
N PRO A 1332 40.84 -11.47 -3.43
CA PRO A 1332 41.69 -11.84 -2.29
C PRO A 1332 41.16 -11.32 -0.96
N MET A 1333 40.36 -10.25 -0.99
CA MET A 1333 39.85 -9.67 0.24
C MET A 1333 38.89 -10.62 0.94
N MET A 1334 37.90 -11.12 0.22
CA MET A 1334 36.91 -12.01 0.83
C MET A 1334 37.42 -13.43 1.02
N ALA A 1335 38.39 -13.85 0.22
CA ALA A 1335 38.99 -15.17 0.43
C ALA A 1335 39.69 -15.24 1.78
N THR A 1336 40.39 -14.17 2.17
CA THR A 1336 41.01 -14.11 3.48
C THR A 1336 39.96 -14.12 4.58
N VAL A 1337 38.84 -13.43 4.38
CA VAL A 1337 37.76 -13.44 5.36
C VAL A 1337 37.20 -14.86 5.50
N CYS A 1338 37.01 -15.55 4.38
CA CYS A 1338 36.51 -16.92 4.43
C CYS A 1338 37.51 -17.85 5.12
N VAL A 1339 38.80 -17.62 4.91
CA VAL A 1339 39.82 -18.41 5.59
C VAL A 1339 39.74 -18.21 7.09
N GLN A 1340 39.54 -16.96 7.53
CA GLN A 1340 39.46 -16.68 8.95
C GLN A 1340 38.28 -17.40 9.60
N GLN A 1341 37.13 -17.42 8.91
CA GLN A 1341 35.96 -18.10 9.46
C GLN A 1341 36.21 -19.60 9.60
N LEU A 1342 36.91 -20.19 8.64
CA LEU A 1342 37.26 -21.61 8.74
C LEU A 1342 38.16 -21.85 9.94
N LEU A 1343 39.11 -20.94 10.20
CA LEU A 1343 39.97 -21.09 11.35
C LEU A 1343 39.19 -21.02 12.66
N LYS A 1344 38.19 -20.15 12.73
CA LYS A 1344 37.35 -20.08 13.92
C LYS A 1344 36.59 -21.39 14.13
N THR A 1345 36.04 -21.94 13.05
CA THR A 1345 35.33 -23.22 13.17
C THR A 1345 36.29 -24.35 13.49
N LEU A 1346 37.46 -24.37 12.85
CA LEU A 1346 38.42 -25.44 13.09
C LEU A 1346 38.94 -25.41 14.52
N PHE A 1347 39.20 -24.22 15.05
CA PHE A 1347 39.74 -24.06 16.39
C PHE A 1347 38.67 -23.90 17.45
N GLY A 1348 37.39 -24.00 17.09
CA GLY A 1348 36.32 -23.84 18.05
C GLY A 1348 36.20 -22.43 18.60
N THR A 1349 36.33 -21.42 17.75
CA THR A 1349 36.24 -20.03 18.17
C THR A 1349 34.93 -19.36 17.78
N ASN A 1350 34.23 -19.90 16.79
CA ASN A 1350 33.04 -19.24 16.25
C ASN A 1350 31.90 -19.27 17.28
N LEU A 1351 30.76 -18.70 16.88
CA LEU A 1351 29.62 -18.59 17.79
C LEU A 1351 29.09 -19.96 18.17
N ALA A 1352 29.05 -20.90 17.23
CA ALA A 1352 28.50 -22.23 17.50
C ALA A 1352 29.30 -22.95 18.57
N SER A 1353 30.60 -22.70 18.65
CA SER A 1353 31.46 -23.34 19.64
C SER A 1353 31.56 -22.56 20.93
N GLN A 1354 30.88 -21.42 21.05
CA GLN A 1354 30.95 -20.60 22.25
C GLN A 1354 29.56 -20.04 22.52
N PHE A 1355 28.80 -20.74 23.38
CA PHE A 1355 27.48 -20.29 23.77
C PHE A 1355 27.16 -20.81 25.15
N ASP A 1356 26.21 -20.16 25.82
CA ASP A 1356 25.81 -20.54 27.17
C ASP A 1356 24.82 -21.70 27.15
N ARG A 1378 0.15 5.37 25.59
CA ARG A 1378 0.31 6.32 26.69
C ARG A 1378 1.33 7.43 26.45
N PRO A 1379 2.52 7.13 25.93
CA PRO A 1379 3.51 8.19 25.70
C PRO A 1379 2.99 9.25 24.76
N GLY A 1380 2.80 10.46 25.28
CA GLY A 1380 2.30 11.56 24.50
C GLY A 1380 3.30 12.69 24.38
N LEU A 1381 2.81 13.93 24.34
CA LEU A 1381 3.70 15.08 24.25
C LEU A 1381 4.48 15.29 25.54
N TYR A 1382 3.82 15.11 26.69
CA TYR A 1382 4.48 15.33 27.97
C TYR A 1382 5.66 14.38 28.15
N HIS A 1383 5.50 13.12 27.80
CA HIS A 1383 6.58 12.15 27.96
C HIS A 1383 7.76 12.49 27.06
N TYR A 1384 7.52 12.68 25.78
CA TYR A 1384 8.61 12.85 24.82
C TYR A 1384 9.26 14.23 24.90
N CYS A 1385 8.47 15.27 25.16
CA CYS A 1385 9.01 16.62 25.11
C CYS A 1385 9.71 17.02 26.41
N PHE A 1386 9.12 16.73 27.56
CA PHE A 1386 9.72 17.16 28.83
C PHE A 1386 10.09 16.00 29.75
N MET A 1387 9.15 15.10 30.03
CA MET A 1387 9.31 14.20 31.17
C MET A 1387 10.45 13.22 30.96
N ALA A 1388 10.48 12.53 29.82
CA ALA A 1388 11.54 11.55 29.58
C ALA A 1388 12.92 12.19 29.50
N PRO A 1389 13.16 13.27 28.74
CA PRO A 1389 14.49 13.89 28.78
C PRO A 1389 14.87 14.41 30.16
N TYR A 1390 13.91 14.95 30.91
CA TYR A 1390 14.21 15.44 32.25
C TYR A 1390 14.58 14.30 33.19
N THR A 1391 13.86 13.19 33.11
CA THR A 1391 14.14 12.06 33.98
C THR A 1391 15.52 11.46 33.69
N HIS A 1392 15.86 11.31 32.41
CA HIS A 1392 17.19 10.80 32.06
C HIS A 1392 18.28 11.76 32.48
N PHE A 1393 18.05 13.07 32.31
CA PHE A 1393 19.06 14.06 32.67
C PHE A 1393 19.27 14.10 34.18
N THR A 1394 18.18 14.11 34.95
CA THR A 1394 18.31 14.15 36.40
C THR A 1394 18.90 12.85 36.95
N GLN A 1395 18.61 11.72 36.31
CA GLN A 1395 19.18 10.45 36.75
C GLN A 1395 20.69 10.43 36.55
N ALA A 1396 21.17 10.96 35.42
CA ALA A 1396 22.60 11.00 35.18
C ALA A 1396 23.31 11.93 36.16
N LEU A 1397 22.65 13.01 36.58
CA LEU A 1397 23.24 13.90 37.57
C LEU A 1397 23.40 13.19 38.91
N ALA A 1398 22.43 12.36 39.28
CA ALA A 1398 22.55 11.61 40.54
C ALA A 1398 23.74 10.67 40.52
N ASP A 1399 23.97 10.00 39.38
CA ASP A 1399 25.12 9.10 39.26
C ASP A 1399 26.43 9.86 39.19
N ALA A 1400 26.40 11.17 38.96
CA ALA A 1400 27.65 11.94 38.93
C ALA A 1400 28.28 12.05 40.31
N SER A 1401 27.45 12.00 41.37
CA SER A 1401 28.00 12.07 42.72
C SER A 1401 28.87 10.86 43.03
N LEU A 1402 28.45 9.68 42.60
CA LEU A 1402 29.23 8.47 42.81
C LEU A 1402 30.24 8.26 41.69
N HIS A 1448 45.10 -30.57 11.19
CA HIS A 1448 44.13 -30.09 10.21
C HIS A 1448 44.41 -28.63 9.86
N ILE A 1449 45.38 -28.04 10.55
CA ILE A 1449 45.75 -26.65 10.30
C ILE A 1449 46.72 -26.52 9.13
N ARG A 1450 47.55 -27.53 8.88
CA ARG A 1450 48.56 -27.46 7.82
C ARG A 1450 47.95 -27.24 6.45
N LEU A 1451 46.67 -27.55 6.26
CA LEU A 1451 46.00 -27.27 4.99
C LEU A 1451 45.89 -25.77 4.71
N PHE A 1452 45.85 -24.95 5.75
CA PHE A 1452 45.73 -23.51 5.58
C PHE A 1452 47.04 -22.87 5.09
N GLU A 1453 48.17 -23.51 5.37
CA GLU A 1453 49.46 -22.89 5.06
C GLU A 1453 49.64 -22.54 3.58
N PRO A 1454 49.29 -23.39 2.60
CA PRO A 1454 49.41 -22.96 1.20
C PRO A 1454 48.59 -21.72 0.89
N LEU A 1455 47.44 -21.56 1.52
CA LEU A 1455 46.59 -20.39 1.33
C LEU A 1455 46.99 -19.22 2.22
N VAL A 1456 47.87 -19.43 3.19
CA VAL A 1456 48.32 -18.36 4.07
C VAL A 1456 49.49 -17.60 3.47
N ILE A 1457 50.47 -18.33 2.92
CA ILE A 1457 51.63 -17.69 2.30
C ILE A 1457 51.22 -16.84 1.12
N LYS A 1458 50.12 -17.17 0.45
CA LYS A 1458 49.61 -16.31 -0.62
C LYS A 1458 49.19 -14.96 -0.08
N ALA A 1459 48.54 -14.93 1.08
CA ALA A 1459 48.15 -13.66 1.67
C ALA A 1459 49.36 -12.83 2.06
N LEU A 1460 50.38 -13.47 2.65
CA LEU A 1460 51.60 -12.75 2.98
C LEU A 1460 52.32 -12.27 1.73
N LYS A 1461 52.38 -13.11 0.70
CA LYS A 1461 53.01 -12.72 -0.55
C LYS A 1461 52.27 -11.57 -1.20
N GLN A 1462 50.95 -11.63 -1.22
CA GLN A 1462 50.14 -10.59 -1.86
C GLN A 1462 50.14 -9.29 -1.07
N TYR A 1463 50.42 -9.34 0.24
CA TYR A 1463 50.45 -8.11 1.04
C TYR A 1463 51.54 -7.16 0.57
N THR A 1464 52.71 -7.69 0.20
CA THR A 1464 53.86 -6.87 -0.17
C THR A 1464 53.85 -6.47 -1.64
N THR A 1465 52.85 -6.90 -2.41
CA THR A 1465 52.81 -6.58 -3.84
C THR A 1465 51.55 -5.84 -4.27
N THR A 1466 50.63 -5.53 -3.36
CA THR A 1466 49.40 -4.87 -3.72
C THR A 1466 49.34 -3.46 -3.13
N THR A 1467 48.44 -2.66 -3.67
CA THR A 1467 48.15 -1.32 -3.16
C THR A 1467 46.73 -1.22 -2.61
N CYS A 1468 46.09 -2.36 -2.36
CA CYS A 1468 44.73 -2.38 -1.82
C CYS A 1468 44.83 -2.45 -0.30
N VAL A 1469 44.51 -1.34 0.37
CA VAL A 1469 44.61 -1.29 1.83
C VAL A 1469 43.57 -2.20 2.47
N GLN A 1470 42.43 -2.40 1.82
CA GLN A 1470 41.40 -3.28 2.36
C GLN A 1470 41.92 -4.72 2.44
N LEU A 1471 42.59 -5.18 1.38
CA LEU A 1471 43.23 -6.49 1.43
C LEU A 1471 44.40 -6.49 2.41
N GLN A 1472 45.19 -5.41 2.42
CA GLN A 1472 46.35 -5.35 3.30
C GLN A 1472 45.93 -5.36 4.77
N LYS A 1473 44.90 -4.60 5.12
CA LYS A 1473 44.43 -4.61 6.50
C LYS A 1473 43.66 -5.87 6.85
N GLN A 1474 43.17 -6.62 5.86
CA GLN A 1474 42.57 -7.92 6.13
C GLN A 1474 43.63 -8.98 6.43
N VAL A 1475 44.80 -8.87 5.81
CA VAL A 1475 45.88 -9.82 6.08
C VAL A 1475 46.35 -9.69 7.52
N LEU A 1476 46.47 -8.45 8.02
CA LEU A 1476 46.87 -8.25 9.41
C LEU A 1476 45.83 -8.83 10.37
N ASP A 1477 44.54 -8.76 10.00
CA ASP A 1477 43.51 -9.37 10.82
C ASP A 1477 43.71 -10.88 10.89
N LEU A 1478 44.00 -11.51 9.75
CA LEU A 1478 44.28 -12.93 9.74
C LEU A 1478 45.56 -13.25 10.53
N LEU A 1479 46.60 -12.44 10.34
CA LEU A 1479 47.85 -12.66 11.07
C LEU A 1479 47.66 -12.46 12.57
N ALA A 1480 46.89 -11.45 12.97
CA ALA A 1480 46.63 -11.24 14.38
C ALA A 1480 45.85 -12.41 14.97
N GLN A 1481 44.88 -12.93 14.21
CA GLN A 1481 44.12 -14.08 14.69
C GLN A 1481 44.99 -15.31 14.83
N LEU A 1482 45.91 -15.52 13.89
CA LEU A 1482 46.80 -16.68 13.98
C LEU A 1482 47.67 -16.61 15.23
N VAL A 1483 48.19 -15.42 15.55
CA VAL A 1483 48.96 -15.26 16.78
C VAL A 1483 48.06 -15.47 17.99
N GLN A 1484 46.83 -14.96 17.93
CA GLN A 1484 45.88 -15.18 19.03
C GLN A 1484 45.56 -16.65 19.22
N LEU A 1485 45.59 -17.42 18.12
CA LEU A 1485 45.37 -18.85 18.19
C LEU A 1485 46.61 -19.61 18.64
N ARG A 1486 47.62 -18.92 19.16
CA ARG A 1486 48.86 -19.51 19.67
C ARG A 1486 49.66 -20.22 18.60
N VAL A 1487 49.41 -19.92 17.32
CA VAL A 1487 50.26 -20.41 16.25
C VAL A 1487 51.54 -19.57 16.24
N ASN A 1488 52.68 -20.22 16.47
CA ASN A 1488 53.93 -19.51 16.63
C ASN A 1488 54.28 -18.73 15.37
N TYR A 1489 54.70 -17.48 15.56
CA TYR A 1489 54.99 -16.59 14.43
C TYR A 1489 56.21 -17.05 13.63
N CYS A 1490 57.06 -17.90 14.21
CA CYS A 1490 58.21 -18.41 13.48
C CYS A 1490 57.78 -19.24 12.29
N LEU A 1491 56.66 -19.97 12.43
CA LEU A 1491 56.16 -20.78 11.31
C LEU A 1491 55.68 -19.90 10.16
N LEU A 1492 55.18 -18.71 10.46
CA LEU A 1492 54.64 -17.84 9.42
C LEU A 1492 55.75 -17.03 8.75
N ASP A 1493 56.47 -16.23 9.54
CA ASP A 1493 57.56 -15.39 9.02
C ASP A 1493 58.87 -16.12 9.28
N SER A 1494 59.25 -16.99 8.35
CA SER A 1494 60.46 -17.79 8.53
C SER A 1494 61.71 -16.92 8.56
N ASP A 1495 61.80 -15.96 7.63
CA ASP A 1495 62.96 -15.08 7.53
C ASP A 1495 62.69 -13.67 8.02
N GLN A 1496 61.54 -13.45 8.68
CA GLN A 1496 61.14 -12.12 9.17
C GLN A 1496 61.11 -11.09 8.05
N VAL A 1497 60.77 -11.53 6.84
CA VAL A 1497 60.73 -10.61 5.71
C VAL A 1497 59.43 -9.82 5.68
N PHE A 1498 58.37 -10.35 6.28
CA PHE A 1498 57.10 -9.62 6.32
C PHE A 1498 57.17 -8.47 7.32
N ILE A 1499 57.73 -8.72 8.50
CA ILE A 1499 57.78 -7.68 9.53
C ILE A 1499 58.67 -6.53 9.09
N GLY A 1500 59.75 -6.84 8.35
CA GLY A 1500 60.58 -5.78 7.80
C GLY A 1500 59.84 -4.92 6.79
N PHE A 1501 58.97 -5.55 5.98
CA PHE A 1501 58.17 -4.80 5.03
C PHE A 1501 57.19 -3.86 5.75
N VAL A 1502 56.58 -4.34 6.84
CA VAL A 1502 55.66 -3.50 7.59
C VAL A 1502 56.39 -2.33 8.22
N LEU A 1503 57.57 -2.57 8.80
CA LEU A 1503 58.34 -1.49 9.40
C LEU A 1503 58.80 -0.49 8.35
N LYS A 1504 59.23 -0.97 7.17
CA LYS A 1504 59.63 -0.06 6.10
C LYS A 1504 58.46 0.70 5.51
N GLN A 1505 57.23 0.22 5.73
CA GLN A 1505 56.06 0.95 5.25
C GLN A 1505 55.83 2.25 6.03
N PHE A 1506 56.33 2.31 7.26
CA PHE A 1506 56.11 3.49 8.08
C PHE A 1506 56.83 4.71 7.51
N GLU A 1507 57.91 4.51 6.76
CA GLU A 1507 58.61 5.63 6.15
C GLU A 1507 57.70 6.39 5.18
N TYR A 1508 56.95 5.65 4.37
CA TYR A 1508 56.00 6.30 3.46
C TYR A 1508 54.77 6.81 4.18
N ILE A 1509 54.39 6.16 5.29
CA ILE A 1509 53.18 6.54 6.00
C ILE A 1509 53.36 7.89 6.68
N GLU A 1510 54.51 8.09 7.33
CA GLU A 1510 54.73 9.27 8.16
C GLU A 1510 55.29 10.46 7.38
N VAL A 1511 55.40 10.33 6.05
CA VAL A 1511 55.78 11.46 5.21
C VAL A 1511 54.63 11.76 4.26
N GLY A 1512 53.51 11.08 4.45
CA GLY A 1512 52.32 11.30 3.65
C GLY A 1512 52.35 10.69 2.27
N GLN A 1513 53.27 9.76 2.01
CA GLN A 1513 53.39 9.12 0.71
C GLN A 1513 52.57 7.84 0.60
N PHE A 1514 51.83 7.48 1.64
CA PHE A 1514 50.93 6.33 1.61
C PHE A 1514 49.52 6.85 1.40
N ARG A 1515 48.86 6.35 0.35
CA ARG A 1515 47.60 6.95 -0.09
C ARG A 1515 46.49 6.78 0.94
N GLU A 1516 46.36 5.60 1.51
CA GLU A 1516 45.29 5.32 2.47
C GLU A 1516 45.87 4.71 3.74
N SER A 1517 46.92 5.34 4.28
CA SER A 1517 47.57 4.82 5.48
C SER A 1517 46.64 4.83 6.68
N GLU A 1518 45.64 5.71 6.70
CA GLU A 1518 44.75 5.81 7.85
C GLU A 1518 43.95 4.52 8.04
N ALA A 1519 43.69 3.80 6.96
CA ALA A 1519 42.90 2.56 7.06
C ALA A 1519 43.73 1.42 7.63
N ILE A 1520 45.04 1.42 7.38
CA ILE A 1520 45.89 0.28 7.77
C ILE A 1520 46.59 0.48 9.10
N ILE A 1521 46.64 1.73 9.62
CA ILE A 1521 47.35 1.98 10.87
C ILE A 1521 46.74 1.24 12.06
N PRO A 1522 45.42 1.27 12.29
CA PRO A 1522 44.88 0.57 13.46
C PRO A 1522 45.21 -0.92 13.49
N ASN A 1523 45.18 -1.57 12.33
CA ASN A 1523 45.50 -2.99 12.28
C ASN A 1523 46.99 -3.26 12.41
N ILE A 1524 47.83 -2.36 11.88
CA ILE A 1524 49.28 -2.56 11.97
C ILE A 1524 49.73 -2.54 13.43
N PHE A 1525 49.26 -1.56 14.20
CA PHE A 1525 49.71 -1.42 15.57
C PHE A 1525 49.14 -2.50 16.47
N PHE A 1526 47.88 -2.89 16.24
CA PHE A 1526 47.32 -4.00 17.01
C PHE A 1526 48.06 -5.30 16.70
N PHE A 1527 48.48 -5.48 15.46
CA PHE A 1527 49.28 -6.66 15.11
C PHE A 1527 50.63 -6.63 15.81
N LEU A 1528 51.26 -5.46 15.92
CA LEU A 1528 52.57 -5.37 16.56
C LEU A 1528 52.47 -5.60 18.06
N VAL A 1529 51.49 -4.97 18.72
CA VAL A 1529 51.36 -5.14 20.17
C VAL A 1529 51.01 -6.58 20.51
N LEU A 1530 50.32 -7.28 19.61
CA LEU A 1530 50.10 -8.70 19.80
C LEU A 1530 51.40 -9.49 19.65
N LEU A 1531 52.32 -9.00 18.82
CA LEU A 1531 53.60 -9.67 18.61
C LEU A 1531 54.61 -9.39 19.71
N SER A 1532 54.34 -8.42 20.59
CA SER A 1532 55.25 -8.14 21.69
C SER A 1532 55.32 -9.26 22.71
N TYR A 1533 54.34 -10.17 22.71
CA TYR A 1533 54.36 -11.34 23.58
C TYR A 1533 55.02 -12.55 22.92
N GLU A 1534 54.75 -12.75 21.62
CA GLU A 1534 55.32 -13.90 20.92
C GLU A 1534 56.83 -13.79 20.87
N ARG A 1535 57.50 -14.93 21.07
CA ARG A 1535 58.96 -14.99 21.13
C ARG A 1535 59.49 -15.88 20.02
N TYR A 1536 60.46 -15.36 19.27
CA TYR A 1536 61.10 -16.11 18.18
C TYR A 1536 62.20 -16.99 18.76
N HIS A 1537 61.77 -18.04 19.46
CA HIS A 1537 62.66 -18.99 20.11
C HIS A 1537 63.58 -18.27 21.11
N SER A 1538 62.96 -17.71 22.15
CA SER A 1538 63.58 -16.93 23.21
C SER A 1538 64.06 -15.57 22.72
N LYS A 1539 63.69 -15.15 21.52
CA LYS A 1539 64.03 -13.84 20.98
C LYS A 1539 62.74 -13.09 20.65
N GLN A 1540 62.67 -11.83 21.06
CA GLN A 1540 61.50 -11.03 20.76
C GLN A 1540 61.64 -10.32 19.42
N ILE A 1541 60.55 -10.31 18.66
CA ILE A 1541 60.54 -9.68 17.34
C ILE A 1541 60.43 -8.17 17.46
N ILE A 1542 59.44 -7.68 18.20
CA ILE A 1542 59.26 -6.25 18.42
C ILE A 1542 58.92 -6.04 19.89
N GLY A 1543 59.47 -4.97 20.46
CA GLY A 1543 59.23 -4.65 21.84
C GLY A 1543 58.24 -3.52 22.00
N ILE A 1544 57.65 -3.40 23.19
CA ILE A 1544 56.73 -2.29 23.45
C ILE A 1544 57.42 -0.94 23.27
N PRO A 1545 58.62 -0.68 23.82
CA PRO A 1545 59.24 0.63 23.60
C PRO A 1545 59.44 0.99 22.13
N LYS A 1546 59.72 0.00 21.28
CA LYS A 1546 59.82 0.27 19.85
C LYS A 1546 58.48 0.67 19.26
N ILE A 1547 57.38 0.08 19.76
CA ILE A 1547 56.06 0.42 19.28
C ILE A 1547 55.70 1.84 19.67
N ILE A 1548 56.06 2.26 20.89
CA ILE A 1548 55.83 3.64 21.31
C ILE A 1548 56.61 4.59 20.41
N GLN A 1549 57.86 4.24 20.08
CA GLN A 1549 58.67 5.06 19.21
C GLN A 1549 58.06 5.18 17.81
N LEU A 1550 57.54 4.08 17.26
CA LEU A 1550 56.86 4.15 15.97
C LEU A 1550 55.63 5.04 16.06
N CYS A 1551 54.86 4.92 17.15
CA CYS A 1551 53.73 5.82 17.35
C CYS A 1551 54.19 7.25 17.54
N ASP A 1552 55.32 7.44 18.23
CA ASP A 1552 55.85 8.78 18.44
C ASP A 1552 56.23 9.44 17.13
N GLY A 1553 56.84 8.68 16.22
CA GLY A 1553 57.20 9.24 14.92
C GLY A 1553 55.99 9.68 14.12
N ILE A 1554 54.90 8.90 14.18
CA ILE A 1554 53.68 9.26 13.46
C ILE A 1554 53.09 10.55 14.03
N MET A 1555 53.04 10.66 15.36
CA MET A 1555 52.45 11.82 16.00
C MET A 1555 53.36 13.05 15.95
N ALA A 1556 54.65 12.87 15.65
CA ALA A 1556 55.60 13.98 15.55
C ALA A 1556 55.85 14.38 14.10
N SER A 1557 54.84 14.29 13.24
CA SER A 1557 54.97 14.63 11.83
C SER A 1557 53.76 15.47 11.44
N GLY A 1558 53.60 15.71 10.15
CA GLY A 1558 52.54 16.56 9.65
C GLY A 1558 51.23 15.84 9.40
N ARG A 1559 51.16 14.57 9.77
CA ARG A 1559 49.95 13.78 9.58
C ARG A 1559 48.92 14.15 10.63
N LYS A 1560 47.64 14.00 10.26
CA LYS A 1560 46.55 14.35 11.17
C LYS A 1560 46.54 13.42 12.37
N ALA A 1561 46.35 14.00 13.56
CA ALA A 1561 46.33 13.22 14.79
C ALA A 1561 45.05 12.42 14.96
N VAL A 1562 43.95 12.83 14.33
CA VAL A 1562 42.69 12.10 14.45
C VAL A 1562 42.73 10.78 13.68
N THR A 1563 43.37 10.76 12.50
CA THR A 1563 43.37 9.57 11.66
C THR A 1563 44.64 8.74 11.77
N HIS A 1564 45.73 9.31 12.27
CA HIS A 1564 46.99 8.60 12.36
C HIS A 1564 47.45 8.40 13.80
N ALA A 1565 47.59 9.47 14.58
CA ALA A 1565 48.13 9.33 15.94
C ALA A 1565 47.14 8.64 16.86
N ILE A 1566 45.87 9.06 16.83
CA ILE A 1566 44.88 8.48 17.73
C ILE A 1566 44.63 7.00 17.43
N PRO A 1567 44.38 6.58 16.19
CA PRO A 1567 44.19 5.13 15.95
C PRO A 1567 45.40 4.30 16.29
N ALA A 1568 46.61 4.87 16.23
CA ALA A 1568 47.79 4.13 16.63
C ALA A 1568 47.87 3.96 18.14
N LEU A 1569 47.42 4.98 18.88
CA LEU A 1569 47.52 4.92 20.34
C LEU A 1569 46.48 3.98 20.94
N GLN A 1570 45.31 3.88 20.32
CA GLN A 1570 44.19 3.14 20.90
C GLN A 1570 44.53 1.69 21.25
N PRO A 1571 45.14 0.89 20.36
CA PRO A 1571 45.53 -0.46 20.78
C PRO A 1571 46.70 -0.48 21.75
N ILE A 1572 47.45 0.61 21.86
CA ILE A 1572 48.59 0.65 22.77
C ILE A 1572 48.13 0.85 24.20
N VAL A 1573 47.25 1.81 24.45
CA VAL A 1573 46.81 2.06 25.81
C VAL A 1573 45.82 1.00 26.27
N HIS A 1574 45.11 0.36 25.34
CA HIS A 1574 44.22 -0.74 25.72
C HIS A 1574 45.00 -1.99 26.10
N ASP A 1575 46.21 -2.16 25.58
CA ASP A 1575 47.04 -3.32 25.89
C ASP A 1575 47.87 -3.10 27.15
N LEU A 1576 48.45 -1.91 27.31
CA LEU A 1576 49.32 -1.65 28.45
C LEU A 1576 48.52 -1.53 29.75
N PHE A 1577 47.32 -0.97 29.68
CA PHE A 1577 46.55 -0.63 30.87
C PHE A 1577 45.46 -1.64 31.20
N VAL A 1578 44.61 -1.97 30.21
CA VAL A 1578 43.44 -2.79 30.50
C VAL A 1578 43.85 -4.23 30.83
N LEU A 1579 44.79 -4.79 30.07
CA LEU A 1579 45.14 -6.20 30.22
C LEU A 1579 46.66 -6.36 30.18
N ARG A 1580 47.27 -6.35 31.37
CA ARG A 1580 48.69 -6.65 31.53
C ARG A 1580 49.05 -6.76 33.00
N GLY A 1588 55.88 -3.91 36.89
CA GLY A 1588 56.33 -3.47 38.20
C GLY A 1588 57.46 -2.46 38.14
N LYS A 1589 58.39 -2.67 37.22
CA LYS A 1589 59.54 -1.80 37.06
C LYS A 1589 59.71 -1.26 35.65
N GLU A 1590 59.41 -2.07 34.63
CA GLU A 1590 59.49 -1.64 33.24
C GLU A 1590 58.12 -1.32 32.65
N LEU A 1591 57.07 -2.03 33.07
CA LEU A 1591 55.72 -1.74 32.63
C LEU A 1591 55.25 -0.36 33.06
N GLU A 1592 55.72 0.14 34.21
CA GLU A 1592 55.29 1.44 34.69
C GLU A 1592 55.90 2.56 33.86
N THR A 1593 57.19 2.44 33.51
CA THR A 1593 57.85 3.49 32.73
C THR A 1593 57.20 3.64 31.36
N GLN A 1594 56.83 2.52 30.74
CA GLN A 1594 56.10 2.59 29.47
C GLN A 1594 54.73 3.22 29.68
N LYS A 1595 54.08 2.92 30.81
CA LYS A 1595 52.76 3.49 31.09
C LYS A 1595 52.84 5.01 31.22
N GLU A 1596 53.85 5.51 31.93
CA GLU A 1596 54.00 6.95 32.08
C GLU A 1596 54.35 7.63 30.75
N VAL A 1597 55.16 6.96 29.92
CA VAL A 1597 55.51 7.52 28.62
C VAL A 1597 54.27 7.64 27.75
N VAL A 1598 53.42 6.60 27.75
CA VAL A 1598 52.19 6.65 26.98
C VAL A 1598 51.27 7.76 27.51
N VAL A 1599 51.18 7.89 28.83
CA VAL A 1599 50.37 8.96 29.43
C VAL A 1599 50.88 10.32 28.98
N SER A 1600 52.21 10.48 28.91
CA SER A 1600 52.79 11.73 28.45
C SER A 1600 52.40 12.02 27.00
N MET A 1601 52.38 11.00 26.15
CA MET A 1601 51.96 11.18 24.77
C MET A 1601 50.49 11.58 24.71
N LEU A 1602 49.66 10.98 25.54
CA LEU A 1602 48.23 11.30 25.55
C LEU A 1602 48.00 12.75 25.93
N LEU A 1603 48.80 13.27 26.88
CA LEU A 1603 48.64 14.65 27.32
C LEU A 1603 48.85 15.64 26.19
N ARG A 1604 49.73 15.32 25.24
CA ARG A 1604 49.97 16.20 24.10
C ARG A 1604 48.79 16.24 23.14
N LEU A 1605 47.94 15.23 23.15
CA LEU A 1605 46.75 15.18 22.31
C LEU A 1605 45.47 15.26 23.11
N ILE A 1606 45.53 15.82 24.33
CA ILE A 1606 44.38 15.86 25.21
C ILE A 1606 43.26 16.76 24.69
N GLN A 1607 43.53 17.59 23.69
CA GLN A 1607 42.49 18.44 23.12
C GLN A 1607 41.50 17.67 22.27
N TYR A 1608 41.79 16.41 21.94
CA TYR A 1608 40.89 15.59 21.13
C TYR A 1608 40.04 14.71 22.04
N HIS A 1609 38.75 14.61 21.72
CA HIS A 1609 37.84 13.83 22.54
C HIS A 1609 38.10 12.33 22.45
N GLN A 1610 38.68 11.86 21.33
CA GLN A 1610 39.05 10.45 21.25
C GLN A 1610 40.11 10.09 22.28
N VAL A 1611 41.08 10.98 22.50
CA VAL A 1611 42.04 10.79 23.57
C VAL A 1611 41.38 10.86 24.94
N LEU A 1612 40.35 11.71 25.09
CA LEU A 1612 39.65 11.80 26.36
C LEU A 1612 39.06 10.47 26.77
N GLU A 1613 38.52 9.71 25.82
CA GLU A 1613 38.03 8.37 26.12
C GLU A 1613 39.16 7.46 26.58
N MET A 1614 40.34 7.59 25.98
CA MET A 1614 41.48 6.79 26.42
C MET A 1614 41.89 7.13 27.84
N PHE A 1615 41.84 8.41 28.23
CA PHE A 1615 42.14 8.78 29.60
C PHE A 1615 41.10 8.24 30.57
N ILE A 1616 39.85 8.13 30.13
CA ILE A 1616 38.81 7.50 30.95
C ILE A 1616 39.17 6.05 31.23
N LEU A 1617 39.63 5.34 30.19
CA LEU A 1617 40.06 3.96 30.36
C LEU A 1617 41.26 3.86 31.29
N VAL A 1618 42.23 4.77 31.14
CA VAL A 1618 43.39 4.77 32.02
C VAL A 1618 42.97 5.09 33.46
N LEU A 1619 42.12 6.09 33.64
CA LEU A 1619 41.69 6.47 34.98
C LEU A 1619 40.88 5.37 35.64
N GLN A 1620 40.00 4.71 34.87
CA GLN A 1620 39.20 3.62 35.43
C GLN A 1620 40.08 2.47 35.90
N GLN A 1621 41.08 2.10 35.08
CA GLN A 1621 42.02 1.06 35.51
C GLN A 1621 42.85 1.51 36.69
N CYS A 1622 43.30 2.77 36.67
CA CYS A 1622 44.10 3.29 37.77
C CYS A 1622 43.30 3.36 39.06
N HIS A 1623 41.97 3.51 38.95
CA HIS A 1623 41.13 3.58 40.14
C HIS A 1623 41.18 2.28 40.93
N LYS A 1624 41.19 1.15 40.25
CA LYS A 1624 41.16 -0.14 40.93
C LYS A 1624 42.52 -0.50 41.52
N GLU A 1625 43.58 -0.41 40.70
CA GLU A 1625 44.90 -0.85 41.13
C GLU A 1625 45.43 -0.02 42.29
N ASN A 1626 45.65 1.26 42.06
CA ASN A 1626 46.27 2.14 43.06
C ASN A 1626 45.39 3.36 43.25
N GLU A 1627 44.77 3.46 44.43
CA GLU A 1627 43.93 4.62 44.73
C GLU A 1627 44.73 5.91 44.75
N ASP A 1628 45.92 5.90 45.34
CA ASP A 1628 46.73 7.12 45.42
C ASP A 1628 47.13 7.59 44.03
N LYS A 1629 47.52 6.67 43.15
CA LYS A 1629 47.88 7.05 41.78
C LYS A 1629 46.69 7.63 41.03
N TRP A 1630 45.48 7.17 41.35
CA TRP A 1630 44.28 7.71 40.73
C TRP A 1630 44.10 9.19 41.07
N LYS A 1631 44.37 9.56 42.33
CA LYS A 1631 44.21 10.95 42.73
C LYS A 1631 45.23 11.84 42.04
N ARG A 1632 46.48 11.41 41.95
CA ARG A 1632 47.51 12.25 41.35
C ARG A 1632 47.30 12.39 39.85
N LEU A 1633 46.91 11.32 39.17
CA LEU A 1633 46.64 11.41 37.74
C LEU A 1633 45.45 12.31 37.45
N SER A 1634 44.40 12.22 38.27
CA SER A 1634 43.24 13.07 38.08
C SER A 1634 43.59 14.54 38.27
N ARG A 1635 44.41 14.84 39.28
CA ARG A 1635 44.84 16.22 39.50
C ARG A 1635 45.65 16.74 38.32
N GLN A 1636 46.52 15.91 37.76
CA GLN A 1636 47.32 16.32 36.62
C GLN A 1636 46.44 16.64 35.41
N ILE A 1637 45.43 15.81 35.15
CA ILE A 1637 44.52 16.05 34.03
C ILE A 1637 43.70 17.30 34.27
N ALA A 1638 43.19 17.46 35.49
CA ALA A 1638 42.34 18.61 35.80
C ALA A 1638 43.10 19.92 35.64
N ASP A 1639 44.37 19.95 36.06
CA ASP A 1639 45.16 21.16 35.95
C ASP A 1639 45.51 21.50 34.51
N ILE A 1640 45.26 20.60 33.57
CA ILE A 1640 45.59 20.81 32.17
C ILE A 1640 44.37 21.18 31.34
N ILE A 1641 43.31 20.37 31.43
CA ILE A 1641 42.14 20.60 30.59
C ILE A 1641 41.41 21.87 31.00
N LEU A 1642 41.36 22.16 32.30
CA LEU A 1642 40.59 23.32 32.77
C LEU A 1642 41.11 24.64 32.21
N PRO A 1643 42.43 24.92 32.23
CA PRO A 1643 42.90 26.12 31.50
C PRO A 1643 42.61 26.07 30.01
N MET A 1644 42.65 24.87 29.41
CA MET A 1644 42.34 24.75 27.99
C MET A 1644 40.89 25.11 27.70
N LEU A 1645 39.98 24.73 28.61
CA LEU A 1645 38.58 25.08 28.45
C LEU A 1645 38.39 26.60 28.44
N ALA A 1646 39.16 27.31 29.27
CA ALA A 1646 39.06 28.76 29.29
C ALA A 1646 39.54 29.39 27.99
N LYS A 1647 40.55 28.82 27.36
CA LYS A 1647 41.11 29.35 26.12
C LYS A 1647 40.50 28.72 24.88
N GLN A 1648 39.47 27.90 25.04
CA GLN A 1648 38.77 27.26 23.92
C GLN A 1648 39.73 26.44 23.05
N GLN A 1649 40.65 25.73 23.71
CA GLN A 1649 41.65 24.93 23.01
C GLN A 1649 41.27 23.46 22.89
N MET A 1650 40.16 23.02 23.50
CA MET A 1650 39.73 21.64 23.42
C MET A 1650 38.69 21.48 22.30
N HIS A 1651 38.80 20.36 21.57
CA HIS A 1651 37.90 20.09 20.46
C HIS A 1651 36.63 19.41 20.97
N ILE A 1652 35.75 20.24 21.54
CA ILE A 1652 34.51 19.75 22.12
C ILE A 1652 33.33 20.39 21.39
N ASP A 1653 33.50 20.70 20.12
CA ASP A 1653 32.45 21.31 19.31
C ASP A 1653 31.64 20.22 18.60
N SER A 1654 30.96 19.40 19.40
CA SER A 1654 30.06 18.36 18.88
C SER A 1654 29.34 17.73 20.06
N HIS A 1655 28.24 17.04 19.76
CA HIS A 1655 27.51 16.32 20.80
C HIS A 1655 28.35 15.19 21.38
N GLU A 1656 29.05 14.45 20.52
CA GLU A 1656 29.84 13.31 20.99
C GLU A 1656 31.01 13.77 21.84
N ALA A 1657 31.73 14.81 21.41
CA ALA A 1657 32.89 15.28 22.16
C ALA A 1657 32.48 15.84 23.52
N LEU A 1658 31.41 16.62 23.57
CA LEU A 1658 30.96 17.18 24.84
C LEU A 1658 30.45 16.07 25.76
N GLY A 1659 29.79 15.06 25.19
CA GLY A 1659 29.34 13.94 26.00
C GLY A 1659 30.50 13.18 26.62
N VAL A 1660 31.58 12.97 25.86
CA VAL A 1660 32.75 12.27 26.37
C VAL A 1660 33.37 13.07 27.52
N LEU A 1661 33.50 14.39 27.33
CA LEU A 1661 34.09 15.22 28.37
C LEU A 1661 33.27 15.21 29.65
N ASN A 1662 31.96 15.07 29.54
CA ASN A 1662 31.11 15.02 30.73
C ASN A 1662 31.40 13.81 31.58
N THR A 1663 31.57 12.63 30.96
CA THR A 1663 31.85 11.43 31.72
C THR A 1663 33.27 11.41 32.27
N LEU A 1664 34.20 12.10 31.59
CA LEU A 1664 35.55 12.22 32.13
C LEU A 1664 35.54 12.97 33.46
N PHE A 1665 34.72 14.01 33.57
CA PHE A 1665 34.64 14.77 34.81
C PHE A 1665 34.11 13.92 35.95
N GLU A 1666 33.15 13.04 35.66
CA GLU A 1666 32.65 12.12 36.69
C GLU A 1666 33.70 11.08 37.07
N ILE A 1667 34.43 10.55 36.09
CA ILE A 1667 35.47 9.56 36.36
C ILE A 1667 36.62 10.15 37.15
N LEU A 1668 36.93 11.43 36.96
CA LEU A 1668 38.01 12.07 37.69
C LEU A 1668 37.80 11.96 39.19
N ALA A 1669 38.91 11.97 39.92
CA ALA A 1669 38.84 11.90 41.38
C ALA A 1669 38.16 13.15 41.92
N PRO A 1670 37.24 13.02 42.88
CA PRO A 1670 36.57 14.21 43.41
C PRO A 1670 37.53 15.21 44.04
N SER A 1671 38.64 14.75 44.59
CA SER A 1671 39.61 15.65 45.20
C SER A 1671 40.30 16.55 44.17
N SER A 1672 40.31 16.14 42.90
CA SER A 1672 40.91 16.97 41.85
C SER A 1672 40.04 18.16 41.48
N LEU A 1673 38.78 18.17 41.90
CA LEU A 1673 37.89 19.28 41.60
C LEU A 1673 37.20 19.85 42.84
N ARG A 1674 37.53 19.35 44.03
CA ARG A 1674 36.86 19.83 45.24
C ARG A 1674 37.07 21.32 45.49
N PRO A 1675 38.29 21.88 45.38
CA PRO A 1675 38.37 23.35 45.38
C PRO A 1675 37.87 23.91 44.06
N VAL A 1676 36.68 24.51 44.06
CA VAL A 1676 36.01 24.91 42.84
C VAL A 1676 36.48 26.28 42.40
N ASP A 1677 37.54 26.80 43.04
CA ASP A 1677 38.09 28.08 42.63
C ASP A 1677 38.62 28.01 41.20
N MET A 1678 39.33 26.93 40.86
CA MET A 1678 39.83 26.77 39.50
C MET A 1678 38.72 26.44 38.52
N LEU A 1679 37.72 25.66 38.93
CA LEU A 1679 36.58 25.36 38.08
C LEU A 1679 35.83 26.63 37.71
N LEU A 1680 35.58 27.49 38.71
CA LEU A 1680 34.86 28.73 38.45
C LEU A 1680 35.69 29.70 37.60
N ARG A 1681 37.00 29.73 37.84
CA ARG A 1681 37.85 30.65 37.10
C ARG A 1681 37.90 30.32 35.61
N SER A 1682 37.83 29.03 35.27
CA SER A 1682 37.81 28.62 33.87
C SER A 1682 36.44 28.71 33.24
N MET A 1683 35.38 28.85 34.04
CA MET A 1683 34.03 28.99 33.51
C MET A 1683 33.67 30.44 33.23
N PHE A 1684 33.96 31.33 34.19
CA PHE A 1684 33.61 32.75 34.06
C PHE A 1684 34.68 33.45 33.23
N VAL A 1685 34.71 33.12 31.94
CA VAL A 1685 35.66 33.67 30.99
C VAL A 1685 34.90 34.21 29.79
N THR A 1686 35.65 34.78 28.85
CA THR A 1686 35.12 35.30 27.60
C THR A 1686 35.94 34.75 26.45
N PRO A 1687 35.34 34.57 25.28
CA PRO A 1687 36.09 34.04 24.13
C PRO A 1687 36.89 35.14 23.45
N ASN A 1688 37.76 34.71 22.54
CA ASN A 1688 38.56 35.65 21.77
C ASN A 1688 37.66 36.54 20.92
N THR A 1689 36.67 35.94 20.25
CA THR A 1689 35.71 36.69 19.46
C THR A 1689 34.45 35.85 19.32
N MET A 1690 33.32 36.53 19.11
CA MET A 1690 32.05 35.87 18.89
C MET A 1690 31.54 36.05 17.46
N ALA A 1691 32.42 36.44 16.55
CA ALA A 1691 32.08 36.52 15.13
C ALA A 1691 32.22 35.19 14.40
N SER A 1692 32.80 34.19 15.06
CA SER A 1692 32.98 32.86 14.47
C SER A 1692 32.03 31.88 15.14
N VAL A 1693 31.34 31.09 14.33
CA VAL A 1693 30.40 30.11 14.87
C VAL A 1693 31.13 29.07 15.71
N SER A 1694 32.26 28.58 15.21
CA SER A 1694 32.99 27.52 15.92
C SER A 1694 33.49 28.00 17.27
N THR A 1695 34.02 29.22 17.33
CA THR A 1695 34.53 29.74 18.59
C THR A 1695 33.41 29.93 19.61
N VAL A 1696 32.25 30.43 19.16
CA VAL A 1696 31.12 30.58 20.07
C VAL A 1696 30.67 29.24 20.60
N GLN A 1697 30.56 28.24 19.72
CA GLN A 1697 30.15 26.91 20.16
C GLN A 1697 31.18 26.30 21.09
N LEU A 1698 32.46 26.46 20.78
CA LEU A 1698 33.50 25.94 21.65
C LEU A 1698 33.49 26.63 23.02
N TRP A 1699 33.28 27.95 23.02
CA TRP A 1699 33.23 28.68 24.28
C TRP A 1699 32.03 28.24 25.12
N ILE A 1700 30.87 28.08 24.50
CA ILE A 1700 29.68 27.64 25.23
C ILE A 1700 29.82 26.18 25.66
N SER A 1701 30.44 25.35 24.80
CA SER A 1701 30.62 23.94 25.14
C SER A 1701 31.44 23.77 26.41
N GLY A 1702 32.52 24.54 26.55
CA GLY A 1702 33.32 24.47 27.76
C GLY A 1702 32.57 24.93 28.98
N ILE A 1703 31.74 25.96 28.83
CA ILE A 1703 30.92 26.44 29.95
C ILE A 1703 29.95 25.37 30.40
N LEU A 1704 29.32 24.68 29.45
CA LEU A 1704 28.33 23.65 29.79
C LEU A 1704 28.97 22.51 30.57
N ALA A 1705 30.17 22.10 30.18
CA ALA A 1705 30.84 21.00 30.88
C ALA A 1705 31.16 21.37 32.31
N ILE A 1706 31.70 22.57 32.54
CA ILE A 1706 32.01 23.00 33.90
C ILE A 1706 30.74 23.24 34.68
N LEU A 1707 29.71 23.78 34.03
CA LEU A 1707 28.45 24.03 34.73
C LEU A 1707 27.84 22.75 35.25
N ARG A 1708 27.89 21.67 34.46
CA ARG A 1708 27.33 20.40 34.89
C ARG A 1708 28.05 19.87 36.12
N VAL A 1709 29.38 20.06 36.18
CA VAL A 1709 30.14 19.60 37.33
C VAL A 1709 29.74 20.36 38.58
N LEU A 1710 29.52 21.67 38.47
CA LEU A 1710 29.17 22.47 39.63
C LEU A 1710 27.85 22.04 40.23
N ILE A 1711 26.86 21.73 39.39
CA ILE A 1711 25.52 21.39 39.88
C ILE A 1711 25.38 19.91 40.22
N SER A 1712 26.42 19.11 40.02
CA SER A 1712 26.35 17.69 40.33
C SER A 1712 27.35 17.27 41.40
N GLN A 1713 28.62 17.64 41.24
CA GLN A 1713 29.66 17.25 42.19
C GLN A 1713 29.89 18.26 43.30
N SER A 1714 29.19 19.39 43.27
CA SER A 1714 29.34 20.40 44.32
C SER A 1714 27.98 20.83 44.84
N THR A 1715 27.96 21.79 45.76
CA THR A 1715 26.72 22.29 46.34
C THR A 1715 26.59 23.78 46.04
N GLU A 1716 25.35 24.27 46.19
CA GLU A 1716 25.10 25.69 45.95
C GLU A 1716 25.82 26.57 46.96
N ASP A 1717 25.86 26.13 48.23
CA ASP A 1717 26.54 26.91 49.26
C ASP A 1717 28.03 27.05 48.95
N ILE A 1718 28.66 25.96 48.51
CA ILE A 1718 30.09 25.99 48.21
C ILE A 1718 30.36 26.87 46.98
N VAL A 1719 29.56 26.70 45.93
CA VAL A 1719 29.81 27.40 44.67
C VAL A 1719 29.66 28.91 44.85
N LEU A 1720 28.57 29.34 45.50
CA LEU A 1720 28.30 30.76 45.64
C LEU A 1720 29.35 31.44 46.52
N SER A 1721 29.80 30.76 47.57
CA SER A 1721 30.78 31.37 48.47
C SER A 1721 32.09 31.68 47.75
N ARG A 1722 32.53 30.76 46.89
CA ARG A 1722 33.76 31.00 46.13
C ARG A 1722 33.58 32.10 45.09
N ILE A 1723 32.37 32.22 44.51
CA ILE A 1723 32.09 33.31 43.60
C ILE A 1723 32.14 34.65 44.32
N GLN A 1724 31.85 34.67 45.62
CA GLN A 1724 31.98 35.91 46.37
C GLN A 1724 33.43 36.29 46.60
N GLU A 1725 34.28 35.32 46.96
CA GLU A 1725 35.68 35.61 47.21
C GLU A 1725 36.41 36.02 45.94
N LEU A 1726 36.19 35.27 44.86
CA LEU A 1726 36.78 35.63 43.57
C LEU A 1726 35.95 36.75 42.95
N SER A 1727 36.60 37.88 42.62
CA SER A 1727 35.85 39.05 42.20
C SER A 1727 35.29 38.88 40.80
N PHE A 1728 34.28 38.01 40.66
CA PHE A 1728 33.60 37.84 39.39
C PHE A 1728 32.47 38.87 39.27
N SER A 1729 32.33 39.43 38.08
CA SER A 1729 31.32 40.44 37.86
C SER A 1729 30.23 39.93 36.92
N PRO A 1730 28.97 40.30 37.14
CA PRO A 1730 27.92 39.93 36.18
C PRO A 1730 28.10 40.60 34.82
N TYR A 1731 28.88 41.67 34.74
CA TYR A 1731 29.13 42.37 33.50
C TYR A 1731 30.25 41.75 32.68
N LEU A 1732 30.59 40.48 32.94
CA LEU A 1732 31.65 39.82 32.19
C LEU A 1732 31.28 39.68 30.72
N ILE A 1733 30.05 39.25 30.43
CA ILE A 1733 29.60 39.07 29.06
C ILE A 1733 28.34 39.89 28.83
N SER A 1734 28.26 41.07 29.46
CA SER A 1734 27.12 41.96 29.29
C SER A 1734 26.91 42.31 27.82
N CYS A 1735 25.72 42.83 27.49
CA CYS A 1735 25.38 43.08 26.09
C CYS A 1735 26.36 44.03 25.41
N THR A 1736 26.97 44.96 26.16
CA THR A 1736 28.01 45.80 25.58
C THR A 1736 29.21 44.97 25.15
N VAL A 1737 29.61 44.02 25.99
CA VAL A 1737 30.74 43.15 25.65
C VAL A 1737 30.36 42.22 24.52
N ILE A 1738 29.11 41.75 24.49
CA ILE A 1738 28.67 40.82 23.45
C ILE A 1738 28.75 41.48 22.08
N ASN A 1739 28.29 42.73 21.98
CA ASN A 1739 28.34 43.44 20.70
C ASN A 1739 29.78 43.69 20.27
N ARG A 1740 30.65 44.02 21.21
CA ARG A 1740 32.06 44.22 20.89
C ARG A 1740 32.69 42.93 20.36
N LEU A 1741 32.43 41.81 21.03
CA LEU A 1741 33.04 40.55 20.63
C LEU A 1741 32.49 40.07 19.30
N ARG A 1742 31.20 40.31 19.03
CA ARG A 1742 30.62 39.89 17.77
C ARG A 1742 31.22 40.62 16.58
N ASP A 1743 31.81 41.79 16.81
CA ASP A 1743 32.55 42.48 15.74
C ASP A 1743 33.89 41.81 15.48
N GLY A 1744 34.58 41.38 16.53
CA GLY A 1744 35.86 40.72 16.39
C GLY A 1744 36.98 41.40 17.14
N ASP A 1745 36.63 42.25 18.11
CA ASP A 1745 37.60 42.98 18.91
C ASP A 1745 37.85 42.25 20.22
N SER A 1746 39.12 41.91 20.48
CA SER A 1746 39.51 41.21 21.70
C SER A 1746 40.29 42.21 22.56
N THR A 1747 39.57 42.98 23.37
CA THR A 1747 40.18 43.96 24.25
C THR A 1747 39.70 43.80 25.68
N GLN A 1758 30.31 49.84 41.71
CA GLN A 1758 29.01 49.20 41.66
C GLN A 1758 28.56 48.79 43.06
N ILE A 1759 27.33 48.29 43.15
CA ILE A 1759 26.78 47.81 44.41
C ILE A 1759 27.25 46.38 44.62
N LYS A 1760 27.40 45.98 45.88
CA LYS A 1760 27.88 44.65 46.20
C LYS A 1760 26.82 43.61 45.87
N ASN A 1761 26.88 43.06 44.66
CA ASN A 1761 25.90 42.09 44.21
C ASN A 1761 26.17 40.71 44.80
N LEU A 1762 25.11 39.99 45.12
CA LEU A 1762 25.24 38.64 45.64
C LEU A 1762 25.80 37.72 44.56
N PRO A 1763 26.56 36.70 44.95
CA PRO A 1763 27.09 35.76 43.94
C PRO A 1763 26.01 35.03 43.17
N GLU A 1764 24.85 34.79 43.77
CA GLU A 1764 23.74 34.19 43.04
C GLU A 1764 23.19 35.11 41.97
N GLU A 1765 23.34 36.42 42.13
CA GLU A 1765 22.90 37.35 41.10
C GLU A 1765 23.82 37.31 39.87
N THR A 1766 25.13 37.21 40.07
CA THR A 1766 26.06 37.11 38.96
C THR A 1766 26.03 35.74 38.29
N PHE A 1767 25.81 34.68 39.07
CA PHE A 1767 25.70 33.34 38.50
C PHE A 1767 24.48 33.24 37.58
N SER A 1768 23.35 33.77 38.02
CA SER A 1768 22.15 33.77 37.20
C SER A 1768 22.23 34.72 36.01
N ARG A 1769 22.90 35.86 36.18
CA ARG A 1769 23.13 36.76 35.05
C ARG A 1769 24.01 36.11 33.99
N PHE A 1770 25.04 35.38 34.42
CA PHE A 1770 25.94 34.72 33.48
C PHE A 1770 25.24 33.66 32.66
N LEU A 1771 24.37 32.86 33.29
CA LEU A 1771 23.65 31.82 32.56
C LEU A 1771 22.59 32.40 31.64
N LEU A 1772 21.94 33.49 32.05
CA LEU A 1772 20.91 34.11 31.22
C LEU A 1772 21.49 34.75 29.96
N GLN A 1773 22.70 35.28 30.03
CA GLN A 1773 23.32 35.87 28.86
C GLN A 1773 23.64 34.81 27.80
N LEU A 1774 24.07 33.63 28.23
CA LEU A 1774 24.31 32.55 27.27
C LEU A 1774 23.02 32.11 26.59
N VAL A 1775 21.90 32.14 27.31
CA VAL A 1775 20.60 31.84 26.71
C VAL A 1775 20.29 32.84 25.62
N GLY A 1776 20.54 34.13 25.90
CA GLY A 1776 20.34 35.14 24.88
C GLY A 1776 21.29 35.00 23.70
N ILE A 1777 22.54 34.61 23.98
CA ILE A 1777 23.51 34.42 22.90
C ILE A 1777 23.09 33.29 21.97
N LEU A 1778 22.69 32.16 22.55
CA LEU A 1778 22.29 31.02 21.73
C LEU A 1778 21.01 31.32 20.97
N LEU A 1779 20.03 31.96 21.62
CA LEU A 1779 18.79 32.29 20.94
C LEU A 1779 19.02 33.31 19.83
N GLU A 1780 19.92 34.27 20.06
CA GLU A 1780 20.18 35.31 19.06
C GLU A 1780 20.73 34.72 17.77
N ASP A 1781 21.72 33.84 17.88
CA ASP A 1781 22.43 33.32 16.71
C ASP A 1781 21.84 32.00 16.20
N ILE A 1782 20.76 31.52 16.80
CA ILE A 1782 20.04 30.39 16.21
C ILE A 1782 19.09 30.87 15.12
N VAL A 1783 18.47 32.03 15.30
CA VAL A 1783 17.49 32.55 14.36
C VAL A 1783 18.09 33.61 13.44
N THR A 1784 19.07 34.37 13.92
CA THR A 1784 19.75 35.36 13.09
C THR A 1784 21.08 34.80 12.58
N LYS A 1785 20.97 33.78 11.75
CA LYS A 1785 22.15 33.15 11.15
C LYS A 1785 21.71 32.35 9.94
N GLN A 1786 22.19 32.73 8.75
CA GLN A 1786 21.85 31.99 7.55
C GLN A 1786 22.47 30.59 7.60
N LEU A 1787 21.71 29.59 7.16
CA LEU A 1787 22.08 28.20 7.41
C LEU A 1787 23.25 27.78 6.52
N LYS A 1788 23.16 28.05 5.22
CA LYS A 1788 24.24 27.70 4.30
C LYS A 1788 25.33 28.76 4.22
N VAL A 1789 25.08 29.96 4.71
CA VAL A 1789 26.04 31.06 4.53
C VAL A 1789 26.93 31.18 5.75
N GLU A 1790 26.34 31.45 6.91
CA GLU A 1790 27.12 31.73 8.11
C GLU A 1790 27.58 30.44 8.79
N MET A 1791 26.62 29.62 9.22
CA MET A 1791 26.93 28.38 9.92
C MET A 1791 26.90 27.22 8.93
N SER A 1792 26.94 26.00 9.44
CA SER A 1792 26.79 24.79 8.66
C SER A 1792 25.59 24.01 9.18
N GLU A 1793 25.32 22.86 8.57
CA GLU A 1793 24.21 22.03 9.02
C GLU A 1793 24.53 21.32 10.33
N GLN A 1794 25.82 21.01 10.55
CA GLN A 1794 26.22 20.42 11.83
C GLN A 1794 26.29 21.50 12.90
N GLN A 1795 26.72 22.70 12.53
CA GLN A 1795 26.78 23.78 13.51
C GLN A 1795 25.39 24.24 13.94
N HIS A 1796 24.38 24.04 13.10
CA HIS A 1796 23.02 24.43 13.47
C HIS A 1796 22.43 23.47 14.51
N THR A 1797 22.58 22.16 14.29
CA THR A 1797 22.00 21.20 15.22
C THR A 1797 22.74 21.20 16.55
N PHE A 1798 24.04 21.49 16.54
CA PHE A 1798 24.77 21.59 17.80
C PHE A 1798 24.40 22.85 18.56
N TYR A 1799 23.99 23.91 17.85
CA TYR A 1799 23.48 25.09 18.53
C TYR A 1799 22.23 24.77 19.33
N CYS A 1800 21.32 24.01 18.74
CA CYS A 1800 20.10 23.61 19.43
C CYS A 1800 20.39 22.60 20.53
N GLN A 1801 21.32 21.67 20.28
CA GLN A 1801 21.72 20.74 21.32
C GLN A 1801 22.38 21.45 22.49
N GLU A 1802 23.21 22.46 22.21
CA GLU A 1802 23.80 23.26 23.28
C GLU A 1802 22.72 24.02 24.05
N LEU A 1803 21.76 24.59 23.34
CA LEU A 1803 20.66 25.28 24.01
C LEU A 1803 19.79 24.29 24.79
N GLY A 1804 19.57 23.10 24.23
CA GLY A 1804 18.74 22.12 24.91
C GLY A 1804 19.30 21.71 26.25
N THR A 1805 20.61 21.45 26.32
CA THR A 1805 21.22 21.04 27.58
C THR A 1805 21.37 22.21 28.53
N LEU A 1806 21.51 23.43 28.01
CA LEU A 1806 21.60 24.61 28.88
C LEU A 1806 20.26 24.90 29.53
N LEU A 1807 19.18 24.86 28.76
CA LEU A 1807 17.84 25.03 29.33
C LEU A 1807 17.52 23.85 30.25
N MET A 1808 18.00 22.66 29.91
CA MET A 1808 17.81 21.51 30.78
C MET A 1808 18.51 21.73 32.12
N CYS A 1809 19.73 22.29 32.09
CA CYS A 1809 20.44 22.58 33.33
C CYS A 1809 19.71 23.64 34.14
N LEU A 1810 19.15 24.65 33.47
CA LEU A 1810 18.41 25.69 34.18
C LEU A 1810 17.16 25.12 34.84
N ILE A 1811 16.48 24.18 34.16
CA ILE A 1811 15.28 23.56 34.72
C ILE A 1811 15.63 22.80 35.99
N HIS A 1812 16.73 22.03 35.95
CA HIS A 1812 17.12 21.26 37.12
C HIS A 1812 17.46 22.16 38.29
N ILE A 1813 18.15 23.28 38.02
CA ILE A 1813 18.52 24.20 39.09
C ILE A 1813 17.27 24.75 39.78
N PHE A 1814 16.26 25.13 38.98
CA PHE A 1814 15.03 25.68 39.56
C PHE A 1814 14.15 24.61 40.17
N LYS A 1815 14.09 23.42 39.58
CA LYS A 1815 13.15 22.40 40.00
C LYS A 1815 13.64 21.56 41.18
N SER A 1816 14.94 21.28 41.26
CA SER A 1816 15.45 20.36 42.27
C SER A 1816 15.25 20.93 43.68
N GLY A 1817 15.41 22.24 43.84
CA GLY A 1817 15.37 22.85 45.15
C GLY A 1817 16.68 22.84 45.89
N MET A 1818 17.74 22.29 45.30
CA MET A 1818 19.08 22.30 45.88
C MET A 1818 19.83 23.59 45.60
N PHE A 1819 19.23 24.52 44.87
CA PHE A 1819 19.84 25.77 44.46
C PHE A 1819 18.90 26.93 44.74
N ARG A 1820 18.39 26.98 45.97
CA ARG A 1820 17.36 27.94 46.34
C ARG A 1820 17.81 29.38 46.10
N ARG A 1821 19.03 29.71 46.53
CA ARG A 1821 19.51 31.09 46.40
C ARG A 1821 19.69 31.47 44.93
N ILE A 1822 20.19 30.56 44.11
CA ILE A 1822 20.36 30.85 42.68
C ILE A 1822 19.00 31.05 42.02
N THR A 1823 18.05 30.17 42.33
CA THR A 1823 16.71 30.27 41.74
C THR A 1823 16.02 31.57 42.15
N ALA A 1824 16.15 31.95 43.42
CA ALA A 1824 15.53 33.19 43.89
C ALA A 1824 16.10 34.40 43.16
N ALA A 1825 17.43 34.44 42.99
CA ALA A 1825 18.03 35.55 42.25
C ALA A 1825 17.63 35.52 40.78
N ALA A 1826 17.60 34.32 40.18
CA ALA A 1826 17.20 34.21 38.77
C ALA A 1826 15.75 34.64 38.58
N THR A 1827 14.87 34.27 39.51
CA THR A 1827 13.48 34.71 39.44
C THR A 1827 13.38 36.23 39.48
N ARG A 1828 14.19 36.86 40.33
CA ARG A 1828 14.21 38.32 40.41
C ARG A 1828 14.80 38.95 39.17
N LEU A 1829 15.84 38.34 38.58
CA LEU A 1829 16.47 38.91 37.40
C LEU A 1829 15.59 38.80 36.17
N PHE A 1830 14.76 37.75 36.08
CA PHE A 1830 13.82 37.65 34.97
C PHE A 1830 12.81 38.78 34.99
N ARG A 1831 12.51 39.32 36.17
CA ARG A 1831 11.51 40.38 36.32
C ARG A 1831 12.09 41.77 36.21
N SER A 1832 13.39 41.92 36.03
CA SER A 1832 14.04 43.22 36.01
C SER A 1832 14.42 43.61 34.58
N ASP A 1833 14.43 44.91 34.33
CA ASP A 1833 14.92 45.43 33.07
C ASP A 1833 16.42 45.21 32.96
N GLY A 1834 16.94 45.28 31.75
CA GLY A 1834 18.34 44.97 31.52
C GLY A 1834 19.29 46.09 31.88
N CYS A 1835 19.00 46.80 32.98
CA CYS A 1835 19.85 47.87 33.51
C CYS A 1835 20.27 48.84 32.40
N GLY A 1836 19.26 49.34 31.68
CA GLY A 1836 19.53 50.22 30.56
C GLY A 1836 20.22 49.56 29.39
N GLY A 1837 19.81 48.34 29.05
CA GLY A 1837 20.35 47.65 27.90
C GLY A 1837 21.67 46.94 28.10
N SER A 1838 22.17 46.87 29.34
CA SER A 1838 23.42 46.18 29.59
C SER A 1838 23.25 44.67 29.54
N PHE A 1839 22.07 44.16 29.85
CA PHE A 1839 21.79 42.74 29.88
C PHE A 1839 20.55 42.42 29.05
N TYR A 1840 20.46 41.18 28.60
CA TYR A 1840 19.26 40.72 27.92
C TYR A 1840 18.07 40.79 28.85
N THR A 1841 16.98 41.38 28.37
CA THR A 1841 15.75 41.45 29.15
C THR A 1841 14.83 40.29 28.77
N LEU A 1842 13.84 40.04 29.63
CA LEU A 1842 12.94 38.92 29.40
C LEU A 1842 12.11 39.12 28.14
N ASP A 1843 11.68 40.35 27.87
CA ASP A 1843 10.92 40.62 26.65
C ASP A 1843 11.75 40.34 25.42
N SER A 1844 13.03 40.73 25.43
CA SER A 1844 13.92 40.43 24.31
C SER A 1844 14.13 38.93 24.15
N LEU A 1845 14.27 38.22 25.27
CA LEU A 1845 14.44 36.77 25.21
C LEU A 1845 13.21 36.09 24.65
N ASN A 1846 12.01 36.55 25.04
CA ASN A 1846 10.78 35.95 24.53
C ASN A 1846 10.59 36.24 23.04
N LEU A 1847 11.05 37.40 22.57
CA LEU A 1847 10.96 37.72 21.15
C LEU A 1847 11.79 36.74 20.32
N ARG A 1848 13.00 36.43 20.78
CA ARG A 1848 13.84 35.46 20.10
C ARG A 1848 13.32 34.03 20.25
N ALA A 1849 12.55 33.75 21.30
CA ALA A 1849 11.98 32.43 21.52
C ALA A 1849 10.69 32.22 20.73
N ARG A 1850 9.90 33.28 20.55
CA ARG A 1850 8.68 33.16 19.77
C ARG A 1850 8.97 32.81 18.33
N SER A 1851 10.10 33.29 17.79
CA SER A 1851 10.45 33.00 16.41
C SER A 1851 10.80 31.54 16.19
N MET A 1852 11.21 30.84 17.24
CA MET A 1852 11.60 29.44 17.13
C MET A 1852 10.42 28.48 17.17
N ILE A 1853 9.20 28.99 17.36
CA ILE A 1853 8.03 28.11 17.45
C ILE A 1853 7.85 27.33 16.15
N THR A 1854 7.98 28.01 15.01
CA THR A 1854 7.78 27.36 13.72
C THR A 1854 8.95 26.47 13.32
N THR A 1855 10.09 26.56 13.98
CA THR A 1855 11.28 25.82 13.60
C THR A 1855 11.77 24.84 14.66
N HIS A 1856 11.76 25.25 15.93
CA HIS A 1856 12.27 24.42 17.03
C HIS A 1856 11.22 24.34 18.13
N PRO A 1857 10.16 23.55 17.90
CA PRO A 1857 9.15 23.38 18.97
C PRO A 1857 9.71 22.76 20.23
N ALA A 1858 10.71 21.88 20.12
CA ALA A 1858 11.25 21.21 21.30
C ALA A 1858 11.91 22.21 22.26
N LEU A 1859 12.67 23.16 21.71
CA LEU A 1859 13.36 24.12 22.55
C LEU A 1859 12.41 25.17 23.13
N VAL A 1860 11.36 25.52 22.40
CA VAL A 1860 10.39 26.49 22.91
C VAL A 1860 9.68 25.94 24.14
N LEU A 1861 9.35 24.64 24.13
CA LEU A 1861 8.71 24.03 25.28
C LEU A 1861 9.64 24.01 26.49
N LEU A 1862 10.94 23.80 26.27
CA LEU A 1862 11.90 23.91 27.38
C LEU A 1862 11.93 25.32 27.93
N TRP A 1863 11.89 26.32 27.04
CA TRP A 1863 11.81 27.71 27.49
C TRP A 1863 10.50 27.97 28.21
N CYS A 1864 9.41 27.34 27.77
CA CYS A 1864 8.13 27.49 28.46
C CYS A 1864 8.20 26.93 29.87
N GLN A 1865 8.87 25.79 30.05
CA GLN A 1865 9.01 25.21 31.37
C GLN A 1865 9.80 26.15 32.29
N ILE A 1866 10.86 26.77 31.77
CA ILE A 1866 11.65 27.70 32.58
C ILE A 1866 10.83 28.90 32.98
N LEU A 1867 10.01 29.42 32.06
CA LEU A 1867 9.18 30.58 32.38
C LEU A 1867 8.20 30.28 33.50
N LEU A 1868 7.74 29.04 33.62
CA LEU A 1868 6.89 28.66 34.73
C LEU A 1868 7.69 28.52 36.02
N LEU A 1869 8.94 28.07 35.94
CA LEU A 1869 9.76 27.91 37.13
C LEU A 1869 10.12 29.24 37.76
N VAL A 1870 10.01 30.35 37.02
CA VAL A 1870 10.25 31.69 37.55
C VAL A 1870 8.96 32.46 37.72
N ASN A 1871 7.81 31.78 37.63
CA ASN A 1871 6.49 32.38 37.86
C ASN A 1871 6.23 33.54 36.90
N HIS A 1872 6.56 33.35 35.62
CA HIS A 1872 6.19 34.31 34.58
C HIS A 1872 4.91 33.84 33.92
N THR A 1873 3.80 34.01 34.65
CA THR A 1873 2.49 33.59 34.19
C THR A 1873 1.76 34.67 33.38
N ASP A 1874 2.50 35.64 32.86
CA ASP A 1874 1.90 36.68 32.03
C ASP A 1874 1.35 36.05 30.75
N TYR A 1875 0.16 36.47 30.35
CA TYR A 1875 -0.48 35.95 29.15
C TYR A 1875 0.02 36.61 27.88
N ARG A 1876 0.96 37.56 27.99
CA ARG A 1876 1.59 38.11 26.80
C ARG A 1876 2.36 37.04 26.04
N TRP A 1877 2.91 36.06 26.76
CA TRP A 1877 3.64 34.96 26.13
C TRP A 1877 2.81 33.67 26.07
N TRP A 1878 1.90 33.45 27.01
CA TRP A 1878 1.17 32.20 27.08
C TRP A 1878 -0.06 32.16 26.19
N ALA A 1879 -0.68 33.31 25.92
CA ALA A 1879 -1.82 33.34 25.01
C ALA A 1879 -1.39 33.22 23.55
N GLU A 1880 -0.10 33.32 23.25
CA GLU A 1880 0.40 33.18 21.89
C GLU A 1880 0.87 31.76 21.59
N VAL A 1881 1.60 31.14 22.51
CA VAL A 1881 2.02 29.75 22.30
C VAL A 1881 0.81 28.83 22.31
N GLN A 1882 -0.14 29.07 23.23
CA GLN A 1882 -1.34 28.25 23.31
C GLN A 1882 -2.39 28.63 22.27
N GLN A 1883 -2.19 29.73 21.54
CA GLN A 1883 -3.13 30.17 20.52
C GLN A 1883 -4.53 30.33 21.09
N THR A 1884 -4.63 31.09 22.17
CA THR A 1884 -5.91 31.30 22.84
C THR A 1884 -6.83 32.10 21.93
N PRO A 1885 -8.04 31.62 21.66
CA PRO A 1885 -8.98 32.40 20.85
C PRO A 1885 -9.37 33.69 21.54
N LYS A 1886 -9.58 34.74 20.75
CA LYS A 1886 -9.93 36.04 21.28
C LYS A 1886 -11.41 36.36 21.03
N LYS A 1912 -6.41 25.60 4.58
CA LYS A 1912 -5.33 26.01 5.46
C LYS A 1912 -5.12 25.00 6.59
N LEU A 1913 -4.17 24.09 6.39
CA LEU A 1913 -3.92 23.03 7.35
C LEU A 1913 -2.98 23.46 8.47
N GLY A 1914 -2.35 24.62 8.36
CA GLY A 1914 -1.49 25.11 9.42
C GLY A 1914 -0.15 24.40 9.47
N MET A 1915 0.54 24.61 10.59
CA MET A 1915 1.88 24.10 10.81
C MET A 1915 1.86 23.11 11.97
N CYS A 1916 2.50 21.95 11.78
CA CYS A 1916 2.58 20.97 12.85
C CYS A 1916 3.44 21.46 14.00
N ASN A 1917 4.52 22.19 13.69
CA ASN A 1917 5.40 22.70 14.74
C ASN A 1917 4.67 23.67 15.64
N ARG A 1918 3.77 24.48 15.07
CA ARG A 1918 2.94 25.34 15.89
C ARG A 1918 2.01 24.54 16.79
N GLU A 1919 1.49 23.41 16.29
CA GLU A 1919 0.60 22.57 17.08
C GLU A 1919 1.33 21.88 18.22
N ILE A 1920 2.59 21.48 18.00
CA ILE A 1920 3.36 20.83 19.07
C ILE A 1920 3.55 21.77 20.24
N VAL A 1921 3.90 23.03 19.96
CA VAL A 1921 4.02 24.02 21.02
C VAL A 1921 2.66 24.31 21.63
N ARG A 1922 1.63 24.40 20.80
CA ARG A 1922 0.29 24.75 21.28
C ARG A 1922 -0.22 23.73 22.28
N ARG A 1923 -0.08 22.45 21.96
CA ARG A 1923 -0.50 21.41 22.90
C ARG A 1923 0.48 21.28 24.06
N GLY A 1924 1.79 21.35 23.77
CA GLY A 1924 2.77 21.19 24.81
C GLY A 1924 2.73 22.29 25.85
N ALA A 1925 2.54 23.54 25.42
CA ALA A 1925 2.45 24.65 26.37
C ALA A 1925 1.25 24.49 27.29
N LEU A 1926 0.12 24.05 26.73
CA LEU A 1926 -1.06 23.82 27.56
C LEU A 1926 -0.81 22.71 28.57
N ILE A 1927 -0.10 21.66 28.17
CA ILE A 1927 0.22 20.56 29.09
C ILE A 1927 1.10 21.07 30.23
N LEU A 1928 2.11 21.87 29.90
CA LEU A 1928 3.00 22.40 30.94
C LEU A 1928 2.27 23.37 31.85
N PHE A 1929 1.39 24.20 31.30
CA PHE A 1929 0.64 25.15 32.12
C PHE A 1929 -0.27 24.42 33.10
N CYS A 1930 -0.89 23.32 32.67
CA CYS A 1930 -1.72 22.53 33.57
C CYS A 1930 -0.89 21.94 34.70
N ASP A 1931 0.32 21.48 34.38
CA ASP A 1931 1.22 20.95 35.41
C ASP A 1931 1.57 22.03 36.43
N TYR A 1932 1.85 23.25 35.95
CA TYR A 1932 2.17 24.33 36.87
C TYR A 1932 0.99 24.66 37.79
N VAL A 1933 -0.22 24.65 37.24
CA VAL A 1933 -1.40 24.92 38.06
C VAL A 1933 -1.58 23.83 39.10
N CYS A 1934 -1.27 22.58 38.75
CA CYS A 1934 -1.40 21.49 39.70
C CYS A 1934 -0.46 21.69 40.89
N GLN A 1935 0.71 22.28 40.66
CA GLN A 1935 1.62 22.55 41.77
C GLN A 1935 1.15 23.72 42.62
N ASN A 1936 0.37 24.63 42.05
CA ASN A 1936 -0.07 25.84 42.74
C ASN A 1936 -1.59 25.93 42.67
N LEU A 1937 -2.26 25.30 43.63
CA LEU A 1937 -3.70 25.42 43.77
C LEU A 1937 -4.12 26.57 44.69
N HIS A 1938 -3.17 27.21 45.36
CA HIS A 1938 -3.53 28.34 46.22
C HIS A 1938 -4.11 29.49 45.40
N ASP A 1939 -3.52 29.77 44.24
CA ASP A 1939 -4.02 30.81 43.37
C ASP A 1939 -5.08 30.22 42.43
N SER A 1940 -6.24 30.86 42.36
CA SER A 1940 -7.35 30.38 41.55
C SER A 1940 -7.64 31.30 40.36
N GLU A 1941 -6.64 32.07 39.94
CA GLU A 1941 -6.80 32.93 38.78
C GLU A 1941 -6.45 32.22 37.48
N HIS A 1942 -5.32 31.51 37.45
CA HIS A 1942 -4.91 30.79 36.26
C HIS A 1942 -5.70 29.51 36.05
N LEU A 1943 -6.32 28.97 37.10
CA LEU A 1943 -7.13 27.76 36.94
C LEU A 1943 -8.38 28.05 36.11
N THR A 1944 -9.09 29.13 36.42
CA THR A 1944 -10.27 29.49 35.67
C THR A 1944 -9.93 29.97 34.26
N TRP A 1945 -8.74 30.54 34.06
CA TRP A 1945 -8.36 31.01 32.73
C TRP A 1945 -8.26 29.84 31.76
N LEU A 1946 -7.69 28.72 32.18
CA LEU A 1946 -7.60 27.56 31.31
C LEU A 1946 -8.98 26.95 31.05
N ILE A 1947 -9.84 26.91 32.06
CA ILE A 1947 -11.14 26.27 31.92
C ILE A 1947 -12.02 27.03 30.95
N VAL A 1948 -12.07 28.35 31.07
CA VAL A 1948 -12.97 29.14 30.24
C VAL A 1948 -12.41 29.45 28.86
N ASN A 1949 -11.13 29.17 28.62
CA ASN A 1949 -10.52 29.44 27.33
C ASN A 1949 -10.00 28.21 26.61
N HIS A 1950 -9.78 27.09 27.31
CA HIS A 1950 -9.14 25.94 26.69
C HIS A 1950 -9.80 24.62 27.09
N ILE A 1951 -11.09 24.65 27.42
CA ILE A 1951 -11.75 23.42 27.86
C ILE A 1951 -11.80 22.41 26.72
N GLN A 1952 -11.99 22.89 25.49
CA GLN A 1952 -11.94 21.98 24.34
C GLN A 1952 -10.57 21.34 24.19
N ASP A 1953 -9.50 22.10 24.47
CA ASP A 1953 -8.16 21.55 24.45
C ASP A 1953 -7.85 20.71 25.68
N LEU A 1954 -8.43 21.05 26.84
CA LEU A 1954 -8.25 20.22 28.02
C LEU A 1954 -8.86 18.84 27.82
N ILE A 1955 -10.05 18.78 27.23
CA ILE A 1955 -10.71 17.50 26.99
C ILE A 1955 -9.91 16.69 25.98
N SER A 1956 -9.47 17.31 24.89
CA SER A 1956 -8.73 16.60 23.86
C SER A 1956 -7.38 16.12 24.36
N LEU A 1957 -6.79 16.82 25.32
CA LEU A 1957 -5.51 16.44 25.89
C LEU A 1957 -5.64 15.78 27.26
N SER A 1958 -6.85 15.32 27.61
CA SER A 1958 -7.10 14.75 28.93
C SER A 1958 -6.35 13.45 29.18
N HIS A 1959 -5.79 12.83 28.14
CA HIS A 1959 -5.01 11.61 28.33
C HIS A 1959 -3.59 11.88 28.80
N GLU A 1960 -3.17 13.15 28.85
CA GLU A 1960 -1.84 13.51 29.34
C GLU A 1960 -1.82 13.51 30.86
N PRO A 1961 -0.77 13.02 31.48
CA PRO A 1961 -0.72 12.94 32.95
C PRO A 1961 -0.92 14.29 33.63
N PRO A 1962 -0.33 15.38 33.13
CA PRO A 1962 -0.60 16.67 33.80
C PRO A 1962 -2.03 17.14 33.63
N VAL A 1963 -2.62 16.98 32.45
CA VAL A 1963 -4.01 17.35 32.26
C VAL A 1963 -4.92 16.43 33.05
N GLN A 1964 -4.54 15.16 33.23
CA GLN A 1964 -5.32 14.25 34.05
C GLN A 1964 -5.42 14.75 35.48
N ASP A 1965 -4.30 15.20 36.05
CA ASP A 1965 -4.32 15.74 37.40
C ASP A 1965 -5.02 17.09 37.45
N PHE A 1966 -4.91 17.88 36.40
CA PHE A 1966 -5.61 19.17 36.36
C PHE A 1966 -7.12 18.98 36.41
N ILE A 1967 -7.63 18.03 35.64
CA ILE A 1967 -9.05 17.72 35.68
C ILE A 1967 -9.43 17.13 37.04
N SER A 1968 -8.55 16.28 37.59
CA SER A 1968 -8.78 15.75 38.93
C SER A 1968 -8.84 16.86 39.96
N ALA A 1969 -7.95 17.85 39.83
CA ALA A 1969 -7.98 18.99 40.74
C ALA A 1969 -9.26 19.80 40.59
N VAL A 1970 -9.75 19.96 39.36
CA VAL A 1970 -11.01 20.67 39.15
C VAL A 1970 -12.17 19.92 39.80
N HIS A 1971 -12.18 18.59 39.67
CA HIS A 1971 -13.26 17.77 40.21
C HIS A 1971 -13.30 17.79 41.74
N ARG A 1972 -12.23 18.22 42.40
CA ARG A 1972 -12.21 18.33 43.85
C ARG A 1972 -12.60 19.71 44.34
N ASN A 1973 -12.96 20.62 43.44
CA ASN A 1973 -13.38 21.97 43.80
C ASN A 1973 -14.76 22.22 43.20
N SER A 1974 -15.70 22.62 44.06
CA SER A 1974 -17.06 22.89 43.59
C SER A 1974 -17.09 24.06 42.62
N ALA A 1975 -16.36 25.14 42.93
CA ALA A 1975 -16.34 26.29 42.04
C ALA A 1975 -15.67 25.96 40.71
N ALA A 1976 -14.56 25.24 40.75
CA ALA A 1976 -13.88 24.86 39.51
C ALA A 1976 -14.74 23.94 38.66
N SER A 1977 -15.43 22.98 39.29
CA SER A 1977 -16.31 22.09 38.56
C SER A 1977 -17.45 22.85 37.91
N GLY A 1978 -17.97 23.87 38.59
CA GLY A 1978 -19.02 24.68 38.00
C GLY A 1978 -18.58 25.37 36.72
N LEU A 1979 -17.34 25.88 36.71
CA LEU A 1979 -16.83 26.49 35.50
C LEU A 1979 -16.64 25.46 34.39
N PHE A 1980 -16.33 24.22 34.76
CA PHE A 1980 -16.14 23.16 33.77
C PHE A 1980 -17.44 22.88 33.02
N ILE A 1981 -18.55 22.79 33.75
CA ILE A 1981 -19.83 22.50 33.10
C ILE A 1981 -20.27 23.66 32.22
N GLN A 1982 -20.13 24.89 32.73
CA GLN A 1982 -20.55 26.06 31.97
C GLN A 1982 -19.75 26.20 30.70
N ALA A 1983 -18.46 25.86 30.73
CA ALA A 1983 -17.62 25.99 29.55
C ALA A 1983 -17.97 24.96 28.49
N ILE A 1984 -18.31 23.73 28.91
CA ILE A 1984 -18.68 22.69 27.94
C ILE A 1984 -19.95 23.09 27.19
N GLN A 1985 -20.95 23.60 27.92
CA GLN A 1985 -22.20 24.00 27.28
C GLN A 1985 -21.96 25.09 26.24
N SER A 1986 -20.98 25.97 26.49
CA SER A 1986 -20.69 27.02 25.53
C SER A 1986 -19.95 26.48 24.31
N ARG A 1987 -19.25 25.35 24.46
CA ARG A 1987 -18.45 24.79 23.37
C ARG A 1987 -18.84 23.34 23.07
N CYS A 1988 -20.07 22.93 23.36
CA CYS A 1988 -20.48 21.56 23.12
C CYS A 1988 -20.67 21.27 21.63
N GLU A 1989 -20.88 22.31 20.81
CA GLU A 1989 -21.02 22.09 19.38
C GLU A 1989 -19.75 21.51 18.78
N ASN A 1990 -18.59 22.01 19.19
CA ASN A 1990 -17.33 21.45 18.75
C ASN A 1990 -17.08 20.06 19.33
N LEU A 1991 -17.68 19.75 20.48
CA LEU A 1991 -17.55 18.43 21.09
C LEU A 1991 -18.63 17.48 20.60
N SER A 1992 -18.76 17.37 19.27
CA SER A 1992 -19.73 16.49 18.64
C SER A 1992 -19.11 15.27 17.98
N THR A 1993 -17.80 15.29 17.73
CA THR A 1993 -17.13 14.12 17.20
C THR A 1993 -17.23 12.97 18.21
N PRO A 1994 -17.50 11.75 17.75
CA PRO A 1994 -17.60 10.63 18.70
C PRO A 1994 -16.35 10.45 19.55
N THR A 1995 -15.16 10.66 18.99
CA THR A 1995 -13.94 10.58 19.79
C THR A 1995 -13.89 11.72 20.80
N MET A 1996 -14.18 12.95 20.36
CA MET A 1996 -14.15 14.09 21.28
C MET A 1996 -15.22 13.97 22.35
N LEU A 1997 -16.43 13.55 21.97
CA LEU A 1997 -17.50 13.39 22.94
C LEU A 1997 -17.22 12.27 23.93
N LYS A 1998 -16.50 11.22 23.51
CA LYS A 1998 -16.12 10.17 24.43
C LYS A 1998 -15.21 10.70 25.54
N LYS A 1999 -14.23 11.53 25.17
CA LYS A 1999 -13.34 12.12 26.17
C LYS A 1999 -14.09 13.08 27.07
N THR A 2000 -15.07 13.80 26.52
CA THR A 2000 -15.84 14.74 27.31
C THR A 2000 -16.59 14.03 28.44
N LEU A 2001 -17.16 12.86 28.15
CA LEU A 2001 -17.88 12.12 29.18
C LEU A 2001 -16.93 11.54 30.22
N GLN A 2002 -15.73 11.13 29.79
CA GLN A 2002 -14.75 10.63 30.75
C GLN A 2002 -14.36 11.70 31.76
N CYS A 2003 -14.13 12.93 31.28
CA CYS A 2003 -13.84 14.03 32.18
C CYS A 2003 -15.04 14.44 33.01
N LEU A 2004 -16.25 14.19 32.53
CA LEU A 2004 -17.47 14.63 33.19
C LEU A 2004 -18.03 13.59 34.15
N GLU A 2005 -17.36 12.46 34.32
CA GLU A 2005 -17.84 11.37 35.18
C GLU A 2005 -17.43 11.54 36.63
N GLY A 2006 -16.19 11.96 36.88
CA GLY A 2006 -15.70 12.17 38.23
C GLY A 2006 -15.90 13.55 38.78
N ILE A 2007 -16.81 14.33 38.18
CA ILE A 2007 -16.99 15.72 38.59
C ILE A 2007 -17.56 15.78 40.02
N HIS A 2008 -17.43 16.95 40.63
CA HIS A 2008 -17.76 17.12 42.04
C HIS A 2008 -19.24 16.86 42.30
N LEU A 2009 -19.53 16.38 43.52
CA LEU A 2009 -20.90 16.03 43.89
C LEU A 2009 -21.79 17.26 43.92
N SER A 2010 -21.27 18.40 44.40
CA SER A 2010 -22.08 19.60 44.54
C SER A 2010 -22.56 20.13 43.19
N GLN A 2011 -21.93 19.73 42.10
CA GLN A 2011 -22.33 20.14 40.76
C GLN A 2011 -23.16 19.07 40.06
N SER A 2012 -23.81 18.19 40.82
CA SER A 2012 -24.59 17.12 40.22
C SER A 2012 -25.76 17.65 39.40
N GLY A 2013 -26.43 18.69 39.91
CA GLY A 2013 -27.57 19.24 39.18
C GLY A 2013 -27.17 19.85 37.85
N ALA A 2014 -26.05 20.56 37.81
CA ALA A 2014 -25.62 21.22 36.58
C ALA A 2014 -25.22 20.20 35.52
N VAL A 2015 -24.43 19.19 35.91
CA VAL A 2015 -23.99 18.18 34.95
C VAL A 2015 -25.16 17.33 34.48
N LEU A 2016 -26.13 17.07 35.37
CA LEU A 2016 -27.30 16.29 34.98
C LEU A 2016 -28.12 17.03 33.92
N THR A 2017 -28.25 18.35 34.07
CA THR A 2017 -28.94 19.14 33.06
C THR A 2017 -28.22 19.07 31.72
N LEU A 2018 -26.89 19.12 31.75
CA LEU A 2018 -26.12 19.08 30.51
C LEU A 2018 -26.29 17.75 29.79
N TYR A 2019 -26.37 16.66 30.55
CA TYR A 2019 -26.43 15.33 29.94
C TYR A 2019 -27.65 15.18 29.03
N VAL A 2020 -28.83 15.49 29.56
CA VAL A 2020 -30.07 15.27 28.80
C VAL A 2020 -30.23 16.33 27.72
N ASP A 2021 -29.87 17.58 28.03
CA ASP A 2021 -30.20 18.69 27.13
C ASP A 2021 -29.40 18.62 25.84
N ARG A 2022 -28.10 18.33 25.93
CA ARG A 2022 -27.22 18.46 24.78
C ARG A 2022 -26.44 17.21 24.41
N LEU A 2023 -26.40 16.18 25.25
CA LEU A 2023 -25.58 15.01 24.98
C LEU A 2023 -26.36 13.71 24.86
N LEU A 2024 -27.59 13.63 25.38
CA LEU A 2024 -28.32 12.38 25.32
C LEU A 2024 -28.76 12.04 23.89
N CYS A 2025 -29.25 13.04 23.16
CA CYS A 2025 -29.77 12.82 21.80
C CYS A 2025 -28.60 12.87 20.81
N THR A 2026 -28.04 11.70 20.52
CA THR A 2026 -26.94 11.57 19.58
C THR A 2026 -27.14 10.32 18.74
N PRO A 2027 -26.77 10.38 17.46
CA PRO A 2027 -26.86 9.17 16.61
C PRO A 2027 -25.92 8.06 17.01
N PHE A 2028 -24.88 8.35 17.80
CA PHE A 2028 -23.93 7.34 18.25
C PHE A 2028 -24.51 6.71 19.52
N ARG A 2029 -25.01 5.48 19.38
CA ARG A 2029 -25.72 4.84 20.48
C ARG A 2029 -24.79 4.48 21.63
N VAL A 2030 -23.53 4.17 21.35
CA VAL A 2030 -22.60 3.82 22.41
C VAL A 2030 -22.37 5.02 23.33
N LEU A 2031 -22.35 6.22 22.75
CA LEU A 2031 -22.25 7.43 23.56
C LEU A 2031 -23.57 7.78 24.21
N ALA A 2032 -24.69 7.49 23.56
CA ALA A 2032 -26.00 7.78 24.13
C ALA A 2032 -26.22 6.98 25.41
N ARG A 2033 -25.82 5.70 25.41
CA ARG A 2033 -25.95 4.89 26.61
C ARG A 2033 -24.91 5.27 27.67
N MET A 2034 -23.77 5.79 27.25
CA MET A 2034 -22.78 6.30 28.20
C MET A 2034 -23.35 7.48 28.97
N VAL A 2035 -24.04 8.39 28.27
CA VAL A 2035 -24.70 9.51 28.93
C VAL A 2035 -25.79 9.00 29.87
N ASP A 2036 -26.56 8.01 29.42
CA ASP A 2036 -27.63 7.47 30.26
C ASP A 2036 -27.06 6.83 31.52
N ILE A 2037 -25.95 6.10 31.40
CA ILE A 2037 -25.32 5.50 32.57
C ILE A 2037 -24.85 6.58 33.53
N LEU A 2038 -24.16 7.59 33.01
CA LEU A 2038 -23.68 8.68 33.87
C LEU A 2038 -24.83 9.47 34.47
N ALA A 2039 -25.87 9.75 33.67
CA ALA A 2039 -27.01 10.48 34.19
C ALA A 2039 -27.75 9.68 35.26
N CYS A 2040 -27.84 8.36 35.07
CA CYS A 2040 -28.44 7.51 36.10
C CYS A 2040 -27.65 7.55 37.38
N ARG A 2041 -26.31 7.54 37.27
CA ARG A 2041 -25.47 7.65 38.46
C ARG A 2041 -25.67 8.98 39.18
N ARG A 2042 -25.77 10.07 38.41
CA ARG A 2042 -25.89 11.39 39.02
C ARG A 2042 -27.16 11.51 39.85
N VAL A 2043 -28.27 10.98 39.34
CA VAL A 2043 -29.51 10.98 40.12
C VAL A 2043 -29.37 10.08 41.34
N GLU A 2044 -28.61 8.98 41.21
CA GLU A 2044 -28.47 8.05 42.33
C GLU A 2044 -27.82 8.73 43.53
N MET A 2045 -26.75 9.52 43.30
CA MET A 2045 -26.15 10.26 44.41
C MET A 2045 -27.06 11.42 44.83
N LEU A 2046 -27.89 11.91 43.91
CA LEU A 2046 -28.76 13.03 44.24
C LEU A 2046 -29.79 12.67 45.29
N LEU A 2047 -30.43 11.51 45.15
CA LEU A 2047 -31.43 11.07 46.13
C LEU A 2047 -30.82 10.27 47.27
N ALA A 2048 -29.52 10.01 47.25
CA ALA A 2048 -28.83 9.36 48.35
C ALA A 2048 -28.04 10.36 49.21
N ALA A 2049 -28.26 11.65 49.01
CA ALA A 2049 -27.59 12.71 49.75
C ALA A 2049 -28.64 13.50 50.53
N ASN A 2050 -28.19 14.61 51.11
CA ASN A 2050 -29.10 15.47 51.87
C ASN A 2050 -30.24 15.96 50.97
N LEU A 2051 -31.45 15.96 51.53
CA LEU A 2051 -32.62 16.33 50.73
C LEU A 2051 -32.55 17.78 50.30
N GLN A 2052 -32.31 18.69 51.25
CA GLN A 2052 -32.35 20.11 50.94
C GLN A 2052 -31.24 20.50 49.98
N SER A 2053 -30.07 19.86 50.10
CA SER A 2053 -29.00 20.10 49.13
C SER A 2053 -29.41 19.63 47.74
N SER A 2054 -30.09 18.48 47.66
CA SER A 2054 -30.53 17.97 46.37
C SER A 2054 -31.54 18.91 45.71
N MET A 2055 -32.48 19.44 46.50
CA MET A 2055 -33.44 20.40 45.97
C MET A 2055 -32.74 21.67 45.48
N ALA A 2056 -31.71 22.12 46.19
CA ALA A 2056 -30.95 23.28 45.71
C ALA A 2056 -30.32 23.00 44.36
N GLN A 2057 -29.79 21.79 44.18
CA GLN A 2057 -29.14 21.44 42.91
C GLN A 2057 -30.15 21.33 41.78
N LEU A 2058 -31.36 20.83 42.07
CA LEU A 2058 -32.39 20.67 41.06
C LEU A 2058 -33.59 21.56 41.39
N PRO A 2059 -33.71 22.73 40.76
CA PRO A 2059 -34.92 23.53 40.95
C PRO A 2059 -36.16 22.78 40.47
N MET A 2060 -37.29 23.09 41.11
CA MET A 2060 -38.54 22.42 40.76
C MET A 2060 -38.89 22.64 39.29
N GLU A 2061 -38.72 23.87 38.80
CA GLU A 2061 -38.93 24.13 37.38
C GLU A 2061 -37.95 23.34 36.53
N GLU A 2062 -36.69 23.27 36.96
CA GLU A 2062 -35.71 22.46 36.25
C GLU A 2062 -36.07 20.98 36.30
N LEU A 2063 -36.55 20.51 37.45
CA LEU A 2063 -36.94 19.11 37.58
C LEU A 2063 -38.16 18.80 36.72
N ASN A 2064 -39.06 19.78 36.57
CA ASN A 2064 -40.20 19.58 35.68
C ASN A 2064 -39.77 19.68 34.22
N ARG A 2065 -38.90 20.63 33.90
CA ARG A 2065 -38.49 20.82 32.51
C ARG A 2065 -37.67 19.64 32.00
N ILE A 2066 -36.84 19.05 32.86
CA ILE A 2066 -36.01 17.93 32.45
C ILE A 2066 -36.89 16.73 32.10
N GLN A 2067 -38.00 16.55 32.83
CA GLN A 2067 -38.88 15.42 32.56
C GLN A 2067 -39.75 15.68 31.34
N GLU A 2068 -40.21 16.92 31.16
CA GLU A 2068 -41.06 17.24 30.01
C GLU A 2068 -40.31 17.04 28.70
N TYR A 2069 -39.04 17.45 28.66
CA TYR A 2069 -38.24 17.23 27.46
C TYR A 2069 -38.05 15.75 27.20
N LEU A 2070 -37.89 14.96 28.26
CA LEU A 2070 -37.78 13.51 28.10
C LEU A 2070 -39.06 12.94 27.49
N GLN A 2071 -40.22 13.40 27.96
CA GLN A 2071 -41.48 12.92 27.41
C GLN A 2071 -41.75 13.52 26.03
N SER A 2072 -41.36 14.78 25.82
CA SER A 2072 -41.56 15.42 24.52
C SER A 2072 -40.79 14.69 23.43
N SER A 2073 -39.55 14.29 23.70
CA SER A 2073 -38.80 13.46 22.78
C SER A 2073 -39.06 11.98 23.08
N GLY A 2074 -38.42 11.12 22.30
CA GLY A 2074 -38.55 9.70 22.52
C GLY A 2074 -37.63 9.13 23.58
N LEU A 2075 -36.79 9.97 24.19
CA LEU A 2075 -35.79 9.49 25.14
C LEU A 2075 -36.41 8.89 26.40
N ALA A 2076 -37.67 9.22 26.69
CA ALA A 2076 -38.33 8.63 27.87
C ALA A 2076 -38.45 7.12 27.73
N GLN A 2077 -38.79 6.64 26.54
CA GLN A 2077 -38.91 5.20 26.30
C GLN A 2077 -37.58 4.55 25.95
N ARG A 2078 -36.63 5.32 25.40
CA ARG A 2078 -35.33 4.77 25.06
C ARG A 2078 -34.46 4.55 26.30
N HIS A 2079 -34.60 5.41 27.31
CA HIS A 2079 -33.86 5.29 28.56
C HIS A 2079 -34.88 5.19 29.68
N GLN A 2080 -35.34 3.97 29.96
CA GLN A 2080 -36.37 3.78 30.98
C GLN A 2080 -35.81 3.98 32.38
N ARG A 2081 -34.58 3.52 32.62
CA ARG A 2081 -33.99 3.62 33.94
C ARG A 2081 -33.81 5.07 34.36
N LEU A 2082 -33.35 5.92 33.45
CA LEU A 2082 -33.12 7.32 33.79
C LEU A 2082 -34.43 8.03 34.13
N TYR A 2083 -35.48 7.79 33.34
CA TYR A 2083 -36.76 8.43 33.61
C TYR A 2083 -37.36 7.91 34.92
N SER A 2084 -37.24 6.61 35.17
CA SER A 2084 -37.74 6.06 36.43
C SER A 2084 -36.98 6.64 37.61
N LEU A 2085 -35.66 6.79 37.48
CA LEU A 2085 -34.88 7.44 38.54
C LEU A 2085 -35.27 8.90 38.70
N LEU A 2086 -35.54 9.59 37.59
CA LEU A 2086 -36.02 10.97 37.67
C LEU A 2086 -37.35 11.04 38.40
N ASP A 2087 -38.26 10.12 38.09
CA ASP A 2087 -39.54 10.07 38.80
C ASP A 2087 -39.34 9.68 40.26
N ARG A 2088 -38.41 8.77 40.53
CA ARG A 2088 -38.17 8.33 41.90
C ARG A 2088 -37.70 9.48 42.77
N PHE A 2089 -36.95 10.41 42.20
CA PHE A 2089 -36.50 11.58 42.96
C PHE A 2089 -37.65 12.55 43.20
N ARG A 2090 -38.62 12.60 42.28
CA ARG A 2090 -39.63 13.65 42.32
C ARG A 2090 -40.58 13.47 43.50
N LEU A 2091 -41.13 12.26 43.67
CA LEU A 2091 -42.08 12.07 44.77
C LEU A 2091 -41.40 12.06 46.13
N SER A 2092 -40.08 11.85 46.16
CA SER A 2092 -39.33 12.05 47.40
C SER A 2092 -39.37 13.50 47.84
N THR A 2093 -39.32 14.43 46.88
CA THR A 2093 -39.42 15.86 47.14
C THR A 2093 -40.83 16.40 46.95
N MET A 2094 -41.85 15.54 47.07
CA MET A 2094 -43.24 15.93 46.87
C MET A 2094 -43.47 16.60 45.53
N VAL A 2120 -66.49 -1.19 24.13
CA VAL A 2120 -65.91 -0.91 22.82
C VAL A 2120 -65.80 -2.19 22.02
N SER A 2121 -66.27 -2.16 20.77
CA SER A 2121 -66.21 -3.31 19.90
C SER A 2121 -65.25 -3.06 18.74
N PRO A 2122 -64.38 -4.01 18.43
CA PRO A 2122 -63.40 -3.84 17.34
C PRO A 2122 -64.03 -4.03 15.96
N ASP A 2123 -64.65 -2.96 15.47
CA ASP A 2123 -65.32 -2.98 14.18
C ASP A 2123 -64.34 -2.54 13.08
N LYS A 2124 -64.88 -2.31 11.88
CA LYS A 2124 -64.04 -1.84 10.77
C LYS A 2124 -63.43 -0.47 11.06
N ASP A 2125 -64.24 0.44 11.62
CA ASP A 2125 -63.73 1.77 11.93
C ASP A 2125 -62.62 1.74 12.95
N TRP A 2126 -62.59 0.72 13.82
CA TRP A 2126 -61.51 0.59 14.77
C TRP A 2126 -60.25 0.02 14.11
N TYR A 2127 -60.42 -0.84 13.11
CA TYR A 2127 -59.25 -1.42 12.44
C TYR A 2127 -58.47 -0.36 11.67
N VAL A 2128 -59.17 0.50 10.92
CA VAL A 2128 -58.49 1.45 10.04
C VAL A 2128 -57.64 2.42 10.86
N HIS A 2129 -58.11 2.77 12.06
CA HIS A 2129 -57.34 3.70 12.89
C HIS A 2129 -56.04 3.07 13.39
N LEU A 2130 -56.02 1.76 13.60
CA LEU A 2130 -54.80 1.11 14.06
C LEU A 2130 -53.71 1.17 13.00
N VAL A 2131 -54.02 0.77 11.77
CA VAL A 2131 -53.05 0.89 10.69
C VAL A 2131 -52.74 2.35 10.40
N LYS A 2132 -53.70 3.25 10.65
CA LYS A 2132 -53.42 4.68 10.53
C LYS A 2132 -52.33 5.11 11.50
N SER A 2133 -52.37 4.60 12.73
CA SER A 2133 -51.37 4.95 13.73
C SER A 2133 -49.99 4.41 13.38
N GLN A 2134 -49.90 3.39 12.53
CA GLN A 2134 -48.63 2.79 12.17
C GLN A 2134 -48.16 3.16 10.77
N CYS A 2135 -49.04 3.11 9.78
CA CYS A 2135 -48.67 3.40 8.40
C CYS A 2135 -48.54 4.89 8.11
N TRP A 2136 -49.16 5.75 8.90
CA TRP A 2136 -49.04 7.20 8.73
C TRP A 2136 -47.95 7.75 9.65
N THR A 2137 -46.76 7.19 9.50
CA THR A 2137 -45.61 7.56 10.31
C THR A 2137 -44.35 7.35 9.47
N ARG A 2138 -43.29 8.08 9.80
CA ARG A 2138 -42.03 8.03 9.05
C ARG A 2138 -41.12 6.94 9.58
N SER A 2139 -41.71 5.88 10.14
CA SER A 2139 -40.95 4.79 10.75
C SER A 2139 -40.76 3.68 9.73
N ASP A 2140 -39.50 3.26 9.55
CA ASP A 2140 -39.16 2.15 8.68
C ASP A 2140 -38.87 0.87 9.45
N SER A 2141 -39.20 0.83 10.74
CA SER A 2141 -38.86 -0.32 11.56
C SER A 2141 -39.57 -1.58 11.10
N ALA A 2142 -40.86 -1.48 10.81
CA ALA A 2142 -41.68 -2.63 10.42
C ALA A 2142 -42.43 -2.27 9.14
N LEU A 2143 -41.80 -2.52 7.99
CA LEU A 2143 -42.45 -2.28 6.71
C LEU A 2143 -43.17 -3.51 6.18
N LEU A 2144 -42.65 -4.70 6.44
CA LEU A 2144 -43.35 -5.91 6.03
C LEU A 2144 -44.67 -6.06 6.78
N GLU A 2145 -44.66 -5.81 8.09
CA GLU A 2145 -45.91 -5.83 8.86
C GLU A 2145 -46.79 -4.65 8.48
N GLY A 2146 -46.19 -3.49 8.20
CA GLY A 2146 -46.95 -2.34 7.78
C GLY A 2146 -47.66 -2.56 6.46
N ALA A 2147 -46.98 -3.21 5.51
CA ALA A 2147 -47.59 -3.48 4.21
C ALA A 2147 -48.78 -4.42 4.35
N GLU A 2148 -48.68 -5.43 5.21
CA GLU A 2148 -49.79 -6.34 5.43
C GLU A 2148 -50.97 -5.67 6.13
N LEU A 2149 -50.71 -4.60 6.89
CA LEU A 2149 -51.80 -3.91 7.59
C LEU A 2149 -52.73 -3.21 6.60
N VAL A 2150 -52.16 -2.45 5.66
CA VAL A 2150 -52.97 -1.78 4.65
C VAL A 2150 -53.58 -2.78 3.70
N ASN A 2151 -52.92 -3.92 3.46
CA ASN A 2151 -53.44 -4.92 2.54
C ASN A 2151 -54.81 -5.43 2.96
N ARG A 2152 -55.10 -5.43 4.26
CA ARG A 2152 -56.35 -5.98 4.77
C ARG A 2152 -57.48 -4.96 4.82
N ILE A 2153 -57.21 -3.68 4.55
CA ILE A 2153 -58.26 -2.67 4.54
C ILE A 2153 -59.10 -2.86 3.28
N PRO A 2154 -60.34 -2.35 3.25
CA PRO A 2154 -61.16 -2.53 2.04
C PRO A 2154 -60.51 -1.91 0.82
N ALA A 2155 -60.72 -2.56 -0.33
CA ALA A 2155 -60.08 -2.11 -1.57
C ALA A 2155 -60.57 -0.73 -1.98
N GLU A 2156 -61.82 -0.38 -1.67
CA GLU A 2156 -62.34 0.93 -2.04
C GLU A 2156 -61.60 2.05 -1.33
N ASP A 2157 -61.27 1.85 -0.05
CA ASP A 2157 -60.54 2.86 0.71
C ASP A 2157 -59.04 2.79 0.49
N MET A 2158 -58.56 1.80 -0.26
CA MET A 2158 -57.13 1.66 -0.49
C MET A 2158 -56.57 2.84 -1.28
N ASN A 2159 -57.31 3.29 -2.31
CA ASN A 2159 -56.84 4.41 -3.12
C ASN A 2159 -56.72 5.68 -2.28
N ALA A 2160 -57.72 5.94 -1.43
CA ALA A 2160 -57.68 7.16 -0.62
C ALA A 2160 -56.58 7.10 0.42
N PHE A 2161 -56.33 5.92 0.98
CA PHE A 2161 -55.37 5.80 2.08
C PHE A 2161 -53.95 6.10 1.63
N MET A 2162 -53.51 5.47 0.54
CA MET A 2162 -52.13 5.62 0.10
C MET A 2162 -51.89 6.96 -0.59
N MET A 2163 -52.92 7.50 -1.28
CA MET A 2163 -52.77 8.77 -1.98
C MET A 2163 -52.80 9.96 -1.03
N ASN A 2164 -53.17 9.77 0.23
CA ASN A 2164 -53.40 10.86 1.15
C ASN A 2164 -52.06 11.20 1.82
N SER A 2165 -51.67 12.46 1.75
CA SER A 2165 -50.38 12.89 2.28
C SER A 2165 -50.31 12.71 3.79
N GLU A 2166 -49.08 12.48 4.28
CA GLU A 2166 -48.63 11.98 5.58
C GLU A 2166 -48.68 10.45 5.63
N PHE A 2167 -49.08 9.78 4.55
CA PHE A 2167 -48.91 8.33 4.45
C PHE A 2167 -47.46 8.02 4.15
N ASN A 2168 -46.94 6.96 4.77
CA ASN A 2168 -45.53 6.63 4.62
C ASN A 2168 -45.24 6.21 3.19
N LEU A 2169 -44.42 6.99 2.50
CA LEU A 2169 -43.97 6.63 1.15
C LEU A 2169 -42.98 5.48 1.15
N SER A 2170 -42.42 5.13 2.32
CA SER A 2170 -41.55 3.97 2.40
C SER A 2170 -42.32 2.66 2.36
N LEU A 2171 -43.64 2.70 2.47
CA LEU A 2171 -44.48 1.51 2.37
C LEU A 2171 -44.95 1.24 0.96
N LEU A 2172 -44.62 2.12 0.00
CA LEU A 2172 -45.05 1.91 -1.38
C LEU A 2172 -44.37 0.68 -1.99
N ALA A 2173 -43.04 0.58 -1.86
CA ALA A 2173 -42.34 -0.56 -2.40
C ALA A 2173 -42.74 -1.87 -1.73
N PRO A 2174 -42.82 -1.98 -0.39
CA PRO A 2174 -43.30 -3.25 0.20
C PRO A 2174 -44.71 -3.61 -0.24
N CYS A 2175 -45.58 -2.61 -0.43
CA CYS A 2175 -46.93 -2.90 -0.89
C CYS A 2175 -46.94 -3.51 -2.29
N LEU A 2176 -46.09 -2.98 -3.18
CA LEU A 2176 -45.98 -3.56 -4.52
C LEU A 2176 -45.41 -4.96 -4.46
N SER A 2177 -44.40 -5.19 -3.61
CA SER A 2177 -43.84 -6.53 -3.47
C SER A 2177 -44.84 -7.50 -2.87
N LEU A 2178 -45.56 -7.07 -1.83
CA LEU A 2178 -46.58 -7.92 -1.24
C LEU A 2178 -47.73 -8.14 -2.21
N GLY A 2179 -48.14 -7.10 -2.93
CA GLY A 2179 -49.18 -7.26 -3.92
C GLY A 2179 -48.74 -8.16 -5.08
N MET A 2180 -47.45 -8.15 -5.39
CA MET A 2180 -46.95 -9.01 -6.46
C MET A 2180 -47.13 -10.49 -6.14
N SER A 2181 -46.94 -10.86 -4.87
CA SER A 2181 -47.10 -12.26 -4.48
C SER A 2181 -48.51 -12.76 -4.77
N GLU A 2182 -49.52 -11.89 -4.59
CA GLU A 2182 -50.88 -12.30 -4.90
C GLU A 2182 -51.11 -12.41 -6.40
N ILE A 2183 -50.59 -11.46 -7.18
CA ILE A 2183 -50.73 -11.52 -8.63
C ILE A 2183 -50.00 -12.73 -9.19
N SER A 2184 -48.80 -13.00 -8.69
CA SER A 2184 -48.05 -14.18 -9.14
C SER A 2184 -48.79 -15.47 -8.81
N GLY A 2185 -49.70 -15.43 -7.84
CA GLY A 2185 -50.52 -16.58 -7.51
C GLY A 2185 -51.81 -16.62 -8.30
N GLY A 2186 -51.92 -15.74 -9.29
CA GLY A 2186 -53.10 -15.71 -10.14
C GLY A 2186 -54.20 -14.80 -9.62
N GLN A 2187 -54.30 -14.67 -8.30
CA GLN A 2187 -55.34 -13.84 -7.71
C GLN A 2187 -55.09 -12.36 -8.01
N LYS A 2188 -56.17 -11.64 -8.30
CA LYS A 2188 -56.07 -10.20 -8.50
C LYS A 2188 -55.71 -9.52 -7.19
N SER A 2189 -54.74 -8.60 -7.26
CA SER A 2189 -54.22 -7.91 -6.09
C SER A 2189 -54.71 -6.46 -6.12
N ALA A 2190 -55.62 -6.13 -5.20
CA ALA A 2190 -56.07 -4.74 -5.09
C ALA A 2190 -54.96 -3.86 -4.52
N LEU A 2191 -54.13 -4.42 -3.65
CA LEU A 2191 -53.03 -3.64 -3.07
C LEU A 2191 -52.03 -3.20 -4.13
N PHE A 2192 -51.68 -4.10 -5.04
CA PHE A 2192 -50.75 -3.72 -6.12
C PHE A 2192 -51.37 -2.67 -7.03
N GLU A 2193 -52.65 -2.83 -7.35
CA GLU A 2193 -53.32 -1.84 -8.20
C GLU A 2193 -53.36 -0.47 -7.52
N ALA A 2194 -53.68 -0.45 -6.23
CA ALA A 2194 -53.71 0.82 -5.50
C ALA A 2194 -52.32 1.43 -5.40
N ALA A 2195 -51.31 0.61 -5.08
CA ALA A 2195 -49.95 1.14 -4.94
C ALA A 2195 -49.40 1.63 -6.27
N ARG A 2196 -49.70 0.90 -7.36
CA ARG A 2196 -49.20 1.29 -8.67
C ARG A 2196 -49.78 2.66 -9.09
N GLU A 2197 -51.08 2.85 -8.88
CA GLU A 2197 -51.69 4.12 -9.26
C GLU A 2197 -51.27 5.25 -8.33
N VAL A 2198 -50.87 4.93 -7.10
CA VAL A 2198 -50.34 5.97 -6.22
C VAL A 2198 -48.88 6.27 -6.54
N THR A 2199 -48.09 5.25 -6.87
CA THR A 2199 -46.69 5.47 -7.21
C THR A 2199 -46.55 6.35 -8.44
N LEU A 2200 -47.35 6.08 -9.48
CA LEU A 2200 -47.28 6.88 -10.70
C LEU A 2200 -47.77 8.29 -10.46
N ALA A 2201 -48.82 8.45 -9.63
CA ALA A 2201 -49.33 9.78 -9.34
C ALA A 2201 -48.28 10.63 -8.62
N ARG A 2202 -47.59 10.05 -7.64
CA ARG A 2202 -46.54 10.77 -6.94
C ARG A 2202 -45.34 11.04 -7.83
N VAL A 2203 -45.01 10.09 -8.72
CA VAL A 2203 -43.89 10.31 -9.64
C VAL A 2203 -44.21 11.47 -10.59
N SER A 2204 -45.42 11.48 -11.14
CA SER A 2204 -45.82 12.59 -12.01
C SER A 2204 -45.93 13.89 -11.23
N GLY A 2205 -46.44 13.82 -10.00
CA GLY A 2205 -46.56 15.03 -9.19
C GLY A 2205 -45.22 15.65 -8.85
N THR A 2206 -44.20 14.83 -8.60
CA THR A 2206 -42.86 15.34 -8.36
C THR A 2206 -42.29 16.03 -9.60
N VAL A 2207 -42.55 15.47 -10.79
CA VAL A 2207 -42.03 16.04 -12.03
C VAL A 2207 -42.59 17.44 -12.26
N GLN A 2208 -43.84 17.67 -11.88
CA GLN A 2208 -44.45 18.98 -12.09
C GLN A 2208 -43.67 20.10 -11.42
N GLN A 2209 -43.01 19.81 -10.30
CA GLN A 2209 -42.24 20.82 -9.59
C GLN A 2209 -40.88 21.10 -10.23
N LEU A 2210 -40.47 20.30 -11.21
CA LEU A 2210 -39.21 20.53 -11.89
C LEU A 2210 -39.31 21.74 -12.83
N PRO A 2211 -38.18 22.36 -13.16
CA PRO A 2211 -38.21 23.46 -14.13
C PRO A 2211 -38.74 22.99 -15.48
N ALA A 2212 -39.42 23.91 -16.17
CA ALA A 2212 -40.05 23.57 -17.44
C ALA A 2212 -39.01 23.17 -18.49
N VAL A 2213 -37.89 23.89 -18.54
CA VAL A 2213 -36.84 23.65 -19.53
C VAL A 2213 -35.69 22.95 -18.83
N HIS A 2214 -35.25 21.83 -19.39
CA HIS A 2214 -34.20 21.01 -18.81
C HIS A 2214 -32.86 21.31 -19.47
N HIS A 2215 -31.82 21.46 -18.65
CA HIS A 2215 -30.46 21.64 -19.12
C HIS A 2215 -29.60 20.48 -18.63
N VAL A 2216 -28.52 20.22 -19.35
CA VAL A 2216 -27.62 19.14 -18.97
C VAL A 2216 -26.97 19.46 -17.63
N PHE A 2217 -27.04 18.51 -16.70
CA PHE A 2217 -26.46 18.71 -15.38
C PHE A 2217 -24.94 18.86 -15.49
N GLN A 2218 -24.42 19.92 -14.87
CA GLN A 2218 -22.98 20.21 -14.89
C GLN A 2218 -22.43 20.10 -13.48
N PRO A 2219 -21.78 18.98 -13.14
CA PRO A 2219 -21.20 18.85 -11.79
C PRO A 2219 -20.07 19.83 -11.50
N GLU A 2220 -19.47 20.42 -12.53
CA GLU A 2220 -18.34 21.32 -12.34
C GLU A 2220 -18.77 22.77 -12.11
N LEU A 2221 -19.48 23.35 -13.08
CA LEU A 2221 -19.88 24.75 -13.00
C LEU A 2221 -21.38 24.82 -13.26
N PRO A 2222 -22.20 24.63 -12.21
CA PRO A 2222 -23.65 24.82 -12.35
C PRO A 2222 -24.06 26.26 -12.02
N ALA A 2223 -23.55 27.21 -12.80
CA ALA A 2223 -23.84 28.62 -12.53
C ALA A 2223 -24.15 29.47 -13.76
N GLU A 2224 -23.95 28.97 -14.99
CA GLU A 2224 -24.14 29.83 -16.16
C GLU A 2224 -25.59 30.28 -16.28
N PRO A 2225 -26.59 29.39 -16.26
CA PRO A 2225 -27.96 29.86 -16.01
C PRO A 2225 -28.12 30.29 -14.56
N ALA A 2226 -28.99 31.27 -14.34
CA ALA A 2226 -29.23 31.80 -13.01
C ALA A 2226 -30.46 31.17 -12.35
N ALA A 2227 -31.62 31.30 -12.99
CA ALA A 2227 -32.85 30.76 -12.41
C ALA A 2227 -32.84 29.24 -12.40
N TYR A 2228 -32.30 28.62 -13.46
CA TYR A 2228 -32.36 27.17 -13.58
C TYR A 2228 -31.58 26.49 -12.46
N TRP A 2229 -30.33 26.88 -12.25
CA TRP A 2229 -29.52 26.25 -11.22
C TRP A 2229 -29.95 26.64 -9.82
N SER A 2230 -30.55 27.82 -9.65
CA SER A 2230 -31.15 28.17 -8.37
C SER A 2230 -32.45 27.42 -8.12
N LYS A 2231 -33.20 27.08 -9.16
CA LYS A 2231 -34.42 26.29 -8.99
C LYS A 2231 -34.10 24.87 -8.57
N LEU A 2232 -32.92 24.36 -8.93
CA LEU A 2232 -32.52 23.04 -8.46
C LEU A 2232 -32.04 23.10 -7.00
N ASN A 2233 -31.37 24.20 -6.63
CA ASN A 2233 -30.84 24.31 -5.27
C ASN A 2233 -31.96 24.34 -4.24
N ASP A 2234 -33.02 25.11 -4.52
CA ASP A 2234 -34.14 25.14 -3.58
C ASP A 2234 -34.99 23.88 -3.64
N LEU A 2235 -34.81 23.07 -4.69
CA LEU A 2235 -35.52 21.80 -4.81
C LEU A 2235 -34.72 20.66 -4.20
N PHE A 2236 -33.51 20.44 -4.71
CA PHE A 2236 -32.67 19.35 -4.19
C PHE A 2236 -32.15 19.66 -2.79
N GLY A 2237 -32.00 20.95 -2.46
CA GLY A 2237 -31.57 21.32 -1.13
C GLY A 2237 -32.64 21.24 -0.07
N ASP A 2238 -33.90 21.07 -0.48
CA ASP A 2238 -34.98 20.87 0.48
C ASP A 2238 -34.90 19.47 1.05
N ALA A 2239 -34.79 19.37 2.38
CA ALA A 2239 -34.67 18.06 3.01
C ALA A 2239 -35.91 17.21 2.76
N ALA A 2240 -37.09 17.82 2.86
CA ALA A 2240 -38.33 17.07 2.66
C ALA A 2240 -38.45 16.58 1.23
N LEU A 2241 -38.10 17.43 0.26
CA LEU A 2241 -38.21 17.04 -1.14
C LEU A 2241 -37.13 16.04 -1.54
N TYR A 2242 -35.90 16.24 -1.07
CA TYR A 2242 -34.83 15.34 -1.44
C TYR A 2242 -35.07 13.93 -0.90
N GLN A 2243 -35.58 13.82 0.33
CA GLN A 2243 -35.78 12.49 0.91
C GLN A 2243 -36.87 11.72 0.17
N SER A 2244 -37.79 12.45 -0.47
CA SER A 2244 -38.87 11.78 -1.19
C SER A 2244 -38.37 11.05 -2.43
N LEU A 2245 -37.34 11.58 -3.09
CA LEU A 2245 -36.92 11.02 -4.37
C LEU A 2245 -36.42 9.58 -4.27
N PRO A 2246 -35.52 9.22 -3.34
CA PRO A 2246 -35.11 7.81 -3.28
C PRO A 2246 -36.23 6.87 -2.85
N THR A 2247 -37.04 7.26 -1.86
CA THR A 2247 -38.17 6.42 -1.46
C THR A 2247 -39.22 6.31 -2.56
N LEU A 2248 -39.40 7.36 -3.37
CA LEU A 2248 -40.25 7.23 -4.54
C LEU A 2248 -39.59 6.40 -5.63
N ALA A 2249 -38.26 6.51 -5.76
CA ALA A 2249 -37.54 5.68 -6.72
C ALA A 2249 -37.54 4.22 -6.30
N ARG A 2250 -37.59 3.95 -5.00
CA ARG A 2250 -37.69 2.57 -4.53
C ARG A 2250 -38.97 1.92 -5.02
N ALA A 2251 -40.09 2.64 -4.91
CA ALA A 2251 -41.36 2.11 -5.39
C ALA A 2251 -41.35 1.95 -6.91
N LEU A 2252 -40.83 2.96 -7.63
CA LEU A 2252 -40.80 2.88 -9.08
C LEU A 2252 -39.91 1.74 -9.55
N ALA A 2253 -38.75 1.56 -8.94
CA ALA A 2253 -37.88 0.44 -9.29
C ALA A 2253 -38.56 -0.89 -9.01
N GLN A 2254 -39.29 -0.98 -7.90
CA GLN A 2254 -40.06 -2.18 -7.62
C GLN A 2254 -41.14 -2.40 -8.66
N TYR A 2255 -41.74 -1.33 -9.17
CA TYR A 2255 -42.77 -1.47 -10.20
C TYR A 2255 -42.20 -1.88 -11.54
N LEU A 2256 -41.08 -1.25 -11.94
CA LEU A 2256 -40.49 -1.53 -13.24
C LEU A 2256 -39.81 -2.88 -13.31
N VAL A 2257 -39.49 -3.50 -12.17
CA VAL A 2257 -38.82 -4.80 -12.20
C VAL A 2257 -39.81 -5.94 -12.38
N VAL A 2258 -41.11 -5.69 -12.19
CA VAL A 2258 -42.14 -6.70 -12.41
C VAL A 2258 -43.08 -6.35 -13.54
N VAL A 2259 -42.88 -5.20 -14.20
CA VAL A 2259 -43.79 -4.77 -15.26
C VAL A 2259 -43.70 -5.69 -16.47
N SER A 2260 -42.58 -6.40 -16.62
CA SER A 2260 -42.42 -7.30 -17.77
C SER A 2260 -43.43 -8.44 -17.74
N LYS A 2261 -43.65 -9.02 -16.57
CA LYS A 2261 -44.54 -10.16 -16.42
C LYS A 2261 -45.93 -9.75 -15.95
N LEU A 2262 -46.24 -8.46 -15.95
CA LEU A 2262 -47.55 -7.96 -15.56
C LEU A 2262 -48.58 -8.27 -16.63
N PRO A 2263 -49.88 -8.30 -16.26
CA PRO A 2263 -50.92 -8.40 -17.27
C PRO A 2263 -50.97 -7.17 -18.16
N SER A 2264 -51.81 -7.22 -19.21
CA SER A 2264 -51.83 -6.12 -20.18
C SER A 2264 -52.31 -4.81 -19.55
N HIS A 2265 -53.35 -4.87 -18.71
CA HIS A 2265 -53.95 -3.65 -18.19
C HIS A 2265 -53.12 -3.00 -17.08
N LEU A 2266 -52.17 -3.73 -16.49
CA LEU A 2266 -51.33 -3.18 -15.43
C LEU A 2266 -49.99 -2.68 -15.95
N HIS A 2267 -49.78 -2.70 -17.26
CA HIS A 2267 -48.52 -2.23 -17.83
C HIS A 2267 -48.38 -0.72 -17.65
N LEU A 2268 -47.23 -0.22 -18.08
CA LEU A 2268 -46.93 1.21 -17.93
C LEU A 2268 -47.75 2.01 -18.94
N PRO A 2269 -48.58 2.94 -18.50
CA PRO A 2269 -49.35 3.76 -19.44
C PRO A 2269 -48.43 4.60 -20.32
N PRO A 2270 -48.76 4.74 -21.60
CA PRO A 2270 -47.94 5.60 -22.47
C PRO A 2270 -47.88 7.06 -22.03
N GLU A 2271 -48.95 7.58 -21.43
CA GLU A 2271 -48.97 8.98 -21.04
C GLU A 2271 -47.97 9.30 -19.94
N LYS A 2272 -47.63 8.32 -19.10
CA LYS A 2272 -46.68 8.53 -18.01
C LYS A 2272 -45.26 8.17 -18.39
N GLU A 2273 -45.02 7.76 -19.63
CA GLU A 2273 -43.67 7.38 -20.04
C GLU A 2273 -42.72 8.57 -20.00
N LYS A 2274 -43.17 9.73 -20.47
CA LYS A 2274 -42.32 10.92 -20.48
C LYS A 2274 -42.01 11.39 -19.07
N ASP A 2275 -43.00 11.32 -18.17
CA ASP A 2275 -42.79 11.78 -16.79
C ASP A 2275 -41.76 10.92 -16.07
N ILE A 2276 -41.80 9.60 -16.28
CA ILE A 2276 -40.87 8.71 -15.59
C ILE A 2276 -39.43 8.98 -16.03
N VAL A 2277 -39.22 9.20 -17.32
CA VAL A 2277 -37.87 9.51 -17.80
C VAL A 2277 -37.36 10.78 -17.16
N LYS A 2278 -38.20 11.81 -17.08
CA LYS A 2278 -37.81 13.04 -16.37
C LYS A 2278 -37.56 12.76 -14.89
N PHE A 2279 -38.39 11.93 -14.27
CA PHE A 2279 -38.21 11.60 -12.86
C PHE A 2279 -36.89 10.86 -12.63
N VAL A 2280 -36.54 9.94 -13.53
CA VAL A 2280 -35.31 9.19 -13.37
C VAL A 2280 -34.10 10.11 -13.48
N VAL A 2281 -34.12 11.04 -14.44
CA VAL A 2281 -33.03 12.00 -14.57
C VAL A 2281 -32.94 12.89 -13.35
N ALA A 2282 -34.09 13.34 -12.84
CA ALA A 2282 -34.09 14.21 -11.68
C ALA A 2282 -33.52 13.52 -10.45
N THR A 2283 -33.88 12.24 -10.26
CA THR A 2283 -33.36 11.50 -9.11
C THR A 2283 -31.84 11.33 -9.19
N LEU A 2284 -31.32 11.02 -10.38
CA LEU A 2284 -29.88 10.93 -10.55
C LEU A 2284 -29.21 12.28 -10.37
N GLU A 2285 -29.83 13.36 -10.86
CA GLU A 2285 -29.28 14.69 -10.63
C GLU A 2285 -29.30 15.06 -9.16
N ALA A 2286 -30.38 14.70 -8.45
CA ALA A 2286 -30.46 14.99 -7.03
C ALA A 2286 -29.38 14.26 -6.25
N LEU A 2287 -29.12 13.00 -6.59
CA LEU A 2287 -28.05 12.26 -5.93
C LEU A 2287 -26.69 12.91 -6.21
N SER A 2288 -26.46 13.33 -7.45
CA SER A 2288 -25.24 14.05 -7.77
C SER A 2288 -25.18 15.40 -7.04
N TRP A 2289 -26.32 16.11 -6.98
CA TRP A 2289 -26.35 17.37 -6.25
C TRP A 2289 -26.07 17.17 -4.78
N HIS A 2290 -26.64 16.12 -4.18
CA HIS A 2290 -26.33 15.78 -2.79
C HIS A 2290 -24.86 15.42 -2.63
N LEU A 2291 -24.29 14.76 -3.63
CA LEU A 2291 -22.87 14.44 -3.59
C LEU A 2291 -22.01 15.69 -3.58
N ILE A 2292 -22.38 16.69 -4.39
CA ILE A 2292 -21.57 17.90 -4.51
C ILE A 2292 -21.62 18.71 -3.22
N HIS A 2293 -22.83 18.96 -2.71
CA HIS A 2293 -23.02 19.87 -1.59
C HIS A 2293 -23.00 19.18 -0.24
N GLU A 2294 -22.97 17.85 -0.20
CA GLU A 2294 -22.91 17.09 1.05
C GLU A 2294 -21.94 15.95 0.85
N GLN A 2295 -21.96 14.99 1.77
CA GLN A 2295 -21.17 13.78 1.63
C GLN A 2295 -21.88 12.81 0.69
N ILE A 2296 -21.43 11.57 0.66
CA ILE A 2296 -22.08 10.57 -0.20
C ILE A 2296 -23.50 10.35 0.30
N PRO A 2297 -24.49 10.15 -0.59
CA PRO A 2297 -25.84 9.85 -0.12
C PRO A 2297 -25.91 8.45 0.47
N LEU A 2298 -27.04 8.17 1.11
CA LEU A 2298 -27.25 6.85 1.71
C LEU A 2298 -27.17 5.77 0.65
N SER A 2299 -26.57 4.64 1.02
CA SER A 2299 -26.41 3.54 0.07
C SER A 2299 -27.74 3.06 -0.47
N LEU A 2300 -28.77 3.01 0.37
CA LEU A 2300 -30.11 2.69 -0.12
C LEU A 2300 -30.63 3.78 -1.05
N ASP A 2301 -30.35 5.04 -0.75
CA ASP A 2301 -30.75 6.12 -1.64
C ASP A 2301 -29.99 6.05 -2.96
N LEU A 2302 -28.67 5.82 -2.89
CA LEU A 2302 -27.88 5.69 -4.11
C LEU A 2302 -28.32 4.49 -4.93
N GLN A 2303 -28.58 3.37 -4.27
CA GLN A 2303 -29.02 2.17 -4.98
C GLN A 2303 -30.38 2.37 -5.63
N ALA A 2304 -31.30 3.05 -4.93
CA ALA A 2304 -32.63 3.27 -5.48
C ALA A 2304 -32.58 4.15 -6.72
N GLY A 2305 -31.72 5.17 -6.72
CA GLY A 2305 -31.61 6.03 -7.88
C GLY A 2305 -31.06 5.30 -9.10
N LEU A 2306 -30.03 4.48 -8.91
CA LEU A 2306 -29.47 3.71 -10.01
C LEU A 2306 -30.37 2.53 -10.39
N ASP A 2307 -31.17 2.03 -9.46
CA ASP A 2307 -32.13 0.98 -9.79
C ASP A 2307 -33.15 1.48 -10.81
N CYS A 2308 -33.65 2.70 -10.62
CA CYS A 2308 -34.62 3.25 -11.57
C CYS A 2308 -33.99 3.50 -12.93
N CYS A 2309 -32.77 4.04 -12.96
CA CYS A 2309 -32.11 4.30 -14.23
C CYS A 2309 -31.82 3.00 -14.97
N CYS A 2310 -31.36 1.97 -14.25
CA CYS A 2310 -31.08 0.69 -14.88
C CYS A 2310 -32.35 0.06 -15.44
N LEU A 2311 -33.44 0.11 -14.69
CA LEU A 2311 -34.67 -0.55 -15.10
C LEU A 2311 -35.39 0.24 -16.19
N ALA A 2312 -35.37 1.57 -16.11
CA ALA A 2312 -36.06 2.38 -17.11
C ALA A 2312 -35.45 2.22 -18.49
N LEU A 2313 -34.11 2.15 -18.56
CA LEU A 2313 -33.44 1.99 -19.84
C LEU A 2313 -33.66 0.62 -20.48
N GLN A 2314 -34.21 -0.33 -19.73
CA GLN A 2314 -34.50 -1.65 -20.29
C GLN A 2314 -35.89 -1.75 -20.91
N LEU A 2315 -36.82 -0.90 -20.48
CA LEU A 2315 -38.17 -0.93 -21.05
C LEU A 2315 -38.16 -0.28 -22.42
N PRO A 2316 -38.67 -0.96 -23.46
CA PRO A 2316 -38.69 -0.34 -24.80
C PRO A 2316 -39.48 0.95 -24.86
N GLY A 2317 -40.57 1.04 -24.10
CA GLY A 2317 -41.35 2.26 -24.11
C GLY A 2317 -40.60 3.44 -23.51
N LEU A 2318 -39.90 3.21 -22.39
CA LEU A 2318 -39.13 4.27 -21.77
C LEU A 2318 -37.84 4.56 -22.52
N TRP A 2319 -37.20 3.53 -23.09
CA TRP A 2319 -35.95 3.74 -23.81
C TRP A 2319 -36.18 4.58 -25.08
N SER A 2320 -37.31 4.38 -25.75
CA SER A 2320 -37.61 5.16 -26.94
C SER A 2320 -37.75 6.65 -26.62
N VAL A 2321 -38.18 6.99 -25.41
CA VAL A 2321 -38.31 8.39 -25.03
C VAL A 2321 -36.95 9.01 -24.80
N VAL A 2322 -36.08 8.33 -24.05
CA VAL A 2322 -34.76 8.89 -23.74
C VAL A 2322 -33.88 8.92 -24.98
N SER A 2323 -34.14 8.04 -25.95
CA SER A 2323 -33.34 7.99 -27.17
C SER A 2323 -33.84 8.95 -28.24
N SER A 2324 -34.93 9.67 -27.98
CA SER A 2324 -35.46 10.60 -28.96
C SER A 2324 -34.65 11.90 -28.97
N THR A 2325 -34.84 12.69 -30.03
CA THR A 2325 -34.15 13.97 -30.14
C THR A 2325 -34.59 14.95 -29.06
N GLU A 2326 -35.88 14.94 -28.71
CA GLU A 2326 -36.40 15.86 -27.71
C GLU A 2326 -35.73 15.70 -26.35
N PHE A 2327 -35.33 14.48 -25.99
CA PHE A 2327 -34.72 14.20 -24.70
C PHE A 2327 -33.21 14.04 -24.82
N VAL A 2328 -32.59 14.84 -25.70
CA VAL A 2328 -31.14 14.77 -25.87
C VAL A 2328 -30.43 15.27 -24.62
N THR A 2329 -30.97 16.32 -23.99
CA THR A 2329 -30.37 16.81 -22.76
C THR A 2329 -30.53 15.83 -21.61
N HIS A 2330 -31.66 15.14 -21.53
CA HIS A 2330 -31.87 14.15 -20.49
C HIS A 2330 -30.89 12.98 -20.63
N ALA A 2331 -30.68 12.52 -21.87
CA ALA A 2331 -29.71 11.46 -22.09
C ALA A 2331 -28.30 11.91 -21.72
N CYS A 2332 -27.94 13.16 -22.07
CA CYS A 2332 -26.64 13.69 -21.68
C CYS A 2332 -26.55 13.82 -20.16
N SER A 2333 -27.63 14.24 -19.52
CA SER A 2333 -27.64 14.36 -18.07
C SER A 2333 -27.43 13.01 -17.39
N LEU A 2334 -28.05 11.95 -17.90
CA LEU A 2334 -27.84 10.62 -17.34
C LEU A 2334 -26.39 10.19 -17.49
N ILE A 2335 -25.78 10.47 -18.64
CA ILE A 2335 -24.37 10.14 -18.83
C ILE A 2335 -23.49 10.95 -17.89
N TYR A 2336 -23.78 12.24 -17.73
CA TYR A 2336 -22.99 13.07 -16.84
C TYR A 2336 -23.08 12.60 -15.40
N CYS A 2337 -24.29 12.27 -14.93
CA CYS A 2337 -24.48 11.88 -13.55
C CYS A 2337 -23.88 10.50 -13.26
N VAL A 2338 -24.05 9.56 -14.17
CA VAL A 2338 -23.51 8.21 -13.98
C VAL A 2338 -21.98 8.26 -13.94
N HIS A 2339 -21.37 9.02 -14.85
CA HIS A 2339 -19.92 9.17 -14.83
C HIS A 2339 -19.46 9.89 -13.58
N PHE A 2340 -20.19 10.92 -13.16
CA PHE A 2340 -19.82 11.65 -11.95
C PHE A 2340 -19.93 10.78 -10.71
N ILE A 2341 -20.99 9.97 -10.61
CA ILE A 2341 -21.17 9.10 -9.47
C ILE A 2341 -20.08 8.04 -9.42
N LEU A 2342 -19.76 7.44 -10.57
CA LEU A 2342 -18.76 6.38 -10.60
C LEU A 2342 -17.39 6.91 -10.20
N GLU A 2343 -17.00 8.09 -10.70
CA GLU A 2343 -15.70 8.64 -10.36
C GLU A 2343 -15.63 9.08 -8.91
N ALA A 2344 -16.73 9.59 -8.36
CA ALA A 2344 -16.77 10.00 -6.96
C ALA A 2344 -16.68 8.83 -5.99
N VAL A 2345 -16.83 7.60 -6.49
CA VAL A 2345 -16.81 6.41 -5.65
C VAL A 2345 -15.54 5.60 -5.86
N ALA A 2346 -15.08 5.48 -7.10
CA ALA A 2346 -13.97 4.60 -7.43
C ALA A 2346 -12.65 5.32 -7.69
N VAL A 2347 -12.68 6.57 -8.13
CA VAL A 2347 -11.48 7.27 -8.59
C VAL A 2347 -11.01 8.20 -7.46
N GLN A 2348 -9.83 7.91 -6.93
CA GLN A 2348 -9.21 8.75 -5.92
C GLN A 2348 -8.65 10.02 -6.56
N PRO A 2349 -8.48 11.09 -5.78
CA PRO A 2349 -7.83 12.29 -6.32
C PRO A 2349 -6.42 11.98 -6.80
N GLY A 2350 -6.05 12.59 -7.92
CA GLY A 2350 -4.78 12.29 -8.55
C GLY A 2350 -4.76 11.02 -9.35
N GLU A 2351 -5.91 10.36 -9.53
CA GLU A 2351 -6.02 9.14 -10.30
C GLU A 2351 -7.00 9.34 -11.44
N GLN A 2352 -6.91 8.46 -12.43
CA GLN A 2352 -7.79 8.48 -13.59
C GLN A 2352 -8.63 7.21 -13.61
N LEU A 2353 -9.79 7.29 -14.26
CA LEU A 2353 -10.67 6.13 -14.35
C LEU A 2353 -10.01 4.99 -15.09
N LEU A 2354 -9.33 5.31 -16.20
CA LEU A 2354 -8.62 4.32 -16.99
C LEU A 2354 -7.12 4.46 -16.74
N SER A 2355 -6.52 3.42 -16.16
CA SER A 2355 -5.09 3.46 -15.88
C SER A 2355 -4.31 2.89 -17.06
N PRO A 2356 -3.42 3.68 -17.68
CA PRO A 2356 -2.63 3.23 -18.82
C PRO A 2356 -1.51 2.27 -18.43
N GLN A 2378 -19.51 23.11 -33.69
CA GLN A 2378 -20.71 23.09 -34.51
C GLN A 2378 -21.90 22.57 -33.71
N ASN A 2379 -21.60 21.73 -32.72
CA ASN A 2379 -22.58 21.15 -31.82
C ASN A 2379 -22.26 21.56 -30.39
N PRO A 2380 -23.25 21.53 -29.50
CA PRO A 2380 -23.00 21.91 -28.11
C PRO A 2380 -21.92 21.04 -27.47
N LYS A 2381 -21.13 21.64 -26.58
CA LYS A 2381 -19.99 20.97 -26.00
C LYS A 2381 -20.36 19.73 -25.20
N TYR A 2382 -21.57 19.68 -24.64
CA TYR A 2382 -21.98 18.51 -23.88
C TYR A 2382 -22.29 17.31 -24.76
N ILE A 2383 -22.56 17.53 -26.06
CA ILE A 2383 -22.83 16.41 -26.95
C ILE A 2383 -21.59 15.55 -27.14
N THR A 2384 -20.45 16.19 -27.43
CA THR A 2384 -19.19 15.46 -27.58
C THR A 2384 -18.60 14.98 -26.27
N ALA A 2385 -18.82 15.73 -25.18
CA ALA A 2385 -18.34 15.29 -23.88
C ALA A 2385 -19.07 14.03 -23.43
N ALA A 2386 -20.37 13.95 -23.68
CA ALA A 2386 -21.11 12.74 -23.37
C ALA A 2386 -20.61 11.55 -24.18
N CYS A 2387 -20.26 11.79 -25.45
CA CYS A 2387 -19.71 10.71 -26.27
C CYS A 2387 -18.41 10.19 -25.69
N GLU A 2388 -17.53 11.07 -25.23
CA GLU A 2388 -16.28 10.65 -24.64
C GLU A 2388 -16.47 10.02 -23.27
N MET A 2389 -17.44 10.49 -22.49
CA MET A 2389 -17.71 9.88 -21.19
C MET A 2389 -18.18 8.44 -21.34
N VAL A 2390 -19.07 8.18 -22.30
CA VAL A 2390 -19.57 6.82 -22.50
C VAL A 2390 -18.44 5.90 -22.97
N ALA A 2391 -17.61 6.38 -23.89
CA ALA A 2391 -16.50 5.57 -24.37
C ALA A 2391 -15.53 5.23 -23.24
N GLU A 2392 -15.29 6.19 -22.35
CA GLU A 2392 -14.45 5.93 -21.19
C GLU A 2392 -15.08 4.89 -20.27
N MET A 2393 -16.39 4.99 -20.03
CA MET A 2393 -17.05 4.05 -19.14
C MET A 2393 -17.14 2.67 -19.74
N VAL A 2394 -17.28 2.57 -21.07
CA VAL A 2394 -17.30 1.26 -21.72
C VAL A 2394 -15.96 0.55 -21.53
N GLU A 2395 -14.86 1.29 -21.68
CA GLU A 2395 -13.54 0.74 -21.42
C GLU A 2395 -13.39 0.34 -19.95
N SER A 2396 -14.12 1.02 -19.06
CA SER A 2396 -14.03 0.70 -17.63
C SER A 2396 -14.70 -0.62 -17.29
N LEU A 2397 -15.51 -1.17 -18.19
CA LEU A 2397 -16.15 -2.46 -17.94
C LEU A 2397 -15.17 -3.62 -17.94
N GLN A 2398 -13.93 -3.40 -18.37
CA GLN A 2398 -12.92 -4.45 -18.38
C GLN A 2398 -12.15 -4.54 -17.07
N SER A 2399 -11.80 -3.40 -16.48
CA SER A 2399 -10.99 -3.39 -15.26
C SER A 2399 -11.74 -2.81 -14.07
N VAL A 2400 -12.24 -1.57 -14.18
CA VAL A 2400 -12.81 -0.90 -13.01
C VAL A 2400 -14.12 -1.54 -12.60
N LEU A 2401 -14.99 -1.82 -13.56
CA LEU A 2401 -16.33 -2.34 -13.26
C LEU A 2401 -16.46 -3.82 -13.61
N ALA A 2402 -15.36 -4.55 -13.59
CA ALA A 2402 -15.39 -6.00 -13.74
C ALA A 2402 -15.42 -6.62 -12.35
N LEU A 2403 -16.53 -7.28 -12.01
CA LEU A 2403 -16.70 -7.81 -10.66
C LEU A 2403 -15.60 -8.83 -10.35
N GLY A 2404 -14.96 -8.65 -9.21
CA GLY A 2404 -13.88 -9.51 -8.79
C GLY A 2404 -12.51 -9.12 -9.31
N HIS A 2405 -12.41 -8.12 -10.17
CA HIS A 2405 -11.13 -7.70 -10.73
C HIS A 2405 -10.34 -6.93 -9.67
N LYS A 2406 -9.02 -6.82 -9.93
CA LYS A 2406 -8.15 -6.08 -9.03
C LYS A 2406 -8.54 -4.61 -8.99
N ARG A 2407 -8.86 -4.02 -10.14
CA ARG A 2407 -9.23 -2.62 -10.20
C ARG A 2407 -10.64 -2.35 -9.66
N ASN A 2408 -11.43 -3.39 -9.43
CA ASN A 2408 -12.78 -3.23 -8.89
C ASN A 2408 -12.79 -3.15 -7.37
N SER A 2409 -11.63 -3.24 -6.72
CA SER A 2409 -11.58 -3.21 -5.26
C SER A 2409 -12.08 -1.89 -4.70
N GLY A 2410 -12.08 -0.82 -5.48
CA GLY A 2410 -12.56 0.46 -5.01
C GLY A 2410 -14.05 0.66 -5.12
N VAL A 2411 -14.77 -0.25 -5.75
CA VAL A 2411 -16.21 -0.14 -5.97
C VAL A 2411 -16.90 -1.17 -5.09
N PRO A 2412 -17.88 -0.76 -4.28
CA PRO A 2412 -18.65 -1.76 -3.52
C PRO A 2412 -19.39 -2.70 -4.45
N ALA A 2413 -19.55 -3.95 -3.98
CA ALA A 2413 -20.12 -4.99 -4.84
C ALA A 2413 -21.58 -4.71 -5.21
N PHE A 2414 -22.27 -3.85 -4.46
CA PHE A 2414 -23.67 -3.59 -4.77
C PHE A 2414 -23.86 -2.53 -5.85
N LEU A 2415 -22.77 -1.90 -6.31
CA LEU A 2415 -22.84 -0.92 -7.37
C LEU A 2415 -22.32 -1.43 -8.71
N THR A 2416 -21.44 -2.43 -8.70
CA THR A 2416 -20.86 -2.93 -9.95
C THR A 2416 -21.91 -3.48 -10.91
N PRO A 2417 -22.82 -4.39 -10.52
CA PRO A 2417 -23.82 -4.86 -11.49
C PRO A 2417 -24.73 -3.76 -11.99
N LEU A 2418 -25.04 -2.76 -11.16
CA LEU A 2418 -25.92 -1.68 -11.58
C LEU A 2418 -25.26 -0.82 -12.65
N LEU A 2419 -24.01 -0.41 -12.42
CA LEU A 2419 -23.34 0.49 -13.35
C LEU A 2419 -23.03 -0.19 -14.67
N ARG A 2420 -22.74 -1.49 -14.65
CA ARG A 2420 -22.49 -2.22 -15.88
C ARG A 2420 -23.71 -2.20 -16.78
N ASN A 2421 -24.89 -2.46 -16.21
CA ASN A 2421 -26.10 -2.48 -17.02
C ASN A 2421 -26.48 -1.09 -17.51
N ILE A 2422 -26.27 -0.07 -16.68
CA ILE A 2422 -26.60 1.30 -17.10
C ILE A 2422 -25.70 1.74 -18.23
N ILE A 2423 -24.40 1.46 -18.13
CA ILE A 2423 -23.44 1.92 -19.14
C ILE A 2423 -23.74 1.29 -20.49
N ILE A 2424 -24.02 -0.02 -20.50
CA ILE A 2424 -24.33 -0.70 -21.76
C ILE A 2424 -25.59 -0.12 -22.38
N SER A 2425 -26.62 0.12 -21.55
CA SER A 2425 -27.84 0.73 -22.07
C SER A 2425 -27.59 2.14 -22.57
N LEU A 2426 -26.78 2.92 -21.85
CA LEU A 2426 -26.44 4.26 -22.30
C LEU A 2426 -25.62 4.24 -23.58
N ALA A 2427 -24.69 3.29 -23.71
CA ALA A 2427 -23.86 3.19 -24.90
C ALA A 2427 -24.65 2.77 -26.14
N ARG A 2428 -25.87 2.26 -25.96
CA ARG A 2428 -26.73 1.90 -27.08
C ARG A 2428 -27.56 3.08 -27.57
N LEU A 2429 -27.47 4.23 -26.91
CA LEU A 2429 -28.25 5.38 -27.34
C LEU A 2429 -27.77 5.85 -28.70
N PRO A 2430 -28.67 6.28 -29.59
CA PRO A 2430 -28.25 6.76 -30.90
C PRO A 2430 -27.35 7.99 -30.82
N LEU A 2431 -27.38 8.71 -29.70
CA LEU A 2431 -26.51 9.86 -29.52
C LEU A 2431 -25.04 9.46 -29.54
N VAL A 2432 -24.70 8.35 -28.88
CA VAL A 2432 -23.32 7.96 -28.68
C VAL A 2432 -23.00 6.57 -29.20
N ASN A 2433 -23.97 5.89 -29.84
CA ASN A 2433 -23.73 4.51 -30.26
C ASN A 2433 -22.64 4.42 -31.31
N SER A 2434 -22.73 5.25 -32.35
CA SER A 2434 -21.76 5.18 -33.44
C SER A 2434 -20.36 5.56 -32.97
N TYR A 2435 -20.25 6.59 -32.12
CA TYR A 2435 -18.94 6.99 -31.61
C TYR A 2435 -18.34 5.91 -30.72
N THR A 2436 -19.17 5.28 -29.88
CA THR A 2436 -18.67 4.28 -28.94
C THR A 2436 -18.14 3.04 -29.64
N ARG A 2437 -18.74 2.63 -30.74
CA ARG A 2437 -18.30 1.44 -31.46
C ARG A 2437 -16.94 1.63 -32.13
N VAL A 2438 -16.48 2.87 -32.29
CA VAL A 2438 -15.17 3.14 -32.88
C VAL A 2438 -14.09 2.80 -31.87
N PRO A 2439 -13.15 1.91 -32.18
CA PRO A 2439 -12.05 1.62 -31.26
C PRO A 2439 -11.23 2.86 -30.99
N PRO A 2440 -10.75 3.04 -29.75
CA PRO A 2440 -9.90 4.20 -29.46
C PRO A 2440 -8.62 4.23 -30.27
N LEU A 2441 -8.07 3.07 -30.65
CA LEU A 2441 -6.88 3.04 -31.47
C LEU A 2441 -7.12 3.64 -32.84
N VAL A 2442 -8.35 3.50 -33.36
CA VAL A 2442 -8.68 4.12 -34.64
C VAL A 2442 -8.68 5.64 -34.52
N TRP A 2443 -9.13 6.17 -33.38
CA TRP A 2443 -9.19 7.62 -33.22
C TRP A 2443 -7.82 8.25 -33.26
N LYS A 2444 -6.83 7.62 -32.62
CA LYS A 2444 -5.48 8.18 -32.61
C LYS A 2444 -4.80 8.03 -33.97
N LEU A 2445 -5.32 7.19 -34.85
CA LEU A 2445 -4.78 7.06 -36.19
C LEU A 2445 -5.35 8.16 -37.08
N GLY A 2446 -5.13 8.05 -38.38
CA GLY A 2446 -5.57 9.07 -39.31
C GLY A 2446 -6.99 8.91 -39.80
N TRP A 2447 -7.93 8.78 -38.87
CA TRP A 2447 -9.35 8.71 -39.20
C TRP A 2447 -10.08 9.88 -38.53
N SER A 2448 -10.82 10.64 -39.34
CA SER A 2448 -11.58 11.77 -38.83
C SER A 2448 -12.68 12.15 -39.83
N PRO A 2449 -13.77 11.39 -39.87
CA PRO A 2449 -14.85 11.71 -40.82
C PRO A 2449 -15.68 12.90 -40.36
N LYS A 2450 -16.74 13.22 -41.11
CA LYS A 2450 -17.63 14.32 -40.77
C LYS A 2450 -18.94 13.74 -40.26
N PRO A 2451 -19.16 13.73 -38.95
CA PRO A 2451 -20.41 13.18 -38.42
C PRO A 2451 -21.61 14.06 -38.81
N GLY A 2452 -22.75 13.41 -38.95
CA GLY A 2452 -23.97 14.12 -39.29
C GLY A 2452 -25.22 13.29 -39.12
N GLY A 2453 -26.21 13.82 -38.42
CA GLY A 2453 -27.46 13.12 -38.20
C GLY A 2453 -28.44 13.90 -37.35
N ASP A 2454 -29.24 13.20 -36.56
CA ASP A 2454 -30.20 13.87 -35.68
C ASP A 2454 -29.51 14.61 -34.54
N PHE A 2455 -28.30 14.21 -34.17
CA PHE A 2455 -27.55 14.87 -33.12
C PHE A 2455 -26.17 15.33 -33.57
N GLY A 2456 -25.77 15.04 -34.81
CA GLY A 2456 -24.46 15.40 -35.29
C GLY A 2456 -23.35 14.45 -34.88
N THR A 2457 -23.69 13.26 -34.38
CA THR A 2457 -22.70 12.26 -33.97
C THR A 2457 -22.97 10.91 -34.62
N ALA A 2458 -23.45 10.91 -35.87
CA ALA A 2458 -23.74 9.67 -36.58
C ALA A 2458 -22.52 9.29 -37.40
N PHE A 2459 -21.52 8.74 -36.73
CA PHE A 2459 -20.28 8.33 -37.37
C PHE A 2459 -20.52 7.10 -38.24
N PRO A 2460 -19.80 6.98 -39.35
CA PRO A 2460 -19.89 5.78 -40.19
C PRO A 2460 -19.10 4.63 -39.58
N GLU A 2461 -19.33 3.44 -40.12
CA GLU A 2461 -18.64 2.26 -39.63
C GLU A 2461 -17.17 2.30 -40.03
N ILE A 2462 -16.35 1.57 -39.27
CA ILE A 2462 -14.89 1.59 -39.47
C ILE A 2462 -14.56 1.02 -40.85
N PRO A 2463 -13.70 1.68 -41.63
CA PRO A 2463 -13.22 1.06 -42.86
C PRO A 2463 -12.50 -0.25 -42.58
N VAL A 2464 -12.64 -1.19 -43.50
CA VAL A 2464 -12.08 -2.53 -43.32
C VAL A 2464 -10.56 -2.49 -43.18
N GLU A 2465 -9.90 -1.52 -43.81
CA GLU A 2465 -8.44 -1.45 -43.76
C GLU A 2465 -7.93 -1.29 -42.34
N PHE A 2466 -8.67 -0.56 -41.50
CA PHE A 2466 -8.24 -0.35 -40.12
C PHE A 2466 -8.30 -1.65 -39.33
N LEU A 2467 -9.27 -2.52 -39.63
CA LEU A 2467 -9.42 -3.76 -38.89
C LEU A 2467 -8.34 -4.78 -39.20
N GLN A 2468 -7.50 -4.54 -40.21
CA GLN A 2468 -6.42 -5.48 -40.52
C GLN A 2468 -5.44 -5.59 -39.36
N GLU A 2469 -5.14 -4.47 -38.71
CA GLU A 2469 -4.35 -4.52 -37.48
C GLU A 2469 -5.12 -5.26 -36.40
N LYS A 2470 -4.42 -6.15 -35.69
CA LYS A 2470 -5.08 -7.00 -34.71
C LYS A 2470 -5.53 -6.20 -33.49
N GLU A 2471 -4.71 -5.24 -33.04
CA GLU A 2471 -4.99 -4.55 -31.79
C GLU A 2471 -6.27 -3.73 -31.87
N VAL A 2472 -6.61 -3.21 -33.05
CA VAL A 2472 -7.85 -2.46 -33.19
C VAL A 2472 -9.02 -3.39 -33.53
N PHE A 2473 -8.75 -4.53 -34.19
CA PHE A 2473 -9.81 -5.50 -34.43
C PHE A 2473 -10.30 -6.12 -33.12
N LYS A 2474 -9.38 -6.37 -32.19
CA LYS A 2474 -9.78 -6.88 -30.89
C LYS A 2474 -10.65 -5.88 -30.15
N GLU A 2475 -10.29 -4.59 -30.22
CA GLU A 2475 -11.12 -3.56 -29.61
C GLU A 2475 -12.48 -3.47 -30.28
N PHE A 2476 -12.52 -3.58 -31.62
CA PHE A 2476 -13.78 -3.54 -32.33
C PHE A 2476 -14.67 -4.71 -31.95
N ILE A 2477 -14.09 -5.91 -31.82
CA ILE A 2477 -14.86 -7.07 -31.42
C ILE A 2477 -15.41 -6.91 -30.02
N TYR A 2478 -14.63 -6.28 -29.13
CA TYR A 2478 -15.08 -6.06 -27.76
C TYR A 2478 -16.31 -5.16 -27.72
N ARG A 2479 -16.31 -4.09 -28.51
CA ARG A 2479 -17.40 -3.12 -28.45
C ARG A 2479 -18.70 -3.70 -29.00
N ILE A 2480 -18.63 -4.41 -30.12
CA ILE A 2480 -19.85 -4.97 -30.70
C ILE A 2480 -20.41 -6.09 -29.81
N ASN A 2481 -19.52 -6.88 -29.20
CA ASN A 2481 -19.98 -7.94 -28.30
C ASN A 2481 -20.59 -7.37 -27.02
N THR A 2482 -19.98 -6.32 -26.48
CA THR A 2482 -20.44 -5.76 -25.21
C THR A 2482 -21.78 -5.06 -25.37
N LEU A 2483 -21.96 -4.28 -26.43
CA LEU A 2483 -23.15 -3.47 -26.60
C LEU A 2483 -24.20 -4.12 -27.50
N GLY A 2484 -23.83 -5.11 -28.29
CA GLY A 2484 -24.80 -5.70 -29.18
C GLY A 2484 -25.13 -4.78 -30.35
N TRP A 2485 -26.23 -5.11 -31.03
CA TRP A 2485 -26.71 -4.33 -32.15
C TRP A 2485 -28.08 -3.74 -31.82
N THR A 2486 -28.25 -2.44 -32.10
CA THR A 2486 -29.46 -1.73 -31.75
C THR A 2486 -30.60 -1.95 -32.73
N SER A 2487 -30.32 -2.46 -33.93
CA SER A 2487 -31.35 -2.64 -34.94
C SER A 2487 -30.85 -3.65 -35.96
N ARG A 2488 -31.77 -4.11 -36.81
CA ARG A 2488 -31.40 -5.05 -37.86
C ARG A 2488 -30.42 -4.42 -38.84
N THR A 2489 -30.62 -3.13 -39.15
CA THR A 2489 -29.69 -2.44 -40.03
C THR A 2489 -28.28 -2.42 -39.45
N GLN A 2490 -28.16 -2.15 -38.15
CA GLN A 2490 -26.87 -2.22 -37.50
C GLN A 2490 -26.31 -3.64 -37.50
N PHE A 2491 -27.17 -4.65 -37.33
CA PHE A 2491 -26.73 -6.03 -37.38
C PHE A 2491 -26.17 -6.37 -38.76
N GLU A 2492 -26.83 -5.91 -39.82
CA GLU A 2492 -26.33 -6.18 -41.17
C GLU A 2492 -25.04 -5.42 -41.44
N GLU A 2493 -24.89 -4.24 -40.84
CA GLU A 2493 -23.66 -3.45 -41.03
C GLU A 2493 -22.46 -4.20 -40.50
N THR A 2494 -22.53 -4.67 -39.25
CA THR A 2494 -21.41 -5.40 -38.67
C THR A 2494 -21.25 -6.77 -39.29
N TRP A 2495 -22.34 -7.38 -39.75
CA TRP A 2495 -22.23 -8.66 -40.44
C TRP A 2495 -21.44 -8.52 -41.72
N ALA A 2496 -21.73 -7.47 -42.51
CA ALA A 2496 -20.96 -7.21 -43.71
C ALA A 2496 -19.53 -6.78 -43.36
N THR A 2497 -19.38 -6.01 -42.29
CA THR A 2497 -18.05 -5.56 -41.89
C THR A 2497 -17.17 -6.75 -41.52
N LEU A 2498 -17.70 -7.69 -40.74
CA LEU A 2498 -16.94 -8.88 -40.37
C LEU A 2498 -16.66 -9.75 -41.59
N LEU A 2499 -17.61 -9.84 -42.52
CA LEU A 2499 -17.40 -10.60 -43.74
C LEU A 2499 -16.26 -10.02 -44.57
N GLY A 2500 -16.17 -8.69 -44.63
CA GLY A 2500 -15.09 -8.05 -45.35
C GLY A 2500 -13.71 -8.38 -44.81
N VAL A 2501 -13.61 -8.67 -43.50
CA VAL A 2501 -12.35 -9.11 -42.93
C VAL A 2501 -11.95 -10.51 -43.39
N LEU A 2502 -12.91 -11.30 -43.86
CA LEU A 2502 -12.66 -12.65 -44.36
C LEU A 2502 -12.47 -12.57 -45.87
N VAL A 2503 -11.25 -12.23 -46.29
CA VAL A 2503 -10.93 -12.14 -47.71
C VAL A 2503 -9.60 -12.81 -47.99
N ARG A 2522 -0.84 -13.02 -39.61
CA ARG A 2522 -1.79 -12.97 -40.72
C ARG A 2522 -3.12 -13.70 -40.49
N THR A 2523 -3.10 -14.94 -40.00
CA THR A 2523 -4.37 -15.63 -39.83
C THR A 2523 -4.97 -15.43 -38.46
N GLN A 2524 -4.27 -14.70 -37.58
CA GLN A 2524 -4.88 -14.28 -36.32
C GLN A 2524 -6.10 -13.41 -36.59
N ILE A 2525 -6.02 -12.56 -37.61
CA ILE A 2525 -7.20 -11.83 -38.08
C ILE A 2525 -8.25 -12.80 -38.56
N ASN A 2526 -7.84 -13.83 -39.31
CA ASN A 2526 -8.79 -14.83 -39.80
C ASN A 2526 -9.47 -15.55 -38.64
N VAL A 2527 -8.70 -15.93 -37.62
CA VAL A 2527 -9.27 -16.61 -36.47
C VAL A 2527 -10.21 -15.69 -35.70
N LEU A 2528 -9.79 -14.44 -35.48
CA LEU A 2528 -10.62 -13.51 -34.70
C LEU A 2528 -11.93 -13.23 -35.41
N ALA A 2529 -11.91 -13.04 -36.72
CA ALA A 2529 -13.13 -12.75 -37.46
C ALA A 2529 -14.12 -13.91 -37.37
N VAL A 2530 -13.62 -15.13 -37.46
CA VAL A 2530 -14.48 -16.31 -37.34
C VAL A 2530 -15.11 -16.35 -35.95
N GLN A 2531 -14.32 -16.09 -34.91
CA GLN A 2531 -14.86 -16.04 -33.55
C GLN A 2531 -15.85 -14.90 -33.40
N ALA A 2532 -15.55 -13.72 -33.97
CA ALA A 2532 -16.45 -12.59 -33.87
C ALA A 2532 -17.76 -12.86 -34.59
N ILE A 2533 -17.70 -13.51 -35.75
CA ILE A 2533 -18.92 -13.87 -36.47
C ILE A 2533 -19.76 -14.82 -35.65
N THR A 2534 -19.11 -15.75 -34.94
CA THR A 2534 -19.84 -16.72 -34.12
C THR A 2534 -20.64 -16.00 -33.03
N SER A 2535 -20.02 -15.04 -32.36
CA SER A 2535 -20.73 -14.31 -31.31
C SER A 2535 -21.87 -13.48 -31.88
N LEU A 2536 -21.65 -12.87 -33.05
CA LEU A 2536 -22.68 -12.02 -33.64
C LEU A 2536 -23.92 -12.84 -34.00
N VAL A 2537 -23.73 -14.01 -34.61
CA VAL A 2537 -24.86 -14.88 -34.91
C VAL A 2537 -25.47 -15.42 -33.63
N LEU A 2538 -24.62 -15.80 -32.67
CA LEU A 2538 -25.12 -16.32 -31.40
C LEU A 2538 -25.92 -15.26 -30.65
N SER A 2539 -25.59 -13.98 -30.83
CA SER A 2539 -26.29 -12.92 -30.13
C SER A 2539 -27.75 -12.81 -30.55
N ALA A 2540 -28.12 -13.36 -31.70
CA ALA A 2540 -29.49 -13.29 -32.17
C ALA A 2540 -30.43 -14.23 -31.43
N MET A 2541 -29.89 -15.15 -30.62
CA MET A 2541 -30.72 -16.13 -29.93
C MET A 2541 -31.27 -15.65 -28.60
N THR A 2542 -30.80 -14.51 -28.08
CA THR A 2542 -31.29 -14.01 -26.81
C THR A 2542 -32.78 -13.68 -26.91
N VAL A 2543 -33.55 -14.14 -25.92
CA VAL A 2543 -35.00 -14.26 -26.07
C VAL A 2543 -35.73 -12.93 -25.98
N PRO A 2544 -35.65 -12.17 -24.88
CA PRO A 2544 -36.52 -10.99 -24.78
C PRO A 2544 -36.26 -9.95 -25.85
N VAL A 2545 -35.04 -9.44 -25.94
CA VAL A 2545 -34.62 -8.56 -27.03
C VAL A 2545 -33.35 -9.15 -27.61
N ALA A 2546 -33.35 -9.43 -28.91
CA ALA A 2546 -32.28 -10.22 -29.51
C ALA A 2546 -30.93 -9.53 -29.36
N GLY A 2547 -30.84 -8.27 -29.76
CA GLY A 2547 -29.56 -7.58 -29.79
C GLY A 2547 -29.17 -6.84 -28.53
N ASN A 2548 -29.93 -6.97 -27.44
CA ASN A 2548 -29.67 -6.18 -26.25
C ASN A 2548 -29.02 -7.03 -25.17
N PRO A 2549 -27.72 -6.86 -24.90
CA PRO A 2549 -27.10 -7.63 -23.81
C PRO A 2549 -27.55 -7.17 -22.43
N ALA A 2550 -27.94 -5.91 -22.28
CA ALA A 2550 -28.36 -5.39 -20.99
C ALA A 2550 -29.74 -5.87 -20.57
N VAL A 2551 -30.49 -6.48 -21.47
CA VAL A 2551 -31.84 -6.94 -21.17
C VAL A 2551 -32.00 -8.44 -21.32
N SER A 2552 -31.22 -9.09 -22.17
CA SER A 2552 -31.48 -10.45 -22.59
C SER A 2552 -30.27 -11.34 -22.33
N CYS A 2553 -30.54 -12.65 -22.23
CA CYS A 2553 -29.51 -13.67 -22.13
C CYS A 2553 -29.81 -14.76 -23.15
N LEU A 2554 -28.82 -15.62 -23.37
CA LEU A 2554 -28.94 -16.64 -24.40
C LEU A 2554 -30.11 -17.58 -24.13
N GLU A 2555 -30.81 -17.96 -25.20
CA GLU A 2555 -31.97 -18.82 -25.09
C GLU A 2555 -31.59 -20.18 -24.53
N GLN A 2556 -32.46 -20.74 -23.69
CA GLN A 2556 -32.26 -22.05 -23.11
C GLN A 2556 -33.46 -22.92 -23.43
N GLN A 2557 -33.20 -24.13 -23.94
CA GLN A 2557 -34.24 -25.12 -24.22
C GLN A 2557 -33.88 -26.38 -23.44
N PRO A 2558 -34.42 -26.56 -22.25
CA PRO A 2558 -34.05 -27.71 -21.41
C PRO A 2558 -34.37 -29.03 -22.09
N ARG A 2559 -33.50 -30.02 -21.88
CA ARG A 2559 -33.70 -31.35 -22.42
C ARG A 2559 -34.61 -32.21 -21.54
N ASN A 2560 -35.01 -31.72 -20.37
CA ASN A 2560 -35.86 -32.46 -19.46
C ASN A 2560 -37.29 -31.98 -19.60
N LYS A 2561 -38.20 -32.90 -19.91
CA LYS A 2561 -39.60 -32.57 -20.06
C LYS A 2561 -40.23 -32.28 -18.70
N PRO A 2562 -41.35 -31.56 -18.69
CA PRO A 2562 -42.03 -31.29 -17.42
C PRO A 2562 -42.44 -32.57 -16.72
N LEU A 2563 -42.39 -32.55 -15.39
CA LEU A 2563 -42.62 -33.75 -14.60
C LEU A 2563 -44.11 -34.00 -14.42
N LYS A 2564 -44.55 -35.22 -14.73
CA LYS A 2564 -45.92 -35.64 -14.48
C LYS A 2564 -46.16 -35.99 -13.02
N ALA A 2565 -45.11 -36.15 -12.22
CA ALA A 2565 -45.28 -36.36 -10.79
C ALA A 2565 -45.98 -35.17 -10.13
N LEU A 2566 -45.70 -33.97 -10.61
CA LEU A 2566 -46.44 -32.79 -10.17
C LEU A 2566 -47.81 -32.78 -10.83
N ASP A 2567 -48.50 -31.65 -10.70
CA ASP A 2567 -49.85 -31.32 -11.19
C ASP A 2567 -50.91 -32.34 -10.79
N THR A 2568 -50.59 -33.26 -9.88
CA THR A 2568 -51.55 -34.23 -9.37
C THR A 2568 -52.19 -33.68 -8.10
N ARG A 2569 -52.96 -34.54 -7.42
CA ARG A 2569 -53.64 -34.11 -6.20
C ARG A 2569 -52.63 -33.89 -5.08
N PHE A 2570 -51.50 -34.56 -5.14
CA PHE A 2570 -50.45 -34.25 -4.17
C PHE A 2570 -49.27 -33.52 -4.77
N GLY A 2571 -49.03 -33.69 -6.07
CA GLY A 2571 -47.97 -32.93 -6.72
C GLY A 2571 -48.23 -31.44 -6.77
N ARG A 2572 -49.51 -31.04 -6.91
CA ARG A 2572 -49.84 -29.63 -6.92
C ARG A 2572 -49.51 -28.98 -5.58
N LYS A 2573 -49.83 -29.66 -4.47
CA LYS A 2573 -49.46 -29.13 -3.16
C LYS A 2573 -47.95 -29.18 -2.95
N LEU A 2574 -47.27 -30.18 -3.53
CA LEU A 2574 -45.81 -30.23 -3.43
C LEU A 2574 -45.18 -29.02 -4.13
N SER A 2575 -45.72 -28.65 -5.28
CA SER A 2575 -45.18 -27.51 -6.01
C SER A 2575 -45.34 -26.22 -5.23
N ILE A 2576 -46.44 -26.08 -4.49
CA ILE A 2576 -46.65 -24.88 -3.69
C ILE A 2576 -45.60 -24.77 -2.59
N ILE A 2577 -45.32 -25.87 -1.89
CA ILE A 2577 -44.37 -25.81 -0.79
C ILE A 2577 -42.94 -25.88 -1.30
N ARG A 2578 -42.70 -26.54 -2.43
CA ARG A 2578 -41.36 -26.54 -3.01
C ARG A 2578 -41.07 -25.24 -3.75
N GLY A 2579 -42.08 -24.62 -4.35
CA GLY A 2579 -41.86 -23.35 -5.02
C GLY A 2579 -41.41 -22.26 -4.05
N ILE A 2580 -41.99 -22.25 -2.84
CA ILE A 2580 -41.55 -21.30 -1.82
C ILE A 2580 -40.09 -21.56 -1.46
N VAL A 2581 -39.73 -22.83 -1.26
CA VAL A 2581 -38.35 -23.17 -0.97
C VAL A 2581 -37.45 -22.87 -2.16
N GLU A 2582 -37.94 -23.15 -3.38
CA GLU A 2582 -37.16 -22.88 -4.57
C GLU A 2582 -36.85 -21.40 -4.72
N GLN A 2583 -37.84 -20.55 -4.43
CA GLN A 2583 -37.62 -19.10 -4.51
C GLN A 2583 -36.53 -18.65 -3.55
N GLU A 2584 -36.54 -19.20 -2.32
CA GLU A 2584 -35.53 -18.83 -1.34
C GLU A 2584 -34.16 -19.42 -1.68
N ILE A 2585 -34.13 -20.58 -2.31
CA ILE A 2585 -32.85 -21.12 -2.79
C ILE A 2585 -32.25 -20.21 -3.84
N GLN A 2586 -33.06 -19.76 -4.79
CA GLN A 2586 -32.57 -18.89 -5.84
C GLN A 2586 -32.01 -17.59 -5.28
N ALA A 2587 -32.62 -17.09 -4.20
CA ALA A 2587 -32.23 -15.80 -3.65
C ALA A 2587 -30.83 -15.80 -3.05
N MET A 2588 -30.29 -16.97 -2.66
CA MET A 2588 -29.03 -17.01 -1.96
C MET A 2588 -27.97 -17.90 -2.59
N VAL A 2589 -28.30 -18.72 -3.57
CA VAL A 2589 -27.32 -19.61 -4.18
C VAL A 2589 -26.97 -19.18 -5.61
N SER A 2590 -27.88 -18.52 -6.32
CA SER A 2590 -27.66 -18.24 -7.73
C SER A 2590 -26.78 -17.01 -7.92
N LYS A 2591 -25.91 -17.05 -8.93
CA LYS A 2591 -25.30 -15.83 -9.45
C LYS A 2591 -26.31 -15.19 -10.38
N ARG A 2592 -26.71 -13.95 -10.05
CA ARG A 2592 -27.77 -13.27 -10.78
C ARG A 2592 -27.17 -12.65 -12.04
N GLU A 2593 -26.92 -13.52 -13.02
CA GLU A 2593 -26.32 -13.09 -14.28
C GLU A 2593 -27.30 -12.28 -15.12
N ASN A 2594 -28.55 -12.71 -15.17
CA ASN A 2594 -29.58 -12.03 -15.95
C ASN A 2594 -30.34 -10.99 -15.13
N ILE A 2595 -29.94 -10.77 -13.89
CA ILE A 2595 -30.56 -9.77 -13.01
C ILE A 2595 -29.50 -8.74 -12.65
N ALA A 2596 -29.84 -7.47 -12.84
CA ALA A 2596 -28.91 -6.37 -12.58
C ALA A 2596 -29.19 -5.66 -11.26
N THR A 2597 -30.45 -5.53 -10.87
CA THR A 2597 -30.81 -4.83 -9.66
C THR A 2597 -30.65 -5.75 -8.45
N HIS A 2598 -30.97 -5.22 -7.27
CA HIS A 2598 -30.79 -5.94 -6.01
C HIS A 2598 -32.00 -6.78 -5.63
N HIS A 2599 -33.09 -6.70 -6.38
CA HIS A 2599 -34.32 -7.38 -5.97
C HIS A 2599 -34.12 -8.89 -5.93
N LEU A 2600 -34.44 -9.49 -4.80
CA LEU A 2600 -34.07 -10.88 -4.55
C LEU A 2600 -34.92 -11.84 -5.37
N TYR A 2601 -36.23 -11.65 -5.39
CA TYR A 2601 -37.16 -12.60 -5.99
C TYR A 2601 -37.51 -12.20 -7.42
N GLN A 2602 -36.49 -12.09 -8.26
CA GLN A 2602 -36.66 -11.74 -9.66
C GLN A 2602 -35.99 -12.74 -10.60
N ALA A 2603 -35.74 -13.96 -10.13
CA ALA A 2603 -35.11 -14.96 -10.99
C ALA A 2603 -36.05 -15.37 -12.11
N TRP A 2604 -35.50 -15.51 -13.31
CA TRP A 2604 -36.26 -15.93 -14.47
C TRP A 2604 -35.34 -16.68 -15.42
N ASP A 2605 -35.90 -17.66 -16.12
CA ASP A 2605 -35.10 -18.45 -17.04
C ASP A 2605 -35.46 -18.13 -18.48
N PRO A 2606 -34.48 -18.09 -19.39
CA PRO A 2606 -34.76 -17.80 -20.81
C PRO A 2606 -35.30 -19.02 -21.55
N VAL A 2607 -36.52 -19.43 -21.19
CA VAL A 2607 -37.15 -20.59 -21.80
C VAL A 2607 -38.46 -20.16 -22.46
N PRO A 2608 -38.45 -19.79 -23.73
CA PRO A 2608 -39.70 -19.42 -24.41
C PRO A 2608 -40.55 -20.64 -24.69
N SER A 2609 -41.86 -20.40 -24.84
CA SER A 2609 -42.81 -21.46 -25.17
C SER A 2609 -42.83 -21.64 -26.67
N LEU A 2610 -42.17 -22.70 -27.14
CA LEU A 2610 -42.09 -22.98 -28.58
C LEU A 2610 -43.24 -23.91 -29.00
N SER A 2611 -44.44 -23.50 -28.62
CA SER A 2611 -45.64 -24.25 -28.95
C SER A 2611 -46.01 -24.07 -30.41
N GLY A 2616 -42.11 -17.69 -28.73
CA GLY A 2616 -43.19 -17.36 -27.82
C GLY A 2616 -42.71 -16.63 -26.57
N ALA A 2617 -43.65 -16.36 -25.67
CA ALA A 2617 -43.32 -15.67 -24.43
C ALA A 2617 -42.51 -16.58 -23.50
N LEU A 2618 -41.77 -15.95 -22.60
CA LEU A 2618 -40.95 -16.70 -21.66
C LEU A 2618 -41.83 -17.47 -20.67
N ILE A 2619 -41.38 -18.67 -20.31
CA ILE A 2619 -42.08 -19.48 -19.33
C ILE A 2619 -41.71 -19.01 -17.94
N SER A 2620 -42.70 -18.91 -17.05
CA SER A 2620 -42.45 -18.47 -15.69
C SER A 2620 -41.52 -19.43 -14.98
N HIS A 2621 -40.69 -18.89 -14.08
CA HIS A 2621 -39.72 -19.72 -13.37
C HIS A 2621 -40.40 -20.79 -12.54
N GLU A 2622 -41.59 -20.50 -12.01
CA GLU A 2622 -42.30 -21.49 -11.20
C GLU A 2622 -42.74 -22.71 -12.01
N LYS A 2623 -42.82 -22.60 -13.33
CA LYS A 2623 -43.19 -23.71 -14.19
C LYS A 2623 -41.98 -24.50 -14.67
N LEU A 2624 -40.78 -24.13 -14.24
CA LEU A 2624 -39.54 -24.82 -14.60
C LEU A 2624 -38.85 -25.35 -13.34
N LEU A 2625 -39.62 -26.04 -12.50
CA LEU A 2625 -39.14 -26.46 -11.18
C LEU A 2625 -37.81 -27.20 -11.28
N LEU A 2626 -37.79 -28.33 -11.99
CA LEU A 2626 -36.58 -29.14 -12.12
C LEU A 2626 -36.33 -29.50 -13.57
N GLN A 2627 -36.63 -28.57 -14.48
CA GLN A 2627 -36.42 -28.80 -15.91
C GLN A 2627 -35.06 -28.30 -16.39
N ILE A 2628 -34.50 -27.27 -15.75
CA ILE A 2628 -33.23 -26.72 -16.20
C ILE A 2628 -32.14 -27.79 -16.17
N ASN A 2629 -31.18 -27.67 -17.07
CA ASN A 2629 -30.14 -28.68 -17.19
C ASN A 2629 -29.35 -28.79 -15.89
N PRO A 2630 -29.17 -29.99 -15.34
CA PRO A 2630 -28.42 -30.13 -14.09
C PRO A 2630 -26.98 -29.66 -14.19
N GLU A 2631 -26.34 -29.81 -15.35
CA GLU A 2631 -24.95 -29.38 -15.49
C GLU A 2631 -24.79 -27.87 -15.54
N ARG A 2632 -25.89 -27.12 -15.64
CA ARG A 2632 -25.85 -25.67 -15.60
C ARG A 2632 -26.01 -25.20 -14.17
N GLU A 2633 -25.05 -24.42 -13.68
CA GLU A 2633 -25.09 -23.95 -12.31
C GLU A 2633 -26.27 -22.99 -12.11
N LEU A 2634 -26.80 -22.97 -10.89
CA LEU A 2634 -27.97 -22.17 -10.57
C LEU A 2634 -27.74 -20.70 -10.89
N GLY A 2635 -28.53 -20.17 -11.82
CA GLY A 2635 -28.46 -18.78 -12.19
C GLY A 2635 -27.45 -18.42 -13.25
N SER A 2636 -26.61 -19.37 -13.69
CA SER A 2636 -25.65 -19.09 -14.74
C SER A 2636 -26.35 -19.10 -16.09
N MET A 2637 -26.15 -18.03 -16.87
CA MET A 2637 -26.81 -17.88 -18.15
C MET A 2637 -25.84 -17.82 -19.32
N SER A 2638 -24.57 -18.14 -19.09
CA SER A 2638 -23.60 -18.16 -20.18
C SER A 2638 -23.87 -19.34 -21.10
N TYR A 2639 -23.20 -19.34 -22.25
CA TYR A 2639 -23.42 -20.39 -23.24
C TYR A 2639 -22.90 -21.73 -22.72
N LYS A 2640 -23.66 -22.78 -23.00
CA LYS A 2640 -23.29 -24.14 -22.63
C LYS A 2640 -23.39 -25.05 -23.85
N LEU A 2641 -22.62 -26.13 -23.84
CA LEU A 2641 -22.59 -27.05 -24.98
C LEU A 2641 -23.92 -27.75 -25.21
N GLY A 2642 -24.77 -27.83 -24.18
CA GLY A 2642 -26.09 -28.42 -24.33
C GLY A 2642 -27.18 -27.38 -24.19
N GLN A 2643 -26.96 -26.22 -24.82
CA GLN A 2643 -27.83 -25.07 -24.59
C GLN A 2643 -29.28 -25.35 -24.98
N VAL A 2644 -29.49 -25.95 -26.15
CA VAL A 2644 -30.83 -26.26 -26.63
C VAL A 2644 -30.90 -27.76 -26.91
N SER A 2645 -32.04 -28.35 -26.56
CA SER A 2645 -32.23 -29.78 -26.77
C SER A 2645 -32.57 -30.08 -28.22
N ILE A 2646 -32.27 -31.32 -28.64
CA ILE A 2646 -32.69 -31.78 -29.95
C ILE A 2646 -34.21 -31.86 -30.04
N HIS A 2647 -34.88 -32.02 -28.90
CA HIS A 2647 -36.34 -31.95 -28.89
C HIS A 2647 -36.83 -30.60 -29.38
N SER A 2648 -36.17 -29.52 -28.93
CA SER A 2648 -36.55 -28.19 -29.38
C SER A 2648 -36.26 -27.98 -30.87
N VAL A 2649 -35.24 -28.64 -31.39
CA VAL A 2649 -34.95 -28.56 -32.82
C VAL A 2649 -36.09 -29.17 -33.62
N TRP A 2650 -36.59 -30.33 -33.19
CA TRP A 2650 -37.67 -30.99 -33.92
C TRP A 2650 -38.96 -30.20 -33.82
N LEU A 2651 -39.34 -29.77 -32.61
CA LEU A 2651 -40.57 -29.03 -32.39
C LEU A 2651 -40.30 -27.55 -32.60
N GLY A 2652 -40.78 -27.01 -33.72
CA GLY A 2652 -40.51 -25.62 -34.07
C GLY A 2652 -39.95 -25.51 -35.47
N ASN A 2653 -39.15 -26.50 -35.85
CA ASN A 2653 -38.62 -26.61 -37.20
C ASN A 2653 -39.17 -27.79 -37.98
N SER A 2654 -39.94 -28.67 -37.33
CA SER A 2654 -40.57 -29.83 -37.98
C SER A 2654 -39.53 -30.73 -38.64
N ILE A 2655 -38.68 -31.32 -37.81
CA ILE A 2655 -37.59 -32.17 -38.26
C ILE A 2655 -37.73 -33.55 -37.62
N THR A 2656 -37.54 -34.59 -38.43
CA THR A 2656 -37.55 -35.99 -38.08
C THR A 2656 -36.12 -36.52 -38.01
N PRO A 2657 -35.78 -37.34 -36.99
CA PRO A 2657 -34.41 -37.86 -36.95
C PRO A 2657 -34.16 -38.91 -38.03
N LYS A 2688 -38.24 -18.33 -37.80
CA LYS A 2688 -36.79 -18.36 -37.97
C LYS A 2688 -36.20 -16.96 -37.86
N HIS A 2689 -36.94 -15.96 -38.34
CA HIS A 2689 -36.52 -14.58 -38.23
C HIS A 2689 -36.68 -14.09 -36.79
N ARG A 2690 -35.61 -14.16 -36.00
CA ARG A 2690 -35.65 -13.78 -34.60
C ARG A 2690 -35.46 -12.27 -34.50
N ALA A 2691 -36.49 -11.56 -34.03
CA ALA A 2691 -36.49 -10.10 -33.91
C ALA A 2691 -36.19 -9.44 -35.25
N GLY A 2692 -36.82 -9.97 -36.30
CA GLY A 2692 -36.71 -9.36 -37.62
C GLY A 2692 -35.32 -9.37 -38.20
N VAL A 2693 -34.52 -10.40 -37.89
CA VAL A 2693 -33.18 -10.55 -38.44
C VAL A 2693 -33.13 -11.88 -39.20
N ASP A 2694 -32.75 -11.81 -40.47
CA ASP A 2694 -32.70 -13.00 -41.31
C ASP A 2694 -31.42 -13.77 -41.02
N ILE A 2695 -31.53 -14.80 -40.17
CA ILE A 2695 -30.38 -15.65 -39.85
C ILE A 2695 -30.30 -16.88 -40.75
N HIS A 2696 -31.37 -17.19 -41.49
CA HIS A 2696 -31.30 -18.30 -42.44
C HIS A 2696 -30.24 -18.02 -43.50
N SER A 2697 -30.23 -16.80 -44.05
CA SER A 2697 -29.19 -16.43 -44.99
C SER A 2697 -27.81 -16.45 -44.33
N CYS A 2698 -27.73 -15.99 -43.08
CA CYS A 2698 -26.48 -16.03 -42.35
C CYS A 2698 -26.04 -17.46 -42.09
N SER A 2699 -26.88 -18.24 -41.41
CA SER A 2699 -26.50 -19.59 -41.02
C SER A 2699 -26.12 -20.44 -42.23
N GLN A 2700 -26.83 -20.25 -43.34
CA GLN A 2700 -26.47 -20.97 -44.56
C GLN A 2700 -25.17 -20.42 -45.16
N PHE A 2701 -24.89 -19.14 -44.93
CA PHE A 2701 -23.67 -18.55 -45.49
C PHE A 2701 -22.43 -19.17 -44.88
N LEU A 2702 -22.39 -19.30 -43.55
CA LEU A 2702 -21.23 -19.93 -42.91
C LEU A 2702 -21.10 -21.39 -43.30
N LEU A 2703 -22.22 -22.10 -43.43
CA LEU A 2703 -22.16 -23.52 -43.79
C LEU A 2703 -21.43 -23.70 -45.12
N GLU A 2704 -21.82 -22.96 -46.15
CA GLU A 2704 -21.09 -23.00 -47.41
C GLU A 2704 -19.69 -22.43 -47.26
N LEU A 2705 -19.55 -21.35 -46.49
CA LEU A 2705 -18.23 -20.75 -46.30
C LEU A 2705 -17.29 -21.71 -45.57
N TYR A 2706 -17.78 -22.33 -44.49
CA TYR A 2706 -16.92 -23.25 -43.73
C TYR A 2706 -16.65 -24.53 -44.51
N SER A 2707 -17.60 -24.97 -45.33
CA SER A 2707 -17.39 -26.18 -46.12
C SER A 2707 -16.20 -26.03 -47.06
N ARG A 2708 -16.15 -24.92 -47.79
CA ARG A 2708 -15.00 -24.65 -48.65
C ARG A 2708 -13.78 -24.21 -47.86
N TRP A 2709 -13.95 -23.85 -46.59
CA TRP A 2709 -12.84 -23.36 -45.79
C TRP A 2709 -11.93 -24.46 -45.28
N ILE A 2710 -12.46 -25.66 -45.02
CA ILE A 2710 -11.67 -26.68 -44.33
C ILE A 2710 -11.58 -27.95 -45.16
N LEU A 2711 -12.69 -28.33 -45.81
CA LEU A 2711 -12.77 -29.58 -46.54
C LEU A 2711 -11.78 -29.72 -47.71
N PRO A 2712 -11.71 -28.75 -48.64
CA PRO A 2712 -10.94 -29.01 -49.87
C PRO A 2712 -9.44 -28.86 -49.69
N SER A 2713 -8.73 -29.98 -49.85
CA SER A 2713 -7.27 -30.02 -49.75
C SER A 2713 -6.62 -30.03 -51.13
N SER A 2714 -7.19 -29.31 -52.10
CA SER A 2714 -6.77 -29.44 -53.48
C SER A 2714 -6.00 -28.24 -54.01
N SER A 2715 -6.29 -27.03 -53.53
CA SER A 2715 -5.78 -25.88 -54.27
C SER A 2715 -4.33 -25.52 -53.95
N ALA A 2716 -4.08 -24.95 -52.77
CA ALA A 2716 -2.72 -24.50 -52.50
C ALA A 2716 -2.10 -24.95 -51.18
N ARG A 2717 -2.78 -24.67 -50.06
CA ARG A 2717 -2.06 -24.42 -48.82
C ARG A 2717 -2.48 -25.28 -47.63
N ARG A 2718 -3.71 -25.81 -47.64
CA ARG A 2718 -4.19 -26.59 -46.50
C ARG A 2718 -4.19 -25.77 -45.21
N THR A 2719 -5.13 -24.83 -45.10
CA THR A 2719 -5.23 -23.75 -44.12
C THR A 2719 -4.73 -24.12 -42.73
N PRO A 2720 -4.00 -23.19 -42.06
CA PRO A 2720 -3.25 -23.53 -40.84
C PRO A 2720 -4.04 -24.19 -39.72
N ALA A 2721 -3.30 -24.70 -38.72
CA ALA A 2721 -3.86 -25.47 -37.63
C ALA A 2721 -4.60 -24.62 -36.60
N ILE A 2722 -4.26 -23.34 -36.47
CA ILE A 2722 -4.99 -22.48 -35.54
C ILE A 2722 -6.40 -22.23 -36.06
N LEU A 2723 -6.55 -22.09 -37.38
CA LEU A 2723 -7.83 -21.69 -37.96
C LEU A 2723 -8.83 -22.85 -37.98
N ILE A 2724 -8.34 -24.07 -38.21
CA ILE A 2724 -9.24 -25.22 -38.38
C ILE A 2724 -10.03 -25.48 -37.11
N SER A 2725 -9.38 -25.39 -35.94
CA SER A 2725 -10.06 -25.71 -34.69
C SER A 2725 -11.24 -24.79 -34.44
N GLU A 2726 -11.05 -23.49 -34.68
CA GLU A 2726 -12.11 -22.53 -34.38
C GLU A 2726 -13.29 -22.66 -35.32
N VAL A 2727 -13.06 -23.13 -36.56
CA VAL A 2727 -14.16 -23.31 -37.50
C VAL A 2727 -15.14 -24.36 -36.97
N VAL A 2728 -14.62 -25.48 -36.48
CA VAL A 2728 -15.50 -26.50 -35.91
C VAL A 2728 -16.16 -26.00 -34.64
N ARG A 2729 -15.43 -25.25 -33.82
CA ARG A 2729 -16.02 -24.62 -32.64
C ARG A 2729 -17.12 -23.65 -33.05
N SER A 2730 -16.87 -22.83 -34.06
CA SER A 2730 -17.89 -21.91 -34.55
C SER A 2730 -19.05 -22.66 -35.17
N LEU A 2731 -18.76 -23.71 -35.94
CA LEU A 2731 -19.83 -24.49 -36.55
C LEU A 2731 -20.69 -25.15 -35.49
N LEU A 2732 -20.07 -25.67 -34.43
CA LEU A 2732 -20.83 -26.31 -33.35
C LEU A 2732 -21.76 -25.31 -32.67
N VAL A 2733 -21.27 -24.10 -32.38
CA VAL A 2733 -22.07 -23.10 -31.70
C VAL A 2733 -23.18 -22.60 -32.61
N VAL A 2734 -22.86 -22.31 -33.87
CA VAL A 2734 -23.83 -21.77 -34.81
C VAL A 2734 -24.94 -22.76 -35.10
N SER A 2735 -24.66 -24.06 -34.98
CA SER A 2735 -25.66 -25.09 -35.30
C SER A 2735 -26.92 -24.98 -34.47
N ASP A 2736 -26.87 -24.30 -33.32
CA ASP A 2736 -28.06 -24.15 -32.50
C ASP A 2736 -29.16 -23.38 -33.21
N LEU A 2737 -28.79 -22.52 -34.16
CA LEU A 2737 -29.75 -21.71 -34.90
C LEU A 2737 -30.17 -22.32 -36.23
N PHE A 2738 -29.72 -23.53 -36.53
CA PHE A 2738 -30.11 -24.18 -37.78
C PHE A 2738 -31.60 -24.49 -37.77
N THR A 2739 -32.19 -24.53 -38.97
CA THR A 2739 -33.62 -24.72 -39.11
C THR A 2739 -34.01 -25.92 -39.95
N GLU A 2740 -33.20 -26.34 -40.91
CA GLU A 2740 -33.56 -27.42 -41.81
C GLU A 2740 -32.61 -28.60 -41.63
N ARG A 2741 -33.12 -29.81 -41.86
CA ARG A 2741 -32.30 -31.01 -41.70
C ARG A 2741 -31.14 -31.03 -42.70
N ASN A 2742 -31.35 -30.47 -43.89
CA ASN A 2742 -30.26 -30.43 -44.87
C ASN A 2742 -29.07 -29.64 -44.34
N GLN A 2743 -29.33 -28.56 -43.60
CA GLN A 2743 -28.23 -27.85 -42.95
C GLN A 2743 -27.46 -28.76 -41.99
N PHE A 2744 -28.15 -29.68 -41.32
CA PHE A 2744 -27.49 -30.65 -40.47
C PHE A 2744 -26.77 -31.73 -41.28
N GLU A 2745 -27.23 -31.99 -42.50
CA GLU A 2745 -26.55 -32.97 -43.34
C GLU A 2745 -25.15 -32.49 -43.73
N LEU A 2746 -25.05 -31.24 -44.17
CA LEU A 2746 -23.75 -30.71 -44.58
C LEU A 2746 -22.77 -30.63 -43.42
N MET A 2747 -23.23 -30.22 -42.24
CA MET A 2747 -22.33 -30.04 -41.11
C MET A 2747 -21.74 -31.38 -40.66
N TYR A 2748 -22.49 -32.46 -40.80
CA TYR A 2748 -21.90 -33.79 -40.62
C TYR A 2748 -20.85 -34.04 -41.70
N VAL A 2749 -21.23 -33.84 -42.96
CA VAL A 2749 -20.31 -34.11 -44.06
C VAL A 2749 -19.16 -33.12 -44.07
N THR A 2750 -19.37 -31.94 -43.45
CA THR A 2750 -18.26 -30.99 -43.32
C THR A 2750 -17.16 -31.56 -42.45
N LEU A 2751 -17.52 -32.35 -41.44
CA LEU A 2751 -16.54 -32.82 -40.46
C LEU A 2751 -16.05 -34.23 -40.80
N THR A 2752 -16.80 -34.97 -41.62
CA THR A 2752 -16.50 -36.39 -41.81
C THR A 2752 -15.13 -36.59 -42.45
N GLU A 2753 -14.89 -35.93 -43.59
CA GLU A 2753 -13.58 -36.04 -44.23
C GLU A 2753 -12.52 -35.33 -43.40
N LEU A 2754 -12.85 -34.16 -42.86
CA LEU A 2754 -11.87 -33.40 -42.08
C LEU A 2754 -11.33 -34.21 -40.92
N ARG A 2755 -12.12 -35.16 -40.41
CA ARG A 2755 -11.61 -36.09 -39.40
C ARG A 2755 -10.47 -36.93 -39.96
N ARG A 2756 -10.58 -37.33 -41.23
CA ARG A 2756 -9.61 -38.22 -41.84
C ARG A 2756 -8.50 -37.49 -42.60
N VAL A 2757 -8.70 -36.21 -42.95
CA VAL A 2757 -7.63 -35.43 -43.54
C VAL A 2757 -6.77 -34.75 -42.49
N HIS A 2758 -7.22 -34.70 -41.24
CA HIS A 2758 -6.44 -34.12 -40.15
C HIS A 2758 -5.73 -35.21 -39.38
N PRO A 2759 -4.43 -35.07 -39.14
CA PRO A 2759 -3.72 -36.06 -38.34
C PRO A 2759 -4.27 -36.13 -36.92
N SER A 2760 -4.20 -37.32 -36.32
CA SER A 2760 -4.79 -37.57 -35.01
C SER A 2760 -3.88 -37.16 -33.85
N GLU A 2761 -2.75 -36.52 -34.13
CA GLU A 2761 -1.84 -36.07 -33.09
C GLU A 2761 -2.16 -34.66 -32.59
N ASP A 2762 -3.41 -34.22 -32.75
CA ASP A 2762 -3.86 -32.91 -32.29
C ASP A 2762 -5.00 -33.11 -31.32
N GLU A 2763 -4.88 -32.48 -30.15
CA GLU A 2763 -5.90 -32.61 -29.10
C GLU A 2763 -6.77 -31.39 -28.93
N ILE A 2764 -6.24 -30.18 -29.15
CA ILE A 2764 -7.06 -28.99 -29.09
C ILE A 2764 -8.10 -29.01 -30.20
N LEU A 2765 -7.82 -29.72 -31.28
CA LEU A 2765 -8.77 -29.85 -32.38
C LEU A 2765 -9.90 -30.82 -32.05
N ALA A 2766 -9.59 -31.93 -31.39
CA ALA A 2766 -10.58 -32.98 -31.18
C ALA A 2766 -11.64 -32.57 -30.16
N GLN A 2767 -11.37 -31.55 -29.35
CA GLN A 2767 -12.30 -31.17 -28.30
C GLN A 2767 -13.57 -30.55 -28.86
N TYR A 2768 -13.49 -29.93 -30.04
CA TYR A 2768 -14.67 -29.34 -30.65
C TYR A 2768 -15.28 -30.28 -31.68
N LEU A 2769 -14.46 -31.09 -32.35
CA LEU A 2769 -14.96 -31.94 -33.43
C LEU A 2769 -15.94 -32.99 -32.90
N VAL A 2770 -15.59 -33.65 -31.79
CA VAL A 2770 -16.41 -34.76 -31.31
C VAL A 2770 -17.82 -34.33 -30.92
N PRO A 2771 -18.02 -33.30 -30.07
CA PRO A 2771 -19.41 -32.93 -29.75
C PRO A 2771 -20.21 -32.46 -30.94
N ALA A 2772 -19.57 -31.77 -31.89
CA ALA A 2772 -20.28 -31.26 -33.05
C ALA A 2772 -20.81 -32.40 -33.92
N THR A 2773 -19.95 -33.37 -34.21
CA THR A 2773 -20.39 -34.53 -34.98
C THR A 2773 -21.46 -35.32 -34.24
N CYS A 2774 -21.29 -35.50 -32.93
CA CYS A 2774 -22.30 -36.18 -32.13
C CYS A 2774 -23.60 -35.39 -32.12
N LYS A 2775 -23.51 -34.07 -31.97
CA LYS A 2775 -24.71 -33.24 -32.02
C LYS A 2775 -25.35 -33.30 -33.41
N ALA A 2776 -24.53 -33.21 -34.46
CA ALA A 2776 -25.05 -33.29 -35.82
C ALA A 2776 -25.73 -34.63 -36.06
N ALA A 2777 -25.10 -35.72 -35.64
CA ALA A 2777 -25.67 -37.04 -35.83
C ALA A 2777 -26.97 -37.21 -35.04
N ALA A 2778 -27.04 -36.61 -33.85
CA ALA A 2778 -28.23 -36.74 -33.02
C ALA A 2778 -29.44 -36.14 -33.72
N VAL A 2779 -29.29 -34.96 -34.30
CA VAL A 2779 -30.38 -34.38 -35.08
C VAL A 2779 -30.56 -35.14 -36.38
N LEU A 2780 -29.47 -35.56 -37.02
CA LEU A 2780 -29.54 -36.24 -38.30
C LEU A 2780 -30.21 -37.61 -38.20
N GLY A 2781 -30.28 -38.20 -37.01
CA GLY A 2781 -31.00 -39.45 -36.86
C GLY A 2781 -30.28 -40.52 -36.05
N MET A 2782 -28.94 -40.45 -36.01
CA MET A 2782 -28.13 -41.45 -35.31
C MET A 2782 -28.39 -42.85 -35.87
N ASP A 2783 -28.59 -42.93 -37.19
CA ASP A 2783 -28.89 -44.18 -37.85
C ASP A 2783 -27.63 -45.04 -37.99
N LYS A 2784 -27.79 -46.22 -38.58
CA LYS A 2784 -26.69 -47.20 -38.64
C LYS A 2784 -25.48 -46.65 -39.39
N ALA A 2785 -25.72 -45.97 -40.51
CA ALA A 2785 -24.62 -45.48 -41.32
C ALA A 2785 -23.78 -44.46 -40.58
N VAL A 2786 -24.44 -43.57 -39.82
CA VAL A 2786 -23.71 -42.53 -39.09
C VAL A 2786 -23.22 -43.03 -37.74
N ALA A 2787 -23.90 -44.02 -37.14
CA ALA A 2787 -23.59 -44.42 -35.78
C ALA A 2787 -22.17 -44.95 -35.66
N GLU A 2788 -21.78 -45.87 -36.55
CA GLU A 2788 -20.49 -46.56 -36.39
C GLU A 2788 -19.30 -45.61 -36.45
N PRO A 2789 -19.15 -44.75 -37.47
CA PRO A 2789 -17.96 -43.89 -37.49
C PRO A 2789 -17.88 -42.92 -36.32
N VAL A 2790 -19.03 -42.45 -35.82
CA VAL A 2790 -19.01 -41.51 -34.72
C VAL A 2790 -18.93 -42.25 -33.38
N SER A 2791 -19.40 -43.51 -33.35
CA SER A 2791 -19.27 -44.30 -32.14
C SER A 2791 -17.82 -44.54 -31.79
N ARG A 2792 -17.00 -44.86 -32.79
CA ARG A 2792 -15.56 -45.00 -32.54
C ARG A 2792 -14.92 -43.67 -32.21
N LEU A 2793 -15.55 -42.56 -32.60
CA LEU A 2793 -14.94 -41.25 -32.41
C LEU A 2793 -14.77 -40.89 -30.95
N LEU A 2794 -15.78 -41.17 -30.11
CA LEU A 2794 -15.65 -40.85 -28.69
C LEU A 2794 -14.63 -41.76 -28.01
N GLU A 2795 -14.60 -43.04 -28.39
CA GLU A 2795 -13.70 -43.99 -27.73
C GLU A 2795 -12.26 -43.58 -27.92
N SER A 2796 -11.88 -43.18 -29.13
CA SER A 2796 -10.53 -42.68 -29.36
C SER A 2796 -10.28 -41.35 -28.66
N THR A 2797 -11.34 -40.63 -28.32
CA THR A 2797 -11.23 -39.34 -27.63
C THR A 2797 -11.26 -39.50 -26.11
N LEU A 2798 -11.92 -40.54 -25.60
CA LEU A 2798 -12.00 -40.73 -24.16
C LEU A 2798 -10.63 -40.97 -23.53
N ARG A 2799 -9.72 -41.61 -24.27
CA ARG A 2799 -8.36 -41.84 -23.80
C ARG A 2799 -7.48 -40.71 -24.32
N SER A 2800 -7.61 -39.55 -23.69
CA SER A 2800 -6.89 -38.35 -24.11
C SER A 2800 -6.15 -37.75 -22.93
N SER A 2801 -4.91 -37.31 -23.19
CA SER A 2801 -4.17 -36.53 -22.20
C SER A 2801 -4.76 -35.13 -22.04
N HIS A 2802 -5.69 -34.74 -22.90
CA HIS A 2802 -6.29 -33.42 -22.89
C HIS A 2802 -7.70 -33.55 -22.31
N LEU A 2803 -7.87 -33.09 -21.07
CA LEU A 2803 -9.12 -33.32 -20.34
C LEU A 2803 -10.33 -32.69 -21.01
N PRO A 2804 -10.29 -31.44 -21.50
CA PRO A 2804 -11.48 -30.88 -22.16
C PRO A 2804 -11.95 -31.71 -23.36
N SER A 2805 -11.06 -32.45 -24.01
CA SER A 2805 -11.49 -33.34 -25.09
C SER A 2805 -12.40 -34.45 -24.58
N ARG A 2806 -12.26 -34.83 -23.30
CA ARG A 2806 -13.05 -35.94 -22.77
C ARG A 2806 -14.44 -35.49 -22.34
N VAL A 2807 -14.53 -34.37 -21.62
CA VAL A 2807 -15.84 -33.83 -21.24
C VAL A 2807 -16.62 -33.41 -22.48
N GLY A 2808 -15.94 -32.75 -23.43
CA GLY A 2808 -16.59 -32.39 -24.68
C GLY A 2808 -17.11 -33.61 -25.42
N ALA A 2809 -16.34 -34.71 -25.39
CA ALA A 2809 -16.84 -35.97 -25.93
C ALA A 2809 -18.00 -36.50 -25.11
N LEU A 2810 -17.91 -36.41 -23.78
CA LEU A 2810 -19.02 -36.83 -22.93
C LEU A 2810 -20.25 -35.97 -23.18
N HIS A 2811 -20.06 -34.67 -23.39
CA HIS A 2811 -21.16 -33.80 -23.78
C HIS A 2811 -21.78 -34.26 -25.10
N GLY A 2812 -20.96 -34.82 -25.99
CA GLY A 2812 -21.51 -35.39 -27.21
C GLY A 2812 -22.34 -36.63 -26.97
N VAL A 2813 -21.92 -37.48 -26.03
CA VAL A 2813 -22.72 -38.67 -25.70
C VAL A 2813 -24.07 -38.26 -25.16
N LEU A 2814 -24.09 -37.18 -24.35
CA LEU A 2814 -25.36 -36.66 -23.86
C LEU A 2814 -26.26 -36.24 -25.01
N TYR A 2815 -25.69 -35.63 -26.04
CA TYR A 2815 -26.46 -35.32 -27.24
C TYR A 2815 -26.88 -36.61 -27.95
N VAL A 2816 -25.98 -37.59 -28.02
CA VAL A 2816 -26.23 -38.77 -28.84
C VAL A 2816 -27.41 -39.58 -28.29
N LEU A 2817 -27.45 -39.79 -26.98
CA LEU A 2817 -28.50 -40.59 -26.36
C LEU A 2817 -29.63 -39.75 -25.78
N GLU A 2818 -29.81 -38.52 -26.27
CA GLU A 2818 -30.80 -37.63 -25.68
C GLU A 2818 -32.22 -38.12 -25.93
N CYS A 2819 -32.66 -38.10 -27.18
CA CYS A 2819 -33.96 -38.68 -27.52
C CYS A 2819 -33.96 -39.56 -28.75
N ASP A 2820 -32.99 -39.43 -29.65
CA ASP A 2820 -32.89 -40.33 -30.79
C ASP A 2820 -32.61 -41.74 -30.30
N LEU A 2821 -33.60 -42.62 -30.43
CA LEU A 2821 -33.50 -43.98 -29.91
C LEU A 2821 -32.30 -44.70 -30.53
N LEU A 2822 -31.31 -44.99 -29.70
CA LEU A 2822 -30.08 -45.60 -30.19
C LEU A 2822 -30.35 -47.00 -30.73
N ASP A 2823 -29.68 -47.33 -31.82
CA ASP A 2823 -29.84 -48.66 -32.41
C ASP A 2823 -29.31 -49.72 -31.47
N ASP A 2824 -29.96 -50.89 -31.47
CA ASP A 2824 -29.55 -51.99 -30.63
C ASP A 2824 -28.16 -52.51 -30.98
N THR A 2825 -27.67 -52.24 -32.18
CA THR A 2825 -26.28 -52.50 -32.51
C THR A 2825 -25.33 -51.52 -31.83
N ALA A 2826 -25.80 -50.32 -31.52
CA ALA A 2826 -25.01 -49.32 -30.81
C ALA A 2826 -25.07 -49.47 -29.30
N LYS A 2827 -25.51 -50.63 -28.80
CA LYS A 2827 -25.52 -50.88 -27.37
C LYS A 2827 -24.13 -51.04 -26.78
N GLN A 2828 -23.09 -51.13 -27.62
CA GLN A 2828 -21.73 -51.22 -27.11
C GLN A 2828 -21.22 -49.90 -26.56
N LEU A 2829 -21.82 -48.78 -26.94
CA LEU A 2829 -21.34 -47.48 -26.46
C LEU A 2829 -21.72 -47.24 -25.01
N ILE A 2830 -22.85 -47.79 -24.57
CA ILE A 2830 -23.36 -47.55 -23.22
C ILE A 2830 -22.38 -48.07 -22.17
N PRO A 2831 -21.94 -49.33 -22.20
CA PRO A 2831 -21.03 -49.80 -21.14
C PRO A 2831 -19.68 -49.10 -21.14
N VAL A 2832 -19.17 -48.71 -22.31
CA VAL A 2832 -17.86 -48.07 -22.36
C VAL A 2832 -17.90 -46.75 -21.60
N ILE A 2833 -19.01 -46.02 -21.71
CA ILE A 2833 -19.17 -44.77 -20.98
C ILE A 2833 -19.68 -45.02 -19.57
N SER A 2834 -20.62 -45.95 -19.39
CA SER A 2834 -21.19 -46.20 -18.06
C SER A 2834 -20.12 -46.66 -17.08
N ASP A 2835 -19.25 -47.58 -17.49
CA ASP A 2835 -18.11 -47.93 -16.65
C ASP A 2835 -17.15 -46.76 -16.50
N TYR A 2836 -16.96 -45.97 -17.56
CA TYR A 2836 -16.16 -44.76 -17.44
C TYR A 2836 -16.84 -43.76 -16.51
N LEU A 2837 -18.17 -43.73 -16.50
CA LEU A 2837 -18.89 -42.88 -15.56
C LEU A 2837 -18.53 -43.24 -14.12
N LEU A 2838 -18.27 -44.53 -13.87
CA LEU A 2838 -17.91 -44.97 -12.53
C LEU A 2838 -16.40 -45.02 -12.31
N SER A 2839 -15.63 -45.32 -13.36
CA SER A 2839 -14.19 -45.46 -13.20
C SER A 2839 -13.54 -44.14 -12.80
N ASN A 2840 -13.91 -43.05 -13.46
CA ASN A 2840 -13.31 -41.74 -13.20
C ASN A 2840 -13.95 -41.01 -12.03
N LEU A 2841 -15.17 -41.38 -11.65
CA LEU A 2841 -15.82 -40.71 -10.53
C LEU A 2841 -15.36 -41.26 -9.19
N LYS A 2842 -14.84 -42.50 -9.18
CA LYS A 2842 -14.43 -43.11 -7.91
C LYS A 2842 -13.28 -42.34 -7.27
N GLY A 2843 -12.30 -41.92 -8.06
CA GLY A 2843 -11.15 -41.23 -7.50
C GLY A 2843 -11.45 -39.81 -7.06
N ILE A 2844 -12.66 -39.31 -7.36
CA ILE A 2844 -13.02 -37.94 -7.03
C ILE A 2844 -14.37 -37.82 -6.33
N ALA A 2845 -15.05 -38.95 -6.06
CA ALA A 2845 -16.38 -38.89 -5.47
C ALA A 2845 -16.40 -38.16 -4.13
N HIS A 2846 -15.28 -38.12 -3.42
CA HIS A 2846 -15.16 -37.37 -2.18
C HIS A 2846 -14.14 -36.24 -2.26
N CYS A 2847 -13.50 -36.05 -3.41
CA CYS A 2847 -12.49 -35.03 -3.61
C CYS A 2847 -12.72 -34.30 -4.93
N VAL A 2848 -13.97 -33.87 -5.16
CA VAL A 2848 -14.29 -33.14 -6.38
C VAL A 2848 -13.54 -31.82 -6.45
N ASN A 2849 -13.17 -31.27 -5.29
CA ASN A 2849 -12.52 -29.96 -5.26
C ASN A 2849 -11.16 -29.98 -5.93
N ILE A 2850 -10.37 -31.03 -5.72
CA ILE A 2850 -9.02 -31.06 -6.27
C ILE A 2850 -9.04 -31.36 -7.77
N HIS A 2851 -10.20 -31.75 -8.29
CA HIS A 2851 -10.35 -32.12 -9.69
C HIS A 2851 -11.19 -31.07 -10.40
N SER A 2852 -11.20 -31.13 -11.74
CA SER A 2852 -11.95 -30.17 -12.54
C SER A 2852 -13.44 -30.24 -12.21
N GLN A 2853 -14.05 -29.06 -12.06
CA GLN A 2853 -15.45 -28.99 -11.66
C GLN A 2853 -16.39 -29.28 -12.84
N GLN A 2854 -16.00 -28.86 -14.05
CA GLN A 2854 -16.87 -29.04 -15.21
C GLN A 2854 -17.09 -30.51 -15.52
N HIS A 2855 -16.04 -31.32 -15.43
CA HIS A 2855 -16.15 -32.73 -15.76
C HIS A 2855 -17.15 -33.44 -14.85
N VAL A 2856 -17.09 -33.18 -13.55
CA VAL A 2856 -18.00 -33.81 -12.61
C VAL A 2856 -19.43 -33.37 -12.88
N LEU A 2857 -19.62 -32.10 -13.22
CA LEU A 2857 -20.97 -31.58 -13.44
C LEU A 2857 -21.66 -32.28 -14.60
N VAL A 2858 -20.93 -32.48 -15.71
CA VAL A 2858 -21.53 -33.15 -16.87
C VAL A 2858 -21.58 -34.66 -16.64
N MET A 2859 -20.59 -35.21 -15.92
CA MET A 2859 -20.60 -36.63 -15.62
C MET A 2859 -21.81 -37.01 -14.79
N CYS A 2860 -22.14 -36.20 -13.79
CA CYS A 2860 -23.33 -36.45 -12.97
C CYS A 2860 -24.61 -36.10 -13.71
N ALA A 2861 -24.53 -35.21 -14.71
CA ALA A 2861 -25.72 -34.83 -15.46
C ALA A 2861 -26.18 -35.94 -16.38
N THR A 2862 -25.25 -36.58 -17.10
CA THR A 2862 -25.65 -37.66 -18.01
C THR A 2862 -26.08 -38.90 -17.24
N ALA A 2863 -25.52 -39.10 -16.05
CA ALA A 2863 -25.93 -40.24 -15.23
C ALA A 2863 -27.39 -40.12 -14.83
N PHE A 2864 -27.84 -38.92 -14.47
CA PHE A 2864 -29.25 -38.71 -14.15
C PHE A 2864 -30.13 -38.98 -15.37
N TYR A 2865 -29.73 -38.47 -16.53
CA TYR A 2865 -30.52 -38.70 -17.74
C TYR A 2865 -30.52 -40.17 -18.14
N LEU A 2866 -29.35 -40.82 -18.04
CA LEU A 2866 -29.28 -42.24 -18.39
C LEU A 2866 -30.16 -43.09 -17.48
N ILE A 2867 -30.14 -42.80 -16.18
CA ILE A 2867 -30.97 -43.55 -15.25
C ILE A 2867 -32.45 -43.25 -15.48
N GLU A 2868 -32.80 -41.98 -15.71
CA GLU A 2868 -34.20 -41.59 -15.82
C GLU A 2868 -34.83 -42.08 -17.12
N ASN A 2869 -34.12 -41.96 -18.24
CA ASN A 2869 -34.71 -42.20 -19.55
C ASN A 2869 -34.44 -43.59 -20.10
N TYR A 2870 -33.24 -44.15 -19.86
CA TYR A 2870 -32.87 -45.48 -20.35
C TYR A 2870 -32.38 -46.31 -19.16
N PRO A 2871 -33.27 -46.72 -18.27
CA PRO A 2871 -32.83 -47.51 -17.11
C PRO A 2871 -32.37 -48.91 -17.49
N LEU A 2872 -32.90 -49.48 -18.57
CA LEU A 2872 -32.54 -50.84 -18.95
C LEU A 2872 -31.16 -50.93 -19.61
N ASP A 2873 -30.70 -49.84 -20.24
CA ASP A 2873 -29.40 -49.87 -20.90
C ASP A 2873 -28.27 -50.07 -19.89
N VAL A 2874 -28.47 -49.67 -18.64
CA VAL A 2874 -27.47 -49.80 -17.60
C VAL A 2874 -28.00 -50.74 -16.53
N GLY A 2875 -27.12 -51.60 -16.02
CA GLY A 2875 -27.50 -52.55 -15.01
C GLY A 2875 -27.84 -51.88 -13.69
N PRO A 2876 -28.49 -52.63 -12.80
CA PRO A 2876 -28.83 -52.07 -11.49
C PRO A 2876 -27.61 -51.67 -10.68
N GLU A 2877 -26.45 -52.25 -10.97
CA GLU A 2877 -25.23 -51.86 -10.28
C GLU A 2877 -24.90 -50.39 -10.53
N PHE A 2878 -25.03 -49.94 -11.78
CA PHE A 2878 -24.75 -48.54 -12.09
C PHE A 2878 -25.76 -47.62 -11.43
N SER A 2879 -27.04 -47.99 -11.47
CA SER A 2879 -28.07 -47.13 -10.88
C SER A 2879 -27.95 -47.07 -9.36
N ALA A 2880 -27.81 -48.23 -8.71
CA ALA A 2880 -27.71 -48.26 -7.26
C ALA A 2880 -26.46 -47.55 -6.78
N SER A 2881 -25.34 -47.73 -7.49
CA SER A 2881 -24.11 -47.06 -7.09
C SER A 2881 -24.24 -45.54 -7.17
N ILE A 2882 -24.88 -45.03 -8.23
CA ILE A 2882 -24.93 -43.59 -8.46
C ILE A 2882 -25.60 -42.87 -7.29
N ILE A 2883 -26.71 -43.43 -6.79
CA ILE A 2883 -27.38 -42.83 -5.64
C ILE A 2883 -26.46 -42.83 -4.44
N GLN A 2884 -25.78 -43.96 -4.20
CA GLN A 2884 -24.75 -43.98 -3.17
C GLN A 2884 -23.58 -43.07 -3.56
N MET A 2885 -23.19 -43.11 -4.83
CA MET A 2885 -22.01 -42.39 -5.29
C MET A 2885 -22.19 -40.89 -5.16
N CYS A 2886 -23.36 -40.39 -5.56
CA CYS A 2886 -23.68 -38.97 -5.42
C CYS A 2886 -24.13 -38.62 -4.01
N GLY A 2887 -24.25 -39.61 -3.13
CA GLY A 2887 -24.59 -39.31 -1.74
C GLY A 2887 -23.38 -39.02 -0.88
N VAL A 2888 -22.22 -39.59 -1.21
CA VAL A 2888 -21.02 -39.33 -0.43
C VAL A 2888 -20.53 -37.90 -0.67
N MET A 2889 -20.77 -37.35 -1.87
CA MET A 2889 -20.39 -35.97 -2.13
C MET A 2889 -21.33 -35.01 -1.40
N LEU A 2890 -22.60 -35.40 -1.27
CA LEU A 2890 -23.54 -34.59 -0.49
C LEU A 2890 -23.11 -34.54 0.97
N SER A 2891 -22.88 -35.72 1.57
CA SER A 2891 -22.48 -35.80 2.98
C SER A 2891 -20.97 -35.57 3.08
N GLY A 2892 -20.58 -34.33 2.85
CA GLY A 2892 -19.18 -33.94 2.92
C GLY A 2892 -19.06 -32.49 3.32
N SER A 2893 -17.86 -32.11 3.75
CA SER A 2893 -17.61 -30.74 4.17
C SER A 2893 -17.69 -29.80 2.97
N GLU A 2894 -17.88 -28.51 3.27
CA GLU A 2894 -17.93 -27.50 2.22
C GLU A 2894 -16.63 -27.44 1.43
N GLU A 2895 -15.50 -27.77 2.07
CA GLU A 2895 -14.23 -27.80 1.37
C GLU A 2895 -14.14 -28.99 0.43
N SER A 2896 -14.74 -30.12 0.80
CA SER A 2896 -14.68 -31.33 0.00
C SER A 2896 -15.75 -31.39 -1.08
N THR A 2897 -16.68 -30.44 -1.11
CA THR A 2897 -17.75 -30.43 -2.11
C THR A 2897 -18.19 -28.99 -2.30
N PRO A 2898 -17.87 -28.38 -3.45
CA PRO A 2898 -18.36 -27.03 -3.73
C PRO A 2898 -19.88 -26.99 -3.83
N SER A 2899 -20.43 -25.81 -3.55
CA SER A 2899 -21.89 -25.66 -3.52
C SER A 2899 -22.52 -26.00 -4.86
N ILE A 2900 -21.86 -25.68 -5.97
CA ILE A 2900 -22.41 -25.99 -7.28
C ILE A 2900 -22.52 -27.49 -7.49
N ILE A 2901 -21.47 -28.24 -7.12
CA ILE A 2901 -21.53 -29.70 -7.22
C ILE A 2901 -22.56 -30.25 -6.25
N TYR A 2902 -22.62 -29.71 -5.03
CA TYR A 2902 -23.60 -30.17 -4.06
C TYR A 2902 -25.03 -29.93 -4.54
N HIS A 2903 -25.28 -28.75 -5.11
CA HIS A 2903 -26.64 -28.43 -5.54
C HIS A 2903 -27.05 -29.24 -6.76
N CYS A 2904 -26.11 -29.52 -7.67
CA CYS A 2904 -26.44 -30.28 -8.87
C CYS A 2904 -26.89 -31.70 -8.52
N ALA A 2905 -26.14 -32.37 -7.65
CA ALA A 2905 -26.51 -33.73 -7.24
C ALA A 2905 -27.83 -33.73 -6.47
N LEU A 2906 -28.02 -32.75 -5.58
CA LEU A 2906 -29.25 -32.70 -4.80
C LEU A 2906 -30.46 -32.45 -5.69
N ARG A 2907 -30.34 -31.53 -6.65
CA ARG A 2907 -31.46 -31.25 -7.54
C ARG A 2907 -31.74 -32.42 -8.47
N GLY A 2908 -30.70 -33.13 -8.90
CA GLY A 2908 -30.91 -34.30 -9.75
C GLY A 2908 -31.65 -35.40 -9.02
N LEU A 2909 -31.26 -35.66 -7.77
CA LEU A 2909 -31.96 -36.67 -6.97
C LEU A 2909 -33.42 -36.28 -6.77
N GLU A 2910 -33.69 -34.99 -6.59
CA GLU A 2910 -35.06 -34.52 -6.43
C GLU A 2910 -35.89 -34.85 -7.67
N ARG A 2911 -35.32 -34.62 -8.86
CA ARG A 2911 -36.04 -34.97 -10.09
C ARG A 2911 -36.05 -36.47 -10.31
N LEU A 2912 -34.96 -37.16 -9.95
CA LEU A 2912 -34.90 -38.61 -10.12
C LEU A 2912 -35.96 -39.30 -9.27
N LEU A 2913 -36.09 -38.89 -8.01
CA LEU A 2913 -37.09 -39.51 -7.14
C LEU A 2913 -38.49 -39.10 -7.55
N LEU A 2914 -38.67 -37.85 -7.96
CA LEU A 2914 -40.00 -37.41 -8.39
C LEU A 2914 -40.44 -38.19 -9.62
N SER A 2915 -39.54 -38.41 -10.57
CA SER A 2915 -39.85 -39.29 -11.69
C SER A 2915 -40.00 -40.72 -11.19
N GLU A 2916 -40.99 -41.42 -11.75
CA GLU A 2916 -41.30 -42.77 -11.29
C GLU A 2916 -40.41 -43.83 -11.90
N GLN A 2917 -39.49 -43.46 -12.80
CA GLN A 2917 -38.64 -44.44 -13.46
C GLN A 2917 -37.63 -45.07 -12.50
N LEU A 2918 -37.41 -44.47 -11.33
CA LEU A 2918 -36.45 -45.01 -10.38
C LEU A 2918 -36.96 -46.32 -9.78
N SER A 2919 -36.06 -47.27 -9.60
CA SER A 2919 -36.41 -48.57 -9.05
C SER A 2919 -36.77 -48.43 -7.58
N ARG A 2920 -37.51 -49.43 -7.08
CA ARG A 2920 -38.01 -49.39 -5.71
C ARG A 2920 -36.87 -49.37 -4.70
N LEU A 2921 -35.88 -50.24 -4.89
CA LEU A 2921 -34.75 -50.28 -3.97
C LEU A 2921 -33.94 -48.99 -4.03
N ASP A 2922 -33.73 -48.46 -5.23
CA ASP A 2922 -32.98 -47.22 -5.37
C ASP A 2922 -33.73 -46.04 -4.76
N ALA A 2923 -35.06 -46.02 -4.93
CA ALA A 2923 -35.85 -44.89 -4.42
C ALA A 2923 -35.80 -44.81 -2.91
N GLU A 2924 -35.99 -45.94 -2.23
CA GLU A 2924 -35.98 -45.93 -0.77
C GLU A 2924 -34.59 -45.63 -0.22
N SER A 2925 -33.55 -46.08 -0.93
CA SER A 2925 -32.19 -45.83 -0.48
C SER A 2925 -31.86 -44.34 -0.51
N LEU A 2926 -32.33 -43.64 -1.55
CA LEU A 2926 -32.04 -42.22 -1.67
C LEU A 2926 -32.80 -41.38 -0.65
N VAL A 2927 -33.92 -41.92 -0.13
CA VAL A 2927 -34.67 -41.20 0.90
C VAL A 2927 -33.85 -41.09 2.17
N LYS A 2928 -33.05 -42.11 2.49
CA LYS A 2928 -32.36 -42.19 3.78
C LYS A 2928 -31.24 -41.15 3.93
N LEU A 2929 -30.73 -40.57 2.85
CA LEU A 2929 -29.76 -39.49 3.00
C LEU A 2929 -30.39 -38.10 2.93
N SER A 2930 -31.71 -38.01 2.96
CA SER A 2930 -32.42 -36.74 3.03
C SER A 2930 -32.50 -36.20 4.46
N VAL A 2931 -32.02 -36.95 5.44
CA VAL A 2931 -32.07 -36.53 6.83
C VAL A 2931 -30.73 -36.00 7.32
N ASP A 2932 -29.63 -36.63 6.90
CA ASP A 2932 -28.31 -36.23 7.38
C ASP A 2932 -27.91 -34.85 6.89
N ARG A 2933 -28.49 -34.39 5.77
CA ARG A 2933 -28.08 -33.14 5.14
C ARG A 2933 -28.89 -31.94 5.58
N VAL A 2934 -29.83 -32.10 6.52
CA VAL A 2934 -30.62 -30.96 6.97
C VAL A 2934 -29.93 -30.12 8.02
N ASN A 2935 -29.03 -30.71 8.82
CA ASN A 2935 -28.32 -30.01 9.88
C ASN A 2935 -26.90 -29.69 9.39
N VAL A 2936 -26.77 -28.61 8.63
CA VAL A 2936 -25.48 -28.15 8.13
C VAL A 2936 -25.32 -26.67 8.50
N HIS A 2937 -24.07 -26.24 8.60
CA HIS A 2937 -23.78 -24.86 8.95
C HIS A 2937 -24.26 -23.91 7.85
N SER A 2938 -24.06 -24.29 6.59
CA SER A 2938 -24.43 -23.42 5.47
C SER A 2938 -25.95 -23.29 5.38
N PRO A 2939 -26.50 -22.08 5.40
CA PRO A 2939 -27.95 -21.92 5.26
C PRO A 2939 -28.48 -22.45 3.95
N HIS A 2940 -27.72 -22.31 2.86
CA HIS A 2940 -28.21 -22.72 1.55
C HIS A 2940 -28.16 -24.23 1.37
N ARG A 2941 -27.15 -24.90 1.92
CA ARG A 2941 -27.13 -26.36 1.88
C ARG A 2941 -28.26 -26.94 2.71
N ALA A 2942 -28.52 -26.37 3.89
CA ALA A 2942 -29.65 -26.80 4.70
C ALA A 2942 -30.97 -26.53 4.00
N MET A 2943 -31.09 -25.36 3.37
CA MET A 2943 -32.31 -25.05 2.64
C MET A 2943 -32.50 -25.96 1.43
N ALA A 2944 -31.42 -26.26 0.73
CA ALA A 2944 -31.51 -27.17 -0.42
C ALA A 2944 -31.95 -28.56 0.02
N ALA A 2945 -31.36 -29.08 1.10
CA ALA A 2945 -31.74 -30.39 1.59
C ALA A 2945 -33.16 -30.39 2.14
N LEU A 2946 -33.65 -29.23 2.58
CA LEU A 2946 -35.04 -29.13 3.00
C LEU A 2946 -35.98 -29.39 1.82
N GLY A 2947 -35.64 -28.88 0.64
CA GLY A 2947 -36.43 -29.17 -0.54
C GLY A 2947 -36.39 -30.64 -0.91
N LEU A 2948 -35.22 -31.27 -0.78
CA LEU A 2948 -35.12 -32.70 -1.04
C LEU A 2948 -35.96 -33.49 -0.03
N MET A 2949 -35.92 -33.08 1.24
CA MET A 2949 -36.74 -33.74 2.26
C MET A 2949 -38.22 -33.58 1.97
N LEU A 2950 -38.63 -32.40 1.50
CA LEU A 2950 -40.03 -32.16 1.17
C LEU A 2950 -40.47 -33.08 0.03
N THR A 2951 -39.65 -33.20 -1.01
CA THR A 2951 -40.01 -34.04 -2.15
C THR A 2951 -39.91 -35.53 -1.82
N CYS A 2952 -38.88 -35.92 -1.05
CA CYS A 2952 -38.72 -37.31 -0.68
C CYS A 2952 -39.91 -37.81 0.12
N MET A 2953 -40.59 -36.92 0.83
CA MET A 2953 -41.68 -37.30 1.70
C MET A 2953 -43.05 -37.09 1.06
N TYR A 2954 -43.22 -36.01 0.28
CA TYR A 2954 -44.47 -35.84 -0.48
C TYR A 2954 -44.66 -36.96 -1.49
N THR A 2955 -43.58 -37.38 -2.16
CA THR A 2955 -43.68 -38.47 -3.11
C THR A 2955 -44.01 -39.79 -2.41
N GLY A 2956 -43.47 -39.99 -1.21
CA GLY A 2956 -43.70 -41.24 -0.49
C GLY A 2956 -45.14 -41.44 -0.05
N LYS A 2957 -45.92 -40.37 0.04
CA LYS A 2957 -47.33 -40.48 0.42
C LYS A 2957 -48.20 -40.85 -0.77
N VAL A 2978 -46.47 -40.93 11.04
CA VAL A 2978 -46.72 -41.28 12.43
C VAL A 2978 -45.47 -41.90 13.04
N ILE A 2979 -44.67 -42.56 12.21
CA ILE A 2979 -43.43 -43.20 12.65
C ILE A 2979 -42.20 -42.48 12.09
N VAL A 2980 -42.17 -42.22 10.79
CA VAL A 2980 -41.07 -41.49 10.19
C VAL A 2980 -41.36 -40.00 10.05
N ALA A 2981 -42.63 -39.62 9.93
CA ALA A 2981 -42.97 -38.20 9.85
C ALA A 2981 -42.65 -37.47 11.15
N MET A 2982 -42.67 -38.18 12.27
CA MET A 2982 -42.32 -37.56 13.55
C MET A 2982 -40.86 -37.11 13.56
N GLU A 2983 -39.96 -37.95 13.04
CA GLU A 2983 -38.54 -37.60 13.01
C GLU A 2983 -38.24 -36.47 12.04
N ARG A 2984 -39.15 -36.17 11.12
CA ARG A 2984 -38.94 -35.13 10.11
C ARG A 2984 -39.47 -33.77 10.54
N VAL A 2985 -40.68 -33.72 11.11
CA VAL A 2985 -41.21 -32.44 11.58
C VAL A 2985 -40.41 -31.90 12.75
N SER A 2986 -39.67 -32.75 13.46
CA SER A 2986 -38.78 -32.27 14.52
C SER A 2986 -37.67 -31.40 13.95
N VAL A 2987 -37.08 -31.79 12.82
CA VAL A 2987 -36.03 -30.99 12.21
C VAL A 2987 -36.60 -29.69 11.64
N LEU A 2988 -37.90 -29.63 11.35
CA LEU A 2988 -38.51 -28.38 10.90
C LEU A 2988 -38.71 -27.39 12.04
N PHE A 2989 -38.70 -27.86 13.28
CA PHE A 2989 -38.80 -26.99 14.44
C PHE A 2989 -37.43 -26.63 15.02
N ASP A 2990 -36.48 -27.56 14.98
CA ASP A 2990 -35.13 -27.25 15.43
C ASP A 2990 -34.47 -26.22 14.51
N ARG A 2991 -34.68 -26.35 13.20
CA ARG A 2991 -34.08 -25.41 12.26
C ARG A 2991 -34.51 -23.98 12.54
N ILE A 2992 -35.73 -23.79 13.04
CA ILE A 2992 -36.16 -22.47 13.48
C ILE A 2992 -35.40 -22.06 14.74
N ARG A 2993 -35.20 -23.00 15.66
CA ARG A 2993 -34.58 -22.68 16.93
C ARG A 2993 -33.07 -22.46 16.81
N LYS A 2994 -32.42 -23.11 15.85
CA LYS A 2994 -30.98 -22.97 15.64
C LYS A 2994 -30.69 -22.56 14.20
N GLY A 2995 -31.43 -21.56 13.71
CA GLY A 2995 -31.22 -21.05 12.38
C GLY A 2995 -31.23 -19.54 12.36
N PHE A 2996 -30.68 -18.98 11.28
CA PHE A 2996 -30.64 -17.55 11.10
C PHE A 2996 -32.06 -17.02 10.88
N PRO A 2997 -32.29 -15.72 11.16
CA PRO A 2997 -33.64 -15.18 10.94
C PRO A 2997 -34.16 -15.36 9.53
N CYS A 2998 -33.29 -15.26 8.52
CA CYS A 2998 -33.69 -15.57 7.16
C CYS A 2998 -34.03 -17.06 7.03
N GLU A 2999 -33.24 -17.92 7.66
CA GLU A 2999 -33.51 -19.35 7.63
C GLU A 2999 -34.83 -19.67 8.30
N ALA A 3000 -35.06 -19.14 9.50
CA ALA A 3000 -36.24 -19.47 10.27
C ALA A 3000 -37.51 -18.89 9.64
N ARG A 3001 -37.40 -17.73 8.99
CA ARG A 3001 -38.57 -17.13 8.36
C ARG A 3001 -39.10 -18.00 7.22
N VAL A 3002 -38.21 -18.64 6.46
CA VAL A 3002 -38.63 -19.50 5.37
C VAL A 3002 -39.33 -20.74 5.91
N VAL A 3003 -38.74 -21.38 6.92
CA VAL A 3003 -39.31 -22.60 7.47
C VAL A 3003 -40.66 -22.33 8.11
N ALA A 3004 -40.78 -21.21 8.83
CA ALA A 3004 -42.06 -20.84 9.43
C ALA A 3004 -43.12 -20.54 8.39
N ARG A 3005 -42.72 -20.14 7.18
CA ARG A 3005 -43.70 -19.87 6.13
C ARG A 3005 -44.30 -21.14 5.56
N ILE A 3006 -43.51 -22.21 5.45
CA ILE A 3006 -43.98 -23.46 4.89
C ILE A 3006 -44.56 -24.39 5.96
N LEU A 3007 -44.42 -24.02 7.23
CA LEU A 3007 -44.90 -24.84 8.34
C LEU A 3007 -46.41 -25.05 8.34
N PRO A 3008 -47.24 -24.00 8.19
CA PRO A 3008 -48.69 -24.23 8.29
C PRO A 3008 -49.24 -25.24 7.31
N GLN A 3009 -48.74 -25.24 6.07
CA GLN A 3009 -49.21 -26.23 5.09
C GLN A 3009 -48.64 -27.60 5.40
N PHE A 3010 -47.39 -27.67 5.85
CA PHE A 3010 -46.75 -28.94 6.14
C PHE A 3010 -47.48 -29.67 7.26
N LEU A 3011 -47.84 -28.95 8.33
CA LEU A 3011 -48.55 -29.57 9.44
C LEU A 3011 -49.98 -29.94 9.08
N ASP A 3012 -50.65 -29.14 8.26
CA ASP A 3012 -52.02 -29.43 7.88
C ASP A 3012 -52.14 -30.68 7.01
N ASP A 3013 -51.12 -31.01 6.24
CA ASP A 3013 -51.25 -32.09 5.26
C ASP A 3013 -50.92 -33.45 5.86
N PHE A 3014 -49.72 -33.61 6.43
CA PHE A 3014 -49.27 -34.95 6.79
C PHE A 3014 -49.56 -35.31 8.25
N PHE A 3015 -50.08 -34.38 9.04
CA PHE A 3015 -50.32 -34.62 10.46
C PHE A 3015 -51.77 -34.29 10.79
N PRO A 3016 -52.50 -35.21 11.44
CA PRO A 3016 -53.83 -34.86 11.95
C PRO A 3016 -53.74 -33.71 12.93
N PRO A 3017 -54.78 -32.88 13.02
CA PRO A 3017 -54.69 -31.70 13.90
C PRO A 3017 -54.39 -32.05 15.34
N GLN A 3018 -54.83 -33.21 15.82
CA GLN A 3018 -54.45 -33.65 17.16
C GLN A 3018 -53.00 -34.09 17.24
N ASP A 3019 -52.47 -34.68 16.17
CA ASP A 3019 -51.18 -35.34 16.24
C ASP A 3019 -50.06 -34.36 16.57
N ILE A 3020 -50.04 -33.20 15.92
CA ILE A 3020 -49.06 -32.15 16.19
C ILE A 3020 -49.87 -30.88 16.47
N MET A 3021 -50.18 -30.66 17.73
CA MET A 3021 -50.78 -29.41 18.19
C MET A 3021 -50.06 -28.87 19.42
N ASN A 3022 -49.63 -29.73 20.33
CA ASN A 3022 -48.82 -29.29 21.47
C ASN A 3022 -47.48 -28.75 21.01
N LYS A 3023 -46.88 -29.38 20.00
CA LYS A 3023 -45.58 -28.92 19.51
C LYS A 3023 -45.68 -27.51 18.94
N VAL A 3024 -46.77 -27.21 18.24
CA VAL A 3024 -46.94 -25.87 17.67
C VAL A 3024 -47.03 -24.84 18.80
N ILE A 3025 -47.88 -25.09 19.78
CA ILE A 3025 -48.00 -24.17 20.92
C ILE A 3025 -46.75 -24.24 21.79
N GLY A 3026 -46.21 -25.44 22.00
CA GLY A 3026 -45.04 -25.57 22.85
C GLY A 3026 -43.83 -24.86 22.31
N GLU A 3027 -43.59 -24.95 21.00
CA GLU A 3027 -42.47 -24.24 20.40
C GLU A 3027 -42.68 -22.73 20.42
N PHE A 3028 -43.94 -22.30 20.51
CA PHE A 3028 -44.21 -20.87 20.61
C PHE A 3028 -43.84 -20.33 21.99
N LEU A 3029 -43.77 -21.21 22.99
CA LEU A 3029 -43.40 -20.84 24.36
C LEU A 3029 -42.19 -21.64 24.79
N SER A 3030 -41.01 -21.08 24.60
CA SER A 3030 -39.79 -21.71 25.08
C SER A 3030 -38.74 -20.64 25.27
N ASN A 3031 -37.98 -20.76 26.36
CA ASN A 3031 -36.78 -19.97 26.50
C ASN A 3031 -35.72 -20.36 25.48
N GLN A 3032 -35.90 -21.50 24.81
CA GLN A 3032 -35.07 -21.92 23.70
C GLN A 3032 -35.55 -21.37 22.36
N GLN A 3033 -36.68 -20.66 22.34
CA GLN A 3033 -37.24 -20.12 21.11
C GLN A 3033 -36.65 -18.74 20.84
N PRO A 3034 -35.88 -18.56 19.78
CA PRO A 3034 -35.32 -17.23 19.50
C PRO A 3034 -36.23 -16.35 18.66
N TYR A 3035 -37.24 -16.91 18.00
CA TYR A 3035 -38.11 -16.16 17.10
C TYR A 3035 -39.56 -16.41 17.46
N PRO A 3036 -40.04 -15.83 18.56
CA PRO A 3036 -41.48 -15.90 18.84
C PRO A 3036 -42.33 -15.20 17.80
N GLN A 3037 -41.77 -14.19 17.12
CA GLN A 3037 -42.54 -13.45 16.13
C GLN A 3037 -42.85 -14.30 14.91
N PHE A 3038 -41.94 -15.20 14.53
CA PHE A 3038 -42.18 -16.06 13.38
C PHE A 3038 -43.19 -17.14 13.71
N MET A 3039 -43.10 -17.73 14.90
CA MET A 3039 -44.04 -18.77 15.30
C MET A 3039 -45.44 -18.22 15.53
N ALA A 3040 -45.58 -16.90 15.74
CA ALA A 3040 -46.90 -16.32 15.92
C ALA A 3040 -47.74 -16.47 14.66
N THR A 3041 -47.14 -16.28 13.48
CA THR A 3041 -47.87 -16.49 12.23
C THR A 3041 -48.20 -17.97 12.03
N VAL A 3042 -47.31 -18.86 12.44
CA VAL A 3042 -47.58 -20.29 12.32
C VAL A 3042 -48.78 -20.68 13.17
N VAL A 3043 -48.86 -20.15 14.40
CA VAL A 3043 -50.02 -20.40 15.24
C VAL A 3043 -51.27 -19.77 14.62
N TYR A 3044 -51.11 -18.59 14.02
CA TYR A 3044 -52.25 -17.92 13.40
C TYR A 3044 -52.80 -18.72 12.22
N LYS A 3045 -51.92 -19.12 11.29
CA LYS A 3045 -52.38 -19.86 10.12
C LYS A 3045 -52.95 -21.21 10.51
N VAL A 3046 -52.31 -21.91 11.45
CA VAL A 3046 -52.83 -23.19 11.91
C VAL A 3046 -54.20 -23.02 12.56
N PHE A 3047 -54.35 -21.98 13.39
CA PHE A 3047 -55.63 -21.75 14.05
C PHE A 3047 -56.73 -21.43 13.06
N GLN A 3048 -56.45 -20.60 12.06
CA GLN A 3048 -57.45 -20.26 11.05
C GLN A 3048 -57.68 -21.39 10.06
N THR A 3049 -56.73 -22.30 9.90
CA THR A 3049 -56.94 -23.47 9.05
C THR A 3049 -57.92 -24.46 9.67
N LEU A 3050 -58.09 -24.42 11.00
CA LEU A 3050 -59.12 -25.22 11.66
C LEU A 3050 -60.43 -24.45 11.80
N HIS A 3051 -60.34 -23.12 11.95
CA HIS A 3051 -61.54 -22.31 12.10
C HIS A 3051 -62.39 -22.33 10.83
N SER A 3052 -61.75 -22.26 9.67
CA SER A 3052 -62.46 -22.13 8.41
C SER A 3052 -62.89 -23.46 7.82
N THR A 3053 -62.52 -24.59 8.42
CA THR A 3053 -62.91 -25.89 7.93
C THR A 3053 -63.88 -26.61 8.85
N GLY A 3054 -64.51 -25.90 9.79
CA GLY A 3054 -65.55 -26.45 10.63
C GLY A 3054 -65.08 -26.81 12.03
N GLN A 3055 -63.77 -26.98 12.23
CA GLN A 3055 -63.22 -27.34 13.53
C GLN A 3055 -63.02 -26.09 14.39
N SER A 3056 -64.11 -25.33 14.53
CA SER A 3056 -64.09 -24.12 15.36
C SER A 3056 -64.16 -24.44 16.85
N SER A 3057 -64.60 -25.64 17.23
CA SER A 3057 -64.54 -26.04 18.62
C SER A 3057 -63.23 -26.71 18.98
N MET A 3058 -62.47 -27.18 17.99
CA MET A 3058 -61.13 -27.69 18.29
C MET A 3058 -60.26 -26.63 18.94
N VAL A 3059 -60.18 -25.46 18.32
CA VAL A 3059 -59.19 -24.47 18.71
C VAL A 3059 -59.46 -23.97 20.12
N ARG A 3060 -60.73 -23.99 20.54
CA ARG A 3060 -61.05 -23.52 21.88
C ARG A 3060 -60.57 -24.49 22.94
N ASP A 3061 -60.64 -25.80 22.65
CA ASP A 3061 -60.17 -26.81 23.61
C ASP A 3061 -58.68 -26.70 23.85
N TRP A 3062 -57.90 -26.45 22.79
CA TRP A 3062 -56.45 -26.36 22.93
C TRP A 3062 -56.00 -25.01 23.49
N VAL A 3063 -56.92 -24.04 23.64
CA VAL A 3063 -56.56 -22.79 24.29
C VAL A 3063 -56.57 -22.96 25.81
N MET A 3064 -57.66 -23.49 26.35
CA MET A 3064 -57.77 -23.65 27.80
C MET A 3064 -56.71 -24.61 28.33
N LEU A 3065 -56.33 -25.60 27.53
CA LEU A 3065 -55.27 -26.52 27.95
C LEU A 3065 -53.94 -25.79 28.08
N SER A 3066 -53.64 -24.90 27.14
CA SER A 3066 -52.35 -24.23 27.09
C SER A 3066 -52.31 -22.92 27.87
N LEU A 3067 -53.45 -22.46 28.39
CA LEU A 3067 -53.47 -21.18 29.11
C LEU A 3067 -52.65 -21.25 30.39
N SER A 3068 -52.73 -22.38 31.11
CA SER A 3068 -51.95 -22.54 32.32
C SER A 3068 -50.45 -22.47 32.02
N ASN A 3069 -50.02 -23.15 30.96
CA ASN A 3069 -48.64 -23.00 30.51
C ASN A 3069 -48.39 -21.60 29.97
N PHE A 3070 -49.41 -20.96 29.42
CA PHE A 3070 -49.24 -19.65 28.81
C PHE A 3070 -48.92 -18.60 29.86
N THR A 3071 -49.60 -18.67 31.01
CA THR A 3071 -49.49 -17.62 32.01
C THR A 3071 -48.09 -17.56 32.60
N GLN A 3072 -47.43 -18.70 32.74
CA GLN A 3072 -46.10 -18.77 33.35
C GLN A 3072 -45.05 -18.68 32.26
N ARG A 3073 -44.83 -17.46 31.79
CA ARG A 3073 -43.75 -17.15 30.87
C ARG A 3073 -42.76 -16.23 31.58
N ALA A 3074 -41.47 -16.52 31.44
CA ALA A 3074 -40.48 -15.95 32.36
C ALA A 3074 -40.42 -14.42 32.29
N PRO A 3075 -40.32 -13.79 31.10
CA PRO A 3075 -40.59 -12.35 31.06
C PRO A 3075 -42.06 -12.06 31.34
N VAL A 3076 -42.37 -10.95 31.98
CA VAL A 3076 -43.77 -10.55 32.03
C VAL A 3076 -44.17 -9.90 30.72
N ALA A 3077 -43.24 -9.23 30.05
CA ALA A 3077 -43.53 -8.58 28.77
C ALA A 3077 -43.78 -9.61 27.67
N MET A 3078 -42.99 -10.68 27.65
CA MET A 3078 -43.23 -11.74 26.69
C MET A 3078 -44.54 -12.46 26.95
N ALA A 3079 -44.94 -12.57 28.21
CA ALA A 3079 -46.19 -13.26 28.56
C ALA A 3079 -47.40 -12.49 28.04
N THR A 3080 -47.43 -11.18 28.29
CA THR A 3080 -48.57 -10.38 27.84
C THR A 3080 -48.60 -10.26 26.32
N TRP A 3081 -47.43 -10.13 25.69
CA TRP A 3081 -47.39 -9.99 24.24
C TRP A 3081 -47.84 -11.29 23.56
N SER A 3082 -47.41 -12.43 24.08
CA SER A 3082 -47.82 -13.70 23.50
C SER A 3082 -49.32 -13.91 23.63
N LEU A 3083 -49.90 -13.56 24.78
CA LEU A 3083 -51.34 -13.71 24.97
C LEU A 3083 -52.12 -12.82 24.04
N SER A 3084 -51.63 -11.60 23.77
CA SER A 3084 -52.25 -10.76 22.76
C SER A 3084 -52.18 -11.41 21.39
N CYS A 3085 -51.00 -11.93 21.03
CA CYS A 3085 -50.84 -12.62 19.75
C CYS A 3085 -51.70 -13.87 19.69
N PHE A 3086 -51.75 -14.63 20.79
CA PHE A 3086 -52.45 -15.90 20.79
C PHE A 3086 -53.96 -15.72 20.69
N PHE A 3087 -54.50 -14.67 21.31
CA PHE A 3087 -55.94 -14.42 21.21
C PHE A 3087 -56.32 -14.05 19.78
N VAL A 3088 -55.43 -13.35 19.07
CA VAL A 3088 -55.69 -12.99 17.68
C VAL A 3088 -55.80 -14.24 16.81
N SER A 3089 -54.90 -15.21 17.04
CA SER A 3089 -54.95 -16.44 16.26
C SER A 3089 -56.25 -17.18 16.50
N ALA A 3090 -56.70 -17.25 17.75
CA ALA A 3090 -57.97 -17.88 18.08
C ALA A 3090 -59.09 -16.83 18.20
N SER A 3091 -59.37 -16.20 17.06
CA SER A 3091 -60.41 -15.17 16.98
C SER A 3091 -61.28 -15.43 15.76
N THR A 3092 -62.58 -15.21 15.91
CA THR A 3092 -63.53 -15.36 14.81
C THR A 3092 -63.89 -14.04 14.15
N SER A 3093 -63.63 -12.92 14.80
CA SER A 3093 -63.93 -11.63 14.20
C SER A 3093 -62.98 -11.36 13.03
N PRO A 3094 -63.47 -10.75 11.95
CA PRO A 3094 -62.62 -10.50 10.79
C PRO A 3094 -61.61 -9.38 11.02
N TRP A 3095 -61.99 -8.39 11.83
CA TRP A 3095 -61.11 -7.26 12.09
C TRP A 3095 -60.20 -7.48 13.30
N VAL A 3096 -60.39 -8.57 14.04
CA VAL A 3096 -59.46 -8.90 15.12
C VAL A 3096 -58.34 -9.79 14.63
N ALA A 3097 -58.63 -10.75 13.74
CA ALA A 3097 -57.60 -11.59 13.16
C ALA A 3097 -56.70 -10.83 12.21
N ALA A 3098 -57.05 -9.59 11.86
CA ALA A 3098 -56.34 -8.83 10.84
C ALA A 3098 -55.26 -7.91 11.38
N ILE A 3099 -55.16 -7.73 12.70
CA ILE A 3099 -54.11 -6.88 13.27
C ILE A 3099 -52.94 -7.70 13.79
N LEU A 3100 -52.79 -8.94 13.37
CA LEU A 3100 -51.65 -9.75 13.78
C LEU A 3100 -50.31 -9.10 13.45
N PRO A 3101 -50.06 -8.58 12.24
CA PRO A 3101 -48.78 -7.90 12.00
C PRO A 3101 -48.57 -6.70 12.90
N HIS A 3102 -49.63 -6.00 13.28
CA HIS A 3102 -49.48 -4.85 14.18
C HIS A 3102 -49.01 -5.28 15.55
N VAL A 3103 -49.57 -6.36 16.10
CA VAL A 3103 -49.17 -6.80 17.43
C VAL A 3103 -47.85 -7.58 17.38
N ILE A 3104 -47.49 -8.15 16.22
CA ILE A 3104 -46.19 -8.77 16.09
C ILE A 3104 -45.09 -7.72 16.07
N SER A 3105 -45.35 -6.59 15.42
CA SER A 3105 -44.34 -5.54 15.33
C SER A 3105 -43.97 -4.99 16.70
N ARG A 3106 -44.94 -4.90 17.61
CA ARG A 3106 -44.69 -4.42 18.96
C ARG A 3106 -44.31 -5.57 19.88
N MET A 3107 -43.20 -6.22 19.56
CA MET A 3107 -42.68 -7.31 20.37
C MET A 3107 -41.71 -6.76 21.41
N GLY A 3108 -41.94 -7.09 22.68
CA GLY A 3108 -41.11 -6.63 23.77
C GLY A 3108 -41.58 -5.36 24.43
N LYS A 3109 -42.47 -4.62 23.77
CA LYS A 3109 -42.97 -3.37 24.34
C LYS A 3109 -44.13 -3.64 25.31
N LEU A 3110 -44.19 -2.83 26.35
CA LEU A 3110 -45.26 -2.89 27.34
C LEU A 3110 -45.78 -1.50 27.63
N GLU A 3111 -46.10 -0.74 26.58
CA GLU A 3111 -46.68 0.58 26.75
C GLU A 3111 -48.17 0.45 27.05
N GLN A 3112 -48.83 1.61 27.16
CA GLN A 3112 -50.26 1.62 27.46
C GLN A 3112 -51.07 0.94 26.35
N VAL A 3113 -50.79 1.29 25.09
CA VAL A 3113 -51.58 0.79 23.98
C VAL A 3113 -51.48 -0.73 23.89
N ASP A 3114 -50.33 -1.29 24.26
CA ASP A 3114 -50.20 -2.75 24.33
C ASP A 3114 -51.11 -3.33 25.39
N VAL A 3115 -51.26 -2.62 26.52
CA VAL A 3115 -52.13 -3.10 27.58
C VAL A 3115 -53.59 -3.10 27.14
N ASN A 3116 -54.04 -1.99 26.56
CA ASN A 3116 -55.44 -1.92 26.10
C ASN A 3116 -55.68 -2.90 24.96
N LEU A 3117 -54.67 -3.12 24.12
CA LEU A 3117 -54.79 -4.15 23.09
C LEU A 3117 -54.97 -5.53 23.71
N PHE A 3118 -54.29 -5.78 24.82
CA PHE A 3118 -54.42 -7.05 25.51
C PHE A 3118 -55.86 -7.30 25.96
N CYS A 3119 -56.48 -6.30 26.59
CA CYS A 3119 -57.85 -6.47 27.07
C CYS A 3119 -58.82 -6.64 25.91
N LEU A 3120 -58.67 -5.82 24.86
CA LEU A 3120 -59.66 -5.78 23.79
C LEU A 3120 -59.75 -7.12 23.07
N VAL A 3121 -58.60 -7.69 22.69
CA VAL A 3121 -58.62 -8.95 21.94
C VAL A 3121 -58.99 -10.11 22.86
N ALA A 3122 -58.78 -9.96 24.16
CA ALA A 3122 -59.12 -11.03 25.10
C ALA A 3122 -60.63 -11.19 25.22
N THR A 3123 -61.36 -10.08 25.29
CA THR A 3123 -62.82 -10.16 25.40
C THR A 3123 -63.42 -10.76 24.13
N ASP A 3124 -62.81 -10.52 22.98
CA ASP A 3124 -63.29 -11.11 21.73
C ASP A 3124 -63.35 -12.63 21.83
N PHE A 3125 -62.48 -13.20 22.66
CA PHE A 3125 -62.52 -14.64 22.89
C PHE A 3125 -63.47 -14.96 24.05
N TYR A 3126 -63.29 -14.32 25.20
CA TYR A 3126 -64.06 -14.64 26.39
C TYR A 3126 -65.54 -14.28 26.26
N ARG A 3127 -65.88 -13.27 25.45
CA ARG A 3127 -67.25 -12.79 25.38
C ARG A 3127 -68.00 -13.24 24.13
N HIS A 3128 -67.35 -13.32 22.97
CA HIS A 3128 -68.03 -13.62 21.73
C HIS A 3128 -68.26 -15.11 21.51
N GLN A 3129 -67.20 -15.91 21.44
CA GLN A 3129 -67.32 -17.34 21.18
C GLN A 3129 -66.52 -18.12 22.23
N ILE A 3130 -67.22 -19.00 22.94
CA ILE A 3130 -66.61 -19.92 23.89
C ILE A 3130 -67.33 -21.26 23.79
N GLU A 3131 -66.71 -22.31 24.34
CA GLU A 3131 -67.31 -23.63 24.26
C GLU A 3131 -68.61 -23.71 25.06
N GLU A 3132 -68.59 -23.24 26.30
CA GLU A 3132 -69.78 -23.25 27.14
C GLU A 3132 -69.57 -22.26 28.28
N GLU A 3133 -70.67 -22.00 29.01
CA GLU A 3133 -70.62 -21.06 30.11
C GLU A 3133 -69.71 -21.58 31.23
N LEU A 3134 -69.88 -22.84 31.62
CA LEU A 3134 -69.07 -23.39 32.72
C LEU A 3134 -67.59 -23.48 32.35
N ASP A 3135 -67.25 -23.47 31.07
CA ASP A 3135 -65.84 -23.46 30.68
C ASP A 3135 -65.20 -22.10 30.93
N ARG A 3136 -66.00 -21.05 31.08
CA ARG A 3136 -65.45 -19.72 31.35
C ARG A 3136 -64.82 -19.64 32.74
N ARG A 3137 -65.32 -20.46 33.68
CA ARG A 3137 -64.73 -20.49 35.02
C ARG A 3137 -63.29 -20.99 34.97
N ALA A 3138 -63.02 -21.99 34.14
CA ALA A 3138 -61.64 -22.46 33.97
C ALA A 3138 -60.76 -21.37 33.39
N PHE A 3139 -61.31 -20.57 32.47
CA PHE A 3139 -60.57 -19.43 31.95
C PHE A 3139 -60.24 -18.43 33.05
N GLN A 3140 -61.23 -18.14 33.92
CA GLN A 3140 -60.99 -17.19 35.00
C GLN A 3140 -60.01 -17.76 36.03
N SER A 3141 -60.14 -19.05 36.35
CA SER A 3141 -59.31 -19.64 37.41
C SER A 3141 -57.84 -19.63 37.02
N VAL A 3142 -57.54 -19.93 35.76
CA VAL A 3142 -56.14 -20.03 35.32
C VAL A 3142 -55.46 -18.67 35.42
N LEU A 3143 -56.14 -17.62 34.95
CA LEU A 3143 -55.54 -16.28 34.99
C LEU A 3143 -55.54 -15.71 36.40
N GLU A 3144 -56.43 -16.21 37.26
CA GLU A 3144 -56.51 -15.70 38.63
C GLU A 3144 -55.25 -16.03 39.43
N VAL A 3145 -54.49 -17.03 39.02
CA VAL A 3145 -53.31 -17.45 39.77
C VAL A 3145 -52.26 -16.34 39.80
N VAL A 3146 -52.04 -15.67 38.68
CA VAL A 3146 -50.94 -14.70 38.57
C VAL A 3146 -51.49 -13.28 38.47
N ALA A 3147 -52.65 -13.05 39.08
CA ALA A 3147 -53.29 -11.73 39.06
C ALA A 3147 -52.51 -10.79 39.99
N ALA A 3148 -51.45 -10.20 39.44
CA ALA A 3148 -50.64 -9.26 40.18
C ALA A 3148 -51.41 -7.97 40.42
N PRO A 3149 -51.05 -7.20 41.46
CA PRO A 3149 -51.82 -5.99 41.80
C PRO A 3149 -51.99 -4.99 40.67
N GLY A 3150 -50.93 -4.72 39.92
CA GLY A 3150 -51.01 -3.70 38.89
C GLY A 3150 -50.52 -4.15 37.52
N SER A 3151 -50.50 -5.45 37.28
CA SER A 3151 -50.09 -6.01 36.01
C SER A 3151 -51.25 -6.00 35.03
N PRO A 3152 -50.97 -6.14 33.73
CA PRO A 3152 -52.06 -6.24 32.75
C PRO A 3152 -53.01 -7.39 33.01
N TYR A 3153 -52.54 -8.43 33.70
CA TYR A 3153 -53.42 -9.57 34.02
C TYR A 3153 -54.60 -9.13 34.87
N HIS A 3154 -54.35 -8.30 35.89
CA HIS A 3154 -55.43 -7.84 36.74
C HIS A 3154 -56.34 -6.85 36.01
N ARG A 3155 -55.74 -5.91 35.25
CA ARG A 3155 -56.56 -5.03 34.42
C ARG A 3155 -57.38 -5.84 33.42
N LEU A 3156 -56.83 -6.95 32.95
CA LEU A 3156 -57.62 -7.87 32.14
C LEU A 3156 -58.78 -8.44 32.95
N LEU A 3157 -58.51 -8.82 34.20
CA LEU A 3157 -59.54 -9.43 35.03
C LEU A 3157 -60.68 -8.46 35.33
N THR A 3158 -60.34 -7.20 35.62
CA THR A 3158 -61.36 -6.25 36.05
C THR A 3158 -62.27 -5.84 34.89
N CYS A 3159 -61.79 -5.91 33.65
CA CYS A 3159 -62.64 -5.58 32.51
C CYS A 3159 -63.68 -6.68 32.28
N LEU A 3160 -63.29 -7.94 32.43
CA LEU A 3160 -64.18 -9.07 32.27
C LEU A 3160 -65.07 -9.32 33.48
N ARG A 3161 -64.80 -8.67 34.60
CA ARG A 3161 -65.67 -8.82 35.77
C ARG A 3161 -67.06 -8.26 35.49
N ASN A 3162 -67.13 -7.11 34.81
CA ASN A 3162 -68.41 -6.50 34.47
C ASN A 3162 -68.84 -6.90 33.06
N ALA B 62 17.01 -32.78 -23.53
CA ALA B 62 18.31 -32.65 -24.19
C ALA B 62 18.24 -31.66 -25.35
N GLU B 63 17.77 -32.14 -26.50
CA GLU B 63 17.63 -31.30 -27.69
C GLU B 63 16.18 -31.10 -28.11
N ALA B 64 15.32 -32.10 -27.91
CA ALA B 64 13.91 -31.95 -28.27
C ALA B 64 13.24 -30.87 -27.42
N GLY B 65 13.58 -30.82 -26.13
CA GLY B 65 12.99 -29.82 -25.26
C GLY B 65 13.33 -28.39 -25.68
N GLU B 66 14.58 -28.17 -26.07
CA GLU B 66 14.98 -26.84 -26.52
C GLU B 66 14.26 -26.45 -27.80
N GLN B 67 14.12 -27.39 -28.73
CA GLN B 67 13.41 -27.11 -29.98
C GLN B 67 11.94 -26.80 -29.71
N PHE B 68 11.31 -27.56 -28.81
CA PHE B 68 9.93 -27.26 -28.45
C PHE B 68 9.82 -25.91 -27.75
N GLY B 69 10.79 -25.59 -26.89
CA GLY B 69 10.81 -24.27 -26.28
C GLY B 69 11.01 -23.17 -27.29
N GLN B 70 11.85 -23.41 -28.30
CA GLN B 70 12.03 -22.45 -29.38
C GLN B 70 10.73 -22.26 -30.16
N LEU B 71 10.01 -23.35 -30.41
CA LEU B 71 8.72 -23.25 -31.09
C LEU B 71 7.72 -22.46 -30.25
N GLY B 72 7.71 -22.68 -28.93
CA GLY B 72 6.76 -21.99 -28.08
C GLY B 72 6.95 -20.48 -28.10
N ARG B 73 8.20 -20.02 -27.98
CA ARG B 73 8.45 -18.59 -28.01
C ARG B 73 8.24 -18.00 -29.40
N GLU B 74 8.53 -18.79 -30.44
CA GLU B 74 8.29 -18.31 -31.81
C GLU B 74 6.80 -18.09 -32.05
N LEU B 75 5.96 -19.02 -31.61
CA LEU B 75 4.52 -18.83 -31.75
C LEU B 75 4.00 -17.75 -30.83
N ARG B 76 4.66 -17.54 -29.67
CA ARG B 76 4.27 -16.45 -28.79
C ARG B 76 4.49 -15.10 -29.46
N ALA B 77 5.64 -14.92 -30.12
CA ALA B 77 5.85 -13.70 -30.89
C ALA B 77 4.89 -13.62 -32.06
N GLN B 78 4.54 -14.77 -32.64
CA GLN B 78 3.51 -14.83 -33.67
C GLN B 78 2.11 -14.64 -33.10
N GLU B 79 1.98 -14.62 -31.76
CA GLU B 79 0.69 -14.53 -31.09
C GLU B 79 -0.23 -15.69 -31.50
N CYS B 80 0.34 -16.89 -31.52
CA CYS B 80 -0.42 -18.11 -31.74
C CYS B 80 -0.27 -18.96 -30.49
N LEU B 81 -0.41 -18.33 -29.33
CA LEU B 81 -0.21 -18.92 -28.01
C LEU B 81 -1.14 -20.10 -27.70
N PRO B 82 -2.29 -20.27 -28.37
CA PRO B 82 -3.00 -21.56 -28.23
C PRO B 82 -2.11 -22.77 -28.50
N TYR B 83 -1.23 -22.68 -29.49
CA TYR B 83 -0.30 -23.78 -29.75
C TYR B 83 1.01 -23.60 -29.00
N ALA B 84 1.40 -22.36 -28.71
CA ALA B 84 2.64 -22.12 -27.98
C ALA B 84 2.59 -22.73 -26.59
N ALA B 85 1.47 -22.56 -25.89
CA ALA B 85 1.32 -23.21 -24.59
C ALA B 85 1.27 -24.73 -24.73
N TRP B 86 0.64 -25.21 -25.81
CA TRP B 86 0.69 -26.64 -26.10
C TRP B 86 2.11 -27.10 -26.38
N CYS B 87 2.89 -26.27 -27.08
CA CYS B 87 4.32 -26.56 -27.24
C CYS B 87 5.04 -26.52 -25.89
N GLN B 88 4.69 -25.56 -25.04
CA GLN B 88 5.25 -25.50 -23.69
C GLN B 88 4.79 -26.68 -22.84
N LEU B 89 3.68 -27.33 -23.21
CA LEU B 89 3.31 -28.58 -22.56
C LEU B 89 4.09 -29.76 -23.12
N ALA B 90 4.46 -29.70 -24.41
CA ALA B 90 5.26 -30.76 -25.01
C ALA B 90 6.65 -30.83 -24.38
N VAL B 91 7.28 -29.67 -24.15
CA VAL B 91 8.58 -29.65 -23.50
C VAL B 91 8.47 -30.14 -22.07
N ALA B 92 7.36 -29.85 -21.40
CA ALA B 92 7.14 -30.38 -20.05
C ALA B 92 7.09 -31.89 -20.06
N ARG B 93 6.46 -32.48 -21.08
CA ARG B 93 6.51 -33.93 -21.25
C ARG B 93 7.92 -34.41 -21.49
N CYS B 94 8.70 -33.64 -22.28
CA CYS B 94 10.10 -33.98 -22.50
C CYS B 94 10.89 -33.89 -21.19
N GLN B 95 10.62 -32.88 -20.37
CA GLN B 95 11.29 -32.78 -19.08
C GLN B 95 10.93 -33.95 -18.18
N GLN B 96 9.71 -34.47 -18.33
CA GLN B 96 9.31 -35.64 -17.55
C GLN B 96 10.17 -36.85 -17.90
N ALA B 97 10.51 -37.02 -19.18
CA ALA B 97 11.37 -38.11 -19.59
C ALA B 97 12.75 -38.02 -18.96
N LEU B 98 13.22 -36.79 -18.69
CA LEU B 98 14.51 -36.58 -18.05
C LEU B 98 14.38 -36.22 -16.57
N PHE B 99 13.16 -36.10 -16.05
CA PHE B 99 12.90 -35.84 -14.64
C PHE B 99 13.61 -34.58 -14.15
N HIS B 100 13.55 -33.53 -14.98
CA HIS B 100 14.09 -32.22 -14.60
C HIS B 100 12.97 -31.48 -13.88
N GLY B 101 13.02 -31.53 -12.54
CA GLY B 101 11.99 -30.95 -11.71
C GLY B 101 11.75 -29.48 -11.96
N PRO B 102 12.73 -28.64 -11.65
CA PRO B 102 12.56 -27.19 -11.89
C PRO B 102 12.28 -26.86 -13.35
N GLY B 103 12.87 -27.59 -14.29
CA GLY B 103 12.62 -27.33 -15.69
C GLY B 103 11.18 -27.67 -16.09
N GLU B 104 10.68 -28.82 -15.63
CA GLU B 104 9.30 -29.18 -15.91
C GLU B 104 8.32 -28.22 -15.24
N ALA B 105 8.63 -27.81 -14.01
CA ALA B 105 7.74 -26.91 -13.28
C ALA B 105 7.60 -25.58 -14.02
N LEU B 106 8.72 -25.04 -14.50
CA LEU B 106 8.67 -23.78 -15.25
C LEU B 106 7.91 -23.94 -16.56
N ALA B 107 8.13 -25.05 -17.26
CA ALA B 107 7.44 -25.26 -18.54
C ALA B 107 5.95 -25.41 -18.34
N LEU B 108 5.53 -26.21 -17.36
CA LEU B 108 4.11 -26.34 -17.05
C LEU B 108 3.54 -25.00 -16.55
N THR B 109 4.33 -24.27 -15.75
CA THR B 109 3.87 -22.97 -15.27
C THR B 109 3.67 -21.99 -16.42
N GLU B 110 4.68 -21.85 -17.28
CA GLU B 110 4.58 -20.87 -18.36
C GLU B 110 3.44 -21.20 -19.32
N ALA B 111 3.25 -22.49 -19.61
CA ALA B 111 2.12 -22.89 -20.45
C ALA B 111 0.80 -22.47 -19.82
N ALA B 112 0.70 -22.57 -18.49
CA ALA B 112 -0.53 -22.18 -17.82
C ALA B 112 -0.81 -20.69 -17.97
N ARG B 113 0.21 -19.84 -17.80
CA ARG B 113 0.01 -18.41 -17.96
C ARG B 113 -0.45 -18.07 -19.36
N LEU B 114 0.08 -18.76 -20.37
CA LEU B 114 -0.38 -18.55 -21.74
C LEU B 114 -1.84 -18.96 -21.88
N PHE B 115 -2.23 -20.07 -21.26
CA PHE B 115 -3.63 -20.49 -21.26
C PHE B 115 -4.50 -19.49 -20.51
N LEU B 116 -4.01 -18.96 -19.39
CA LEU B 116 -4.76 -17.93 -18.68
C LEU B 116 -4.93 -16.68 -19.54
N ARG B 117 -3.88 -16.29 -20.25
CA ARG B 117 -3.97 -15.12 -21.13
C ARG B 117 -5.03 -15.32 -22.21
N GLN B 118 -5.07 -16.51 -22.81
CA GLN B 118 -6.03 -16.78 -23.86
C GLN B 118 -7.45 -16.73 -23.34
N GLU B 119 -7.70 -17.33 -22.17
CA GLU B 119 -9.01 -17.21 -21.54
C GLU B 119 -9.30 -15.76 -21.17
N ARG B 120 -8.30 -15.05 -20.64
CA ARG B 120 -8.48 -13.64 -20.35
C ARG B 120 -8.70 -12.83 -21.63
N ASP B 121 -7.99 -13.18 -22.70
CA ASP B 121 -8.19 -12.49 -23.97
C ASP B 121 -9.61 -12.69 -24.48
N ALA B 122 -10.14 -13.90 -24.36
CA ALA B 122 -11.48 -14.21 -24.84
C ALA B 122 -12.57 -13.83 -23.84
N ARG B 123 -12.22 -13.45 -22.62
CA ARG B 123 -13.21 -13.10 -21.61
C ARG B 123 -13.03 -11.71 -21.01
N GLN B 124 -11.90 -11.06 -21.23
CA GLN B 124 -11.68 -9.69 -20.77
C GLN B 124 -11.39 -8.74 -21.92
N ARG B 125 -10.51 -9.10 -22.85
CA ARG B 125 -10.14 -8.19 -23.92
C ARG B 125 -11.30 -7.98 -24.90
N LEU B 126 -11.99 -9.06 -25.27
CA LEU B 126 -13.08 -8.97 -26.24
C LEU B 126 -14.36 -9.65 -25.77
N VAL B 127 -14.41 -10.16 -24.54
CA VAL B 127 -15.59 -10.69 -23.86
C VAL B 127 -16.55 -11.40 -24.81
N CYS B 128 -16.04 -12.33 -25.60
CA CYS B 128 -16.86 -13.03 -26.58
C CYS B 128 -17.94 -13.85 -25.89
N PRO B 129 -19.23 -13.65 -26.22
CA PRO B 129 -20.28 -14.46 -25.59
C PRO B 129 -20.12 -15.95 -25.80
N ALA B 130 -19.62 -16.39 -26.95
CA ALA B 130 -19.53 -17.81 -27.27
C ALA B 130 -18.48 -18.54 -26.43
N ALA B 131 -17.61 -17.83 -25.74
CA ALA B 131 -16.64 -18.48 -24.87
C ALA B 131 -17.32 -19.10 -23.66
N TYR B 132 -16.83 -20.26 -23.25
CA TYR B 132 -17.39 -20.99 -22.12
C TYR B 132 -16.27 -21.52 -21.22
N GLY B 133 -15.25 -20.69 -21.00
CA GLY B 133 -14.16 -21.07 -20.11
C GLY B 133 -13.41 -22.30 -20.54
N GLU B 134 -13.19 -22.47 -21.84
CA GLU B 134 -12.52 -23.65 -22.38
C GLU B 134 -11.00 -23.59 -22.21
N PRO B 135 -10.34 -22.45 -22.48
CA PRO B 135 -8.91 -22.36 -22.13
C PRO B 135 -8.65 -22.50 -20.64
N LEU B 136 -9.64 -22.18 -19.79
CA LEU B 136 -9.44 -22.30 -18.35
C LEU B 136 -9.24 -23.76 -17.93
N GLN B 137 -9.95 -24.68 -18.59
CA GLN B 137 -9.83 -26.09 -18.23
C GLN B 137 -8.42 -26.60 -18.49
N ALA B 138 -7.83 -26.23 -19.62
CA ALA B 138 -6.46 -26.65 -19.92
C ALA B 138 -5.46 -25.98 -18.98
N ALA B 139 -5.73 -24.72 -18.60
CA ALA B 139 -4.85 -24.02 -17.67
C ALA B 139 -4.81 -24.70 -16.32
N ALA B 140 -5.97 -25.12 -15.82
CA ALA B 140 -6.03 -25.78 -14.51
C ALA B 140 -5.26 -27.10 -14.53
N SER B 141 -5.38 -27.86 -15.62
CA SER B 141 -4.67 -29.13 -15.72
C SER B 141 -3.16 -28.92 -15.71
N ALA B 142 -2.69 -27.91 -16.43
CA ALA B 142 -1.25 -27.61 -16.44
C ALA B 142 -0.79 -27.08 -15.10
N LEU B 143 -1.54 -26.14 -14.52
CA LEU B 143 -1.16 -25.59 -13.22
C LEU B 143 -1.28 -26.64 -12.12
N GLY B 144 -2.31 -27.48 -12.19
CA GLY B 144 -2.44 -28.54 -11.19
C GLY B 144 -1.31 -29.55 -11.25
N ALA B 145 -0.84 -29.87 -12.46
CA ALA B 145 0.28 -30.77 -12.59
C ALA B 145 1.56 -30.17 -12.00
N ALA B 146 1.79 -28.88 -12.25
CA ALA B 146 2.97 -28.23 -11.69
C ALA B 146 2.87 -28.11 -10.18
N VAL B 147 1.66 -27.88 -9.66
CA VAL B 147 1.47 -27.89 -8.22
C VAL B 147 1.78 -29.26 -7.64
N ARG B 148 1.31 -30.31 -8.30
CA ARG B 148 1.62 -31.67 -7.87
C ARG B 148 3.11 -31.95 -7.95
N LEU B 149 3.76 -31.53 -9.03
CA LEU B 149 5.20 -31.77 -9.18
C LEU B 149 6.00 -31.02 -8.13
N HIS B 150 5.60 -29.76 -7.86
CA HIS B 150 6.29 -28.99 -6.83
C HIS B 150 6.18 -29.66 -5.47
N LEU B 151 4.98 -30.13 -5.11
CA LEU B 151 4.77 -30.72 -3.80
C LEU B 151 5.59 -31.99 -3.61
N GLU B 152 5.71 -32.79 -4.66
CA GLU B 152 6.42 -34.07 -4.53
C GLU B 152 7.89 -33.86 -4.18
N LEU B 153 8.53 -32.87 -4.81
CA LEU B 153 9.93 -32.57 -4.54
C LEU B 153 10.12 -31.54 -3.43
N GLY B 154 9.12 -31.38 -2.57
CA GLY B 154 9.21 -30.42 -1.48
C GLY B 154 8.49 -29.13 -1.82
N GLN B 155 9.20 -27.99 -1.68
CA GLN B 155 8.80 -26.66 -2.10
C GLN B 155 7.29 -26.39 -1.99
N PRO B 156 6.70 -26.50 -0.80
CA PRO B 156 5.26 -26.21 -0.68
C PRO B 156 4.92 -24.77 -1.03
N ALA B 157 5.84 -23.84 -0.84
CA ALA B 157 5.58 -22.44 -1.17
C ALA B 157 5.38 -22.26 -2.68
N ALA B 158 6.18 -22.93 -3.49
CA ALA B 158 6.07 -22.79 -4.94
C ALA B 158 4.72 -23.32 -5.43
N ALA B 159 4.29 -24.48 -4.93
CA ALA B 159 2.99 -25.01 -5.31
C ALA B 159 1.87 -24.10 -4.82
N ALA B 160 2.00 -23.56 -3.61
CA ALA B 160 0.98 -22.64 -3.09
C ALA B 160 0.90 -21.37 -3.92
N ALA B 161 2.04 -20.86 -4.37
CA ALA B 161 2.04 -19.67 -5.22
C ALA B 161 1.32 -19.93 -6.53
N LEU B 162 1.51 -21.11 -7.12
CA LEU B 162 0.79 -21.46 -8.33
C LEU B 162 -0.71 -21.57 -8.09
N CYS B 163 -1.09 -22.12 -6.92
CA CYS B 163 -2.51 -22.16 -6.57
C CYS B 163 -3.08 -20.75 -6.45
N LEU B 164 -2.28 -19.81 -5.94
CA LEU B 164 -2.73 -18.42 -5.90
C LEU B 164 -2.95 -17.87 -7.30
N GLU B 165 -2.08 -18.22 -8.24
CA GLU B 165 -2.22 -17.74 -9.62
C GLU B 165 -3.48 -18.28 -10.26
N LEU B 166 -3.77 -19.57 -10.05
CA LEU B 166 -5.00 -20.14 -10.57
C LEU B 166 -6.23 -19.51 -9.92
N ALA B 167 -6.17 -19.30 -8.61
CA ALA B 167 -7.29 -18.68 -7.91
C ALA B 167 -7.51 -17.24 -8.37
N ALA B 168 -6.41 -16.50 -8.61
CA ALA B 168 -6.55 -15.13 -9.09
C ALA B 168 -7.22 -15.08 -10.45
N ALA B 169 -6.86 -16.01 -11.34
CA ALA B 169 -7.51 -16.07 -12.64
C ALA B 169 -8.99 -16.43 -12.50
N LEU B 170 -9.30 -17.42 -11.67
CA LEU B 170 -10.68 -17.84 -11.48
C LEU B 170 -11.52 -16.72 -10.89
N ARG B 171 -10.96 -15.96 -9.96
CA ARG B 171 -11.67 -14.83 -9.38
C ARG B 171 -11.97 -13.77 -10.43
N ASP B 172 -11.01 -13.51 -11.33
CA ASP B 172 -11.15 -12.50 -12.36
C ASP B 172 -11.95 -12.98 -13.56
N LEU B 173 -12.51 -14.19 -13.52
CA LEU B 173 -13.31 -14.73 -14.61
C LEU B 173 -14.70 -15.11 -14.14
N GLY B 174 -15.19 -14.45 -13.10
CA GLY B 174 -16.53 -14.70 -12.59
C GLY B 174 -16.74 -16.07 -11.99
N GLN B 175 -15.75 -16.60 -11.29
CA GLN B 175 -15.86 -17.87 -10.57
C GLN B 175 -15.33 -17.71 -9.15
N PRO B 176 -16.00 -16.91 -8.32
CA PRO B 176 -15.49 -16.70 -6.96
C PRO B 176 -15.50 -17.96 -6.10
N ALA B 177 -16.48 -18.84 -6.28
CA ALA B 177 -16.54 -20.05 -5.48
C ALA B 177 -15.36 -20.96 -5.75
N ALA B 178 -15.01 -21.14 -7.02
CA ALA B 178 -13.84 -21.94 -7.36
C ALA B 178 -12.56 -21.26 -6.90
N ALA B 179 -12.49 -19.93 -7.03
CA ALA B 179 -11.31 -19.20 -6.58
C ALA B 179 -11.13 -19.31 -5.07
N ALA B 180 -12.24 -19.28 -4.32
CA ALA B 180 -12.14 -19.37 -2.87
C ALA B 180 -11.55 -20.70 -2.44
N GLY B 181 -11.93 -21.80 -3.10
CA GLY B 181 -11.37 -23.09 -2.76
C GLY B 181 -9.88 -23.17 -3.02
N HIS B 182 -9.43 -22.60 -4.13
CA HIS B 182 -8.01 -22.61 -4.44
C HIS B 182 -7.23 -21.70 -3.50
N PHE B 183 -7.81 -20.56 -3.13
CA PHE B 183 -7.15 -19.68 -2.16
C PHE B 183 -7.01 -20.35 -0.81
N GLN B 184 -8.04 -21.07 -0.37
CA GLN B 184 -7.95 -21.81 0.89
C GLN B 184 -6.90 -22.91 0.80
N ARG B 185 -6.79 -23.56 -0.35
CA ARG B 185 -5.78 -24.59 -0.54
C ARG B 185 -4.38 -24.01 -0.43
N ALA B 186 -4.15 -22.84 -1.03
CA ALA B 186 -2.84 -22.20 -0.95
C ALA B 186 -2.51 -21.83 0.50
N ALA B 187 -3.50 -21.36 1.25
CA ALA B 187 -3.27 -21.01 2.65
C ALA B 187 -2.87 -22.24 3.46
N GLN B 188 -3.51 -23.39 3.20
CA GLN B 188 -3.16 -24.61 3.92
C GLN B 188 -1.71 -25.02 3.64
N LEU B 189 -1.27 -24.89 2.39
CA LEU B 189 0.10 -25.25 2.04
C LEU B 189 1.10 -24.31 2.71
N GLN B 190 0.80 -23.02 2.74
CA GLN B 190 1.73 -22.03 3.28
C GLN B 190 1.69 -21.95 4.80
N LEU B 191 0.66 -22.49 5.44
CA LEU B 191 0.49 -22.32 6.88
C LEU B 191 1.64 -22.87 7.71
N PRO B 192 2.16 -24.08 7.46
CA PRO B 192 3.26 -24.57 8.32
C PRO B 192 4.48 -23.67 8.35
N GLN B 193 4.84 -23.06 7.23
CA GLN B 193 6.08 -22.29 7.14
C GLN B 193 5.87 -20.78 7.13
N LEU B 194 4.83 -20.29 6.44
CA LEU B 194 4.62 -18.86 6.25
C LEU B 194 3.22 -18.50 6.72
N PRO B 195 3.04 -18.31 8.04
CA PRO B 195 1.71 -17.91 8.54
C PRO B 195 1.22 -16.60 7.96
N LEU B 196 2.11 -15.64 7.72
CA LEU B 196 1.69 -14.37 7.13
C LEU B 196 1.19 -14.55 5.71
N ALA B 197 1.87 -15.38 4.91
CA ALA B 197 1.42 -15.64 3.55
C ALA B 197 0.09 -16.39 3.56
N ALA B 198 -0.10 -17.30 4.51
CA ALA B 198 -1.36 -18.03 4.60
C ALA B 198 -2.51 -17.09 4.95
N LEU B 199 -2.26 -16.11 5.83
CA LEU B 199 -3.30 -15.15 6.16
C LEU B 199 -3.69 -14.31 4.96
N GLN B 200 -2.70 -13.92 4.14
CA GLN B 200 -3.01 -13.18 2.91
C GLN B 200 -3.83 -14.04 1.95
N ALA B 201 -3.46 -15.31 1.81
CA ALA B 201 -4.25 -16.21 0.95
C ALA B 201 -5.64 -16.42 1.52
N LEU B 202 -5.75 -16.55 2.85
CA LEU B 202 -7.06 -16.69 3.47
C LEU B 202 -7.90 -15.43 3.28
N GLY B 203 -7.26 -14.26 3.36
CA GLY B 203 -7.98 -13.02 3.11
C GLY B 203 -8.54 -12.94 1.70
N GLU B 204 -7.78 -13.44 0.73
CA GLU B 204 -8.29 -13.52 -0.64
C GLU B 204 -9.47 -14.47 -0.73
N ALA B 205 -9.41 -15.59 -0.01
CA ALA B 205 -10.52 -16.54 0.01
C ALA B 205 -11.77 -15.90 0.60
N ALA B 206 -11.61 -15.15 1.68
CA ALA B 206 -12.76 -14.51 2.31
C ALA B 206 -13.41 -13.50 1.37
N SER B 207 -12.60 -12.74 0.63
CA SER B 207 -13.16 -11.83 -0.36
C SER B 207 -13.90 -12.58 -1.46
N CYS B 208 -13.35 -13.72 -1.90
CA CYS B 208 -14.01 -14.51 -2.93
C CYS B 208 -15.33 -15.10 -2.42
N GLN B 209 -15.35 -15.54 -1.16
CA GLN B 209 -16.58 -16.07 -0.59
C GLN B 209 -17.67 -15.00 -0.53
N LEU B 210 -17.31 -13.77 -0.19
CA LEU B 210 -18.27 -12.67 -0.22
C LEU B 210 -18.75 -12.40 -1.64
N LEU B 211 -17.87 -12.53 -2.63
CA LEU B 211 -18.29 -12.38 -4.01
C LEU B 211 -19.29 -13.45 -4.41
N ALA B 212 -19.09 -14.67 -3.93
CA ALA B 212 -20.01 -15.78 -4.19
C ALA B 212 -21.22 -15.76 -3.26
N ARG B 213 -21.35 -14.73 -2.42
CA ARG B 213 -22.47 -14.57 -1.49
C ARG B 213 -22.55 -15.69 -0.47
N ASP B 214 -21.42 -16.27 -0.08
CA ASP B 214 -21.38 -17.25 1.00
C ASP B 214 -20.95 -16.52 2.26
N TYR B 215 -21.92 -15.88 2.92
CA TYR B 215 -21.60 -15.02 4.06
C TYR B 215 -21.13 -15.83 5.27
N THR B 216 -21.77 -16.97 5.54
CA THR B 216 -21.34 -17.81 6.64
C THR B 216 -19.99 -18.45 6.34
N GLY B 217 -19.74 -18.79 5.07
CA GLY B 217 -18.43 -19.29 4.69
C GLY B 217 -17.35 -18.24 4.88
N ALA B 218 -17.65 -16.99 4.54
CA ALA B 218 -16.70 -15.91 4.77
C ALA B 218 -16.48 -15.67 6.27
N LEU B 219 -17.54 -15.79 7.06
CA LEU B 219 -17.42 -15.61 8.50
C LEU B 219 -16.50 -16.65 9.12
N ALA B 220 -16.59 -17.89 8.65
CA ALA B 220 -15.69 -18.94 9.15
C ALA B 220 -14.25 -18.63 8.80
N VAL B 221 -13.99 -18.14 7.58
CA VAL B 221 -12.63 -17.79 7.20
C VAL B 221 -12.12 -16.61 8.01
N PHE B 222 -12.96 -15.58 8.18
CA PHE B 222 -12.54 -14.41 8.95
C PHE B 222 -12.25 -14.78 10.40
N THR B 223 -13.06 -15.67 10.98
CA THR B 223 -12.79 -16.14 12.33
C THR B 223 -11.48 -16.92 12.39
N ARG B 224 -11.21 -17.74 11.37
CA ARG B 224 -9.97 -18.51 11.34
C ARG B 224 -8.76 -17.59 11.23
N MET B 225 -8.84 -16.56 10.38
CA MET B 225 -7.71 -15.65 10.21
C MET B 225 -7.42 -14.89 11.51
N GLN B 226 -8.47 -14.46 12.20
CA GLN B 226 -8.28 -13.76 13.46
C GLN B 226 -7.60 -14.65 14.50
N ARG B 227 -8.01 -15.91 14.58
CA ARG B 227 -7.40 -16.84 15.54
C ARG B 227 -5.94 -17.09 15.19
N LEU B 228 -5.63 -17.27 13.90
CA LEU B 228 -4.25 -17.50 13.49
C LEU B 228 -3.39 -16.26 13.67
N ALA B 229 -3.95 -15.07 13.42
CA ALA B 229 -3.18 -13.85 13.57
C ALA B 229 -2.78 -13.62 15.03
N ARG B 230 -3.70 -13.87 15.96
CA ARG B 230 -3.37 -13.74 17.37
C ARG B 230 -2.33 -14.78 17.80
N GLU B 231 -2.46 -16.00 17.30
CA GLU B 231 -1.55 -17.07 17.70
C GLU B 231 -0.15 -16.83 17.16
N HIS B 232 -0.02 -16.50 15.88
CA HIS B 232 1.27 -16.41 15.21
C HIS B 232 1.82 -14.98 15.18
N GLY B 233 1.11 -14.00 15.73
CA GLY B 233 1.55 -12.63 15.62
C GLY B 233 1.39 -11.80 16.88
N SER B 234 1.41 -12.45 18.04
CA SER B 234 1.30 -11.72 19.29
C SER B 234 2.68 -11.43 19.88
N PRO B 274 -1.78 -9.76 24.62
CA PRO B 274 -0.60 -9.01 24.19
C PRO B 274 -0.92 -8.02 23.07
N ALA B 275 0.07 -7.72 22.23
CA ALA B 275 -0.10 -6.79 21.12
C ALA B 275 0.39 -7.45 19.84
N ALA B 276 -0.20 -7.03 18.73
CA ALA B 276 0.13 -7.60 17.43
C ALA B 276 1.51 -7.11 16.97
N LEU B 277 1.95 -7.66 15.84
CA LEU B 277 3.29 -7.37 15.32
C LEU B 277 3.27 -6.35 14.19
N GLY B 278 2.16 -5.64 13.99
CA GLY B 278 2.09 -4.65 12.93
C GLY B 278 1.56 -5.23 11.63
N ALA B 279 2.31 -6.17 11.04
CA ALA B 279 1.81 -6.86 9.86
C ALA B 279 0.56 -7.67 10.19
N PHE B 280 0.56 -8.34 11.33
CA PHE B 280 -0.62 -9.06 11.78
C PHE B 280 -1.69 -8.14 12.35
N SER B 281 -1.32 -6.91 12.73
CA SER B 281 -2.30 -5.96 13.24
C SER B 281 -3.30 -5.57 12.16
N ASP B 282 -2.82 -5.35 10.93
CA ASP B 282 -3.72 -5.03 9.83
C ASP B 282 -4.69 -6.19 9.55
N VAL B 283 -4.20 -7.42 9.64
CA VAL B 283 -5.07 -8.58 9.48
C VAL B 283 -6.13 -8.61 10.57
N LEU B 284 -5.72 -8.36 11.82
CA LEU B 284 -6.67 -8.40 12.92
C LEU B 284 -7.74 -7.32 12.80
N VAL B 285 -7.34 -6.13 12.35
CA VAL B 285 -8.31 -5.05 12.16
C VAL B 285 -9.32 -5.43 11.08
N ARG B 286 -8.83 -6.00 9.97
CA ARG B 286 -9.72 -6.39 8.89
C ARG B 286 -10.70 -7.48 9.33
N CYS B 287 -10.19 -8.47 10.07
CA CYS B 287 -11.07 -9.54 10.55
C CYS B 287 -12.10 -9.02 11.55
N GLU B 288 -11.67 -8.15 12.46
CA GLU B 288 -12.56 -7.69 13.53
C GLU B 288 -13.73 -6.90 12.96
N VAL B 289 -13.47 -6.02 12.01
CA VAL B 289 -14.55 -5.23 11.41
C VAL B 289 -15.45 -6.13 10.55
N SER B 290 -14.83 -6.99 9.74
CA SER B 290 -15.61 -7.84 8.85
C SER B 290 -16.47 -8.83 9.63
N ARG B 291 -15.94 -9.41 10.70
CA ARG B 291 -16.70 -10.37 11.49
C ARG B 291 -17.92 -9.72 12.12
N VAL B 292 -17.76 -8.52 12.69
CA VAL B 292 -18.88 -7.83 13.31
C VAL B 292 -19.96 -7.51 12.29
N LEU B 293 -19.56 -7.04 11.12
CA LEU B 293 -20.53 -6.75 10.06
C LEU B 293 -21.23 -8.02 9.60
N LEU B 294 -20.49 -9.11 9.46
CA LEU B 294 -21.10 -10.37 9.07
C LEU B 294 -22.00 -10.92 10.16
N LEU B 295 -21.58 -10.80 11.42
CA LEU B 295 -22.42 -11.25 12.53
C LEU B 295 -23.70 -10.42 12.63
N LEU B 296 -23.61 -9.12 12.41
CA LEU B 296 -24.81 -8.29 12.41
C LEU B 296 -25.73 -8.60 11.23
N LEU B 297 -25.15 -8.96 10.09
CA LEU B 297 -25.96 -9.31 8.93
C LEU B 297 -26.68 -10.65 9.15
N LEU B 298 -25.94 -11.67 9.60
CA LEU B 298 -26.51 -12.99 9.76
C LEU B 298 -27.37 -13.10 11.03
N GLN B 299 -26.93 -12.45 12.11
CA GLN B 299 -27.59 -12.50 13.40
C GLN B 299 -27.79 -13.95 13.87
N PRO B 300 -26.73 -14.66 14.20
CA PRO B 300 -26.88 -16.04 14.66
C PRO B 300 -27.62 -16.11 15.99
N PRO B 301 -28.42 -17.14 16.21
CA PRO B 301 -29.11 -17.29 17.48
C PRO B 301 -28.16 -17.75 18.57
N PRO B 302 -28.58 -17.76 19.83
CA PRO B 302 -27.69 -18.26 20.89
C PRO B 302 -27.24 -19.70 20.68
N ALA B 303 -28.07 -20.52 20.03
CA ALA B 303 -27.66 -21.89 19.74
C ALA B 303 -26.47 -21.91 18.77
N LYS B 304 -26.48 -21.06 17.75
CA LYS B 304 -25.41 -21.00 16.78
C LYS B 304 -24.29 -20.03 17.17
N LEU B 305 -24.46 -19.26 18.23
CA LEU B 305 -23.46 -18.27 18.62
C LEU B 305 -22.29 -19.00 19.27
N LEU B 306 -21.19 -19.12 18.53
CA LEU B 306 -19.99 -19.75 19.07
C LEU B 306 -19.35 -18.85 20.11
N PRO B 307 -18.56 -19.43 21.02
CA PRO B 307 -17.86 -18.59 22.00
C PRO B 307 -16.96 -17.53 21.38
N GLU B 308 -16.35 -17.84 20.22
CA GLU B 308 -15.53 -16.86 19.54
C GLU B 308 -16.37 -15.66 19.09
N HIS B 309 -17.57 -15.94 18.55
CA HIS B 309 -18.44 -14.84 18.14
C HIS B 309 -19.06 -14.13 19.34
N ALA B 310 -19.41 -14.89 20.38
CA ALA B 310 -20.00 -14.28 21.57
C ALA B 310 -19.01 -13.35 22.26
N GLN B 311 -17.75 -13.76 22.36
CA GLN B 311 -16.75 -12.92 23.00
C GLN B 311 -16.54 -11.63 22.21
N THR B 312 -16.50 -11.73 20.87
CA THR B 312 -16.34 -10.55 20.05
C THR B 312 -17.52 -9.59 20.21
N LEU B 313 -18.74 -10.13 20.23
CA LEU B 313 -19.91 -9.28 20.37
C LEU B 313 -20.00 -8.65 21.76
N GLU B 314 -19.52 -9.34 22.79
CA GLU B 314 -19.52 -8.76 24.13
C GLU B 314 -18.58 -7.57 24.22
N LYS B 315 -17.52 -7.56 23.42
CA LYS B 315 -16.59 -6.43 23.40
C LYS B 315 -17.26 -5.14 22.95
N TYR B 316 -18.34 -5.24 22.17
CA TYR B 316 -19.05 -4.09 21.64
C TYR B 316 -20.32 -3.80 22.43
N SER B 317 -20.26 -3.98 23.74
CA SER B 317 -21.39 -3.71 24.62
C SER B 317 -20.94 -3.05 25.92
N SER B 328 -9.48 -2.22 25.52
CA SER B 328 -10.86 -2.16 25.06
C SER B 328 -10.93 -2.18 23.53
N SER B 329 -10.47 -1.09 22.91
CA SER B 329 -10.50 -0.99 21.46
C SER B 329 -9.53 -1.94 20.79
N GLY B 330 -8.55 -2.47 21.54
CA GLY B 330 -7.57 -3.34 20.92
C GLY B 330 -6.69 -2.57 19.95
N GLN B 331 -6.58 -3.09 18.73
CA GLN B 331 -5.80 -2.45 17.68
C GLN B 331 -6.68 -1.70 16.69
N LEU B 332 -7.96 -1.50 17.03
CA LEU B 332 -8.88 -0.75 16.20
C LEU B 332 -8.82 0.73 16.54
N PRO B 333 -8.92 1.60 15.54
CA PRO B 333 -8.95 3.04 15.82
C PRO B 333 -10.15 3.41 16.67
N GLU B 334 -9.96 4.43 17.51
CA GLU B 334 -11.02 4.84 18.44
C GLU B 334 -12.25 5.34 17.69
N GLU B 335 -12.06 6.09 16.61
CA GLU B 335 -13.18 6.60 15.84
C GLU B 335 -13.99 5.46 15.22
N LEU B 336 -13.28 4.48 14.64
CA LEU B 336 -13.97 3.34 14.04
C LEU B 336 -14.60 2.45 15.11
N PHE B 337 -13.91 2.26 16.23
CA PHE B 337 -14.42 1.39 17.29
C PHE B 337 -15.73 1.93 17.86
N LEU B 338 -15.81 3.23 18.08
CA LEU B 338 -17.04 3.82 18.61
C LEU B 338 -18.19 3.71 17.61
N LEU B 339 -17.90 3.94 16.33
CA LEU B 339 -18.93 3.79 15.31
C LEU B 339 -19.36 2.33 15.17
N LEU B 340 -18.40 1.40 15.26
CA LEU B 340 -18.75 -0.02 15.24
C LEU B 340 -19.58 -0.39 16.46
N GLN B 341 -19.24 0.16 17.64
CA GLN B 341 -20.05 -0.08 18.81
C GLN B 341 -21.47 0.45 18.64
N SER B 342 -21.60 1.66 18.09
CA SER B 342 -22.92 2.25 17.90
C SER B 342 -23.75 1.43 16.93
N LEU B 343 -23.10 0.88 15.90
CA LEU B 343 -23.83 0.08 14.92
C LEU B 343 -24.42 -1.18 15.56
N VAL B 344 -23.66 -1.81 16.45
CA VAL B 344 -24.14 -3.03 17.11
C VAL B 344 -25.35 -2.72 17.99
N MET B 345 -25.26 -1.65 18.78
CA MET B 345 -26.39 -1.28 19.63
C MET B 345 -27.59 -0.84 18.79
N ALA B 346 -27.35 -0.09 17.72
CA ALA B 346 -28.45 0.36 16.86
C ALA B 346 -29.15 -0.82 16.21
N THR B 347 -28.38 -1.82 15.77
CA THR B 347 -28.98 -3.01 15.18
C THR B 347 -29.80 -3.79 16.21
N HIS B 348 -29.27 -3.92 17.42
CA HIS B 348 -29.98 -4.68 18.45
C HIS B 348 -31.22 -3.97 18.95
N GLU B 349 -31.23 -2.64 18.93
CA GLU B 349 -32.41 -1.87 19.31
C GLU B 349 -33.30 -1.54 18.12
N LYS B 350 -32.94 -2.01 16.92
CA LYS B 350 -33.71 -1.78 15.70
C LYS B 350 -33.89 -0.29 15.42
N ASP B 351 -32.89 0.52 15.76
CA ASP B 351 -32.91 1.95 15.50
C ASP B 351 -32.54 2.18 14.04
N THR B 352 -33.55 2.31 13.19
CA THR B 352 -33.30 2.43 11.76
C THR B 352 -32.60 3.75 11.42
N GLU B 353 -33.03 4.84 12.05
CA GLU B 353 -32.45 6.15 11.74
C GLU B 353 -30.98 6.21 12.13
N ALA B 354 -30.62 5.60 13.26
CA ALA B 354 -29.23 5.57 13.68
C ALA B 354 -28.37 4.81 12.68
N ILE B 355 -28.87 3.69 12.16
CA ILE B 355 -28.09 2.90 11.21
C ILE B 355 -27.86 3.69 9.93
N LYS B 356 -28.87 4.43 9.48
CA LYS B 356 -28.71 5.27 8.29
C LYS B 356 -27.64 6.33 8.50
N SER B 357 -27.66 6.98 9.67
CA SER B 357 -26.65 7.98 9.96
C SER B 357 -25.26 7.37 10.07
N LEU B 358 -25.16 6.21 10.74
CA LEU B 358 -23.88 5.55 10.88
C LEU B 358 -23.36 5.03 9.55
N GLN B 359 -24.25 4.54 8.68
CA GLN B 359 -23.82 4.02 7.38
C GLN B 359 -23.09 5.09 6.58
N VAL B 360 -23.61 6.31 6.59
CA VAL B 360 -22.94 7.42 5.91
C VAL B 360 -21.63 7.77 6.62
N GLU B 361 -21.65 7.81 7.95
CA GLU B 361 -20.47 8.25 8.70
C GLU B 361 -19.30 7.28 8.55
N MET B 362 -19.58 5.98 8.54
CA MET B 362 -18.53 4.98 8.46
C MET B 362 -18.06 4.71 7.04
N TRP B 363 -18.66 5.36 6.04
CA TRP B 363 -18.28 5.09 4.65
C TRP B 363 -16.81 5.38 4.37
N PRO B 364 -16.25 6.55 4.70
CA PRO B 364 -14.83 6.76 4.38
C PRO B 364 -13.87 5.89 5.17
N LEU B 365 -14.28 5.40 6.34
CA LEU B 365 -13.40 4.62 7.20
C LEU B 365 -13.35 3.14 6.85
N LEU B 366 -14.24 2.66 5.98
CA LEU B 366 -14.29 1.26 5.60
C LEU B 366 -13.88 1.10 4.15
N THR B 367 -13.41 -0.10 3.82
CA THR B 367 -13.12 -0.44 2.45
C THR B 367 -14.42 -0.71 1.69
N ALA B 368 -14.30 -0.82 0.36
CA ALA B 368 -15.48 -1.08 -0.45
C ALA B 368 -16.11 -2.42 -0.10
N GLU B 369 -15.28 -3.43 0.18
CA GLU B 369 -15.81 -4.72 0.61
C GLU B 369 -16.57 -4.59 1.93
N GLN B 370 -16.02 -3.82 2.87
CA GLN B 370 -16.71 -3.60 4.14
C GLN B 370 -17.92 -2.69 3.96
N ASN B 371 -17.83 -1.72 3.04
CA ASN B 371 -18.97 -0.84 2.79
C ASN B 371 -20.15 -1.62 2.21
N HIS B 372 -19.86 -2.60 1.35
CA HIS B 372 -20.93 -3.46 0.82
C HIS B 372 -21.57 -4.26 1.94
N LEU B 373 -20.76 -4.79 2.87
CA LEU B 373 -21.31 -5.54 3.99
C LEU B 373 -22.19 -4.65 4.87
N LEU B 374 -21.75 -3.42 5.12
CA LEU B 374 -22.56 -2.49 5.91
C LEU B 374 -23.86 -2.14 5.18
N HIS B 375 -23.80 -2.01 3.86
CA HIS B 375 -25.02 -1.75 3.09
C HIS B 375 -25.99 -2.91 3.20
N LEU B 376 -25.48 -4.14 3.19
CA LEU B 376 -26.34 -5.31 3.35
C LEU B 376 -26.99 -5.34 4.72
N VAL B 377 -26.25 -4.95 5.76
CA VAL B 377 -26.80 -4.91 7.11
C VAL B 377 -27.96 -3.92 7.18
N LEU B 378 -27.77 -2.73 6.61
CA LEU B 378 -28.85 -1.75 6.59
C LEU B 378 -30.03 -2.22 5.76
N GLN B 379 -29.75 -2.83 4.61
CA GLN B 379 -30.82 -3.33 3.76
C GLN B 379 -31.60 -4.44 4.44
N GLU B 380 -30.90 -5.35 5.12
CA GLU B 380 -31.58 -6.42 5.83
C GLU B 380 -32.41 -5.88 6.99
N THR B 381 -31.98 -4.80 7.62
CA THR B 381 -32.75 -4.21 8.70
C THR B 381 -34.06 -3.63 8.20
N ILE B 382 -34.04 -2.98 7.03
CA ILE B 382 -35.25 -2.36 6.51
C ILE B 382 -36.10 -3.36 5.75
N SER B 383 -35.49 -4.20 4.93
CA SER B 383 -36.19 -5.19 4.13
C SER B 383 -35.63 -6.57 4.45
N PRO B 384 -36.13 -7.20 5.51
CA PRO B 384 -35.65 -8.55 5.86
C PRO B 384 -35.92 -9.54 4.73
N SER B 385 -34.99 -10.47 4.55
CA SER B 385 -35.06 -11.46 3.49
C SER B 385 -35.63 -12.77 4.03
N GLY B 386 -36.34 -13.49 3.18
CA GLY B 386 -36.96 -14.75 3.53
C GLY B 386 -38.48 -14.73 3.56
N GLN B 387 -39.11 -13.57 3.46
CA GLN B 387 -40.57 -13.49 3.45
C GLN B 387 -41.16 -13.72 2.07
N GLY B 388 -40.33 -13.74 1.03
CA GLY B 388 -40.81 -13.93 -0.32
C GLY B 388 -41.31 -12.68 -1.02
N VAL B 389 -41.38 -11.56 -0.31
CA VAL B 389 -41.81 -10.29 -0.89
C VAL B 389 -40.80 -9.20 -0.59
C10 A1ACS C . -28.64 -11.89 1.43
C13 A1ACS C . -29.73 -12.61 3.53
C15 A1ACS C . -29.75 -13.97 1.30
C17 A1ACS C . -31.22 -15.62 2.52
C20 A1ACS C . -33.43 -14.88 1.02
C21 A1ACS C . -32.21 -14.28 0.80
C24 A1ACS C . -27.36 -9.34 -5.00
C26 A1ACS C . -24.76 -10.61 -7.41
C01 A1ACS C . -24.75 -7.19 -5.83
C02 A1ACS C . -25.48 -8.62 -5.91
C04 A1ACS C . -25.78 -8.15 -3.68
C05 A1ACS C . -26.50 -8.62 -2.42
C06 A1ACS C . -27.88 -8.92 -2.68
C08 A1ACS C . -28.19 -10.47 -0.63
C11 A1ACS C . -27.94 -11.28 2.77
C12 A1ACS C . -28.47 -12.20 3.94
C14 A1ACS C . -29.75 -12.56 1.84
C16 A1ACS C . -31.11 -14.64 1.55
C18 A1ACS C . -32.45 -16.22 2.75
C19 A1ACS C . -33.56 -15.86 2.00
C23 A1ACS C . -28.02 -9.87 -3.73
C25 A1ACS C . -24.42 -9.71 -6.42
C27 A1ACS C . -23.81 -11.53 -7.82
C29 A1ACS C . -22.25 -10.71 -6.34
C30 A1ACS C . -23.14 -9.75 -5.87
N03 A1ACS C . -25.99 -9.01 -4.80
N07 A1ACS C . -28.58 -9.34 -1.47
N09 A1ACS C . -29.00 -10.77 0.55
N28 A1ACS C . -22.61 -11.56 -7.28
O22 A1ACS C . -27.25 -11.14 -0.87
#